data_7WS4
#
_entry.id   7WS4
#
_cell.length_a   1.00
_cell.length_b   1.00
_cell.length_c   1.00
_cell.angle_alpha   90.00
_cell.angle_beta   90.00
_cell.angle_gamma   90.00
#
_symmetry.space_group_name_H-M   'P 1'
#
loop_
_entity.id
_entity.type
_entity.pdbx_description
1 polymer 'Spike glycoprotein'
2 polymer '510A5 light chain'
3 polymer '510A5 heavy chain'
4 branched 2-acetamido-2-deoxy-beta-D-glucopyranose-(1-4)-2-acetamido-2-deoxy-beta-D-glucopyranose
5 non-polymer 2-acetamido-2-deoxy-beta-D-glucopyranose
#
loop_
_entity_poly.entity_id
_entity_poly.type
_entity_poly.pdbx_seq_one_letter_code
_entity_poly.pdbx_strand_id
1 'polypeptide(L)'
;MFVFLVLLPLVSSQCVNLTTRTQLPPAYTNSFTRGVYYPDKVFRSSVLHSTQDLFLPFFSNVTWFHVISGTNGTKRFDNP
VLPFNDGVYFASIEKSNIIRGWIFGTTLDSKTQSLLIVNNATNVVIKVCEFQFCNDPFLDHKNNKSWMESEFRVYSSANN
CTFEYVSQPFLMDLEGKQGNFKNLREFVFKNIDGYFKIYSKHTPIIVREPEDLPQGFSALEPLVDLPIGINITRFQTLLA
LHRSYLTPGDSSSGWTAGAAAYYVGYLQPRTFLLKYNENGTITDAVDCALDPLSETKCTLKSFTVEKGIYQTSNFRVQPT
ESIVRFPNITNLCPFDEVFNATRFASVYAWNRKRISNCVADYSVLYNLAPFFTFKCYGVSPTKLNDLCFTNVYADSFVIR
GDEVRQIAPGQTGNIADYNYKLPDDFTGCVIAWNSNKLDSKVSGNYNYLYRLFRKSNLKPFERDISTEIYQAGNKPCNGV
AGFNCYFPLRSYSFRPTYGVGHQPYRVVVLSFELLHAPATVCGPKKSTNLVKNKCVNFNFNGLKGTGVLTESNKKFLPFQ
QFGRDIADTTDAVRDPQTLEILDITPCSFGGVSVITPGTNTSNQVAVLYQGVNCTEVPVAIHADQLTPTWRVYSTGSNVF
QTRAGCLIGAEYVNNSYECDIPIGAGICASYQTQTKSHGSASSVASQSIIAYTMSLGAENSVAYSNNSIAIPTNFTISVT
TEILPVSMTKTSVDCTMYICGDSTECSNLLLQYGSFCTQLKRALTGIAVEQDKNTQEVFAQVKQIYKTPPIKYFGGFNFS
QILPDPSKPSKRSPIEDLLFNKVTLADAGFIKQYGDCLGDIAARDLICAQKFKGLTVLPPLLTDEMIAQYTSALLAGTIT
SGWTFGAGPALQIPFPMQMAYRFNGIGVTQNVLYENQKLIANQFNSAIGKIQDSLSSTPSALGKLQDVVNHNAQALNTLV
KQLSSKFGAISSVLNDIFSRLDPPEAEVQIDRLITGRLQSLQTYVTQQLIRAAEIRASANLAATKMSECVLGQSKRVDFC
GKGYHLMSFPQSAPHGVVFLHVTYVPAQEKNFTTAPAICHDGKAHFPREGVFVSNGTHWFVTQRNFYEPQIITTDNTFVS
GNCDVVIGIVNNTVYDPLQPELDSFKEELDKYFKNHTSPDVDLGDISGINASVVNIQKEIDRLNEVAKNLNESLIDLQEL
GKYEQ
;
A,B,C
2 'polypeptide(L)'
;DIQMTQSPSSLSASVGDRVTITCRASQSISSYLNWFQHKPGKAPKLLIYGASSLQSGVPSRFSGSGSGTDFTLTISSLQP
EDFATYYCQQSYSTPPYTFGQGTKLEIK
;
H
3 'polypeptide(L)'
;EVQLVESGGGLVQPGRSLRLSCAASGFTFDDYAMHWVRQAPGKGLEWVSGISWNSDSIDYADSVKGRFTISRDNAKNSLY
LQMNSLRAEDTALYYCAKDRGYEILTPASFDYWGQGTLVTVSS
;
I
#
loop_
_chem_comp.id
_chem_comp.type
_chem_comp.name
_chem_comp.formula
NAG D-saccharide, beta linking 2-acetamido-2-deoxy-beta-D-glucopyranose 'C8 H15 N O6'
#
# COMPACT_ATOMS: atom_id res chain seq x y z
N GLN A 14 -60.95 -32.60 -6.12
CA GLN A 14 -62.17 -32.13 -5.49
C GLN A 14 -61.98 -30.73 -4.90
N CYS A 15 -62.87 -29.81 -5.29
CA CYS A 15 -62.82 -28.43 -4.82
C CYS A 15 -64.21 -28.01 -4.35
N VAL A 16 -64.26 -27.28 -3.24
CA VAL A 16 -65.50 -26.77 -2.69
C VAL A 16 -65.35 -25.27 -2.47
N ASN A 17 -66.26 -24.49 -3.03
CA ASN A 17 -66.28 -23.05 -2.83
C ASN A 17 -67.02 -22.72 -1.53
N LEU A 18 -66.48 -21.77 -0.77
CA LEU A 18 -67.06 -21.37 0.51
C LEU A 18 -67.62 -19.97 0.40
N THR A 19 -68.90 -19.82 0.74
CA THR A 19 -69.59 -18.54 0.70
C THR A 19 -70.01 -18.05 2.07
N THR A 20 -69.54 -18.69 3.14
CA THR A 20 -69.87 -18.32 4.50
C THR A 20 -68.87 -17.34 5.10
N ARG A 21 -67.92 -16.85 4.30
CA ARG A 21 -66.92 -15.92 4.80
C ARG A 21 -67.56 -14.62 5.25
N THR A 22 -67.06 -14.08 6.35
CA THR A 22 -67.46 -12.77 6.85
C THR A 22 -66.35 -11.78 6.52
N GLN A 23 -66.68 -10.76 5.73
CA GLN A 23 -65.68 -9.87 5.15
C GLN A 23 -65.33 -8.76 6.13
N LEU A 24 -64.09 -8.74 6.60
CA LEU A 24 -63.57 -7.69 7.45
C LEU A 24 -62.19 -7.28 6.96
N PRO A 25 -61.81 -6.02 7.17
CA PRO A 25 -60.45 -5.61 6.81
C PRO A 25 -59.43 -6.29 7.70
N PRO A 26 -58.22 -6.52 7.20
CA PRO A 26 -57.20 -7.20 8.01
C PRO A 26 -56.85 -6.39 9.26
N ALA A 27 -56.59 -7.09 10.35
CA ALA A 27 -56.23 -6.38 11.57
C ALA A 27 -54.75 -6.04 11.56
N TYR A 28 -54.34 -5.18 12.49
CA TYR A 28 -52.96 -4.75 12.59
C TYR A 28 -52.53 -4.74 14.05
N THR A 29 -51.30 -5.19 14.31
CA THR A 29 -50.77 -5.12 15.66
C THR A 29 -49.27 -4.85 15.59
N ASN A 30 -48.62 -4.80 16.75
CA ASN A 30 -47.22 -4.42 16.85
C ASN A 30 -46.34 -5.66 16.95
N SER A 31 -45.27 -5.68 16.16
CA SER A 31 -44.36 -6.82 16.17
C SER A 31 -43.48 -6.86 17.40
N PHE A 32 -43.29 -5.72 18.08
CA PHE A 32 -42.46 -5.62 19.29
C PHE A 32 -41.05 -6.06 18.92
N THR A 33 -40.44 -6.99 19.65
CA THR A 33 -39.03 -7.35 19.47
C THR A 33 -38.88 -8.82 19.06
N ARG A 34 -39.77 -9.29 18.19
CA ARG A 34 -39.75 -10.67 17.74
C ARG A 34 -39.17 -10.78 16.34
N GLY A 35 -38.92 -12.02 15.93
CA GLY A 35 -38.52 -12.31 14.56
C GLY A 35 -37.04 -12.45 14.31
N VAL A 36 -36.23 -12.56 15.34
CA VAL A 36 -34.78 -12.71 15.18
C VAL A 36 -34.45 -14.19 15.05
N TYR A 37 -33.51 -14.50 14.16
CA TYR A 37 -33.09 -15.88 13.94
C TYR A 37 -31.57 -15.92 13.83
N TYR A 38 -31.02 -17.13 13.99
CA TYR A 38 -29.59 -17.29 13.88
C TYR A 38 -29.17 -17.11 12.42
N PRO A 39 -28.33 -16.12 12.11
CA PRO A 39 -28.05 -15.81 10.69
C PRO A 39 -27.37 -16.94 9.93
N ASP A 40 -26.49 -17.70 10.56
CA ASP A 40 -25.67 -18.65 9.83
C ASP A 40 -25.30 -19.79 10.78
N LYS A 41 -24.28 -20.56 10.39
CA LYS A 41 -23.96 -21.85 10.99
C LYS A 41 -22.75 -21.76 11.92
N VAL A 42 -22.55 -20.62 12.58
CA VAL A 42 -21.32 -20.34 13.31
C VAL A 42 -21.62 -20.35 14.80
N PHE A 43 -20.61 -20.70 15.60
CA PHE A 43 -20.70 -20.71 17.05
C PHE A 43 -19.85 -19.59 17.64
N ARG A 44 -20.50 -18.69 18.39
CA ARG A 44 -19.80 -17.62 19.07
C ARG A 44 -20.29 -17.55 20.51
N SER A 45 -19.37 -17.28 21.44
CA SER A 45 -19.67 -17.27 22.86
C SER A 45 -19.26 -15.92 23.45
N SER A 46 -20.21 -15.25 24.12
CA SER A 46 -19.95 -13.99 24.81
C SER A 46 -19.37 -12.93 23.86
N VAL A 47 -19.94 -12.85 22.65
CA VAL A 47 -19.51 -11.90 21.64
C VAL A 47 -20.73 -11.14 21.13
N LEU A 48 -20.59 -9.82 21.00
CA LEU A 48 -21.58 -9.01 20.31
C LEU A 48 -21.15 -8.88 18.85
N HIS A 49 -21.97 -9.41 17.95
CA HIS A 49 -21.64 -9.47 16.53
C HIS A 49 -22.67 -8.70 15.72
N SER A 50 -22.19 -7.91 14.77
CA SER A 50 -23.05 -7.11 13.90
C SER A 50 -23.23 -7.86 12.59
N THR A 51 -24.47 -8.20 12.26
CA THR A 51 -24.77 -9.00 11.08
C THR A 51 -25.76 -8.25 10.20
N GLN A 52 -25.44 -8.15 8.91
CA GLN A 52 -26.31 -7.55 7.92
C GLN A 52 -27.04 -8.67 7.17
N ASP A 53 -28.36 -8.64 7.20
CA ASP A 53 -29.16 -9.68 6.57
C ASP A 53 -30.60 -9.22 6.53
N LEU A 54 -31.47 -10.05 5.94
CA LEU A 54 -32.89 -9.76 5.85
C LEU A 54 -33.53 -10.03 7.20
N PHE A 55 -34.14 -9.01 7.79
CA PHE A 55 -34.72 -9.12 9.13
C PHE A 55 -36.08 -8.46 9.15
N LEU A 56 -36.77 -8.62 10.29
CA LEU A 56 -38.06 -7.99 10.55
C LEU A 56 -37.85 -6.81 11.49
N PRO A 57 -38.24 -5.60 11.11
CA PRO A 57 -37.98 -4.43 11.96
C PRO A 57 -38.69 -4.54 13.30
N PHE A 58 -38.03 -4.05 14.34
CA PHE A 58 -38.63 -4.00 15.66
C PHE A 58 -39.80 -3.01 15.66
N PHE A 59 -40.87 -3.39 16.36
CA PHE A 59 -42.04 -2.52 16.55
C PHE A 59 -42.67 -2.11 15.22
N SER A 60 -42.50 -2.95 14.21
CA SER A 60 -43.20 -2.72 12.96
C SER A 60 -44.65 -3.16 13.08
N ASN A 61 -45.46 -2.80 12.09
CA ASN A 61 -46.87 -3.17 12.10
C ASN A 61 -47.00 -4.50 11.35
N VAL A 62 -47.54 -5.50 12.03
CA VAL A 62 -47.69 -6.85 11.52
C VAL A 62 -49.16 -7.16 11.33
N THR A 63 -49.49 -7.75 10.18
CA THR A 63 -50.87 -8.01 9.82
C THR A 63 -51.42 -9.18 10.62
N TRP A 64 -52.71 -9.08 10.96
CA TRP A 64 -53.38 -9.97 11.90
C TRP A 64 -54.61 -10.56 11.25
N PHE A 65 -54.75 -11.89 11.36
CA PHE A 65 -55.92 -12.61 10.87
C PHE A 65 -56.41 -13.57 11.95
N HIS A 66 -57.74 -13.67 12.07
CA HIS A 66 -58.39 -14.59 13.00
C HIS A 66 -58.99 -15.75 12.24
N VAL A 67 -59.11 -16.89 12.92
CA VAL A 67 -59.85 -18.04 12.39
C VAL A 67 -60.73 -18.59 13.50
N ILE A 68 -62.02 -18.74 13.19
CA ILE A 68 -62.99 -19.23 14.16
C ILE A 68 -64.18 -19.87 13.44
N LYS A 75 -67.82 -16.30 12.73
CA LYS A 75 -67.59 -17.14 11.56
C LYS A 75 -66.59 -16.46 10.62
N ARG A 76 -65.33 -16.42 11.04
CA ARG A 76 -64.26 -15.76 10.29
C ARG A 76 -63.39 -16.81 9.61
N PHE A 77 -63.30 -16.74 8.29
CA PHE A 77 -62.45 -17.61 7.50
C PHE A 77 -61.42 -16.73 6.77
N ASP A 78 -60.29 -16.51 7.41
CA ASP A 78 -59.23 -15.67 6.85
C ASP A 78 -58.28 -16.57 6.05
N ASN A 79 -58.53 -16.69 4.76
CA ASN A 79 -57.67 -17.43 3.84
C ASN A 79 -57.35 -16.56 2.64
N PRO A 80 -56.57 -15.50 2.84
CA PRO A 80 -56.23 -14.62 1.72
C PRO A 80 -54.93 -15.06 1.04
N VAL A 81 -54.67 -14.46 -0.11
CA VAL A 81 -53.47 -14.74 -0.89
C VAL A 81 -52.51 -13.57 -0.69
N LEU A 82 -51.30 -13.86 -0.22
CA LEU A 82 -50.46 -12.74 0.18
C LEU A 82 -49.14 -12.74 -0.59
N PRO A 83 -48.58 -11.56 -0.86
CA PRO A 83 -47.30 -11.50 -1.56
C PRO A 83 -46.16 -12.01 -0.70
N PHE A 84 -45.32 -12.85 -1.29
CA PHE A 84 -44.17 -13.37 -0.56
C PHE A 84 -43.07 -12.32 -0.42
N ASN A 85 -42.81 -11.57 -1.49
CA ASN A 85 -41.71 -10.59 -1.55
C ASN A 85 -40.40 -11.31 -1.22
N ASP A 86 -39.53 -10.70 -0.41
CA ASP A 86 -38.21 -11.25 -0.13
C ASP A 86 -38.18 -12.19 1.07
N GLY A 87 -39.26 -12.27 1.83
CA GLY A 87 -39.30 -13.13 3.00
C GLY A 87 -40.58 -12.96 3.79
N VAL A 88 -40.88 -13.91 4.67
CA VAL A 88 -42.12 -13.89 5.43
C VAL A 88 -41.83 -14.30 6.87
N TYR A 89 -42.39 -13.56 7.83
CA TYR A 89 -42.43 -13.97 9.22
C TYR A 89 -43.86 -14.35 9.52
N PHE A 90 -44.08 -15.63 9.81
CA PHE A 90 -45.42 -16.19 10.01
C PHE A 90 -45.53 -16.62 11.47
N ALA A 91 -46.31 -15.90 12.26
CA ALA A 91 -46.54 -16.25 13.64
C ALA A 91 -47.92 -16.88 13.77
N SER A 92 -48.06 -17.81 14.72
CA SER A 92 -49.33 -18.49 14.93
C SER A 92 -49.52 -18.73 16.42
N ILE A 93 -50.56 -18.12 16.98
CA ILE A 93 -51.01 -18.42 18.33
C ILE A 93 -52.23 -19.33 18.21
N GLU A 94 -52.13 -20.52 18.78
CA GLU A 94 -53.11 -21.56 18.51
C GLU A 94 -53.00 -22.68 19.53
N LYS A 95 -53.94 -23.60 19.44
CA LYS A 95 -53.91 -24.87 20.13
C LYS A 95 -54.69 -25.89 19.30
N SER A 96 -54.40 -27.17 19.54
CA SER A 96 -55.03 -28.28 18.83
C SER A 96 -54.69 -28.30 17.34
N ASN A 97 -53.61 -27.63 16.96
CA ASN A 97 -53.02 -27.73 15.62
C ASN A 97 -54.02 -27.35 14.53
N ILE A 98 -54.46 -26.10 14.58
CA ILE A 98 -55.38 -25.58 13.59
C ILE A 98 -54.70 -25.35 12.24
N ILE A 99 -53.52 -24.72 12.26
CA ILE A 99 -52.77 -24.50 11.03
C ILE A 99 -52.19 -25.82 10.55
N ARG A 100 -52.24 -26.05 9.23
CA ARG A 100 -51.84 -27.34 8.69
C ARG A 100 -50.69 -27.23 7.70
N GLY A 101 -50.62 -26.15 6.93
CA GLY A 101 -49.56 -26.05 5.94
C GLY A 101 -49.62 -24.77 5.15
N TRP A 102 -48.71 -24.70 4.18
CA TRP A 102 -48.50 -23.51 3.38
C TRP A 102 -48.38 -23.88 1.91
N ILE A 103 -48.73 -22.92 1.06
CA ILE A 103 -48.65 -23.04 -0.39
C ILE A 103 -47.82 -21.88 -0.91
N PHE A 104 -46.82 -22.17 -1.73
CA PHE A 104 -45.98 -21.15 -2.32
C PHE A 104 -45.95 -21.29 -3.83
N GLY A 105 -45.90 -20.15 -4.51
CA GLY A 105 -45.79 -20.18 -5.96
C GLY A 105 -45.96 -18.80 -6.55
N THR A 106 -46.10 -18.78 -7.87
CA THR A 106 -46.33 -17.55 -8.63
C THR A 106 -47.73 -17.48 -9.21
N THR A 107 -48.23 -18.60 -9.76
CA THR A 107 -49.58 -18.67 -10.29
C THR A 107 -50.48 -19.64 -9.55
N LEU A 108 -49.93 -20.48 -8.68
CA LEU A 108 -50.70 -21.45 -7.90
C LEU A 108 -51.49 -22.38 -8.82
N ASP A 109 -50.88 -22.76 -9.95
CA ASP A 109 -51.52 -23.63 -10.92
C ASP A 109 -50.45 -24.43 -11.64
N SER A 110 -50.88 -25.38 -12.47
CA SER A 110 -49.96 -26.25 -13.19
C SER A 110 -49.14 -25.53 -14.24
N LYS A 111 -49.51 -24.29 -14.59
CA LYS A 111 -48.72 -23.54 -15.56
C LYS A 111 -47.30 -23.30 -15.03
N THR A 112 -47.18 -22.98 -13.74
CA THR A 112 -45.89 -22.73 -13.12
C THR A 112 -45.64 -23.76 -12.01
N GLN A 113 -44.41 -23.72 -11.50
CA GLN A 113 -44.00 -24.66 -10.47
C GLN A 113 -44.52 -24.21 -9.11
N SER A 114 -45.10 -25.15 -8.36
CA SER A 114 -45.70 -24.86 -7.07
C SER A 114 -45.06 -25.69 -5.98
N LEU A 115 -45.00 -25.14 -4.77
CA LEU A 115 -44.40 -25.80 -3.62
C LEU A 115 -45.46 -25.93 -2.52
N LEU A 116 -45.53 -27.12 -1.93
CA LEU A 116 -46.59 -27.45 -0.99
C LEU A 116 -45.98 -28.02 0.28
N ILE A 117 -46.40 -27.47 1.43
CA ILE A 117 -46.00 -27.98 2.74
C ILE A 117 -47.27 -28.31 3.49
N VAL A 118 -47.37 -29.54 4.02
CA VAL A 118 -48.49 -29.91 4.87
C VAL A 118 -48.01 -30.76 6.02
N ASN A 119 -48.82 -30.80 7.08
CA ASN A 119 -48.62 -31.72 8.20
C ASN A 119 -49.97 -32.36 8.51
N ASN A 120 -50.26 -33.47 7.84
CA ASN A 120 -51.51 -34.18 8.08
C ASN A 120 -51.35 -35.10 9.29
N ALA A 121 -52.35 -35.94 9.54
CA ALA A 121 -52.29 -36.86 10.66
C ALA A 121 -51.20 -37.91 10.50
N THR A 122 -50.70 -38.14 9.29
CA THR A 122 -49.67 -39.14 9.05
C THR A 122 -48.28 -38.62 9.41
N ASN A 123 -47.79 -37.61 8.69
CA ASN A 123 -46.47 -37.06 8.95
C ASN A 123 -46.39 -35.71 8.25
N VAL A 124 -45.19 -35.15 8.16
CA VAL A 124 -44.97 -33.88 7.47
C VAL A 124 -44.55 -34.15 6.04
N VAL A 125 -45.26 -33.54 5.09
CA VAL A 125 -45.10 -33.80 3.66
C VAL A 125 -44.68 -32.52 2.97
N ILE A 126 -43.64 -32.61 2.14
CA ILE A 126 -43.14 -31.50 1.32
C ILE A 126 -43.11 -31.97 -0.12
N LYS A 127 -43.74 -31.21 -1.02
CA LYS A 127 -43.78 -31.58 -2.43
C LYS A 127 -43.50 -30.35 -3.28
N VAL A 128 -42.96 -30.59 -4.48
CA VAL A 128 -42.72 -29.53 -5.45
C VAL A 128 -43.31 -30.03 -6.77
N CYS A 129 -44.53 -29.61 -7.09
CA CYS A 129 -45.19 -30.08 -8.30
C CYS A 129 -46.05 -28.96 -8.86
N GLU A 130 -46.63 -29.24 -10.02
CA GLU A 130 -47.50 -28.29 -10.72
C GLU A 130 -48.97 -28.62 -10.43
N PHE A 131 -49.37 -28.30 -9.19
CA PHE A 131 -50.70 -28.64 -8.73
C PHE A 131 -51.75 -27.69 -9.33
N GLN A 132 -52.98 -28.19 -9.40
CA GLN A 132 -54.15 -27.34 -9.66
C GLN A 132 -54.84 -27.07 -8.32
N PHE A 133 -54.40 -26.00 -7.67
CA PHE A 133 -54.94 -25.65 -6.37
C PHE A 133 -56.39 -25.19 -6.48
N CYS A 134 -57.21 -25.65 -5.54
CA CYS A 134 -58.60 -25.23 -5.53
C CYS A 134 -58.70 -23.77 -5.10
N ASN A 135 -59.88 -23.19 -5.34
CA ASN A 135 -60.11 -21.82 -4.89
C ASN A 135 -60.04 -21.72 -3.38
N ASP A 136 -60.60 -22.70 -2.68
CA ASP A 136 -60.58 -22.75 -1.22
C ASP A 136 -60.08 -24.12 -0.80
N PRO A 137 -58.76 -24.31 -0.73
CA PRO A 137 -58.21 -25.60 -0.29
C PRO A 137 -58.17 -25.70 1.23
N PHE A 138 -58.48 -26.89 1.73
CA PHE A 138 -58.48 -27.11 3.17
C PHE A 138 -58.43 -28.60 3.46
N LEU A 139 -58.42 -28.93 4.75
CA LEU A 139 -58.47 -30.30 5.25
C LEU A 139 -59.66 -30.44 6.17
N ASP A 140 -60.44 -31.49 5.98
CA ASP A 140 -61.63 -31.73 6.79
C ASP A 140 -61.57 -33.11 7.44
N MET A 148 -62.55 -37.13 12.97
CA MET A 148 -61.58 -37.54 11.96
C MET A 148 -61.42 -36.48 10.88
N GLU A 149 -60.22 -36.39 10.32
CA GLU A 149 -59.89 -35.42 9.27
C GLU A 149 -59.26 -36.19 8.12
N SER A 150 -60.09 -36.61 7.16
CA SER A 150 -59.64 -37.43 6.04
C SER A 150 -60.23 -36.94 4.74
N GLU A 151 -60.28 -35.62 4.54
CA GLU A 151 -60.83 -34.99 3.34
C GLU A 151 -59.92 -33.83 2.96
N PHE A 152 -58.93 -34.09 2.12
CA PHE A 152 -57.93 -33.09 1.76
C PHE A 152 -58.27 -32.51 0.40
N ARG A 153 -58.92 -31.35 0.38
CA ARG A 153 -59.26 -30.65 -0.85
C ARG A 153 -58.19 -29.58 -1.07
N VAL A 154 -57.05 -29.99 -1.61
CA VAL A 154 -55.90 -29.12 -1.79
C VAL A 154 -55.56 -28.93 -3.27
N TYR A 155 -55.67 -29.99 -4.07
CA TYR A 155 -55.47 -29.89 -5.51
C TYR A 155 -56.17 -31.07 -6.18
N SER A 156 -56.38 -30.93 -7.48
CA SER A 156 -57.01 -31.97 -8.27
C SER A 156 -56.02 -32.91 -8.96
N SER A 157 -54.86 -32.41 -9.38
CA SER A 157 -53.90 -33.24 -10.08
C SER A 157 -52.49 -32.69 -9.87
N ALA A 158 -51.52 -33.58 -10.02
CA ALA A 158 -50.11 -33.23 -9.95
C ALA A 158 -49.44 -33.69 -11.24
N ASN A 159 -49.05 -32.74 -12.08
CA ASN A 159 -48.58 -33.07 -13.42
C ASN A 159 -47.10 -33.45 -13.44
N ASN A 160 -46.23 -32.53 -13.02
CA ASN A 160 -44.78 -32.76 -13.03
C ASN A 160 -44.25 -32.54 -11.62
N CYS A 161 -43.79 -33.62 -10.98
CA CYS A 161 -43.23 -33.56 -9.64
C CYS A 161 -41.72 -33.73 -9.75
N THR A 162 -40.97 -32.80 -9.15
CA THR A 162 -39.52 -32.80 -9.23
C THR A 162 -38.83 -32.96 -7.88
N PHE A 163 -39.55 -32.83 -6.78
CA PHE A 163 -38.94 -32.94 -5.46
C PHE A 163 -39.99 -33.38 -4.45
N GLU A 164 -39.65 -34.37 -3.64
CA GLU A 164 -40.52 -34.88 -2.60
C GLU A 164 -39.72 -35.07 -1.32
N TYR A 165 -40.39 -34.99 -0.18
CA TYR A 165 -39.69 -35.14 1.08
C TYR A 165 -40.71 -35.39 2.18
N VAL A 166 -40.34 -36.21 3.16
CA VAL A 166 -41.18 -36.50 4.31
C VAL A 166 -40.34 -36.32 5.57
N SER A 167 -40.88 -35.61 6.55
CA SER A 167 -40.17 -35.33 7.79
C SER A 167 -41.12 -35.41 8.97
N GLN A 168 -40.54 -35.56 10.16
CA GLN A 168 -41.31 -35.78 11.38
C GLN A 168 -42.17 -34.56 11.70
N PRO A 169 -43.29 -34.76 12.42
CA PRO A 169 -44.19 -33.64 12.71
C PRO A 169 -43.51 -32.54 13.52
N PHE A 170 -43.84 -31.29 13.19
CA PHE A 170 -43.25 -30.15 13.88
C PHE A 170 -43.90 -29.96 15.25
N LEU A 171 -45.19 -30.24 15.37
CA LEU A 171 -45.90 -30.05 16.62
C LEU A 171 -45.44 -31.04 17.68
N ASN A 180 -57.63 -21.45 26.67
CA ASN A 180 -56.28 -20.93 26.90
C ASN A 180 -55.36 -21.30 25.75
N PHE A 181 -55.01 -20.32 24.91
CA PHE A 181 -54.05 -20.56 23.85
C PHE A 181 -52.68 -20.83 24.44
N LYS A 182 -52.11 -21.99 24.10
CA LYS A 182 -50.87 -22.44 24.70
C LYS A 182 -49.72 -22.57 23.71
N ASN A 183 -49.98 -22.64 22.41
CA ASN A 183 -48.94 -22.88 21.42
C ASN A 183 -48.65 -21.60 20.65
N LEU A 184 -47.37 -21.20 20.64
CA LEU A 184 -46.90 -20.08 19.83
C LEU A 184 -45.84 -20.62 18.89
N ARG A 185 -46.15 -20.64 17.60
CA ARG A 185 -45.23 -21.15 16.58
C ARG A 185 -44.81 -20.02 15.68
N GLU A 186 -43.51 -19.76 15.62
CA GLU A 186 -42.96 -18.70 14.77
C GLU A 186 -42.17 -19.34 13.65
N PHE A 187 -42.37 -18.84 12.43
CA PHE A 187 -41.68 -19.34 11.25
C PHE A 187 -41.11 -18.16 10.48
N VAL A 188 -39.96 -18.40 9.85
CA VAL A 188 -39.35 -17.44 8.94
C VAL A 188 -39.03 -18.17 7.65
N PHE A 189 -39.65 -17.74 6.55
CA PHE A 189 -39.45 -18.34 5.25
C PHE A 189 -38.67 -17.37 4.37
N LYS A 190 -37.58 -17.87 3.77
CA LYS A 190 -36.75 -17.08 2.89
C LYS A 190 -36.42 -17.90 1.64
N ASN A 191 -36.16 -17.20 0.54
CA ASN A 191 -35.79 -17.83 -0.72
C ASN A 191 -34.68 -17.03 -1.37
N ILE A 192 -33.45 -17.52 -1.27
CA ILE A 192 -32.29 -16.83 -1.82
C ILE A 192 -31.47 -17.81 -2.65
N ASP A 193 -31.09 -17.39 -3.86
CA ASP A 193 -30.31 -18.16 -4.83
C ASP A 193 -30.75 -19.62 -4.94
N GLY A 194 -32.05 -19.83 -5.15
CA GLY A 194 -32.53 -21.19 -5.35
C GLY A 194 -32.56 -22.04 -4.10
N TYR A 195 -32.35 -21.43 -2.93
CA TYR A 195 -32.37 -22.13 -1.66
C TYR A 195 -33.50 -21.59 -0.82
N PHE A 196 -34.34 -22.50 -0.31
CA PHE A 196 -35.47 -22.17 0.52
C PHE A 196 -35.11 -22.47 1.97
N LYS A 197 -35.06 -21.43 2.79
CA LYS A 197 -34.70 -21.57 4.20
C LYS A 197 -35.94 -21.41 5.06
N ILE A 198 -36.16 -22.37 5.95
CA ILE A 198 -37.29 -22.37 6.87
C ILE A 198 -36.74 -22.42 8.28
N TYR A 199 -36.99 -21.36 9.04
CA TYR A 199 -36.61 -21.28 10.44
C TYR A 199 -37.87 -21.40 11.29
N SER A 200 -37.78 -22.16 12.39
CA SER A 200 -38.94 -22.43 13.22
C SER A 200 -38.62 -22.28 14.68
N LYS A 201 -39.64 -21.97 15.47
CA LYS A 201 -39.52 -21.91 16.92
C LYS A 201 -40.88 -22.20 17.53
N HIS A 202 -40.89 -23.00 18.60
CA HIS A 202 -42.11 -23.41 19.28
C HIS A 202 -42.01 -23.03 20.74
N THR A 203 -43.05 -22.37 21.27
CA THR A 203 -43.04 -21.94 22.67
C THR A 203 -44.39 -22.18 23.33
N PRO A 204 -44.40 -22.51 24.62
CA PRO A 204 -45.65 -22.57 25.39
C PRO A 204 -45.95 -21.21 26.01
N ILE A 205 -47.21 -20.81 25.97
CA ILE A 205 -47.63 -19.55 26.58
C ILE A 205 -48.92 -19.75 27.36
N ASP A 212 -52.91 -11.06 21.44
CA ASP A 212 -51.88 -10.24 20.80
C ASP A 212 -50.52 -10.91 20.97
N LEU A 213 -49.51 -10.37 20.31
CA LEU A 213 -48.17 -10.95 20.39
C LEU A 213 -47.65 -10.88 21.82
N PRO A 214 -47.12 -11.96 22.38
CA PRO A 214 -46.50 -11.89 23.70
C PRO A 214 -45.25 -11.03 23.67
N GLN A 215 -45.00 -10.37 24.80
CA GLN A 215 -43.85 -9.50 24.93
C GLN A 215 -42.68 -10.31 25.49
N GLY A 216 -41.62 -10.43 24.70
CA GLY A 216 -40.46 -11.20 25.12
C GLY A 216 -39.50 -11.37 23.97
N PHE A 217 -38.43 -12.12 24.24
CA PHE A 217 -37.38 -12.34 23.27
C PHE A 217 -37.16 -13.83 23.10
N SER A 218 -37.06 -14.27 21.85
CA SER A 218 -36.87 -15.70 21.55
C SER A 218 -36.23 -15.83 20.19
N ALA A 219 -34.99 -16.31 20.16
CA ALA A 219 -34.29 -16.51 18.90
C ALA A 219 -34.89 -17.68 18.14
N LEU A 220 -34.76 -17.65 16.81
CA LEU A 220 -35.31 -18.69 15.95
C LEU A 220 -34.16 -19.52 15.37
N GLU A 221 -34.13 -20.81 15.70
CA GLU A 221 -33.11 -21.68 15.16
C GLU A 221 -33.49 -22.16 13.76
N PRO A 222 -32.51 -22.39 12.89
CA PRO A 222 -32.83 -22.93 11.56
C PRO A 222 -33.40 -24.34 11.67
N LEU A 223 -34.36 -24.64 10.80
CA LEU A 223 -35.00 -25.94 10.79
C LEU A 223 -34.73 -26.71 9.50
N VAL A 224 -35.02 -26.13 8.34
CA VAL A 224 -34.94 -26.86 7.09
C VAL A 224 -34.27 -25.98 6.03
N ASP A 225 -33.37 -26.58 5.27
CA ASP A 225 -32.81 -25.96 4.07
C ASP A 225 -33.16 -26.84 2.88
N LEU A 226 -33.66 -26.22 1.81
CA LEU A 226 -34.15 -26.97 0.66
C LEU A 226 -33.53 -26.43 -0.62
N PRO A 227 -33.02 -27.29 -1.50
CA PRO A 227 -32.54 -26.84 -2.82
C PRO A 227 -33.65 -26.89 -3.88
N ILE A 228 -34.62 -25.99 -3.72
CA ILE A 228 -35.77 -25.98 -4.62
C ILE A 228 -35.44 -25.37 -5.96
N GLY A 229 -34.88 -24.16 -5.96
CA GLY A 229 -34.52 -23.49 -7.20
C GLY A 229 -35.69 -23.09 -8.07
N ILE A 230 -36.75 -22.55 -7.47
CA ILE A 230 -37.91 -22.07 -8.22
C ILE A 230 -38.14 -20.60 -7.88
N ASN A 231 -39.04 -19.99 -8.64
CA ASN A 231 -39.42 -18.59 -8.44
C ASN A 231 -40.71 -18.53 -7.63
N ILE A 232 -40.66 -17.86 -6.49
CA ILE A 232 -41.82 -17.71 -5.61
C ILE A 232 -42.06 -16.24 -5.37
N THR A 233 -43.30 -15.79 -5.58
CA THR A 233 -43.67 -14.41 -5.30
C THR A 233 -45.00 -14.29 -4.59
N ARG A 234 -45.65 -15.40 -4.22
CA ARG A 234 -46.96 -15.32 -3.58
C ARG A 234 -47.17 -16.61 -2.79
N PHE A 235 -48.04 -16.53 -1.78
CA PHE A 235 -48.25 -17.68 -0.91
C PHE A 235 -49.64 -17.63 -0.30
N GLN A 236 -49.97 -18.72 0.39
CA GLN A 236 -51.29 -18.96 0.94
C GLN A 236 -51.16 -19.89 2.14
N THR A 237 -52.03 -19.72 3.13
CA THR A 237 -52.06 -20.62 4.27
C THR A 237 -53.11 -21.70 4.07
N LEU A 238 -53.08 -22.72 4.93
CA LEU A 238 -54.04 -23.81 4.89
C LEU A 238 -54.64 -23.99 6.27
N LEU A 239 -55.91 -24.40 6.32
CA LEU A 239 -56.63 -24.55 7.57
C LEU A 239 -57.34 -25.90 7.62
N ALA A 240 -57.69 -26.31 8.84
CA ALA A 240 -58.42 -27.54 9.08
C ALA A 240 -59.79 -27.18 9.67
N LEU A 241 -60.84 -27.78 9.12
CA LEU A 241 -62.19 -27.59 9.59
C LEU A 241 -62.71 -28.90 10.17
N HIS A 242 -63.16 -28.86 11.42
CA HIS A 242 -63.66 -30.05 12.08
C HIS A 242 -65.11 -30.31 11.69
N ARG A 243 -65.37 -31.51 11.18
CA ARG A 243 -66.71 -31.90 10.76
C ARG A 243 -67.52 -32.30 11.99
N SER A 244 -68.63 -31.60 12.23
CA SER A 244 -69.48 -31.87 13.37
C SER A 244 -70.91 -32.14 12.94
N GLY A 254 -72.80 -27.46 9.95
CA GLY A 254 -72.20 -28.58 9.26
C GLY A 254 -70.85 -28.97 9.84
N TRP A 255 -69.92 -28.02 9.85
CA TRP A 255 -68.58 -28.23 10.37
C TRP A 255 -68.20 -27.08 11.29
N THR A 256 -67.31 -27.36 12.24
CA THR A 256 -66.91 -26.39 13.26
C THR A 256 -65.44 -26.02 13.04
N ALA A 257 -65.14 -24.73 13.18
CA ALA A 257 -63.78 -24.22 13.04
C ALA A 257 -63.33 -23.65 14.38
N GLY A 258 -62.14 -24.06 14.81
CA GLY A 258 -61.63 -23.63 16.10
C GLY A 258 -61.08 -22.23 16.08
N ALA A 259 -60.76 -21.73 17.28
CA ALA A 259 -60.24 -20.38 17.43
C ALA A 259 -58.73 -20.38 17.39
N ALA A 260 -58.16 -19.53 16.53
CA ALA A 260 -56.73 -19.33 16.46
C ALA A 260 -56.45 -18.00 15.79
N ALA A 261 -55.21 -17.52 15.92
CA ALA A 261 -54.84 -16.27 15.26
C ALA A 261 -53.47 -16.43 14.64
N TYR A 262 -53.25 -15.74 13.51
CA TYR A 262 -51.94 -15.78 12.89
C TYR A 262 -51.57 -14.40 12.36
N TYR A 263 -50.27 -14.20 12.24
CA TYR A 263 -49.65 -12.90 12.02
C TYR A 263 -48.69 -13.02 10.85
N VAL A 264 -48.69 -12.02 9.98
CA VAL A 264 -47.80 -11.97 8.83
C VAL A 264 -46.99 -10.68 8.87
N GLY A 265 -45.67 -10.81 8.87
CA GLY A 265 -44.79 -9.66 8.77
C GLY A 265 -43.79 -9.87 7.67
N TYR A 266 -43.19 -8.77 7.23
CA TYR A 266 -42.31 -8.80 6.06
C TYR A 266 -40.89 -8.42 6.46
N LEU A 267 -39.92 -8.99 5.74
CA LEU A 267 -38.51 -8.77 6.00
C LEU A 267 -37.93 -7.81 4.97
N GLN A 268 -36.87 -7.12 5.36
CA GLN A 268 -36.04 -6.39 4.42
C GLN A 268 -34.62 -6.34 4.97
N PRO A 269 -33.62 -6.07 4.12
CA PRO A 269 -32.24 -6.08 4.60
C PRO A 269 -31.97 -4.95 5.59
N ARG A 270 -31.26 -5.28 6.65
CA ARG A 270 -30.78 -4.30 7.63
C ARG A 270 -29.70 -4.96 8.45
N THR A 271 -29.09 -4.18 9.34
CA THR A 271 -28.01 -4.63 10.19
C THR A 271 -28.52 -4.73 11.63
N PHE A 272 -28.36 -5.90 12.23
CA PHE A 272 -28.67 -6.11 13.63
C PHE A 272 -27.40 -6.31 14.42
N LEU A 273 -27.49 -6.09 15.73
CA LEU A 273 -26.42 -6.38 16.67
C LEU A 273 -26.92 -7.49 17.59
N LEU A 274 -26.27 -8.65 17.53
CA LEU A 274 -26.70 -9.82 18.28
C LEU A 274 -25.73 -10.06 19.43
N LYS A 275 -26.27 -10.29 20.63
CA LYS A 275 -25.45 -10.58 21.79
C LYS A 275 -25.56 -12.07 22.10
N TYR A 276 -24.50 -12.82 21.83
CA TYR A 276 -24.42 -14.23 22.16
C TYR A 276 -23.95 -14.40 23.60
N ASN A 277 -24.58 -15.30 24.33
CA ASN A 277 -24.19 -15.56 25.71
C ASN A 277 -22.99 -16.50 25.72
N GLU A 278 -22.68 -17.06 26.89
CA GLU A 278 -21.53 -17.95 27.02
C GLU A 278 -21.74 -19.28 26.30
N ASN A 279 -22.99 -19.72 26.13
CA ASN A 279 -23.29 -21.01 25.51
C ASN A 279 -23.54 -20.90 24.02
N GLY A 280 -23.42 -19.71 23.44
CA GLY A 280 -23.75 -19.54 22.04
C GLY A 280 -25.21 -19.29 21.76
N THR A 281 -26.03 -19.06 22.79
CA THR A 281 -27.44 -18.80 22.62
C THR A 281 -27.68 -17.31 22.53
N ILE A 282 -28.44 -16.88 21.52
CA ILE A 282 -28.78 -15.47 21.35
C ILE A 282 -29.68 -15.04 22.50
N THR A 283 -29.30 -13.93 23.15
CA THR A 283 -30.07 -13.41 24.27
C THR A 283 -30.69 -12.05 24.02
N ASP A 284 -30.09 -11.23 23.16
CA ASP A 284 -30.66 -9.93 22.88
C ASP A 284 -30.17 -9.44 21.52
N ALA A 285 -30.95 -8.53 20.94
CA ALA A 285 -30.64 -7.98 19.63
C ALA A 285 -31.00 -6.51 19.62
N VAL A 286 -30.28 -5.74 18.81
CA VAL A 286 -30.48 -4.31 18.65
C VAL A 286 -30.63 -3.99 17.18
N ASP A 287 -31.69 -3.26 16.84
CA ASP A 287 -31.94 -2.82 15.48
C ASP A 287 -31.18 -1.53 15.24
N CYS A 288 -30.31 -1.52 14.24
CA CYS A 288 -29.40 -0.40 14.06
C CYS A 288 -30.02 0.75 13.26
N ALA A 289 -31.27 0.64 12.82
CA ALA A 289 -31.89 1.68 12.01
C ALA A 289 -33.24 2.12 12.55
N LEU A 290 -33.49 1.93 13.84
CA LEU A 290 -34.79 2.25 14.43
C LEU A 290 -34.79 3.58 15.18
N ASP A 291 -33.85 3.72 16.12
CA ASP A 291 -33.81 4.82 17.05
C ASP A 291 -32.39 5.37 17.06
N PRO A 292 -32.22 6.70 17.10
CA PRO A 292 -30.86 7.25 17.19
C PRO A 292 -30.07 6.69 18.35
N LEU A 293 -30.72 6.41 19.49
CA LEU A 293 -30.04 5.70 20.57
C LEU A 293 -29.58 4.32 20.12
N SER A 294 -30.44 3.61 19.39
CA SER A 294 -30.04 2.31 18.86
C SER A 294 -28.93 2.46 17.84
N GLU A 295 -28.95 3.54 17.06
CA GLU A 295 -27.85 3.80 16.14
C GLU A 295 -26.54 3.97 16.88
N THR A 296 -26.55 4.71 17.99
CA THR A 296 -25.35 4.89 18.79
C THR A 296 -24.89 3.57 19.39
N LYS A 297 -25.84 2.76 19.87
CA LYS A 297 -25.49 1.44 20.41
C LYS A 297 -24.82 0.58 19.35
N CYS A 298 -25.37 0.59 18.13
CA CYS A 298 -24.80 -0.20 17.05
C CYS A 298 -23.41 0.29 16.68
N THR A 299 -23.22 1.61 16.63
CA THR A 299 -21.91 2.17 16.30
C THR A 299 -20.87 1.81 17.35
N LEU A 300 -21.24 1.92 18.63
CA LEU A 300 -20.31 1.65 19.72
C LEU A 300 -20.16 0.16 20.03
N LYS A 301 -20.99 -0.70 19.42
CA LYS A 301 -20.95 -2.14 19.66
C LYS A 301 -21.08 -2.47 21.14
N SER A 302 -22.04 -1.82 21.80
CA SER A 302 -22.33 -2.09 23.19
C SER A 302 -23.78 -1.74 23.47
N PHE A 303 -24.32 -2.30 24.55
CA PHE A 303 -25.71 -2.05 24.93
C PHE A 303 -25.87 -0.86 25.86
N THR A 304 -24.77 -0.30 26.37
CA THR A 304 -24.83 0.87 27.25
C THR A 304 -23.85 1.91 26.74
N VAL A 305 -24.31 3.15 26.65
CA VAL A 305 -23.47 4.27 26.22
C VAL A 305 -23.44 5.30 27.34
N GLU A 306 -22.25 5.78 27.66
CA GLU A 306 -22.08 6.75 28.72
C GLU A 306 -22.42 8.15 28.23
N LYS A 307 -22.57 9.06 29.18
CA LYS A 307 -22.90 10.45 28.86
C LYS A 307 -21.83 11.06 27.97
N GLY A 308 -22.24 11.70 26.89
CA GLY A 308 -21.32 12.32 25.98
C GLY A 308 -21.98 12.58 24.63
N ILE A 309 -21.14 12.93 23.66
CA ILE A 309 -21.58 13.17 22.29
C ILE A 309 -20.88 12.18 21.38
N TYR A 310 -21.66 11.52 20.52
CA TYR A 310 -21.13 10.52 19.61
C TYR A 310 -21.55 10.85 18.19
N GLN A 311 -20.70 10.50 17.23
CA GLN A 311 -21.04 10.64 15.82
C GLN A 311 -21.52 9.29 15.30
N THR A 312 -22.72 9.27 14.72
CA THR A 312 -23.34 8.02 14.30
C THR A 312 -23.20 7.77 12.81
N SER A 313 -23.72 8.67 11.98
CA SER A 313 -23.79 8.42 10.55
C SER A 313 -23.88 9.75 9.81
N ASN A 314 -24.23 9.68 8.53
CA ASN A 314 -24.34 10.84 7.66
C ASN A 314 -25.77 11.00 7.19
N PHE A 315 -26.25 12.23 7.15
CA PHE A 315 -27.58 12.56 6.67
C PHE A 315 -27.45 13.22 5.31
N ARG A 316 -28.08 12.63 4.30
CA ARG A 316 -28.11 13.19 2.96
C ARG A 316 -29.49 12.99 2.37
N VAL A 317 -30.07 14.07 1.85
CA VAL A 317 -31.40 13.99 1.27
C VAL A 317 -31.35 13.18 -0.02
N GLN A 318 -32.28 12.26 -0.18
CA GLN A 318 -32.30 11.40 -1.36
C GLN A 318 -32.92 12.13 -2.54
N PRO A 319 -32.51 11.78 -3.76
CA PRO A 319 -33.10 12.40 -4.95
C PRO A 319 -34.58 12.06 -5.08
N THR A 320 -35.34 13.01 -5.65
CA THR A 320 -36.79 12.85 -5.76
C THR A 320 -37.20 12.24 -7.09
N GLU A 321 -36.88 12.88 -8.21
CA GLU A 321 -37.20 12.33 -9.52
C GLU A 321 -35.99 12.47 -10.43
N SER A 322 -36.14 12.00 -11.66
CA SER A 322 -35.09 12.08 -12.67
C SER A 322 -35.57 12.91 -13.85
N ILE A 323 -34.68 13.75 -14.37
CA ILE A 323 -34.95 14.57 -15.55
C ILE A 323 -33.89 14.26 -16.59
N VAL A 324 -34.32 14.14 -17.84
CA VAL A 324 -33.43 13.87 -18.96
C VAL A 324 -33.62 14.96 -20.00
N ARG A 325 -32.51 15.52 -20.47
CA ARG A 325 -32.54 16.58 -21.48
C ARG A 325 -31.59 16.21 -22.60
N PHE A 326 -32.14 16.02 -23.79
CA PHE A 326 -31.40 15.68 -25.00
C PHE A 326 -31.74 16.71 -26.06
N PRO A 327 -30.89 16.88 -27.07
CA PRO A 327 -31.19 17.84 -28.13
C PRO A 327 -32.51 17.53 -28.80
N ASN A 328 -33.26 18.59 -29.14
CA ASN A 328 -34.62 18.46 -29.63
C ASN A 328 -34.69 17.94 -31.07
N ILE A 329 -33.57 17.45 -31.62
CA ILE A 329 -33.59 16.88 -32.96
C ILE A 329 -34.49 15.65 -32.98
N THR A 330 -35.33 15.54 -33.99
CA THR A 330 -36.24 14.41 -34.16
C THR A 330 -36.18 13.92 -35.61
N ASN A 331 -35.25 13.03 -35.88
CA ASN A 331 -35.11 12.43 -37.21
C ASN A 331 -34.26 11.16 -37.13
N LEU A 332 -34.78 10.06 -37.65
CA LEU A 332 -34.00 8.84 -37.74
C LEU A 332 -33.16 8.86 -39.02
N CYS A 333 -31.85 8.92 -38.86
CA CYS A 333 -30.98 8.96 -40.03
C CYS A 333 -31.04 7.64 -40.79
N PRO A 334 -30.94 7.70 -42.11
CA PRO A 334 -31.17 6.50 -42.94
C PRO A 334 -30.01 5.51 -42.91
N PHE A 335 -30.00 4.63 -41.92
CA PHE A 335 -29.05 3.53 -41.91
C PHE A 335 -29.31 2.52 -43.03
N ASP A 336 -30.46 2.61 -43.70
CA ASP A 336 -30.81 1.60 -44.68
C ASP A 336 -29.86 1.52 -45.85
N GLU A 337 -29.51 2.67 -46.44
CA GLU A 337 -28.62 2.66 -47.59
C GLU A 337 -27.16 2.43 -47.19
N VAL A 338 -26.85 2.47 -45.90
CA VAL A 338 -25.50 2.18 -45.45
C VAL A 338 -25.39 0.81 -44.77
N PHE A 339 -26.53 0.21 -44.39
CA PHE A 339 -26.56 -1.16 -43.91
C PHE A 339 -27.26 -2.11 -44.88
N ASN A 340 -28.52 -1.85 -45.20
CA ASN A 340 -29.27 -2.71 -46.12
C ASN A 340 -29.15 -2.22 -47.56
N ALA A 341 -27.91 -2.05 -48.02
CA ALA A 341 -27.65 -1.53 -49.36
C ALA A 341 -27.59 -2.67 -50.37
N THR A 342 -27.90 -2.34 -51.63
CA THR A 342 -27.89 -3.34 -52.68
C THR A 342 -26.47 -3.86 -52.92
N ARG A 343 -25.48 -2.96 -52.91
CA ARG A 343 -24.10 -3.32 -53.20
C ARG A 343 -23.17 -2.62 -52.23
N PHE A 344 -22.35 -3.39 -51.53
CA PHE A 344 -21.29 -2.83 -50.70
C PHE A 344 -19.98 -2.75 -51.48
N ALA A 345 -18.96 -2.21 -50.82
CA ALA A 345 -17.65 -2.01 -51.43
C ALA A 345 -16.69 -3.13 -51.05
N SER A 346 -15.51 -3.10 -51.66
CA SER A 346 -14.49 -4.10 -51.43
C SER A 346 -13.72 -3.81 -50.14
N VAL A 347 -12.94 -4.81 -49.70
CA VAL A 347 -12.20 -4.69 -48.45
C VAL A 347 -11.18 -3.57 -48.55
N TYR A 348 -10.43 -3.52 -49.65
CA TYR A 348 -9.43 -2.48 -49.86
C TYR A 348 -10.06 -1.16 -50.28
N ALA A 349 -11.37 -1.11 -50.48
CA ALA A 349 -12.10 0.11 -50.81
C ALA A 349 -13.25 0.33 -49.85
N TRP A 350 -12.98 0.17 -48.55
CA TRP A 350 -14.02 0.25 -47.53
C TRP A 350 -14.72 1.60 -47.55
N ASN A 351 -16.05 1.56 -47.53
CA ASN A 351 -16.87 2.76 -47.70
C ASN A 351 -17.03 3.49 -46.37
N ARG A 352 -16.97 4.83 -46.44
CA ARG A 352 -17.06 5.68 -45.27
C ARG A 352 -18.33 6.50 -45.31
N LYS A 353 -18.87 6.77 -44.12
CA LYS A 353 -20.07 7.60 -43.98
C LYS A 353 -20.00 8.34 -42.66
N ARG A 354 -20.40 9.60 -42.67
CA ARG A 354 -20.47 10.41 -41.46
C ARG A 354 -21.91 10.54 -41.00
N ILE A 355 -22.11 10.42 -39.69
CA ILE A 355 -23.44 10.42 -39.10
C ILE A 355 -23.56 11.62 -38.17
N SER A 356 -24.58 12.44 -38.38
CA SER A 356 -24.81 13.63 -37.57
C SER A 356 -26.26 14.03 -37.67
N ASN A 357 -26.77 14.63 -36.60
CA ASN A 357 -28.17 15.04 -36.48
C ASN A 357 -29.10 13.85 -36.67
N CYS A 358 -29.02 12.91 -35.73
CA CYS A 358 -29.75 11.66 -35.80
C CYS A 358 -30.29 11.29 -34.43
N VAL A 359 -31.51 10.76 -34.41
CA VAL A 359 -32.03 10.06 -33.23
C VAL A 359 -31.68 8.60 -33.44
N ALA A 360 -30.44 8.25 -33.14
CA ALA A 360 -29.89 6.94 -33.47
C ALA A 360 -30.59 5.87 -32.64
N ASP A 361 -31.39 5.03 -33.30
CA ASP A 361 -32.08 3.91 -32.65
C ASP A 361 -31.37 2.63 -33.06
N TYR A 362 -30.81 1.92 -32.08
CA TYR A 362 -30.05 0.70 -32.33
C TYR A 362 -30.89 -0.56 -32.18
N SER A 363 -32.17 -0.42 -31.84
CA SER A 363 -33.04 -1.59 -31.69
C SER A 363 -33.38 -2.20 -33.05
N VAL A 364 -33.47 -1.37 -34.09
CA VAL A 364 -33.83 -1.87 -35.42
C VAL A 364 -32.79 -2.86 -35.92
N LEU A 365 -31.54 -2.74 -35.47
CA LEU A 365 -30.51 -3.70 -35.82
C LEU A 365 -30.45 -4.84 -34.80
N TYR A 366 -30.72 -4.53 -33.53
CA TYR A 366 -30.60 -5.53 -32.47
C TYR A 366 -31.66 -6.61 -32.60
N ASN A 367 -32.91 -6.22 -32.90
CA ASN A 367 -34.00 -7.20 -32.94
C ASN A 367 -33.90 -8.10 -34.16
N LEU A 368 -33.42 -7.53 -35.27
CA LEU A 368 -33.33 -8.30 -36.55
C LEU A 368 -32.37 -9.48 -36.38
N ALA A 369 -32.82 -10.68 -36.73
CA ALA A 369 -32.01 -11.88 -36.61
C ALA A 369 -31.12 -12.12 -37.83
N PRO A 370 -31.26 -11.40 -38.97
CA PRO A 370 -30.34 -11.58 -40.10
C PRO A 370 -28.90 -11.15 -39.75
N PHE A 371 -28.73 -10.33 -38.71
CA PHE A 371 -27.40 -9.84 -38.39
C PHE A 371 -26.89 -10.62 -37.19
N PHE A 372 -26.14 -11.69 -37.48
CA PHE A 372 -25.75 -12.65 -36.44
C PHE A 372 -24.71 -12.08 -35.49
N THR A 373 -23.66 -11.47 -36.02
CA THR A 373 -22.50 -11.09 -35.21
C THR A 373 -22.59 -9.61 -34.85
N PHE A 374 -22.46 -9.31 -33.57
CA PHE A 374 -22.54 -7.91 -33.11
C PHE A 374 -21.77 -7.82 -31.80
N LYS A 375 -20.68 -7.07 -31.79
CA LYS A 375 -19.88 -6.91 -30.58
C LYS A 375 -19.30 -5.51 -30.52
N CYS A 376 -19.28 -4.94 -29.31
CA CYS A 376 -18.85 -3.57 -29.11
C CYS A 376 -17.56 -3.52 -28.29
N TYR A 377 -16.71 -2.55 -28.61
CA TYR A 377 -15.45 -2.33 -27.92
C TYR A 377 -15.46 -0.95 -27.29
N GLY A 378 -15.16 -0.89 -26.00
CA GLY A 378 -15.09 0.36 -25.28
C GLY A 378 -16.32 0.65 -24.44
N VAL A 379 -17.50 0.36 -24.99
CA VAL A 379 -18.77 0.59 -24.30
C VAL A 379 -19.60 -0.67 -24.40
N SER A 380 -20.20 -1.08 -23.29
CA SER A 380 -21.08 -2.24 -23.31
C SER A 380 -22.32 -1.93 -24.15
N PRO A 381 -22.80 -2.89 -24.94
CA PRO A 381 -23.92 -2.59 -25.86
C PRO A 381 -25.19 -2.15 -25.16
N THR A 382 -25.41 -2.59 -23.92
CA THR A 382 -26.68 -2.34 -23.24
C THR A 382 -26.91 -0.86 -22.98
N LYS A 383 -25.84 -0.08 -22.78
CA LYS A 383 -25.97 1.31 -22.40
C LYS A 383 -26.02 2.26 -23.59
N LEU A 384 -25.95 1.75 -24.82
CA LEU A 384 -25.94 2.60 -26.00
C LEU A 384 -27.25 3.36 -26.20
N ASN A 385 -28.35 2.91 -25.59
CA ASN A 385 -29.65 3.54 -25.85
C ASN A 385 -29.72 4.92 -25.20
N ASP A 386 -29.04 5.11 -24.07
CA ASP A 386 -29.12 6.36 -23.33
C ASP A 386 -27.91 7.26 -23.55
N LEU A 387 -26.93 6.84 -24.34
CA LEU A 387 -25.74 7.64 -24.54
C LEU A 387 -25.91 8.58 -25.72
N CYS A 388 -25.24 9.73 -25.63
CA CYS A 388 -25.20 10.72 -26.69
C CYS A 388 -23.78 10.73 -27.26
N PHE A 389 -23.67 10.58 -28.58
CA PHE A 389 -22.38 10.44 -29.24
C PHE A 389 -22.07 11.70 -30.04
N THR A 390 -20.87 12.25 -29.82
CA THR A 390 -20.50 13.50 -30.46
C THR A 390 -20.37 13.35 -31.97
N ASN A 391 -19.64 12.32 -32.41
CA ASN A 391 -19.51 12.08 -33.84
C ASN A 391 -19.42 10.58 -34.11
N VAL A 392 -19.98 10.18 -35.24
CA VAL A 392 -20.13 8.77 -35.59
C VAL A 392 -19.61 8.56 -37.02
N TYR A 393 -18.71 7.61 -37.18
CA TYR A 393 -18.21 7.20 -38.49
C TYR A 393 -18.66 5.77 -38.75
N ALA A 394 -19.09 5.49 -39.97
CA ALA A 394 -19.48 4.15 -40.38
C ALA A 394 -18.58 3.70 -41.51
N ASP A 395 -17.90 2.58 -41.33
CA ASP A 395 -17.07 1.99 -42.37
C ASP A 395 -17.62 0.61 -42.72
N SER A 396 -18.02 0.43 -43.96
CA SER A 396 -18.70 -0.78 -44.40
C SER A 396 -17.92 -1.47 -45.51
N PHE A 397 -17.98 -2.79 -45.52
CA PHE A 397 -17.33 -3.60 -46.54
C PHE A 397 -17.93 -5.01 -46.47
N VAL A 398 -17.42 -5.91 -47.31
CA VAL A 398 -17.80 -7.32 -47.29
C VAL A 398 -16.54 -8.16 -47.37
N ILE A 399 -16.44 -9.18 -46.52
CA ILE A 399 -15.26 -10.03 -46.44
C ILE A 399 -15.71 -11.49 -46.41
N ARG A 400 -14.78 -12.38 -46.71
CA ARG A 400 -15.03 -13.81 -46.50
C ARG A 400 -15.15 -14.06 -45.00
N GLY A 401 -16.12 -14.92 -44.63
CA GLY A 401 -16.38 -15.17 -43.23
C GLY A 401 -15.18 -15.70 -42.46
N ASP A 402 -14.30 -16.44 -43.15
CA ASP A 402 -13.15 -17.02 -42.49
C ASP A 402 -12.24 -15.97 -41.84
N GLU A 403 -12.29 -14.74 -42.31
CA GLU A 403 -11.47 -13.66 -41.74
C GLU A 403 -12.27 -12.69 -40.88
N VAL A 404 -13.51 -13.05 -40.51
CA VAL A 404 -14.29 -12.17 -39.64
C VAL A 404 -13.59 -11.99 -38.30
N ARG A 405 -12.94 -13.04 -37.80
CA ARG A 405 -12.19 -12.91 -36.56
C ARG A 405 -11.06 -11.88 -36.68
N GLN A 406 -10.57 -11.63 -37.90
CA GLN A 406 -9.53 -10.64 -38.08
C GLN A 406 -10.01 -9.22 -37.84
N ILE A 407 -11.32 -8.99 -37.91
CA ILE A 407 -11.87 -7.65 -37.73
C ILE A 407 -12.01 -7.36 -36.25
N ALA A 408 -10.97 -6.77 -35.65
CA ALA A 408 -10.96 -6.43 -34.24
C ALA A 408 -9.85 -5.43 -33.99
N PRO A 409 -9.95 -4.61 -32.95
CA PRO A 409 -8.86 -3.67 -32.64
C PRO A 409 -7.58 -4.41 -32.28
N GLY A 410 -6.53 -4.14 -33.06
CA GLY A 410 -5.24 -4.76 -32.81
C GLY A 410 -5.25 -6.26 -33.01
N GLN A 411 -5.49 -6.72 -34.23
CA GLN A 411 -5.53 -8.14 -34.55
C GLN A 411 -4.68 -8.41 -35.79
N THR A 412 -4.15 -9.63 -35.84
CA THR A 412 -3.31 -10.05 -36.95
C THR A 412 -4.18 -10.58 -38.08
N GLY A 413 -3.56 -11.15 -39.10
CA GLY A 413 -4.28 -11.67 -40.25
C GLY A 413 -3.93 -10.91 -41.52
N ASN A 414 -4.28 -11.53 -42.65
CA ASN A 414 -3.93 -10.95 -43.94
C ASN A 414 -4.68 -9.64 -44.19
N ILE A 415 -6.01 -9.70 -44.22
CA ILE A 415 -6.78 -8.50 -44.49
C ILE A 415 -6.62 -7.49 -43.36
N ALA A 416 -6.43 -7.98 -42.13
CA ALA A 416 -6.27 -7.07 -41.00
C ALA A 416 -4.97 -6.29 -41.08
N ASP A 417 -3.87 -6.97 -41.41
CA ASP A 417 -2.55 -6.34 -41.42
C ASP A 417 -2.18 -5.75 -42.77
N TYR A 418 -2.99 -5.95 -43.81
CA TYR A 418 -2.65 -5.42 -45.12
C TYR A 418 -3.75 -4.53 -45.69
N ASN A 419 -5.01 -4.94 -45.52
CA ASN A 419 -6.14 -4.26 -46.15
C ASN A 419 -6.82 -3.23 -45.25
N TYR A 420 -7.14 -3.60 -44.02
CA TYR A 420 -7.82 -2.69 -43.10
C TYR A 420 -7.32 -2.94 -41.69
N LYS A 421 -6.69 -1.93 -41.10
CA LYS A 421 -6.16 -2.02 -39.75
C LYS A 421 -7.03 -1.17 -38.81
N LEU A 422 -7.35 -1.74 -37.65
CA LEU A 422 -8.16 -1.03 -36.67
C LEU A 422 -7.29 -0.45 -35.56
N PRO A 423 -7.57 0.76 -35.11
CA PRO A 423 -6.82 1.32 -33.98
C PRO A 423 -7.04 0.50 -32.72
N ASP A 424 -5.99 0.43 -31.90
CA ASP A 424 -6.04 -0.38 -30.69
C ASP A 424 -7.09 0.14 -29.71
N ASP A 425 -7.15 1.47 -29.54
CA ASP A 425 -8.09 2.10 -28.62
C ASP A 425 -9.40 2.50 -29.29
N PHE A 426 -9.80 1.77 -30.34
CA PHE A 426 -11.04 2.08 -31.05
C PHE A 426 -12.23 1.93 -30.13
N THR A 427 -13.12 2.93 -30.14
CA THR A 427 -14.33 2.94 -29.33
C THR A 427 -15.53 2.90 -30.26
N GLY A 428 -16.26 1.79 -30.24
CA GLY A 428 -17.42 1.65 -31.09
C GLY A 428 -18.02 0.27 -31.10
N CYS A 429 -18.56 -0.14 -32.24
CA CYS A 429 -19.20 -1.45 -32.36
C CYS A 429 -18.93 -2.03 -33.74
N VAL A 430 -19.15 -3.34 -33.86
CA VAL A 430 -18.96 -4.07 -35.10
C VAL A 430 -20.18 -4.96 -35.33
N ILE A 431 -20.75 -4.87 -36.53
CA ILE A 431 -21.87 -5.70 -36.96
C ILE A 431 -21.44 -6.48 -38.18
N ALA A 432 -21.83 -7.76 -38.25
CA ALA A 432 -21.45 -8.63 -39.35
C ALA A 432 -22.55 -9.65 -39.57
N TRP A 433 -22.86 -9.91 -40.85
CA TRP A 433 -23.91 -10.86 -41.18
C TRP A 433 -23.69 -11.43 -42.58
N ASN A 434 -24.15 -12.66 -42.77
CA ASN A 434 -23.95 -13.36 -44.02
C ASN A 434 -24.68 -12.67 -45.17
N SER A 435 -24.11 -12.81 -46.37
CA SER A 435 -24.67 -12.19 -47.57
C SER A 435 -24.89 -13.23 -48.68
N ASN A 436 -25.15 -14.48 -48.30
CA ASN A 436 -25.39 -15.50 -49.31
C ASN A 436 -26.64 -15.21 -50.13
N LYS A 437 -27.70 -14.75 -49.48
CA LYS A 437 -28.95 -14.46 -50.18
C LYS A 437 -28.83 -13.27 -51.12
N LEU A 438 -27.82 -12.42 -50.93
CA LEU A 438 -27.65 -11.24 -51.76
C LEU A 438 -26.40 -11.27 -52.64
N ASP A 439 -25.36 -12.00 -52.23
CA ASP A 439 -24.14 -12.16 -53.02
C ASP A 439 -23.98 -13.65 -53.30
N SER A 440 -24.51 -14.11 -54.43
CA SER A 440 -24.43 -15.51 -54.81
C SER A 440 -24.50 -15.60 -56.33
N LYS A 441 -23.36 -15.80 -56.97
CA LYS A 441 -23.28 -16.07 -58.40
C LYS A 441 -22.72 -17.48 -58.59
N VAL A 442 -23.37 -18.26 -59.45
CA VAL A 442 -23.00 -19.66 -59.63
C VAL A 442 -21.57 -19.78 -60.16
N SER A 443 -21.15 -18.86 -61.01
CA SER A 443 -19.80 -18.86 -61.53
C SER A 443 -18.76 -18.21 -60.65
N GLY A 444 -19.16 -17.75 -59.46
CA GLY A 444 -18.24 -17.04 -58.59
C GLY A 444 -18.38 -15.54 -58.76
N ASN A 445 -18.71 -14.83 -57.69
CA ASN A 445 -18.91 -13.39 -57.77
C ASN A 445 -17.55 -12.69 -57.71
N TYR A 446 -17.16 -12.03 -58.80
CA TYR A 446 -15.91 -11.27 -58.85
C TYR A 446 -16.11 -9.80 -58.52
N ASN A 447 -17.32 -9.39 -58.11
CA ASN A 447 -17.60 -7.99 -57.87
C ASN A 447 -16.84 -7.44 -56.67
N TYR A 448 -16.25 -8.29 -55.83
CA TYR A 448 -15.51 -7.88 -54.65
C TYR A 448 -14.07 -8.33 -54.77
N LEU A 449 -13.15 -7.40 -54.52
CA LEU A 449 -11.71 -7.64 -54.69
C LEU A 449 -10.99 -7.33 -53.38
N TYR A 450 -9.78 -7.87 -53.25
CA TYR A 450 -9.05 -7.79 -51.99
C TYR A 450 -7.56 -7.78 -52.28
N ARG A 451 -6.84 -6.88 -51.61
CA ARG A 451 -5.41 -6.71 -51.85
C ARG A 451 -4.60 -7.63 -50.95
N LEU A 452 -3.52 -8.20 -51.51
CA LEU A 452 -2.66 -9.12 -50.78
C LEU A 452 -1.27 -8.54 -50.55
N PHE A 453 -0.60 -8.12 -51.62
CA PHE A 453 0.82 -7.81 -51.60
C PHE A 453 1.01 -6.29 -51.48
N ARG A 454 0.68 -5.77 -50.31
CA ARG A 454 0.91 -4.37 -50.02
C ARG A 454 2.37 -4.15 -49.68
N LYS A 455 2.82 -2.90 -49.86
CA LYS A 455 4.23 -2.57 -49.64
C LYS A 455 4.63 -2.83 -48.19
N SER A 456 3.76 -2.47 -47.24
CA SER A 456 4.04 -2.68 -45.83
C SER A 456 2.73 -2.69 -45.07
N ASN A 457 2.83 -2.95 -43.77
CA ASN A 457 1.64 -2.90 -42.91
C ASN A 457 1.06 -1.50 -42.88
N LEU A 458 -0.27 -1.43 -43.01
CA LEU A 458 -0.96 -0.14 -43.09
C LEU A 458 -1.24 0.40 -41.71
N LYS A 459 -1.20 1.73 -41.60
CA LYS A 459 -1.62 2.39 -40.37
C LYS A 459 -3.14 2.27 -40.22
N PRO A 460 -3.64 2.20 -38.99
CA PRO A 460 -5.09 2.15 -38.81
C PRO A 460 -5.78 3.37 -39.41
N PHE A 461 -6.96 3.13 -39.99
CA PHE A 461 -7.79 4.17 -40.60
C PHE A 461 -7.05 4.86 -41.76
N GLU A 462 -6.71 4.05 -42.77
CA GLU A 462 -6.14 4.56 -44.00
C GLU A 462 -6.41 3.58 -45.12
N ARG A 463 -6.47 4.11 -46.34
CA ARG A 463 -6.81 3.30 -47.51
C ARG A 463 -5.83 3.60 -48.64
N ASP A 464 -5.58 2.60 -49.47
CA ASP A 464 -4.71 2.72 -50.63
C ASP A 464 -5.42 2.18 -51.85
N ILE A 465 -5.41 2.96 -52.93
CA ILE A 465 -6.01 2.53 -54.19
C ILE A 465 -4.90 2.43 -55.23
N SER A 466 -3.69 2.11 -54.77
CA SER A 466 -2.55 2.00 -55.66
C SER A 466 -2.67 0.76 -56.53
N THR A 467 -2.52 0.94 -57.84
CA THR A 467 -2.54 -0.17 -58.79
C THR A 467 -1.16 -0.49 -59.33
N GLU A 468 -0.11 0.11 -58.76
CA GLU A 468 1.24 -0.19 -59.18
C GLU A 468 1.64 -1.61 -58.77
N ILE A 469 2.52 -2.21 -59.56
CA ILE A 469 2.93 -3.59 -59.35
C ILE A 469 3.82 -3.66 -58.11
N TYR A 470 3.51 -4.60 -57.22
CA TYR A 470 4.21 -4.68 -55.95
C TYR A 470 5.64 -5.18 -56.12
N GLN A 471 6.56 -4.60 -55.37
CA GLN A 471 7.95 -5.05 -55.33
C GLN A 471 8.01 -6.39 -54.60
N ALA A 472 8.01 -7.48 -55.34
CA ALA A 472 7.96 -8.83 -54.78
C ALA A 472 9.32 -9.51 -54.85
N GLY A 473 10.39 -8.76 -54.64
CA GLY A 473 11.73 -9.34 -54.65
C GLY A 473 12.83 -8.30 -54.61
N ASN A 474 14.03 -8.70 -55.02
CA ASN A 474 15.20 -7.82 -55.00
C ASN A 474 15.28 -6.95 -56.24
N LYS A 475 15.07 -7.53 -57.42
CA LYS A 475 15.11 -6.76 -58.65
C LYS A 475 13.92 -5.79 -58.68
N PRO A 476 14.14 -4.51 -58.93
CA PRO A 476 13.02 -3.56 -59.00
C PRO A 476 12.06 -3.92 -60.13
N CYS A 477 10.77 -3.70 -59.88
CA CYS A 477 9.75 -4.03 -60.87
C CYS A 477 9.89 -3.16 -62.11
N ASN A 478 9.96 -1.85 -61.92
CA ASN A 478 10.05 -0.87 -63.02
C ASN A 478 8.90 -1.06 -64.01
N GLY A 479 7.71 -1.37 -63.49
CA GLY A 479 6.54 -1.58 -64.31
C GLY A 479 6.42 -2.96 -64.91
N VAL A 480 7.35 -3.87 -64.61
CA VAL A 480 7.33 -5.23 -65.14
C VAL A 480 6.56 -6.13 -64.18
N ALA A 481 5.59 -6.86 -64.72
CA ALA A 481 4.76 -7.77 -63.94
C ALA A 481 5.16 -9.21 -64.23
N GLY A 482 4.45 -10.15 -63.61
CA GLY A 482 4.74 -11.56 -63.75
C GLY A 482 5.41 -12.10 -62.50
N PHE A 483 6.49 -12.87 -62.69
CA PHE A 483 7.26 -13.36 -61.56
C PHE A 483 8.08 -12.23 -60.96
N ASN A 484 8.46 -12.38 -59.67
CA ASN A 484 9.32 -11.37 -58.99
C ASN A 484 8.54 -10.07 -58.76
N CYS A 485 7.32 -9.98 -59.27
CA CYS A 485 6.50 -8.77 -59.13
C CYS A 485 5.04 -9.19 -59.25
N TYR A 486 4.39 -9.40 -58.11
CA TYR A 486 3.03 -9.90 -58.06
C TYR A 486 2.04 -8.76 -57.79
N PHE A 487 0.88 -8.85 -58.44
CA PHE A 487 -0.15 -7.83 -58.30
C PHE A 487 -0.93 -8.07 -57.01
N PRO A 488 -1.00 -7.08 -56.11
CA PRO A 488 -1.67 -7.33 -54.81
C PRO A 488 -3.13 -7.71 -54.92
N LEU A 489 -3.84 -7.19 -55.92
CA LEU A 489 -5.28 -7.40 -56.01
C LEU A 489 -5.60 -8.83 -56.40
N ARG A 490 -6.65 -9.35 -55.79
CA ARG A 490 -7.15 -10.71 -56.13
C ARG A 490 -8.68 -10.64 -56.07
N SER A 491 -9.37 -11.65 -56.57
CA SER A 491 -10.82 -11.66 -56.65
C SER A 491 -11.42 -12.73 -55.74
N TYR A 492 -12.46 -12.34 -55.01
CA TYR A 492 -13.32 -13.28 -54.31
C TYR A 492 -14.03 -14.21 -55.28
N SER A 493 -14.24 -15.45 -54.83
CA SER A 493 -14.96 -16.45 -55.59
C SER A 493 -16.21 -16.93 -54.90
N PHE A 494 -16.96 -16.00 -54.29
CA PHE A 494 -18.16 -16.38 -53.56
C PHE A 494 -19.17 -17.06 -54.48
N ARG A 495 -19.71 -18.19 -54.01
CA ARG A 495 -20.74 -18.94 -54.77
C ARG A 495 -21.84 -19.32 -53.78
N PRO A 496 -23.09 -19.54 -54.21
CA PRO A 496 -24.21 -19.79 -53.29
C PRO A 496 -24.03 -21.01 -52.41
N THR A 497 -23.22 -21.97 -52.81
CA THR A 497 -23.08 -23.19 -52.01
C THR A 497 -21.62 -23.36 -51.57
N TYR A 498 -20.96 -22.27 -51.21
CA TYR A 498 -19.61 -22.34 -50.69
C TYR A 498 -19.66 -22.76 -49.21
N GLY A 499 -18.51 -22.76 -48.55
CA GLY A 499 -18.47 -23.09 -47.14
C GLY A 499 -19.09 -22.00 -46.28
N VAL A 500 -19.45 -22.40 -45.06
CA VAL A 500 -20.07 -21.46 -44.12
C VAL A 500 -19.11 -20.30 -43.84
N GLY A 501 -17.84 -20.62 -43.57
CA GLY A 501 -16.84 -19.59 -43.47
C GLY A 501 -16.46 -18.98 -44.80
N HIS A 502 -16.79 -19.67 -45.90
CA HIS A 502 -16.47 -19.16 -47.26
C HIS A 502 -17.62 -18.30 -47.79
N GLN A 503 -18.68 -18.12 -47.00
CA GLN A 503 -19.77 -17.25 -47.42
C GLN A 503 -19.39 -15.78 -47.26
N PRO A 504 -19.88 -14.90 -48.12
CA PRO A 504 -19.61 -13.46 -47.93
C PRO A 504 -20.38 -12.91 -46.75
N TYR A 505 -19.68 -12.15 -45.91
CA TYR A 505 -20.27 -11.48 -44.76
C TYR A 505 -20.10 -9.98 -44.93
N ARG A 506 -21.21 -9.25 -44.89
CA ARG A 506 -21.17 -7.80 -44.83
C ARG A 506 -20.82 -7.39 -43.40
N VAL A 507 -19.83 -6.51 -43.28
CA VAL A 507 -19.32 -6.05 -42.00
C VAL A 507 -19.33 -4.53 -41.99
N VAL A 508 -19.98 -3.95 -40.99
CA VAL A 508 -20.00 -2.50 -40.78
C VAL A 508 -19.46 -2.22 -39.39
N VAL A 509 -18.45 -1.35 -39.31
CA VAL A 509 -17.86 -0.93 -38.04
C VAL A 509 -18.24 0.52 -37.80
N LEU A 510 -18.78 0.79 -36.61
CA LEU A 510 -19.15 2.13 -36.20
C LEU A 510 -18.13 2.62 -35.19
N SER A 511 -17.49 3.74 -35.49
CA SER A 511 -16.52 4.37 -34.60
C SER A 511 -17.18 5.59 -33.96
N PHE A 512 -17.20 5.61 -32.63
CA PHE A 512 -17.88 6.63 -31.86
C PHE A 512 -16.85 7.50 -31.15
N GLU A 513 -16.97 8.80 -31.30
CA GLU A 513 -16.11 9.73 -30.58
C GLU A 513 -16.97 10.67 -29.76
N LEU A 514 -16.65 10.78 -28.47
CA LEU A 514 -17.40 11.59 -27.52
C LEU A 514 -16.51 12.73 -27.04
N LEU A 515 -17.03 13.95 -27.14
CA LEU A 515 -16.32 15.15 -26.70
C LEU A 515 -17.24 15.99 -25.83
N HIS A 516 -16.68 17.03 -25.23
CA HIS A 516 -17.50 18.00 -24.50
C HIS A 516 -18.43 18.78 -25.43
N ALA A 517 -18.19 18.75 -26.73
CA ALA A 517 -19.06 19.43 -27.67
C ALA A 517 -20.44 18.78 -27.66
N PRO A 518 -21.49 19.53 -28.02
CA PRO A 518 -22.84 18.97 -27.99
C PRO A 518 -22.96 17.78 -28.93
N ALA A 519 -23.25 16.62 -28.36
CA ALA A 519 -23.40 15.41 -29.17
C ALA A 519 -24.61 15.54 -30.08
N THR A 520 -24.42 15.24 -31.35
CA THR A 520 -25.47 15.36 -32.35
C THR A 520 -26.10 14.03 -32.73
N VAL A 521 -25.51 12.92 -32.33
CA VAL A 521 -26.03 11.58 -32.60
C VAL A 521 -26.25 10.92 -31.24
N CYS A 522 -27.48 10.97 -30.75
CA CYS A 522 -27.78 10.42 -29.44
C CYS A 522 -28.84 9.32 -29.55
N GLY A 523 -29.15 8.72 -28.41
CA GLY A 523 -30.08 7.61 -28.35
C GLY A 523 -31.52 8.04 -28.45
N PRO A 524 -32.43 7.07 -28.44
CA PRO A 524 -33.85 7.38 -28.61
C PRO A 524 -34.58 7.74 -27.32
N LYS A 525 -33.85 7.97 -26.23
CA LYS A 525 -34.49 8.32 -24.96
C LYS A 525 -35.27 9.62 -25.10
N LYS A 526 -36.44 9.67 -24.47
CA LYS A 526 -37.30 10.84 -24.56
C LYS A 526 -36.70 11.99 -23.75
N SER A 527 -37.33 13.15 -23.86
CA SER A 527 -36.88 14.36 -23.17
C SER A 527 -38.01 14.89 -22.30
N THR A 528 -37.66 15.26 -21.07
CA THR A 528 -38.62 15.77 -20.11
C THR A 528 -38.39 17.26 -19.88
N ASN A 529 -39.13 17.83 -18.95
CA ASN A 529 -38.98 19.23 -18.56
C ASN A 529 -38.09 19.32 -17.34
N LEU A 530 -37.16 20.26 -17.35
CA LEU A 530 -36.20 20.39 -16.26
C LEU A 530 -36.88 20.91 -15.00
N VAL A 531 -36.30 20.60 -13.85
CA VAL A 531 -36.75 21.09 -12.57
C VAL A 531 -35.57 21.76 -11.87
N LYS A 532 -35.84 22.87 -11.21
CA LYS A 532 -34.80 23.63 -10.54
C LYS A 532 -35.04 23.68 -9.03
N ASN A 533 -33.95 23.77 -8.27
CA ASN A 533 -33.98 23.82 -6.81
C ASN A 533 -34.60 22.57 -6.21
N LYS A 534 -34.39 21.43 -6.86
CA LYS A 534 -34.87 20.15 -6.34
C LYS A 534 -33.76 19.12 -6.48
N CYS A 535 -33.56 18.32 -5.42
CA CYS A 535 -32.55 17.27 -5.45
C CYS A 535 -32.99 16.18 -6.41
N VAL A 536 -32.41 16.17 -7.61
CA VAL A 536 -32.79 15.23 -8.66
C VAL A 536 -31.53 14.64 -9.28
N ASN A 537 -31.70 13.50 -9.93
CA ASN A 537 -30.61 12.82 -10.64
C ASN A 537 -30.87 12.96 -12.15
N PHE A 538 -30.04 13.75 -12.80
CA PHE A 538 -30.20 14.12 -14.20
C PHE A 538 -29.19 13.38 -15.07
N ASN A 539 -29.39 13.48 -16.38
CA ASN A 539 -28.40 13.05 -17.35
C ASN A 539 -28.46 14.00 -18.53
N PHE A 540 -27.38 14.74 -18.75
CA PHE A 540 -27.26 15.68 -19.85
C PHE A 540 -26.27 15.12 -20.87
N ASN A 541 -26.77 14.76 -22.05
CA ASN A 541 -25.95 14.28 -23.16
C ASN A 541 -25.03 13.14 -22.71
N GLY A 542 -25.58 12.22 -21.92
CA GLY A 542 -24.85 11.05 -21.47
C GLY A 542 -24.07 11.24 -20.19
N LEU A 543 -23.98 12.46 -19.67
CA LEU A 543 -23.31 12.72 -18.39
C LEU A 543 -24.38 12.79 -17.32
N LYS A 544 -24.44 11.76 -16.47
CA LYS A 544 -25.45 11.69 -15.43
C LYS A 544 -24.86 12.06 -14.08
N GLY A 545 -25.64 12.79 -13.29
CA GLY A 545 -25.20 13.21 -11.97
C GLY A 545 -26.37 13.63 -11.12
N THR A 546 -26.18 13.54 -9.81
CA THR A 546 -27.22 13.84 -8.84
C THR A 546 -26.91 15.15 -8.13
N GLY A 547 -27.91 16.01 -7.99
CA GLY A 547 -27.71 17.29 -7.33
C GLY A 547 -28.91 18.20 -7.56
N VAL A 548 -28.67 19.48 -7.35
CA VAL A 548 -29.66 20.52 -7.60
C VAL A 548 -29.13 21.43 -8.69
N LEU A 549 -30.00 21.77 -9.65
CA LEU A 549 -29.66 22.61 -10.78
C LEU A 549 -30.26 23.99 -10.56
N THR A 550 -29.40 24.99 -10.41
CA THR A 550 -29.84 26.35 -10.14
C THR A 550 -29.46 27.26 -11.30
N GLU A 551 -30.15 28.39 -11.40
CA GLU A 551 -29.78 29.39 -12.39
C GLU A 551 -28.37 29.90 -12.13
N SER A 552 -27.57 29.95 -13.18
CA SER A 552 -26.15 30.29 -13.08
C SER A 552 -25.84 31.49 -13.95
N ASN A 553 -24.76 32.19 -13.60
CA ASN A 553 -24.31 33.37 -14.34
C ASN A 553 -22.91 33.18 -14.91
N LYS A 554 -22.47 31.94 -15.11
CA LYS A 554 -21.16 31.68 -15.69
C LYS A 554 -21.19 32.01 -17.17
N LYS A 555 -20.40 33.01 -17.58
CA LYS A 555 -20.39 33.47 -18.96
C LYS A 555 -19.65 32.45 -19.81
N PHE A 556 -20.36 31.40 -20.21
CA PHE A 556 -19.76 30.42 -21.11
C PHE A 556 -19.42 31.05 -22.45
N LEU A 557 -18.29 30.65 -23.01
CA LEU A 557 -17.95 31.03 -24.36
C LEU A 557 -18.84 30.29 -25.34
N PRO A 558 -19.00 30.82 -26.56
CA PRO A 558 -19.90 30.16 -27.52
C PRO A 558 -19.52 28.73 -27.84
N PHE A 559 -18.25 28.37 -27.70
CA PHE A 559 -17.83 26.99 -27.99
C PHE A 559 -17.82 26.11 -26.75
N GLN A 560 -17.77 26.69 -25.55
CA GLN A 560 -17.71 25.90 -24.33
C GLN A 560 -19.07 25.30 -23.99
N GLN A 561 -19.05 24.09 -23.45
CA GLN A 561 -20.27 23.43 -23.01
C GLN A 561 -20.26 23.09 -21.52
N PHE A 562 -19.26 22.37 -21.05
CA PHE A 562 -19.20 21.88 -19.68
C PHE A 562 -18.38 22.81 -18.81
N GLY A 563 -18.50 22.62 -17.50
CA GLY A 563 -17.71 23.37 -16.55
C GLY A 563 -17.14 22.49 -15.46
N ARG A 564 -15.84 22.58 -15.23
CA ARG A 564 -15.15 21.73 -14.27
C ARG A 564 -14.53 22.57 -13.17
N ASP A 565 -14.56 22.04 -11.96
CA ASP A 565 -13.93 22.66 -10.81
C ASP A 565 -12.52 22.12 -10.65
N ILE A 566 -11.89 22.42 -9.51
CA ILE A 566 -10.53 21.95 -9.26
C ILE A 566 -10.49 20.44 -9.14
N ALA A 567 -11.61 19.83 -8.75
CA ALA A 567 -11.68 18.39 -8.53
C ALA A 567 -12.04 17.61 -9.78
N ASP A 568 -12.03 18.25 -10.95
CA ASP A 568 -12.36 17.61 -12.23
C ASP A 568 -13.74 16.95 -12.20
N THR A 569 -14.71 17.63 -11.60
CA THR A 569 -16.10 17.19 -11.59
C THR A 569 -16.97 18.29 -12.17
N THR A 570 -18.01 17.88 -12.89
CA THR A 570 -18.89 18.85 -13.53
C THR A 570 -19.53 19.77 -12.50
N ASP A 571 -19.47 21.07 -12.74
CA ASP A 571 -20.02 22.05 -11.81
C ASP A 571 -21.03 22.94 -12.52
N ALA A 572 -20.74 23.31 -13.76
CA ALA A 572 -21.64 24.11 -14.58
C ALA A 572 -21.90 23.38 -15.88
N VAL A 573 -23.14 23.40 -16.34
CA VAL A 573 -23.55 22.65 -17.52
C VAL A 573 -24.41 23.52 -18.41
N ARG A 574 -24.48 23.14 -19.68
CA ARG A 574 -25.33 23.79 -20.67
C ARG A 574 -26.28 22.74 -21.24
N ASP A 575 -27.58 22.89 -20.97
CA ASP A 575 -28.54 21.94 -21.48
C ASP A 575 -28.65 22.06 -23.00
N PRO A 576 -28.84 20.94 -23.70
CA PRO A 576 -28.90 21.00 -25.17
C PRO A 576 -30.01 21.89 -25.69
N GLN A 577 -31.15 21.94 -25.00
CA GLN A 577 -32.26 22.78 -25.40
C GLN A 577 -32.26 24.06 -24.58
N THR A 578 -32.75 25.14 -25.19
CA THR A 578 -32.92 26.45 -24.57
C THR A 578 -31.57 27.13 -24.38
N LEU A 579 -30.49 26.39 -24.59
CA LEU A 579 -29.12 26.90 -24.48
C LEU A 579 -28.91 27.68 -23.18
N GLU A 580 -29.32 27.06 -22.08
CA GLU A 580 -29.25 27.68 -20.77
C GLU A 580 -28.02 27.18 -20.02
N ILE A 581 -27.56 28.00 -19.08
CA ILE A 581 -26.41 27.68 -18.23
C ILE A 581 -26.94 27.39 -16.82
N LEU A 582 -26.59 26.23 -16.30
CA LEU A 582 -27.07 25.79 -15.00
C LEU A 582 -25.88 25.46 -14.11
N ASP A 583 -26.03 25.76 -12.82
CA ASP A 583 -25.03 25.45 -11.80
C ASP A 583 -25.47 24.21 -11.05
N ILE A 584 -24.57 23.24 -10.94
CA ILE A 584 -24.85 21.96 -10.28
C ILE A 584 -24.28 22.01 -8.88
N THR A 585 -25.11 21.74 -7.88
CA THR A 585 -24.67 21.73 -6.51
C THR A 585 -25.07 20.41 -5.84
N PRO A 586 -24.16 19.72 -5.16
CA PRO A 586 -24.55 18.49 -4.47
C PRO A 586 -25.63 18.76 -3.43
N CYS A 587 -26.54 17.78 -3.30
CA CYS A 587 -27.66 17.93 -2.39
C CYS A 587 -27.18 18.06 -0.95
N SER A 588 -27.94 18.81 -0.16
CA SER A 588 -27.55 19.13 1.20
C SER A 588 -27.28 17.86 2.01
N PHE A 589 -26.18 17.87 2.74
CA PHE A 589 -25.77 16.69 3.51
C PHE A 589 -24.87 17.14 4.64
N GLY A 590 -24.69 16.23 5.60
CA GLY A 590 -23.85 16.53 6.74
C GLY A 590 -23.74 15.33 7.65
N GLY A 591 -23.09 15.54 8.79
CA GLY A 591 -22.99 14.50 9.78
C GLY A 591 -24.08 14.58 10.83
N VAL A 592 -24.34 13.45 11.48
CA VAL A 592 -25.34 13.37 12.54
C VAL A 592 -24.64 12.95 13.82
N SER A 593 -24.85 13.72 14.88
CA SER A 593 -24.32 13.40 16.20
C SER A 593 -25.48 13.20 17.16
N VAL A 594 -25.32 12.28 18.10
CA VAL A 594 -26.34 12.00 19.10
C VAL A 594 -25.76 12.34 20.46
N ILE A 595 -26.43 13.23 21.17
CA ILE A 595 -26.04 13.61 22.53
C ILE A 595 -27.02 12.96 23.48
N THR A 596 -26.49 12.25 24.47
CA THR A 596 -27.32 11.48 25.38
C THR A 596 -26.65 11.41 26.74
N PRO A 597 -27.42 11.49 27.83
CA PRO A 597 -26.90 11.10 29.13
C PRO A 597 -26.72 9.59 29.18
N GLY A 598 -25.95 9.14 30.17
CA GLY A 598 -25.71 7.72 30.31
C GLY A 598 -27.01 6.94 30.43
N THR A 599 -27.07 5.81 29.72
CA THR A 599 -28.27 5.00 29.75
C THR A 599 -28.61 4.52 31.16
N ASN A 600 -27.61 4.49 32.05
CA ASN A 600 -27.88 4.21 33.45
C ASN A 600 -28.80 5.25 34.07
N THR A 601 -28.84 6.46 33.52
CA THR A 601 -29.72 7.52 34.02
C THR A 601 -31.04 7.54 33.27
N SER A 602 -31.01 7.71 31.96
CA SER A 602 -32.20 7.77 31.14
C SER A 602 -31.83 7.40 29.71
N ASN A 603 -32.82 7.35 28.83
CA ASN A 603 -32.57 7.01 27.44
C ASN A 603 -32.99 8.10 26.46
N GLN A 604 -33.38 9.28 26.93
CA GLN A 604 -33.68 10.38 26.04
C GLN A 604 -32.42 10.86 25.34
N VAL A 605 -32.56 11.21 24.06
CA VAL A 605 -31.44 11.64 23.24
C VAL A 605 -31.83 12.90 22.49
N ALA A 606 -30.82 13.63 22.03
CA ALA A 606 -31.02 14.76 21.14
C ALA A 606 -30.08 14.63 19.95
N VAL A 607 -30.50 15.17 18.81
CA VAL A 607 -29.83 14.95 17.55
C VAL A 607 -29.28 16.28 17.04
N LEU A 608 -28.00 16.28 16.66
CA LEU A 608 -27.35 17.46 16.10
C LEU A 608 -26.99 17.16 14.65
N TYR A 609 -27.65 17.85 13.72
CA TYR A 609 -27.29 17.79 12.31
C TYR A 609 -26.24 18.86 12.05
N GLN A 610 -25.03 18.45 11.72
CA GLN A 610 -23.90 19.36 11.63
C GLN A 610 -23.90 20.11 10.31
N GLY A 611 -23.63 21.41 10.37
CA GLY A 611 -23.43 22.22 9.19
C GLY A 611 -24.59 22.26 8.22
N VAL A 612 -25.80 22.45 8.75
CA VAL A 612 -26.98 22.56 7.91
C VAL A 612 -28.01 23.42 8.62
N ASN A 613 -28.64 24.32 7.87
CA ASN A 613 -29.69 25.16 8.43
C ASN A 613 -30.90 24.30 8.79
N CYS A 614 -31.67 24.78 9.76
CA CYS A 614 -32.78 24.00 10.30
C CYS A 614 -33.94 23.85 9.31
N THR A 615 -33.92 24.57 8.19
CA THR A 615 -35.00 24.50 7.22
C THR A 615 -34.80 23.39 6.18
N GLU A 616 -33.69 22.66 6.24
CA GLU A 616 -33.40 21.57 5.31
C GLU A 616 -33.49 20.21 5.99
N VAL A 617 -34.44 20.05 6.90
CA VAL A 617 -34.60 18.81 7.62
C VAL A 617 -36.05 18.64 8.08
N ASN A 638 -38.72 23.10 20.56
CA ASN A 638 -37.70 22.10 20.90
C ASN A 638 -36.71 21.95 19.76
N VAL A 639 -36.73 22.89 18.82
CA VAL A 639 -35.81 22.92 17.69
C VAL A 639 -34.97 24.19 17.80
N PHE A 640 -33.65 24.03 17.76
CA PHE A 640 -32.73 25.12 17.99
C PHE A 640 -31.75 25.23 16.84
N GLN A 641 -31.30 26.45 16.57
CA GLN A 641 -30.35 26.73 15.50
C GLN A 641 -29.07 27.28 16.13
N THR A 642 -27.98 26.56 15.97
CA THR A 642 -26.68 26.95 16.49
C THR A 642 -25.70 27.12 15.33
N ARG A 643 -24.49 27.59 15.67
CA ARG A 643 -23.45 27.74 14.66
C ARG A 643 -23.00 26.38 14.12
N ALA A 644 -22.92 25.37 14.99
CA ALA A 644 -22.52 24.04 14.53
C ALA A 644 -23.55 23.44 13.59
N GLY A 645 -24.84 23.64 13.88
CA GLY A 645 -25.87 23.09 13.02
C GLY A 645 -27.25 23.24 13.63
N CYS A 646 -28.07 22.23 13.43
CA CYS A 646 -29.45 22.21 13.91
C CYS A 646 -29.56 21.19 15.05
N LEU A 647 -30.24 21.58 16.13
CA LEU A 647 -30.38 20.74 17.31
C LEU A 647 -31.84 20.41 17.52
N ILE A 648 -32.14 19.11 17.62
CA ILE A 648 -33.50 18.62 17.77
C ILE A 648 -33.59 17.82 19.06
N GLY A 649 -34.61 18.12 19.88
CA GLY A 649 -34.84 17.41 21.11
C GLY A 649 -34.42 18.15 22.38
N ALA A 650 -33.63 19.21 22.25
CA ALA A 650 -33.15 19.97 23.39
C ALA A 650 -33.69 21.40 23.30
N GLU A 651 -34.19 21.91 24.42
CA GLU A 651 -34.77 23.24 24.48
C GLU A 651 -33.76 24.24 25.04
N TYR A 652 -33.61 25.37 24.37
CA TYR A 652 -32.69 26.39 24.83
C TYR A 652 -33.18 27.01 26.13
N VAL A 653 -32.24 27.28 27.03
CA VAL A 653 -32.53 27.89 28.33
C VAL A 653 -31.65 29.13 28.48
N ASN A 654 -32.27 30.26 28.82
CA ASN A 654 -31.52 31.49 29.00
C ASN A 654 -30.55 31.40 30.18
N ASN A 655 -30.80 30.50 31.12
CA ASN A 655 -29.91 30.30 32.25
C ASN A 655 -28.57 29.77 31.77
N SER A 656 -27.55 29.94 32.61
CA SER A 656 -26.18 29.55 32.27
C SER A 656 -25.60 28.69 33.38
N TYR A 657 -24.84 27.67 33.00
CA TYR A 657 -24.14 26.80 33.92
C TYR A 657 -22.77 26.49 33.33
N GLU A 658 -22.09 25.52 33.92
CA GLU A 658 -20.84 25.05 33.35
C GLU A 658 -21.11 24.03 32.25
N CYS A 659 -20.12 23.81 31.40
CA CYS A 659 -20.26 22.91 30.27
C CYS A 659 -20.25 21.47 30.75
N ASP A 660 -21.23 20.68 30.28
CA ASP A 660 -21.33 19.26 30.61
C ASP A 660 -21.11 18.38 29.40
N ILE A 661 -21.91 18.54 28.36
CA ILE A 661 -21.72 17.83 27.11
C ILE A 661 -21.44 18.87 26.03
N PRO A 662 -20.19 19.00 25.57
CA PRO A 662 -19.84 20.11 24.67
C PRO A 662 -20.47 19.95 23.29
N ILE A 663 -21.27 20.94 22.91
CA ILE A 663 -21.85 20.99 21.57
C ILE A 663 -20.97 21.81 20.63
N GLY A 664 -20.66 23.04 21.02
CA GLY A 664 -19.82 23.88 20.19
C GLY A 664 -20.27 25.32 20.12
N ALA A 665 -19.38 26.21 19.71
CA ALA A 665 -19.67 27.64 19.57
C ALA A 665 -20.23 28.22 20.86
N GLY A 666 -19.70 27.79 22.00
CA GLY A 666 -20.15 28.29 23.27
C GLY A 666 -21.46 27.70 23.76
N ILE A 667 -21.96 26.64 23.12
CA ILE A 667 -23.19 25.97 23.51
C ILE A 667 -22.84 24.60 24.07
N CYS A 668 -23.40 24.28 25.24
CA CYS A 668 -23.22 22.99 25.86
C CYS A 668 -24.58 22.47 26.34
N ALA A 669 -24.73 21.15 26.31
CA ALA A 669 -25.98 20.50 26.64
C ALA A 669 -25.85 19.73 27.94
N SER A 670 -26.98 19.54 28.62
CA SER A 670 -27.02 18.84 29.89
C SER A 670 -28.38 18.17 30.05
N TYR A 671 -28.49 17.36 31.10
CA TYR A 671 -29.72 16.66 31.44
C TYR A 671 -30.20 17.12 32.81
N GLN A 672 -31.45 17.54 32.89
CA GLN A 672 -32.02 17.97 34.16
C GLN A 672 -33.46 17.45 34.30
N SER A 688 -35.62 16.61 31.45
CA SER A 688 -35.36 16.60 30.02
C SER A 688 -33.94 17.06 29.72
N ILE A 689 -33.64 17.28 28.44
CA ILE A 689 -32.33 17.70 27.98
C ILE A 689 -32.39 19.16 27.59
N ILE A 690 -31.46 19.95 28.12
CA ILE A 690 -31.42 21.39 27.87
C ILE A 690 -30.09 21.75 27.24
N ALA A 691 -30.07 22.89 26.56
CA ALA A 691 -28.86 23.43 25.95
C ALA A 691 -28.73 24.90 26.32
N TYR A 692 -27.51 25.32 26.63
CA TYR A 692 -27.29 26.65 27.18
C TYR A 692 -25.92 27.17 26.77
N THR A 693 -25.74 28.48 26.88
CA THR A 693 -24.42 29.07 26.76
C THR A 693 -23.64 28.82 28.03
N MET A 694 -22.46 28.23 27.91
CA MET A 694 -21.67 27.89 29.09
C MET A 694 -21.23 29.15 29.82
N SER A 695 -21.16 29.06 31.14
CA SER A 695 -20.75 30.19 31.97
C SER A 695 -19.26 30.10 32.25
N LEU A 696 -18.55 31.20 32.00
CA LEU A 696 -17.10 31.20 32.15
C LEU A 696 -16.71 31.04 33.62
N GLY A 697 -17.42 31.70 34.52
CA GLY A 697 -17.12 31.58 35.94
C GLY A 697 -17.85 32.65 36.72
N ALA A 698 -17.65 32.60 38.04
CA ALA A 698 -18.28 33.56 38.93
C ALA A 698 -17.56 34.89 38.86
N GLU A 699 -18.32 35.97 38.72
CA GLU A 699 -17.73 37.30 38.67
C GLU A 699 -17.23 37.72 40.04
N ASN A 700 -16.14 38.49 40.05
CA ASN A 700 -15.52 38.94 41.30
C ASN A 700 -14.84 40.27 41.02
N SER A 701 -15.46 41.36 41.41
CA SER A 701 -14.89 42.68 41.24
C SER A 701 -14.11 43.06 42.50
N VAL A 702 -12.80 43.17 42.36
CA VAL A 702 -11.93 43.52 43.48
C VAL A 702 -11.98 45.02 43.71
N ALA A 703 -11.81 45.41 44.96
CA ALA A 703 -11.85 46.83 45.34
C ALA A 703 -10.43 47.37 45.31
N TYR A 704 -10.07 48.02 44.20
CA TYR A 704 -8.74 48.58 44.01
C TYR A 704 -8.75 50.06 44.36
N SER A 705 -7.78 50.48 45.16
CA SER A 705 -7.56 51.89 45.42
C SER A 705 -6.09 52.08 45.76
N ASN A 706 -5.61 53.32 45.60
CA ASN A 706 -4.18 53.57 45.69
C ASN A 706 -3.66 53.72 47.10
N ASN A 707 -4.50 53.50 48.12
CA ASN A 707 -4.01 53.54 49.50
C ASN A 707 -4.61 52.43 50.34
N SER A 708 -5.06 51.35 49.72
CA SER A 708 -5.67 50.23 50.43
C SER A 708 -4.99 48.93 50.03
N ILE A 709 -4.68 48.11 51.03
CA ILE A 709 -4.01 46.83 50.82
C ILE A 709 -4.81 45.75 51.55
N ALA A 710 -4.64 44.52 51.10
CA ALA A 710 -5.30 43.37 51.72
C ALA A 710 -4.23 42.40 52.18
N ILE A 711 -4.32 41.97 53.43
CA ILE A 711 -3.30 41.09 54.00
C ILE A 711 -3.97 39.87 54.64
N PRO A 712 -3.49 38.67 54.38
CA PRO A 712 -4.07 37.49 55.02
C PRO A 712 -3.80 37.48 56.51
N THR A 713 -4.71 36.85 57.26
CA THR A 713 -4.54 36.65 58.68
C THR A 713 -4.56 35.18 59.09
N ASN A 714 -4.89 34.27 58.18
CA ASN A 714 -4.91 32.85 58.48
C ASN A 714 -4.46 32.08 57.25
N PHE A 715 -4.20 30.79 57.44
CA PHE A 715 -3.73 29.97 56.32
C PHE A 715 -4.46 28.65 56.31
N THR A 716 -4.26 27.90 55.23
CA THR A 716 -4.81 26.57 55.08
C THR A 716 -3.80 25.70 54.36
N ILE A 717 -3.55 24.52 54.90
CA ILE A 717 -2.66 23.55 54.29
C ILE A 717 -3.51 22.67 53.37
N SER A 718 -3.35 22.86 52.06
CA SER A 718 -4.16 22.17 51.08
C SER A 718 -3.36 21.07 50.39
N VAL A 719 -3.98 19.92 50.22
CA VAL A 719 -3.36 18.78 49.53
C VAL A 719 -4.11 18.57 48.23
N THR A 720 -3.37 18.55 47.12
CA THR A 720 -3.94 18.33 45.80
C THR A 720 -3.29 17.11 45.16
N THR A 721 -3.99 16.56 44.17
CA THR A 721 -3.51 15.37 43.47
C THR A 721 -3.21 15.71 42.01
N GLU A 722 -2.18 15.07 41.47
CA GLU A 722 -1.81 15.24 40.07
C GLU A 722 -1.40 13.88 39.52
N ILE A 723 -2.16 13.39 38.54
CA ILE A 723 -1.96 12.06 37.99
C ILE A 723 -1.23 12.17 36.66
N LEU A 724 -0.19 11.36 36.47
CA LEU A 724 0.57 11.44 35.23
C LEU A 724 0.94 10.04 34.74
N PRO A 725 0.57 9.70 33.50
CA PRO A 725 1.00 8.42 32.95
C PRO A 725 2.49 8.42 32.66
N VAL A 726 3.10 7.24 32.69
CA VAL A 726 4.53 7.06 32.50
C VAL A 726 4.83 6.13 31.34
N SER A 727 4.29 4.92 31.38
CA SER A 727 4.55 3.92 30.35
C SER A 727 3.26 3.18 30.02
N MET A 728 3.17 2.70 28.79
CA MET A 728 2.02 1.92 28.37
C MET A 728 2.40 0.44 28.29
N THR A 729 1.48 -0.35 27.76
CA THR A 729 1.72 -1.78 27.60
C THR A 729 2.71 -2.02 26.46
N LYS A 730 3.75 -2.81 26.74
CA LYS A 730 4.73 -3.17 25.73
C LYS A 730 4.19 -4.34 24.91
N THR A 731 4.09 -4.15 23.61
CA THR A 731 3.57 -5.18 22.71
C THR A 731 4.60 -5.55 21.67
N SER A 732 4.54 -6.79 21.21
CA SER A 732 5.41 -7.30 20.16
C SER A 732 4.56 -8.08 19.17
N VAL A 733 5.04 -8.14 17.93
CA VAL A 733 4.32 -8.77 16.83
C VAL A 733 5.23 -9.80 16.15
N ASP A 734 4.64 -10.93 15.78
CA ASP A 734 5.28 -11.89 14.90
C ASP A 734 4.71 -11.66 13.51
N CYS A 735 5.50 -11.01 12.66
CA CYS A 735 4.98 -10.52 11.39
C CYS A 735 4.48 -11.66 10.50
N THR A 736 5.32 -12.66 10.28
CA THR A 736 4.95 -13.74 9.36
C THR A 736 3.77 -14.54 9.90
N MET A 737 3.77 -14.82 11.21
CA MET A 737 2.68 -15.61 11.77
C MET A 737 1.35 -14.87 11.71
N TYR A 738 1.35 -13.57 11.97
CA TYR A 738 0.12 -12.79 11.86
C TYR A 738 -0.35 -12.69 10.43
N ILE A 739 0.58 -12.48 9.49
CA ILE A 739 0.20 -12.24 8.10
C ILE A 739 -0.32 -13.52 7.45
N CYS A 740 0.42 -14.61 7.59
CA CYS A 740 0.16 -15.82 6.80
C CYS A 740 -0.35 -16.99 7.62
N GLY A 741 -0.28 -16.93 8.94
CA GLY A 741 -0.73 -18.04 9.76
C GLY A 741 0.10 -19.28 9.56
N ASP A 742 -0.55 -20.40 9.23
CA ASP A 742 0.11 -21.69 9.12
C ASP A 742 0.19 -22.18 7.67
N SER A 743 0.21 -21.27 6.70
CA SER A 743 0.32 -21.62 5.30
C SER A 743 1.76 -21.40 4.85
N THR A 744 2.44 -22.49 4.53
CA THR A 744 3.85 -22.40 4.13
C THR A 744 4.02 -21.63 2.84
N GLU A 745 3.17 -21.92 1.85
CA GLU A 745 3.26 -21.21 0.57
C GLU A 745 3.04 -19.72 0.74
N CYS A 746 2.19 -19.33 1.70
CA CYS A 746 2.01 -17.91 1.98
C CYS A 746 3.32 -17.28 2.46
N SER A 747 4.05 -17.97 3.34
CA SER A 747 5.32 -17.44 3.80
C SER A 747 6.33 -17.38 2.65
N ASN A 748 6.34 -18.40 1.78
CA ASN A 748 7.25 -18.40 0.65
C ASN A 748 6.96 -17.23 -0.28
N LEU A 749 5.68 -16.93 -0.50
CA LEU A 749 5.32 -15.75 -1.28
C LEU A 749 5.67 -14.46 -0.54
N LEU A 750 5.59 -14.48 0.79
CA LEU A 750 5.81 -13.28 1.58
C LEU A 750 7.28 -12.87 1.61
N LEU A 751 8.18 -13.84 1.62
CA LEU A 751 9.59 -13.51 1.88
C LEU A 751 10.18 -12.60 0.84
N GLN A 752 9.55 -12.46 -0.32
CA GLN A 752 10.05 -11.62 -1.40
C GLN A 752 9.40 -10.24 -1.47
N TYR A 753 8.61 -9.84 -0.47
CA TYR A 753 8.20 -8.45 -0.36
C TYR A 753 9.21 -7.57 0.36
N GLY A 754 10.28 -8.14 0.91
CA GLY A 754 11.37 -7.34 1.45
C GLY A 754 11.48 -7.47 2.96
N SER A 755 11.79 -6.35 3.60
CA SER A 755 12.10 -6.30 5.02
C SER A 755 11.09 -5.45 5.78
N PHE A 756 9.82 -5.51 5.38
CA PHE A 756 8.79 -4.84 6.17
C PHE A 756 8.67 -5.43 7.56
N CYS A 757 8.71 -6.76 7.65
CA CYS A 757 8.61 -7.43 8.94
C CYS A 757 9.75 -7.02 9.86
N THR A 758 10.97 -6.94 9.31
CA THR A 758 12.11 -6.50 10.10
C THR A 758 11.91 -5.08 10.60
N GLN A 759 11.41 -4.20 9.74
CA GLN A 759 11.17 -2.81 10.15
C GLN A 759 10.18 -2.75 11.30
N LEU A 760 9.08 -3.50 11.20
CA LEU A 760 8.06 -3.44 12.24
C LEU A 760 8.55 -4.04 13.54
N LYS A 761 9.28 -5.16 13.47
CA LYS A 761 9.86 -5.72 14.68
C LYS A 761 10.82 -4.74 15.34
N ARG A 762 11.66 -4.08 14.54
CA ARG A 762 12.59 -3.11 15.09
C ARG A 762 11.86 -1.96 15.75
N ALA A 763 10.81 -1.43 15.11
CA ALA A 763 10.06 -0.32 15.69
C ALA A 763 9.42 -0.71 17.01
N LEU A 764 8.81 -1.89 17.07
CA LEU A 764 8.14 -2.30 18.30
C LEU A 764 9.14 -2.57 19.41
N THR A 765 10.29 -3.16 19.09
CA THR A 765 11.32 -3.34 20.11
C THR A 765 11.83 -1.99 20.62
N GLY A 766 11.99 -1.02 19.72
CA GLY A 766 12.37 0.31 20.16
C GLY A 766 11.36 0.92 21.10
N ILE A 767 10.07 0.77 20.79
CA ILE A 767 9.04 1.29 21.69
C ILE A 767 9.11 0.59 23.05
N ALA A 768 9.31 -0.72 23.06
CA ALA A 768 9.36 -1.44 24.34
C ALA A 768 10.53 -0.96 25.19
N VAL A 769 11.73 -0.87 24.60
CA VAL A 769 12.87 -0.42 25.39
C VAL A 769 12.70 1.02 25.82
N GLU A 770 12.04 1.84 25.00
CA GLU A 770 11.78 3.21 25.42
C GLU A 770 10.84 3.26 26.62
N GLN A 771 9.83 2.39 26.64
CA GLN A 771 8.94 2.33 27.81
C GLN A 771 9.71 1.95 29.07
N ASP A 772 10.58 0.94 28.95
CA ASP A 772 11.37 0.53 30.11
C ASP A 772 12.26 1.67 30.59
N LYS A 773 12.91 2.37 29.65
CA LYS A 773 13.77 3.49 30.02
C LYS A 773 12.96 4.61 30.67
N ASN A 774 11.74 4.84 30.19
CA ASN A 774 10.88 5.87 30.79
C ASN A 774 10.60 5.56 32.24
N THR A 775 10.19 4.32 32.52
CA THR A 775 9.91 3.95 33.91
C THR A 775 11.15 4.08 34.77
N GLN A 776 12.30 3.59 34.28
CA GLN A 776 13.52 3.64 35.06
C GLN A 776 13.92 5.09 35.34
N GLU A 777 13.80 5.96 34.35
CA GLU A 777 14.19 7.36 34.54
C GLU A 777 13.25 8.06 35.52
N VAL A 778 11.95 7.83 35.42
CA VAL A 778 11.02 8.56 36.27
C VAL A 778 11.14 8.11 37.72
N PHE A 779 11.36 6.81 37.95
CA PHE A 779 11.38 6.34 39.33
C PHE A 779 12.77 6.20 39.92
N ALA A 780 13.69 5.54 39.23
CA ALA A 780 15.02 5.30 39.78
C ALA A 780 15.83 6.58 39.70
N GLN A 781 15.65 7.43 40.71
CA GLN A 781 16.38 8.68 40.82
C GLN A 781 17.31 8.73 42.02
N VAL A 782 17.28 7.71 42.87
CA VAL A 782 18.12 7.65 44.05
C VAL A 782 18.89 6.34 44.04
N LYS A 783 20.17 6.41 44.39
CA LYS A 783 21.03 5.23 44.42
C LYS A 783 21.03 4.55 45.78
N GLN A 784 20.22 5.00 46.71
CA GLN A 784 20.10 4.41 48.04
C GLN A 784 18.65 4.05 48.29
N ILE A 785 18.42 3.01 49.08
CA ILE A 785 17.08 2.61 49.47
C ILE A 785 16.95 2.91 50.95
N TYR A 786 16.45 4.11 51.26
CA TYR A 786 16.32 4.52 52.65
C TYR A 786 15.18 3.78 53.32
N LYS A 787 15.29 3.64 54.64
CA LYS A 787 14.30 2.94 55.43
C LYS A 787 13.86 3.83 56.59
N THR A 788 12.54 3.93 56.78
CA THR A 788 12.01 4.79 57.82
C THR A 788 12.33 4.22 59.20
N PRO A 789 12.57 5.09 60.18
CA PRO A 789 12.82 4.60 61.53
C PRO A 789 11.58 3.95 62.11
N PRO A 790 11.75 2.96 62.99
CA PRO A 790 10.56 2.27 63.55
C PRO A 790 9.62 3.17 64.31
N ILE A 791 10.14 4.16 65.05
CA ILE A 791 9.29 5.05 65.84
C ILE A 791 8.78 6.14 64.92
N LYS A 792 7.53 6.02 64.48
CA LYS A 792 6.95 6.94 63.50
C LYS A 792 6.16 8.03 64.22
N TYR A 793 6.90 8.94 64.84
CA TYR A 793 6.34 10.16 65.42
C TYR A 793 7.11 11.35 64.85
N PHE A 794 6.39 12.28 64.23
CA PHE A 794 7.00 13.42 63.54
C PHE A 794 6.38 14.72 64.02
N GLY A 795 6.28 14.88 65.33
CA GLY A 795 5.73 16.12 65.88
C GLY A 795 4.27 16.34 65.55
N GLY A 796 3.46 15.27 65.59
CA GLY A 796 2.04 15.37 65.38
C GLY A 796 1.58 15.04 63.97
N PHE A 797 2.48 15.00 63.00
CA PHE A 797 2.11 14.69 61.63
C PHE A 797 1.84 13.20 61.48
N ASN A 798 0.80 12.87 60.71
CA ASN A 798 0.36 11.49 60.55
C ASN A 798 0.59 11.07 59.10
N PHE A 799 1.59 10.23 58.89
CA PHE A 799 1.94 9.74 57.55
C PHE A 799 1.49 8.30 57.32
N SER A 800 0.62 7.77 58.17
CA SER A 800 0.21 6.38 58.02
C SER A 800 -0.57 6.14 56.74
N GLN A 801 -1.15 7.17 56.15
CA GLN A 801 -1.93 6.99 54.94
C GLN A 801 -1.06 6.81 53.70
N ILE A 802 0.19 7.24 53.73
CA ILE A 802 1.07 7.13 52.57
C ILE A 802 2.30 6.25 52.82
N LEU A 803 2.59 5.91 54.06
CA LEU A 803 3.71 5.02 54.30
C LEU A 803 3.30 3.56 54.06
N PRO A 804 4.23 2.71 53.66
CA PRO A 804 3.88 1.31 53.38
C PRO A 804 3.33 0.60 54.60
N ASP A 805 2.43 -0.35 54.36
CA ASP A 805 1.78 -1.09 55.42
C ASP A 805 2.46 -2.43 55.59
N PRO A 806 3.10 -2.70 56.73
CA PRO A 806 3.78 -3.99 56.91
C PRO A 806 2.84 -5.18 56.89
N SER A 807 1.60 -5.02 57.37
CA SER A 807 0.69 -6.15 57.46
C SER A 807 0.35 -6.71 56.09
N LYS A 808 0.14 -5.84 55.12
CA LYS A 808 -0.22 -6.28 53.78
C LYS A 808 0.96 -6.97 53.12
N PRO A 809 0.76 -8.16 52.52
CA PRO A 809 1.88 -8.83 51.84
C PRO A 809 2.44 -8.05 50.67
N SER A 810 1.61 -7.21 50.02
CA SER A 810 2.04 -6.45 48.86
C SER A 810 2.97 -5.29 49.20
N LYS A 811 3.07 -4.93 50.49
CA LYS A 811 3.93 -3.83 50.93
C LYS A 811 3.58 -2.53 50.21
N ARG A 812 2.34 -2.08 50.43
CA ARG A 812 1.83 -0.88 49.79
C ARG A 812 1.01 -0.06 50.77
N SER A 813 1.03 1.26 50.58
CA SER A 813 0.24 2.15 51.41
C SER A 813 -1.23 2.08 51.00
N PRO A 814 -2.13 2.53 51.87
CA PRO A 814 -3.57 2.52 51.51
C PRO A 814 -3.87 3.30 50.25
N ILE A 815 -3.18 4.42 50.00
CA ILE A 815 -3.51 5.25 48.84
C ILE A 815 -3.18 4.52 47.55
N GLU A 816 -1.98 3.94 47.45
CA GLU A 816 -1.61 3.23 46.23
C GLU A 816 -2.40 1.96 46.06
N ASP A 817 -2.78 1.31 47.16
CA ASP A 817 -3.66 0.14 47.06
C ASP A 817 -5.02 0.54 46.51
N LEU A 818 -5.56 1.66 46.97
CA LEU A 818 -6.81 2.18 46.42
C LEU A 818 -6.66 2.48 44.94
N LEU A 819 -5.52 3.07 44.55
CA LEU A 819 -5.28 3.36 43.14
C LEU A 819 -5.26 2.08 42.31
N PHE A 820 -4.58 1.04 42.79
CA PHE A 820 -4.55 -0.23 42.07
C PHE A 820 -5.95 -0.82 41.95
N ASN A 821 -6.73 -0.76 43.03
CA ASN A 821 -8.08 -1.34 42.97
C ASN A 821 -9.01 -0.50 42.11
N LYS A 822 -8.66 0.76 41.84
CA LYS A 822 -9.54 1.64 41.07
C LYS A 822 -9.27 1.61 39.57
N VAL A 823 -8.31 0.83 39.10
CA VAL A 823 -7.99 0.76 37.68
C VAL A 823 -8.04 -0.70 37.24
N THR A 824 -8.76 -0.97 36.15
CA THR A 824 -8.89 -2.31 35.63
C THR A 824 -7.79 -2.63 34.62
N LYS A 853 -2.13 -16.25 17.61
CA LYS A 853 -2.64 -14.91 17.43
C LYS A 853 -1.63 -14.03 16.71
N GLY A 854 -0.37 -14.08 17.16
CA GLY A 854 0.69 -13.32 16.57
C GLY A 854 1.08 -12.06 17.31
N LEU A 855 0.25 -11.60 18.25
CA LEU A 855 0.51 -10.40 19.03
C LEU A 855 0.70 -10.79 20.48
N THR A 856 1.82 -10.38 21.07
CA THR A 856 2.15 -10.72 22.45
C THR A 856 2.33 -9.46 23.28
N VAL A 857 2.08 -9.59 24.57
CA VAL A 857 2.26 -8.50 25.53
C VAL A 857 3.42 -8.88 26.44
N LEU A 858 4.47 -8.07 26.40
CA LEU A 858 5.66 -8.35 27.21
C LEU A 858 5.51 -7.73 28.59
N PRO A 859 5.89 -8.43 29.66
CA PRO A 859 5.80 -7.84 30.99
C PRO A 859 6.84 -6.74 31.17
N PRO A 860 6.56 -5.76 32.02
CA PRO A 860 7.54 -4.69 32.24
C PRO A 860 8.76 -5.21 32.99
N LEU A 861 9.88 -4.52 32.79
CA LEU A 861 11.13 -4.92 33.44
C LEU A 861 11.02 -4.77 34.96
N LEU A 862 10.47 -3.65 35.42
CA LEU A 862 10.30 -3.39 36.85
C LEU A 862 8.89 -3.76 37.26
N THR A 863 8.76 -4.76 38.14
CA THR A 863 7.46 -5.11 38.64
C THR A 863 6.93 -4.02 39.56
N ASP A 864 5.64 -4.11 39.87
CA ASP A 864 5.02 -3.11 40.74
C ASP A 864 5.67 -3.09 42.13
N GLU A 865 6.21 -4.23 42.57
CA GLU A 865 6.84 -4.27 43.89
C GLU A 865 8.09 -3.41 43.93
N MET A 866 8.93 -3.46 42.90
CA MET A 866 10.11 -2.62 42.88
C MET A 866 9.76 -1.13 42.79
N ILE A 867 8.70 -0.80 42.03
CA ILE A 867 8.25 0.59 41.98
C ILE A 867 7.78 1.05 43.35
N ALA A 868 7.02 0.19 44.05
CA ALA A 868 6.60 0.53 45.40
C ALA A 868 7.79 0.71 46.33
N GLN A 869 8.82 -0.12 46.15
CA GLN A 869 10.03 0.02 46.96
C GLN A 869 10.72 1.37 46.70
N TYR A 870 10.82 1.76 45.43
CA TYR A 870 11.38 3.07 45.11
C TYR A 870 10.56 4.21 45.72
N THR A 871 9.24 4.12 45.63
CA THR A 871 8.40 5.17 46.22
C THR A 871 8.57 5.24 47.74
N SER A 872 8.66 4.09 48.39
CA SER A 872 8.89 4.07 49.83
C SER A 872 10.25 4.69 50.17
N ALA A 873 11.27 4.37 49.38
CA ALA A 873 12.59 4.96 49.62
C ALA A 873 12.55 6.48 49.47
N LEU A 874 11.87 6.97 48.43
CA LEU A 874 11.77 8.41 48.24
C LEU A 874 11.02 9.07 49.40
N LEU A 875 9.94 8.45 49.86
CA LEU A 875 9.18 9.01 50.97
C LEU A 875 10.01 9.06 52.24
N ALA A 876 10.72 7.97 52.55
CA ALA A 876 11.56 7.96 53.74
C ALA A 876 12.66 9.00 53.65
N GLY A 877 13.27 9.14 52.47
CA GLY A 877 14.31 10.14 52.30
C GLY A 877 13.80 11.55 52.47
N THR A 878 12.64 11.86 51.90
CA THR A 878 12.12 13.21 51.97
C THR A 878 11.45 13.53 53.29
N ILE A 879 11.15 12.52 54.11
CA ILE A 879 10.60 12.77 55.43
C ILE A 879 11.71 12.88 56.48
N THR A 880 12.64 11.93 56.49
CA THR A 880 13.69 11.95 57.51
C THR A 880 14.74 13.02 57.26
N SER A 881 15.17 13.19 56.01
CA SER A 881 16.34 14.00 55.70
C SER A 881 16.02 15.23 54.86
N GLY A 882 14.79 15.72 54.88
CA GLY A 882 14.47 16.91 54.11
C GLY A 882 14.68 16.70 52.63
N TRP A 883 15.37 17.65 51.99
CA TRP A 883 15.69 17.56 50.57
C TRP A 883 17.18 17.46 50.30
N THR A 884 17.99 17.28 51.34
CA THR A 884 19.43 17.20 51.13
C THR A 884 19.83 15.88 50.49
N PHE A 885 19.04 14.83 50.69
CA PHE A 885 19.39 13.52 50.12
C PHE A 885 19.37 13.53 48.60
N GLY A 886 18.71 14.49 47.99
CA GLY A 886 18.74 14.64 46.56
C GLY A 886 19.89 15.46 46.02
N ALA A 887 20.78 15.93 46.90
CA ALA A 887 21.92 16.75 46.48
C ALA A 887 23.20 16.27 47.13
N GLY A 888 23.32 14.97 47.38
CA GLY A 888 24.50 14.42 48.00
C GLY A 888 24.14 13.42 49.08
N PRO A 889 24.80 13.53 50.23
CA PRO A 889 24.49 12.64 51.34
C PRO A 889 23.15 13.00 51.98
N ALA A 890 22.64 12.07 52.77
CA ALA A 890 21.39 12.28 53.49
C ALA A 890 21.70 12.93 54.83
N LEU A 891 21.06 14.07 55.10
CA LEU A 891 21.32 14.86 56.29
C LEU A 891 20.03 14.84 57.13
N GLN A 892 20.03 14.07 58.22
CA GLN A 892 18.83 13.95 59.04
C GLN A 892 18.52 15.29 59.71
N ILE A 893 17.24 15.51 59.96
CA ILE A 893 16.77 16.77 60.52
C ILE A 893 15.37 16.55 61.09
N PRO A 894 15.04 17.14 62.24
CA PRO A 894 13.67 17.00 62.75
C PRO A 894 12.66 17.58 61.77
N PHE A 895 11.52 16.89 61.66
CA PHE A 895 10.51 17.29 60.68
C PHE A 895 9.95 18.69 60.91
N PRO A 896 9.60 19.10 62.14
CA PRO A 896 9.09 20.48 62.29
C PRO A 896 10.07 21.52 61.82
N MET A 897 11.37 21.27 62.00
CA MET A 897 12.36 22.21 61.50
C MET A 897 12.37 22.24 59.98
N GLN A 898 12.18 21.08 59.34
CA GLN A 898 12.09 21.07 57.89
C GLN A 898 10.90 21.87 57.40
N MET A 899 9.76 21.74 58.08
CA MET A 899 8.59 22.54 57.69
C MET A 899 8.84 24.02 57.93
N ALA A 900 9.54 24.37 59.00
CA ALA A 900 9.89 25.78 59.22
C ALA A 900 10.78 26.30 58.10
N TYR A 901 11.74 25.49 57.67
CA TYR A 901 12.58 25.86 56.53
C TYR A 901 11.74 26.08 55.29
N ARG A 902 10.75 25.21 55.06
CA ARG A 902 9.92 25.34 53.87
C ARG A 902 9.05 26.58 53.93
N PHE A 903 8.57 26.95 55.12
CA PHE A 903 7.91 28.27 55.24
C PHE A 903 8.87 29.40 54.94
N ASN A 904 10.11 29.31 55.43
CA ASN A 904 11.10 30.32 55.06
C ASN A 904 11.30 30.37 53.56
N GLY A 905 11.05 29.25 52.87
CA GLY A 905 11.14 29.25 51.42
C GLY A 905 10.09 30.14 50.76
N ILE A 906 8.91 30.24 51.36
CA ILE A 906 7.81 30.99 50.77
C ILE A 906 7.60 32.34 51.47
N GLY A 907 8.62 32.86 52.13
CA GLY A 907 8.54 34.20 52.69
C GLY A 907 7.73 34.33 53.96
N VAL A 908 7.67 33.29 54.78
CA VAL A 908 7.02 33.35 56.08
C VAL A 908 8.02 32.89 57.14
N THR A 909 8.18 33.69 58.19
CA THR A 909 9.16 33.38 59.22
C THR A 909 8.72 32.16 60.03
N GLN A 910 9.70 31.57 60.72
CA GLN A 910 9.44 30.30 61.42
C GLN A 910 8.50 30.48 62.60
N ASN A 911 8.49 31.65 63.24
CA ASN A 911 7.66 31.84 64.41
C ASN A 911 6.18 31.64 64.09
N VAL A 912 5.79 31.82 62.82
CA VAL A 912 4.44 31.49 62.41
C VAL A 912 4.16 30.01 62.56
N LEU A 913 5.12 29.17 62.15
CA LEU A 913 4.96 27.73 62.31
C LEU A 913 5.01 27.33 63.77
N TYR A 914 6.12 27.64 64.44
CA TYR A 914 6.38 27.08 65.77
C TYR A 914 5.31 27.45 66.79
N GLU A 915 4.56 28.52 66.55
CA GLU A 915 3.47 28.89 67.43
C GLU A 915 2.13 28.34 66.97
N ASN A 916 2.09 27.64 65.85
CA ASN A 916 0.85 27.05 65.34
C ASN A 916 1.10 25.64 64.84
N GLN A 917 1.99 24.91 65.51
CA GLN A 917 2.36 23.59 65.03
C GLN A 917 1.20 22.61 65.11
N LYS A 918 0.48 22.61 66.22
CA LYS A 918 -0.62 21.66 66.40
C LYS A 918 -1.72 21.90 65.38
N LEU A 919 -2.06 23.16 65.12
CA LEU A 919 -3.09 23.48 64.14
C LEU A 919 -2.67 23.01 62.76
N ILE A 920 -1.42 23.24 62.39
CA ILE A 920 -0.93 22.82 61.08
C ILE A 920 -0.98 21.31 60.96
N ALA A 921 -0.57 20.59 62.00
CA ALA A 921 -0.61 19.14 61.96
C ALA A 921 -2.03 18.63 61.79
N ASN A 922 -2.98 19.21 62.54
CA ASN A 922 -4.37 18.78 62.43
C ASN A 922 -4.92 19.05 61.04
N GLN A 923 -4.62 20.23 60.48
CA GLN A 923 -5.09 20.56 59.14
C GLN A 923 -4.50 19.59 58.11
N PHE A 924 -3.22 19.26 58.24
CA PHE A 924 -2.59 18.35 57.29
C PHE A 924 -3.22 16.96 57.37
N ASN A 925 -3.45 16.46 58.58
CA ASN A 925 -4.06 15.14 58.72
C ASN A 925 -5.48 15.13 58.15
N SER A 926 -6.25 16.17 58.43
CA SER A 926 -7.60 16.23 57.88
C SER A 926 -7.58 16.30 56.36
N ALA A 927 -6.65 17.07 55.80
CA ALA A 927 -6.56 17.17 54.35
C ALA A 927 -6.20 15.83 53.72
N ILE A 928 -5.28 15.09 54.33
CA ILE A 928 -4.91 13.81 53.74
C ILE A 928 -6.07 12.82 53.84
N GLY A 929 -6.84 12.86 54.94
CA GLY A 929 -8.02 12.03 55.01
C GLY A 929 -9.04 12.38 53.96
N LYS A 930 -9.24 13.67 53.71
CA LYS A 930 -10.17 14.10 52.68
C LYS A 930 -9.71 13.64 51.30
N ILE A 931 -8.40 13.68 51.04
CA ILE A 931 -7.90 13.18 49.76
C ILE A 931 -8.16 11.69 49.62
N GLN A 932 -7.93 10.93 50.69
CA GLN A 932 -8.23 9.49 50.64
C GLN A 932 -9.70 9.25 50.29
N ASP A 933 -10.60 9.96 50.97
CA ASP A 933 -12.03 9.75 50.71
C ASP A 933 -12.40 10.19 49.30
N SER A 934 -11.84 11.31 48.84
CA SER A 934 -12.15 11.79 47.49
C SER A 934 -11.69 10.79 46.43
N LEU A 935 -10.50 10.21 46.61
CA LEU A 935 -10.07 9.16 45.69
C LEU A 935 -11.00 7.96 45.75
N SER A 936 -11.42 7.58 46.96
CA SER A 936 -12.33 6.44 47.08
C SER A 936 -13.71 6.73 46.52
N SER A 937 -14.06 8.00 46.32
CA SER A 937 -15.41 8.38 45.90
C SER A 937 -15.55 8.70 44.42
N THR A 938 -14.58 9.39 43.82
CA THR A 938 -14.71 9.81 42.43
C THR A 938 -14.13 8.74 41.52
N PRO A 939 -14.92 8.16 40.60
CA PRO A 939 -14.40 7.09 39.76
C PRO A 939 -13.56 7.58 38.58
N SER A 940 -13.91 8.74 38.03
CA SER A 940 -13.26 9.27 36.85
C SER A 940 -11.98 10.04 37.15
N ALA A 941 -11.63 10.20 38.42
CA ALA A 941 -10.44 10.98 38.78
C ALA A 941 -9.17 10.37 38.21
N LEU A 942 -9.17 9.06 37.94
CA LEU A 942 -8.02 8.38 37.37
C LEU A 942 -8.13 8.21 35.86
N GLY A 943 -9.00 8.99 35.22
CA GLY A 943 -9.20 8.84 33.79
C GLY A 943 -7.92 8.99 33.00
N LYS A 944 -7.05 9.91 33.41
CA LYS A 944 -5.81 10.15 32.68
C LYS A 944 -4.99 8.87 32.54
N LEU A 945 -5.14 7.94 33.50
CA LEU A 945 -4.50 6.63 33.34
C LEU A 945 -5.40 5.68 32.57
N GLN A 946 -6.69 5.63 32.94
CA GLN A 946 -7.57 4.58 32.44
C GLN A 946 -7.63 4.59 30.92
N ASP A 947 -7.84 5.77 30.33
CA ASP A 947 -7.94 5.86 28.88
C ASP A 947 -6.73 5.24 28.20
N VAL A 948 -5.55 5.38 28.78
CA VAL A 948 -4.35 4.74 28.23
C VAL A 948 -4.64 3.29 27.92
N VAL A 949 -5.02 2.52 28.94
CA VAL A 949 -5.39 1.13 28.71
C VAL A 949 -6.53 1.06 27.70
N ASN A 950 -7.57 1.86 27.93
CA ASN A 950 -8.73 1.83 27.05
C ASN A 950 -8.38 2.22 25.63
N HIS A 951 -7.24 2.86 25.42
CA HIS A 951 -6.76 3.02 24.06
C HIS A 951 -6.09 1.74 23.59
N ASN A 952 -5.00 1.35 24.25
CA ASN A 952 -4.10 0.37 23.69
C ASN A 952 -4.84 -0.92 23.37
N ALA A 953 -5.54 -1.47 24.36
CA ALA A 953 -6.26 -2.71 24.15
C ALA A 953 -7.16 -2.64 22.94
N GLN A 954 -7.98 -1.59 22.85
CA GLN A 954 -8.96 -1.56 21.75
C GLN A 954 -8.24 -1.48 20.41
N ALA A 955 -7.10 -0.80 20.37
CA ALA A 955 -6.32 -0.75 19.14
C ALA A 955 -5.99 -2.16 18.67
N LEU A 956 -5.48 -2.98 19.57
CA LEU A 956 -5.19 -4.37 19.21
C LEU A 956 -6.42 -5.04 18.62
N ASN A 957 -7.58 -4.85 19.25
CA ASN A 957 -8.81 -5.45 18.75
C ASN A 957 -9.01 -5.10 17.30
N THR A 958 -8.89 -3.81 16.97
CA THR A 958 -9.10 -3.39 15.58
C THR A 958 -8.15 -4.13 14.65
N LEU A 959 -6.88 -4.23 15.04
CA LEU A 959 -5.92 -4.95 14.22
C LEU A 959 -6.39 -6.37 13.98
N VAL A 960 -6.85 -7.06 15.02
CA VAL A 960 -7.30 -8.42 14.87
C VAL A 960 -8.51 -8.47 13.93
N LYS A 961 -9.38 -7.46 14.02
CA LYS A 961 -10.54 -7.44 13.14
C LYS A 961 -10.14 -7.39 11.68
N GLN A 962 -8.97 -6.85 11.38
CA GLN A 962 -8.51 -6.76 10.00
C GLN A 962 -8.32 -8.14 9.38
N LEU A 963 -8.22 -9.19 10.20
CA LEU A 963 -8.11 -10.53 9.64
C LEU A 963 -9.42 -11.02 9.04
N SER A 964 -10.53 -10.33 9.29
CA SER A 964 -11.84 -10.75 8.79
C SER A 964 -12.28 -9.97 7.56
N SER A 965 -11.38 -9.23 6.93
CA SER A 965 -11.71 -8.39 5.79
C SER A 965 -11.17 -9.02 4.51
N LYS A 966 -12.01 -9.08 3.48
CA LYS A 966 -11.60 -9.64 2.20
C LYS A 966 -10.62 -8.76 1.45
N PHE A 967 -10.53 -7.47 1.80
CA PHE A 967 -9.63 -6.53 1.14
C PHE A 967 -9.90 -6.45 -0.36
N GLY A 968 -11.17 -6.57 -0.74
CA GLY A 968 -11.56 -6.49 -2.12
C GLY A 968 -11.39 -7.76 -2.92
N ALA A 969 -10.89 -8.82 -2.31
CA ALA A 969 -10.71 -10.09 -3.00
C ALA A 969 -12.03 -10.87 -2.97
N ILE A 970 -11.98 -12.07 -3.57
CA ILE A 970 -13.17 -12.91 -3.63
C ILE A 970 -13.51 -13.47 -2.25
N SER A 971 -12.51 -13.89 -1.49
CA SER A 971 -12.73 -14.45 -0.16
C SER A 971 -11.62 -14.01 0.78
N SER A 972 -11.95 -13.99 2.07
CA SER A 972 -11.03 -13.55 3.11
C SER A 972 -10.27 -14.70 3.75
N VAL A 973 -10.52 -15.94 3.34
CA VAL A 973 -9.85 -17.11 3.90
C VAL A 973 -8.74 -17.53 2.94
N LEU A 974 -7.51 -17.57 3.46
CA LEU A 974 -6.36 -17.86 2.62
C LEU A 974 -6.46 -19.25 1.99
N ASN A 975 -6.82 -20.25 2.81
CA ASN A 975 -6.86 -21.62 2.32
C ASN A 975 -7.97 -21.82 1.29
N ASP A 976 -9.09 -21.12 1.46
CA ASP A 976 -10.14 -21.17 0.44
C ASP A 976 -9.66 -20.60 -0.89
N ILE A 977 -8.87 -19.53 -0.83
CA ILE A 977 -8.29 -18.97 -2.06
C ILE A 977 -7.34 -19.99 -2.70
N PHE A 978 -6.50 -20.63 -1.89
CA PHE A 978 -5.54 -21.58 -2.45
C PHE A 978 -6.21 -22.84 -2.97
N SER A 979 -7.38 -23.20 -2.43
CA SER A 979 -7.98 -24.49 -2.74
C SER A 979 -8.77 -24.47 -4.04
N ARG A 980 -9.79 -23.62 -4.11
CA ARG A 980 -10.76 -23.63 -5.21
C ARG A 980 -10.38 -22.69 -6.34
N LEU A 981 -9.18 -22.11 -6.32
CA LEU A 981 -8.75 -21.18 -7.35
C LEU A 981 -7.40 -21.61 -7.90
N ASP A 982 -7.26 -21.52 -9.21
CA ASP A 982 -6.01 -21.85 -9.88
C ASP A 982 -4.94 -20.81 -9.57
N PRO A 983 -3.67 -21.19 -9.60
CA PRO A 983 -2.58 -20.28 -9.20
C PRO A 983 -2.54 -18.98 -9.99
N PRO A 984 -2.84 -18.98 -11.30
CA PRO A 984 -2.68 -17.72 -12.07
C PRO A 984 -3.31 -16.48 -11.44
N GLU A 985 -4.52 -16.58 -10.91
CA GLU A 985 -5.14 -15.46 -10.21
C GLU A 985 -5.18 -15.66 -8.70
N ALA A 986 -4.97 -16.88 -8.21
CA ALA A 986 -4.78 -17.08 -6.78
C ALA A 986 -3.59 -16.27 -6.29
N GLU A 987 -2.55 -16.15 -7.12
CA GLU A 987 -1.41 -15.31 -6.76
C GLU A 987 -1.84 -13.86 -6.55
N VAL A 988 -2.67 -13.34 -7.45
CA VAL A 988 -3.17 -11.97 -7.32
C VAL A 988 -3.97 -11.82 -6.03
N GLN A 989 -4.84 -12.79 -5.75
CA GLN A 989 -5.66 -12.71 -4.54
C GLN A 989 -4.79 -12.74 -3.29
N ILE A 990 -3.78 -13.61 -3.26
CA ILE A 990 -2.88 -13.67 -2.10
C ILE A 990 -2.13 -12.37 -1.96
N ASP A 991 -1.69 -11.79 -3.07
CA ASP A 991 -1.00 -10.49 -3.01
C ASP A 991 -1.91 -9.43 -2.43
N ARG A 992 -3.18 -9.42 -2.84
CA ARG A 992 -4.14 -8.46 -2.30
C ARG A 992 -4.30 -8.63 -0.79
N LEU A 993 -4.51 -9.86 -0.35
CA LEU A 993 -4.67 -10.10 1.08
C LEU A 993 -3.43 -9.67 1.87
N ILE A 994 -2.25 -10.04 1.39
CA ILE A 994 -1.04 -9.78 2.15
C ILE A 994 -0.74 -8.28 2.18
N THR A 995 -0.97 -7.59 1.05
CA THR A 995 -0.72 -6.16 1.05
C THR A 995 -1.72 -5.42 1.93
N GLY A 996 -2.97 -5.89 1.99
CA GLY A 996 -3.92 -5.30 2.91
C GLY A 996 -3.50 -5.47 4.36
N ARG A 997 -3.03 -6.67 4.70
CA ARG A 997 -2.57 -6.92 6.07
C ARG A 997 -1.35 -6.08 6.40
N LEU A 998 -0.42 -5.95 5.46
CA LEU A 998 0.73 -5.07 5.66
C LEU A 998 0.30 -3.64 5.91
N GLN A 999 -0.65 -3.14 5.12
CA GLN A 999 -1.06 -1.75 5.29
C GLN A 999 -1.73 -1.53 6.65
N SER A 1000 -2.56 -2.49 7.06
CA SER A 1000 -3.19 -2.38 8.37
C SER A 1000 -2.16 -2.40 9.49
N LEU A 1001 -1.19 -3.31 9.42
CA LEU A 1001 -0.16 -3.37 10.44
C LEU A 1001 0.69 -2.11 10.44
N GLN A 1002 0.93 -1.54 9.26
CA GLN A 1002 1.66 -0.29 9.16
C GLN A 1002 0.92 0.84 9.86
N THR A 1003 -0.38 0.92 9.65
CA THR A 1003 -1.18 1.94 10.33
C THR A 1003 -1.13 1.75 11.84
N TYR A 1004 -1.25 0.50 12.30
CA TYR A 1004 -1.17 0.25 13.75
C TYR A 1004 0.18 0.66 14.31
N VAL A 1005 1.26 0.34 13.60
CA VAL A 1005 2.59 0.66 14.09
C VAL A 1005 2.78 2.18 14.15
N THR A 1006 2.31 2.90 13.13
CA THR A 1006 2.43 4.36 13.14
C THR A 1006 1.65 4.96 14.30
N GLN A 1007 0.43 4.47 14.54
CA GLN A 1007 -0.35 4.96 15.68
C GLN A 1007 0.38 4.69 16.99
N GLN A 1008 0.95 3.49 17.13
CA GLN A 1008 1.68 3.17 18.34
C GLN A 1008 2.90 4.08 18.52
N LEU A 1009 3.59 4.39 17.42
CA LEU A 1009 4.74 5.27 17.52
C LEU A 1009 4.34 6.68 17.99
N ILE A 1010 3.24 7.21 17.45
CA ILE A 1010 2.80 8.53 17.87
C ILE A 1010 2.41 8.52 19.34
N ARG A 1011 1.68 7.48 19.76
CA ARG A 1011 1.30 7.39 21.17
C ARG A 1011 2.54 7.24 22.06
N ALA A 1012 3.55 6.53 21.56
CA ALA A 1012 4.78 6.39 22.33
C ALA A 1012 5.47 7.73 22.50
N ALA A 1013 5.50 8.55 21.45
CA ALA A 1013 6.08 9.87 21.57
C ALA A 1013 5.33 10.71 22.61
N GLU A 1014 4.00 10.67 22.56
CA GLU A 1014 3.22 11.44 23.53
C GLU A 1014 3.46 10.97 24.95
N ILE A 1015 3.46 9.64 25.16
CA ILE A 1015 3.64 9.09 26.50
C ILE A 1015 5.05 9.39 27.01
N ARG A 1016 6.04 9.37 26.12
CA ARG A 1016 7.40 9.70 26.53
C ARG A 1016 7.53 11.17 26.93
N ALA A 1017 6.84 12.06 26.21
CA ALA A 1017 6.84 13.46 26.63
C ALA A 1017 6.20 13.61 28.00
N SER A 1018 5.08 12.92 28.23
CA SER A 1018 4.44 12.97 29.54
C SER A 1018 5.34 12.41 30.63
N ALA A 1019 6.09 11.35 30.31
CA ALA A 1019 7.01 10.77 31.28
C ALA A 1019 8.15 11.71 31.60
N ASN A 1020 8.64 12.45 30.61
CA ASN A 1020 9.66 13.46 30.87
C ASN A 1020 9.11 14.55 31.79
N LEU A 1021 7.87 14.98 31.56
CA LEU A 1021 7.26 15.96 32.45
C LEU A 1021 7.14 15.41 33.87
N ALA A 1022 6.73 14.16 34.01
CA ALA A 1022 6.61 13.55 35.33
C ALA A 1022 7.96 13.44 36.02
N ALA A 1023 9.01 13.12 35.26
CA ALA A 1023 10.34 13.05 35.83
C ALA A 1023 10.79 14.42 36.33
N THR A 1024 10.51 15.47 35.55
CA THR A 1024 10.84 16.82 36.00
C THR A 1024 10.08 17.17 37.28
N LYS A 1025 8.80 16.83 37.33
CA LYS A 1025 8.01 17.10 38.53
C LYS A 1025 8.56 16.36 39.74
N MET A 1026 8.96 15.09 39.55
CA MET A 1026 9.55 14.34 40.65
C MET A 1026 10.86 14.98 41.11
N SER A 1027 11.69 15.41 40.16
CA SER A 1027 12.99 15.95 40.52
C SER A 1027 12.87 17.28 41.24
N GLU A 1028 11.88 18.09 40.88
CA GLU A 1028 11.75 19.42 41.46
C GLU A 1028 10.82 19.49 42.66
N CYS A 1029 9.57 19.06 42.50
CA CYS A 1029 8.59 19.21 43.58
C CYS A 1029 8.92 18.31 44.76
N VAL A 1030 9.47 17.12 44.53
CA VAL A 1030 9.69 16.15 45.59
C VAL A 1030 11.04 16.38 46.26
N LEU A 1031 12.12 16.20 45.51
CA LEU A 1031 13.47 16.32 46.06
C LEU A 1031 13.87 17.76 46.36
N GLY A 1032 12.93 18.70 46.29
CA GLY A 1032 13.24 20.08 46.62
C GLY A 1032 11.95 20.87 46.69
N GLN A 1033 12.10 22.17 46.90
CA GLN A 1033 10.98 23.09 46.91
C GLN A 1033 11.07 23.98 45.68
N SER A 1034 9.97 24.08 44.94
CA SER A 1034 9.93 24.79 43.67
C SER A 1034 9.19 26.10 43.85
N LYS A 1035 9.81 27.20 43.39
CA LYS A 1035 9.19 28.51 43.43
C LYS A 1035 8.44 28.83 42.15
N ARG A 1036 8.37 27.90 41.20
CA ARG A 1036 7.61 28.12 39.98
C ARG A 1036 6.12 28.05 40.30
N VAL A 1037 5.38 29.06 39.85
CA VAL A 1037 3.96 29.15 40.17
C VAL A 1037 3.20 28.07 39.42
N ASP A 1038 2.30 27.39 40.13
CA ASP A 1038 1.38 26.37 39.60
C ASP A 1038 2.09 25.14 39.06
N PHE A 1039 3.42 25.03 39.23
CA PHE A 1039 4.10 23.83 38.77
C PHE A 1039 3.89 22.65 39.71
N CYS A 1040 3.78 22.90 41.01
CA CYS A 1040 3.62 21.85 42.01
C CYS A 1040 2.39 22.11 42.86
N GLY A 1041 1.28 22.37 42.22
CA GLY A 1041 0.01 22.53 42.90
C GLY A 1041 -0.42 23.99 42.97
N LYS A 1042 -1.74 24.17 43.14
CA LYS A 1042 -2.33 25.50 43.22
C LYS A 1042 -1.99 26.12 44.57
N GLY A 1043 -1.33 27.26 44.55
CA GLY A 1043 -0.92 27.96 45.76
C GLY A 1043 0.59 27.91 45.94
N TYR A 1044 1.03 28.51 47.05
CA TYR A 1044 2.44 28.47 47.40
C TYR A 1044 2.83 27.05 47.75
N HIS A 1045 3.77 26.49 47.00
CA HIS A 1045 4.11 25.08 47.15
C HIS A 1045 5.00 24.86 48.36
N LEU A 1046 4.65 23.86 49.17
CA LEU A 1046 5.45 23.49 50.32
C LEU A 1046 6.28 22.23 50.05
N MET A 1047 5.64 21.13 49.65
CA MET A 1047 6.34 19.88 49.40
C MET A 1047 5.40 18.93 48.69
N SER A 1048 5.84 17.69 48.49
CA SER A 1048 5.03 16.74 47.75
C SER A 1048 5.43 15.32 48.09
N PHE A 1049 4.56 14.38 47.74
CA PHE A 1049 4.77 12.97 47.97
C PHE A 1049 4.46 12.19 46.70
N PRO A 1050 5.26 11.20 46.33
CA PRO A 1050 4.93 10.35 45.19
C PRO A 1050 4.20 9.09 45.60
N GLN A 1051 3.38 8.59 44.68
CA GLN A 1051 2.71 7.31 44.85
C GLN A 1051 2.66 6.61 43.49
N SER A 1052 2.74 5.29 43.52
CA SER A 1052 2.66 4.53 42.29
C SER A 1052 1.20 4.30 41.89
N ALA A 1053 0.99 3.97 40.62
CA ALA A 1053 -0.34 3.69 40.11
C ALA A 1053 -0.18 2.91 38.81
N PRO A 1054 -1.21 2.16 38.40
CA PRO A 1054 -1.07 1.34 37.18
C PRO A 1054 -0.66 2.17 35.98
N HIS A 1055 0.56 1.94 35.48
CA HIS A 1055 1.10 2.70 34.35
C HIS A 1055 1.11 4.20 34.63
N GLY A 1056 1.47 4.60 35.84
CA GLY A 1056 1.53 6.02 36.12
C GLY A 1056 1.95 6.31 37.55
N VAL A 1057 2.04 7.61 37.83
CA VAL A 1057 2.46 8.12 39.13
C VAL A 1057 1.49 9.20 39.56
N VAL A 1058 1.16 9.21 40.85
CA VAL A 1058 0.25 10.19 41.43
C VAL A 1058 1.03 11.02 42.44
N PHE A 1059 1.03 12.33 42.25
CA PHE A 1059 1.70 13.25 43.14
C PHE A 1059 0.70 13.88 44.08
N LEU A 1060 1.00 13.87 45.37
CA LEU A 1060 0.23 14.58 46.38
C LEU A 1060 1.03 15.84 46.73
N HIS A 1061 0.56 16.99 46.25
CA HIS A 1061 1.21 18.26 46.51
C HIS A 1061 0.62 18.88 47.77
N VAL A 1062 1.47 19.14 48.76
CA VAL A 1062 1.07 19.84 49.97
C VAL A 1062 1.50 21.30 49.81
N THR A 1063 0.53 22.20 49.90
CA THR A 1063 0.73 23.59 49.57
C THR A 1063 0.06 24.47 50.62
N TYR A 1064 0.43 25.75 50.59
CA TYR A 1064 0.00 26.74 51.58
C TYR A 1064 -0.87 27.77 50.89
N VAL A 1065 -2.08 27.99 51.43
CA VAL A 1065 -3.05 28.90 50.82
C VAL A 1065 -3.50 29.92 51.84
N PRO A 1066 -3.32 31.22 51.59
CA PRO A 1066 -3.79 32.23 52.54
C PRO A 1066 -5.31 32.31 52.57
N ALA A 1067 -5.83 32.81 53.69
CA ALA A 1067 -7.26 32.96 53.87
C ALA A 1067 -7.53 33.94 55.00
N GLN A 1068 -8.77 34.43 55.04
CA GLN A 1068 -9.22 35.43 56.01
C GLN A 1068 -8.44 36.74 55.85
N GLU A 1069 -8.52 37.31 54.66
CA GLU A 1069 -7.84 38.56 54.39
C GLU A 1069 -8.52 39.71 55.13
N LYS A 1070 -7.75 40.77 55.35
CA LYS A 1070 -8.23 41.95 56.05
C LYS A 1070 -7.73 43.20 55.33
N ASN A 1071 -8.55 44.24 55.31
CA ASN A 1071 -8.20 45.50 54.68
C ASN A 1071 -7.34 46.34 55.60
N PHE A 1072 -6.42 47.11 55.01
CA PHE A 1072 -5.57 48.01 55.76
C PHE A 1072 -5.25 49.22 54.89
N THR A 1073 -4.89 50.32 55.55
CA THR A 1073 -4.43 51.51 54.87
C THR A 1073 -2.91 51.51 54.86
N THR A 1074 -2.33 51.69 53.67
CA THR A 1074 -0.91 51.49 53.46
C THR A 1074 -0.27 52.73 52.88
N ALA A 1075 1.05 52.85 53.08
CA ALA A 1075 1.85 53.93 52.55
C ALA A 1075 3.19 53.38 52.06
N PRO A 1076 3.80 54.03 51.08
CA PRO A 1076 5.08 53.50 50.55
C PRO A 1076 6.26 53.73 51.48
N ALA A 1077 6.33 54.88 52.14
CA ALA A 1077 7.49 55.20 52.96
C ALA A 1077 7.05 56.09 54.12
N ILE A 1078 7.95 56.30 55.07
CA ILE A 1078 7.67 57.09 56.27
C ILE A 1078 8.64 58.26 56.32
N CYS A 1079 8.11 59.47 56.43
CA CYS A 1079 8.94 60.66 56.58
C CYS A 1079 9.11 60.95 58.06
N HIS A 1080 10.37 61.15 58.48
CA HIS A 1080 10.67 61.36 59.88
C HIS A 1080 11.98 62.13 59.97
N ASP A 1081 11.93 63.33 60.56
CA ASP A 1081 13.09 64.22 60.66
C ASP A 1081 13.71 64.47 59.28
N GLY A 1082 12.86 64.60 58.27
CA GLY A 1082 13.35 64.84 56.93
C GLY A 1082 14.00 63.66 56.26
N LYS A 1083 13.89 62.47 56.86
CA LYS A 1083 14.46 61.26 56.28
C LYS A 1083 13.36 60.30 55.90
N ALA A 1084 13.55 59.61 54.78
CA ALA A 1084 12.57 58.67 54.26
C ALA A 1084 12.98 57.25 54.63
N HIS A 1085 12.18 56.61 55.47
CA HIS A 1085 12.40 55.24 55.91
C HIS A 1085 11.54 54.31 55.06
N PHE A 1086 12.16 53.26 54.53
CA PHE A 1086 11.50 52.22 53.77
C PHE A 1086 11.56 50.90 54.52
N PRO A 1087 10.55 50.04 54.37
CA PRO A 1087 10.58 48.75 55.07
C PRO A 1087 11.68 47.86 54.50
N ARG A 1088 12.44 47.23 55.41
CA ARG A 1088 13.53 46.39 54.97
C ARG A 1088 13.04 45.06 54.41
N GLU A 1089 12.05 44.44 55.06
CA GLU A 1089 11.53 43.16 54.60
C GLU A 1089 10.02 43.07 54.58
N GLY A 1090 9.29 44.07 55.08
CA GLY A 1090 7.85 43.97 55.13
C GLY A 1090 7.12 45.05 54.35
N VAL A 1091 6.00 45.51 54.89
CA VAL A 1091 5.19 46.53 54.26
C VAL A 1091 4.48 47.30 55.37
N PHE A 1092 4.28 48.60 55.14
CA PHE A 1092 3.65 49.45 56.13
C PHE A 1092 2.13 49.34 56.05
N VAL A 1093 1.49 49.21 57.21
CA VAL A 1093 0.05 49.15 57.31
C VAL A 1093 -0.40 50.05 58.45
N SER A 1094 -1.69 50.41 58.42
CA SER A 1094 -2.27 51.26 59.44
C SER A 1094 -3.68 50.79 59.74
N ASN A 1095 -3.95 50.49 61.00
CA ASN A 1095 -5.27 50.04 61.40
C ASN A 1095 -6.25 51.18 61.64
N GLY A 1096 -5.84 52.42 61.34
CA GLY A 1096 -6.73 53.56 61.51
C GLY A 1096 -6.09 54.69 62.29
N THR A 1097 -5.28 54.36 63.27
CA THR A 1097 -4.63 55.38 64.09
C THR A 1097 -3.12 55.24 64.14
N HIS A 1098 -2.61 54.01 64.25
CA HIS A 1098 -1.18 53.77 64.36
C HIS A 1098 -0.65 53.15 63.07
N TRP A 1099 0.67 53.04 62.98
CA TRP A 1099 1.33 52.51 61.80
C TRP A 1099 2.31 51.43 62.21
N PHE A 1100 2.18 50.25 61.61
CA PHE A 1100 3.07 49.13 61.85
C PHE A 1100 3.71 48.68 60.55
N VAL A 1101 4.70 47.81 60.67
CA VAL A 1101 5.30 47.14 59.53
C VAL A 1101 5.11 45.63 59.74
N THR A 1102 4.63 44.96 58.69
CA THR A 1102 4.28 43.55 58.81
C THR A 1102 4.80 42.78 57.59
N GLN A 1103 4.98 41.48 57.78
CA GLN A 1103 5.42 40.64 56.68
C GLN A 1103 4.32 40.53 55.63
N ARG A 1104 4.71 40.14 54.42
CA ARG A 1104 3.83 40.26 53.27
C ARG A 1104 2.69 39.24 53.33
N ASN A 1105 3.00 37.99 53.67
CA ASN A 1105 2.06 36.89 53.52
C ASN A 1105 1.34 36.54 54.81
N PHE A 1106 1.48 37.35 55.86
CA PHE A 1106 0.84 37.06 57.14
C PHE A 1106 0.77 38.35 57.94
N TYR A 1107 -0.35 38.58 58.61
CA TYR A 1107 -0.50 39.77 59.42
C TYR A 1107 0.16 39.54 60.77
N GLU A 1108 1.22 40.31 61.06
CA GLU A 1108 1.93 40.22 62.32
C GLU A 1108 2.51 41.59 62.63
N PRO A 1109 1.72 42.47 63.22
CA PRO A 1109 2.16 43.86 63.40
C PRO A 1109 3.36 43.95 64.32
N GLN A 1110 4.25 44.89 64.00
CA GLN A 1110 5.44 45.14 64.79
C GLN A 1110 5.65 46.64 64.88
N ILE A 1111 6.18 47.10 66.01
CA ILE A 1111 6.49 48.51 66.16
C ILE A 1111 7.57 48.89 65.17
N ILE A 1112 7.34 49.98 64.43
CA ILE A 1112 8.28 50.39 63.39
C ILE A 1112 9.52 51.00 64.03
N THR A 1113 10.66 50.36 63.82
CA THR A 1113 11.91 50.82 64.40
C THR A 1113 12.97 51.03 63.33
N THR A 1114 14.20 51.31 63.74
CA THR A 1114 15.32 51.44 62.82
C THR A 1114 16.02 50.11 62.55
N ASP A 1115 15.53 49.02 63.11
CA ASP A 1115 16.11 47.70 62.87
C ASP A 1115 15.46 46.99 61.69
N ASN A 1116 14.23 47.37 61.33
CA ASN A 1116 13.52 46.77 60.21
C ASN A 1116 13.22 47.79 59.11
N THR A 1117 13.83 48.98 59.16
CA THR A 1117 13.68 49.98 58.13
C THR A 1117 15.04 50.53 57.74
N PHE A 1118 15.14 51.00 56.51
CA PHE A 1118 16.38 51.59 56.02
C PHE A 1118 16.11 52.94 55.38
N VAL A 1119 17.12 53.81 55.45
CA VAL A 1119 16.99 55.22 55.11
C VAL A 1119 17.66 55.48 53.79
N SER A 1120 17.01 56.26 52.93
CA SER A 1120 17.59 56.65 51.65
C SER A 1120 16.96 57.97 51.21
N GLY A 1121 17.73 59.06 51.33
CA GLY A 1121 17.28 60.35 50.85
C GLY A 1121 16.28 61.02 51.78
N ASN A 1122 15.74 62.13 51.31
CA ASN A 1122 14.76 62.91 52.05
C ASN A 1122 13.35 62.48 51.66
N CYS A 1123 12.36 63.03 52.36
CA CYS A 1123 10.96 62.67 52.16
C CYS A 1123 10.22 63.66 51.27
N ASP A 1124 10.89 64.21 50.25
CA ASP A 1124 10.27 65.13 49.32
C ASP A 1124 10.35 64.66 47.88
N VAL A 1125 10.66 63.39 47.64
CA VAL A 1125 10.76 62.84 46.30
C VAL A 1125 9.74 61.73 46.06
N VAL A 1126 9.48 60.90 47.07
CA VAL A 1126 8.50 59.83 46.89
C VAL A 1126 7.09 60.44 46.90
N ILE A 1127 6.13 59.62 46.48
CA ILE A 1127 4.73 60.02 46.38
C ILE A 1127 3.92 59.22 47.39
N GLY A 1128 3.09 59.91 48.16
CA GLY A 1128 2.25 59.27 49.15
C GLY A 1128 2.89 59.02 50.48
N ILE A 1129 4.06 59.60 50.75
CA ILE A 1129 4.70 59.41 52.04
C ILE A 1129 3.85 60.03 53.14
N VAL A 1130 3.85 59.40 54.31
CA VAL A 1130 3.03 59.84 55.43
C VAL A 1130 3.93 60.16 56.62
N ASN A 1131 3.57 61.24 57.32
CA ASN A 1131 4.32 61.68 58.48
C ASN A 1131 4.09 60.72 59.64
N ASN A 1132 5.16 60.32 60.31
CA ASN A 1132 5.06 59.48 61.50
C ASN A 1132 6.42 59.44 62.17
N THR A 1133 6.45 58.81 63.34
CA THR A 1133 7.68 58.68 64.10
C THR A 1133 8.21 57.25 64.01
N VAL A 1134 9.51 57.11 64.27
CA VAL A 1134 10.17 55.81 64.25
C VAL A 1134 10.90 55.63 65.57
N TYR A 1135 10.48 54.63 66.34
CA TYR A 1135 11.09 54.36 67.63
C TYR A 1135 12.51 53.84 67.45
N ASP A 1136 13.42 54.31 68.30
CA ASP A 1136 14.81 53.89 68.24
C ASP A 1136 15.17 53.12 69.51
N PRO A 1137 15.60 51.86 69.40
CA PRO A 1137 15.86 51.07 70.61
C PRO A 1137 16.94 51.64 71.50
N LEU A 1138 17.94 52.31 70.94
CA LEU A 1138 19.08 52.75 71.72
C LEU A 1138 18.79 54.01 72.52
N GLN A 1139 17.72 54.72 72.19
CA GLN A 1139 17.39 55.95 72.92
C GLN A 1139 17.06 55.71 74.38
N PRO A 1140 16.17 54.76 74.75
CA PRO A 1140 15.96 54.50 76.19
C PRO A 1140 17.21 54.02 76.88
N GLU A 1141 18.05 53.24 76.20
CA GLU A 1141 19.29 52.77 76.82
C GLU A 1141 20.23 53.94 77.12
N LEU A 1142 20.37 54.87 76.19
CA LEU A 1142 21.25 56.01 76.45
C LEU A 1142 20.65 56.93 77.51
N ASP A 1143 19.33 57.07 77.53
CA ASP A 1143 18.70 57.96 78.50
C ASP A 1143 18.91 57.47 79.92
N SER A 1144 18.80 56.16 80.14
CA SER A 1144 18.98 55.59 81.47
C SER A 1144 20.44 55.64 81.90
N GLN B 14 28.35 -59.10 -19.65
CA GLN B 14 29.44 -59.70 -18.88
C GLN B 14 29.28 -59.42 -17.39
N CYS B 15 28.80 -60.41 -16.65
CA CYS B 15 28.55 -60.28 -15.22
C CYS B 15 29.48 -61.21 -14.45
N VAL B 16 30.20 -60.66 -13.49
CA VAL B 16 31.10 -61.42 -12.62
C VAL B 16 30.73 -61.14 -11.18
N ASN B 17 30.50 -62.19 -10.41
CA ASN B 17 30.15 -62.08 -9.00
C ASN B 17 31.39 -62.19 -8.14
N LEU B 18 31.49 -61.33 -7.13
CA LEU B 18 32.62 -61.31 -6.21
C LEU B 18 32.18 -61.79 -4.84
N THR B 19 32.95 -62.71 -4.26
CA THR B 19 32.66 -63.28 -2.95
C THR B 19 33.67 -62.82 -1.89
N THR B 20 34.45 -61.78 -2.18
CA THR B 20 35.47 -61.30 -1.27
C THR B 20 35.00 -60.09 -0.46
N ARG B 21 33.72 -59.73 -0.54
CA ARG B 21 33.21 -58.62 0.24
C ARG B 21 33.25 -58.95 1.72
N THR B 22 33.47 -57.91 2.53
CA THR B 22 33.47 -58.03 3.99
C THR B 22 32.28 -57.27 4.55
N GLN B 23 31.44 -57.96 5.30
CA GLN B 23 30.26 -57.35 5.88
C GLN B 23 30.64 -56.54 7.12
N LEU B 24 30.17 -55.29 7.16
CA LEU B 24 30.49 -54.39 8.27
C LEU B 24 29.51 -53.24 8.24
N PRO B 25 29.00 -52.79 9.39
CA PRO B 25 28.14 -51.60 9.39
C PRO B 25 28.91 -50.40 8.88
N PRO B 26 28.23 -49.50 8.16
CA PRO B 26 28.93 -48.35 7.58
C PRO B 26 29.50 -47.44 8.67
N ALA B 27 30.62 -46.80 8.36
CA ALA B 27 31.19 -45.89 9.32
C ALA B 27 30.40 -44.58 9.34
N TYR B 28 30.58 -43.80 10.40
CA TYR B 28 29.93 -42.52 10.52
C TYR B 28 30.96 -41.46 10.87
N THR B 29 30.85 -40.29 10.25
CA THR B 29 31.76 -39.20 10.54
C THR B 29 31.01 -37.89 10.52
N ASN B 30 31.71 -36.81 10.88
CA ASN B 30 31.09 -35.51 11.03
C ASN B 30 31.32 -34.67 9.78
N SER B 31 30.26 -33.99 9.33
CA SER B 31 30.33 -33.23 8.09
C SER B 31 31.11 -31.94 8.24
N PHE B 32 31.13 -31.37 9.44
CA PHE B 32 31.81 -30.09 9.73
C PHE B 32 31.13 -29.01 8.88
N THR B 33 31.87 -28.16 8.18
CA THR B 33 31.31 -27.03 7.46
C THR B 33 31.58 -27.14 5.96
N ARG B 34 31.37 -28.32 5.40
CA ARG B 34 31.46 -28.54 3.96
C ARG B 34 30.06 -28.73 3.38
N GLY B 35 29.94 -28.46 2.08
CA GLY B 35 28.67 -28.68 1.42
C GLY B 35 27.94 -27.41 1.04
N VAL B 36 28.69 -26.39 0.62
CA VAL B 36 28.12 -25.13 0.15
C VAL B 36 28.45 -24.98 -1.32
N TYR B 37 27.47 -24.50 -2.10
CA TYR B 37 27.67 -24.33 -3.53
C TYR B 37 27.04 -23.02 -3.96
N TYR B 38 27.62 -22.43 -4.99
CA TYR B 38 27.11 -21.17 -5.53
C TYR B 38 25.68 -21.37 -6.02
N PRO B 39 24.69 -20.76 -5.39
CA PRO B 39 23.29 -20.98 -5.79
C PRO B 39 22.99 -20.57 -7.22
N ASP B 40 23.63 -19.51 -7.69
CA ASP B 40 23.34 -18.96 -9.01
C ASP B 40 24.63 -18.56 -9.71
N LYS B 41 24.49 -18.09 -10.95
CA LYS B 41 25.70 -17.77 -11.78
C LYS B 41 25.93 -16.25 -11.81
N VAL B 42 25.35 -15.52 -10.86
CA VAL B 42 25.57 -14.07 -10.80
C VAL B 42 26.83 -13.81 -9.96
N PHE B 43 27.34 -12.58 -10.02
CA PHE B 43 28.54 -12.18 -9.30
C PHE B 43 28.18 -11.15 -8.25
N ARG B 44 28.55 -11.43 -7.00
CA ARG B 44 28.37 -10.50 -5.90
C ARG B 44 29.68 -10.40 -5.11
N SER B 45 30.01 -9.19 -4.67
CA SER B 45 31.27 -8.94 -4.00
C SER B 45 31.04 -8.16 -2.70
N SER B 46 31.68 -8.63 -1.63
CA SER B 46 31.69 -7.94 -0.33
C SER B 46 30.28 -7.66 0.18
N VAL B 47 29.39 -8.64 0.01
CA VAL B 47 28.01 -8.51 0.45
C VAL B 47 27.54 -9.86 0.99
N LEU B 48 26.65 -9.80 1.98
CA LEU B 48 26.07 -10.99 2.59
C LEU B 48 24.73 -11.27 1.94
N HIS B 49 24.50 -12.53 1.59
CA HIS B 49 23.28 -12.93 0.88
C HIS B 49 22.67 -14.14 1.55
N SER B 50 21.36 -14.11 1.75
CA SER B 50 20.62 -15.20 2.36
C SER B 50 19.86 -15.96 1.28
N THR B 51 20.05 -17.27 1.21
CA THR B 51 19.42 -18.07 0.17
C THR B 51 18.84 -19.34 0.77
N GLN B 52 17.64 -19.69 0.34
CA GLN B 52 16.95 -20.90 0.80
C GLN B 52 16.93 -21.91 -0.34
N ASP B 53 17.48 -23.10 -0.09
CA ASP B 53 17.54 -24.13 -1.12
C ASP B 53 17.91 -25.45 -0.46
N LEU B 54 18.21 -26.44 -1.29
CA LEU B 54 18.62 -27.76 -0.82
C LEU B 54 20.11 -27.72 -0.48
N PHE B 55 20.42 -27.68 0.81
CA PHE B 55 21.79 -27.56 1.28
C PHE B 55 22.09 -28.69 2.27
N LEU B 56 23.37 -28.99 2.41
CA LEU B 56 23.79 -30.03 3.36
C LEU B 56 23.90 -29.41 4.75
N PRO B 57 23.15 -29.91 5.73
CA PRO B 57 23.21 -29.31 7.07
C PRO B 57 24.61 -29.40 7.67
N PHE B 58 24.97 -28.35 8.40
CA PHE B 58 26.27 -28.32 9.06
C PHE B 58 26.35 -29.36 10.18
N PHE B 59 27.55 -29.92 10.34
CA PHE B 59 27.84 -30.86 11.43
C PHE B 59 26.90 -32.06 11.41
N SER B 60 26.47 -32.45 10.21
CA SER B 60 25.62 -33.61 10.06
C SER B 60 26.45 -34.89 10.12
N ASN B 61 25.79 -35.98 10.49
CA ASN B 61 26.45 -37.27 10.62
C ASN B 61 26.35 -37.99 9.28
N VAL B 62 27.45 -38.06 8.55
CA VAL B 62 27.46 -38.56 7.18
C VAL B 62 28.11 -39.94 7.14
N THR B 63 27.67 -40.73 6.15
CA THR B 63 28.12 -42.11 6.01
C THR B 63 29.52 -42.15 5.42
N TRP B 64 30.32 -43.10 5.89
CA TRP B 64 31.73 -43.23 5.53
C TRP B 64 31.99 -44.66 5.09
N PHE B 65 32.58 -44.82 3.91
CA PHE B 65 32.92 -46.11 3.33
C PHE B 65 34.40 -46.14 3.00
N HIS B 66 35.04 -47.27 3.30
CA HIS B 66 36.42 -47.53 2.95
C HIS B 66 36.48 -48.62 1.88
N VAL B 67 37.48 -48.54 1.03
CA VAL B 67 37.75 -49.58 0.02
C VAL B 67 39.24 -49.88 0.04
N ILE B 68 39.58 -51.15 0.21
CA ILE B 68 40.96 -51.60 0.21
C ILE B 68 41.01 -53.07 -0.18
N LYS B 75 40.98 -55.73 2.68
CA LYS B 75 40.14 -56.09 1.55
C LYS B 75 38.71 -55.63 1.79
N ARG B 76 38.50 -54.32 1.71
CA ARG B 76 37.20 -53.71 1.93
C ARG B 76 36.57 -53.36 0.59
N PHE B 77 35.27 -53.64 0.46
CA PHE B 77 34.51 -53.36 -0.76
C PHE B 77 33.12 -52.89 -0.37
N ASP B 78 32.92 -51.56 -0.47
CA ASP B 78 31.61 -50.96 -0.11
C ASP B 78 30.92 -50.46 -1.39
N ASN B 79 29.99 -51.26 -1.93
CA ASN B 79 29.24 -50.90 -3.12
C ASN B 79 27.75 -51.16 -2.88
N PRO B 80 27.13 -50.38 -1.99
CA PRO B 80 25.73 -50.60 -1.68
C PRO B 80 24.82 -49.70 -2.51
N VAL B 81 23.52 -49.96 -2.41
CA VAL B 81 22.49 -49.17 -3.09
C VAL B 81 21.88 -48.25 -2.06
N LEU B 82 21.99 -46.95 -2.29
CA LEU B 82 21.57 -45.94 -1.32
C LEU B 82 20.40 -45.13 -1.85
N PRO B 83 19.43 -44.81 -0.99
CA PRO B 83 18.33 -43.93 -1.43
C PRO B 83 18.85 -42.58 -1.85
N PHE B 84 18.23 -42.01 -2.89
CA PHE B 84 18.64 -40.70 -3.36
C PHE B 84 18.09 -39.58 -2.50
N ASN B 85 16.89 -39.76 -1.96
CA ASN B 85 16.19 -38.73 -1.15
C ASN B 85 16.07 -37.47 -2.02
N ASP B 86 16.23 -36.29 -1.44
CA ASP B 86 16.09 -35.04 -2.20
C ASP B 86 17.37 -34.60 -2.88
N GLY B 87 18.50 -35.23 -2.55
CA GLY B 87 19.77 -34.87 -3.15
C GLY B 87 20.87 -35.72 -2.54
N VAL B 88 22.06 -35.58 -3.10
CA VAL B 88 23.21 -36.35 -2.65
C VAL B 88 24.43 -35.45 -2.61
N TYR B 89 25.22 -35.56 -1.55
CA TYR B 89 26.54 -34.96 -1.48
C TYR B 89 27.54 -36.11 -1.41
N PHE B 90 28.44 -36.17 -2.39
CA PHE B 90 29.34 -37.30 -2.54
C PHE B 90 30.78 -36.78 -2.50
N ALA B 91 31.50 -37.10 -1.44
CA ALA B 91 32.89 -36.72 -1.31
C ALA B 91 33.77 -37.95 -1.46
N SER B 92 34.96 -37.76 -2.01
CA SER B 92 35.87 -38.88 -2.29
C SER B 92 37.27 -38.46 -1.90
N ILE B 93 37.87 -39.20 -0.96
CA ILE B 93 39.28 -39.10 -0.64
C ILE B 93 39.98 -40.23 -1.41
N GLU B 94 40.82 -39.86 -2.36
CA GLU B 94 41.25 -40.76 -3.41
C GLU B 94 42.69 -40.50 -3.80
N LYS B 95 43.39 -41.58 -4.13
CA LYS B 95 44.64 -41.54 -4.86
C LYS B 95 44.58 -42.63 -5.92
N SER B 96 45.23 -42.39 -7.07
CA SER B 96 45.27 -43.26 -8.24
C SER B 96 43.92 -43.36 -8.94
N ASN B 97 42.88 -42.69 -8.45
CA ASN B 97 41.59 -42.56 -9.14
C ASN B 97 40.93 -43.93 -9.35
N ILE B 98 40.77 -44.66 -8.24
CA ILE B 98 40.19 -46.00 -8.32
C ILE B 98 38.68 -45.98 -8.48
N ILE B 99 38.03 -44.84 -8.25
CA ILE B 99 36.58 -44.71 -8.35
C ILE B 99 36.26 -44.08 -9.69
N ARG B 100 35.33 -44.69 -10.44
CA ARG B 100 35.20 -44.36 -11.86
C ARG B 100 33.87 -43.72 -12.25
N GLY B 101 32.78 -44.01 -11.56
CA GLY B 101 31.52 -43.48 -12.03
C GLY B 101 30.38 -43.66 -11.06
N TRP B 102 29.17 -43.47 -11.59
CA TRP B 102 27.94 -43.47 -10.82
C TRP B 102 26.81 -44.07 -11.63
N ILE B 103 25.80 -44.56 -10.92
CA ILE B 103 24.59 -45.13 -11.51
C ILE B 103 23.40 -44.61 -10.74
N PHE B 104 22.37 -44.15 -11.46
CA PHE B 104 21.14 -43.66 -10.85
C PHE B 104 19.95 -44.34 -11.49
N GLY B 105 18.88 -44.51 -10.72
CA GLY B 105 17.66 -45.10 -11.25
C GLY B 105 16.71 -45.44 -10.12
N THR B 106 15.62 -46.09 -10.50
CA THR B 106 14.62 -46.58 -9.56
C THR B 106 14.55 -48.09 -9.50
N THR B 107 14.36 -48.75 -10.66
CA THR B 107 14.29 -50.20 -10.71
C THR B 107 15.64 -50.84 -11.03
N LEU B 108 16.62 -50.06 -11.49
CA LEU B 108 17.99 -50.54 -11.72
C LEU B 108 18.04 -51.70 -12.70
N ASP B 109 17.21 -51.65 -13.73
CA ASP B 109 17.23 -52.64 -14.80
C ASP B 109 16.60 -52.01 -16.04
N SER B 110 16.29 -52.84 -17.03
CA SER B 110 15.71 -52.34 -18.27
C SER B 110 14.23 -52.02 -18.14
N LYS B 111 13.58 -52.37 -17.03
CA LYS B 111 12.17 -52.08 -16.86
C LYS B 111 11.92 -50.57 -16.85
N THR B 112 12.77 -49.82 -16.15
CA THR B 112 12.68 -48.37 -16.11
C THR B 112 14.04 -47.78 -16.43
N GLN B 113 14.04 -46.68 -17.17
CA GLN B 113 15.28 -46.09 -17.66
C GLN B 113 16.18 -45.66 -16.51
N SER B 114 17.48 -45.83 -16.71
CA SER B 114 18.48 -45.53 -15.69
C SER B 114 19.61 -44.73 -16.30
N LEU B 115 20.26 -43.95 -15.44
CA LEU B 115 21.30 -43.01 -15.83
C LEU B 115 22.66 -43.54 -15.40
N LEU B 116 23.68 -43.31 -16.21
CA LEU B 116 25.00 -43.88 -15.98
C LEU B 116 26.07 -42.87 -16.35
N ILE B 117 27.06 -42.73 -15.46
CA ILE B 117 28.22 -41.86 -15.68
C ILE B 117 29.47 -42.68 -15.45
N VAL B 118 30.43 -42.59 -16.38
CA VAL B 118 31.75 -43.17 -16.16
C VAL B 118 32.80 -42.17 -16.61
N ASN B 119 34.00 -42.28 -16.03
CA ASN B 119 35.13 -41.43 -16.39
C ASN B 119 36.36 -42.34 -16.51
N ASN B 120 36.58 -42.89 -17.70
CA ASN B 120 37.70 -43.78 -17.93
C ASN B 120 38.97 -42.96 -18.15
N ALA B 121 40.04 -43.63 -18.61
CA ALA B 121 41.33 -42.97 -18.77
C ALA B 121 41.37 -41.99 -19.94
N THR B 122 40.35 -41.98 -20.79
CA THR B 122 40.34 -41.13 -21.97
C THR B 122 39.36 -39.96 -21.87
N ASN B 123 38.11 -40.22 -21.54
CA ASN B 123 37.09 -39.18 -21.55
C ASN B 123 36.03 -39.53 -20.50
N VAL B 124 34.86 -38.89 -20.60
CA VAL B 124 33.73 -39.18 -19.74
C VAL B 124 32.56 -39.60 -20.62
N VAL B 125 31.77 -40.55 -20.14
CA VAL B 125 30.62 -41.06 -20.87
C VAL B 125 29.38 -40.91 -19.99
N ILE B 126 28.34 -40.30 -20.55
CA ILE B 126 27.08 -40.07 -19.87
C ILE B 126 25.97 -40.67 -20.74
N LYS B 127 25.18 -41.57 -20.16
CA LYS B 127 24.16 -42.27 -20.94
C LYS B 127 22.95 -42.55 -20.08
N VAL B 128 21.77 -42.16 -20.57
CA VAL B 128 20.51 -42.50 -19.92
C VAL B 128 19.77 -43.47 -20.84
N CYS B 129 19.66 -44.72 -20.40
CA CYS B 129 19.06 -45.79 -21.20
C CYS B 129 18.50 -46.83 -20.25
N GLU B 130 17.65 -47.70 -20.80
CA GLU B 130 17.13 -48.84 -20.04
C GLU B 130 18.17 -49.97 -20.05
N PHE B 131 19.27 -49.71 -19.35
CA PHE B 131 20.36 -50.66 -19.31
C PHE B 131 19.98 -51.88 -18.49
N GLN B 132 20.75 -52.95 -18.65
CA GLN B 132 20.61 -54.17 -17.88
C GLN B 132 21.90 -54.37 -17.09
N PHE B 133 21.94 -53.80 -15.89
CA PHE B 133 23.15 -53.83 -15.08
C PHE B 133 23.37 -55.22 -14.48
N CYS B 134 24.64 -55.60 -14.40
CA CYS B 134 25.00 -56.80 -13.67
C CYS B 134 24.92 -56.55 -12.16
N ASN B 135 24.71 -57.63 -11.41
CA ASN B 135 24.55 -57.50 -9.96
C ASN B 135 25.81 -56.97 -9.30
N ASP B 136 26.96 -57.18 -9.92
CA ASP B 136 28.25 -56.69 -9.40
C ASP B 136 28.94 -55.91 -10.51
N PRO B 137 28.57 -54.65 -10.71
CA PRO B 137 29.21 -53.83 -11.75
C PRO B 137 30.51 -53.22 -11.25
N PHE B 138 31.60 -53.53 -11.94
CA PHE B 138 32.91 -52.98 -11.59
C PHE B 138 33.78 -52.98 -12.83
N LEU B 139 34.96 -52.41 -12.70
CA LEU B 139 35.94 -52.31 -13.77
C LEU B 139 37.25 -52.98 -13.34
N ASP B 140 38.14 -53.17 -14.31
CA ASP B 140 39.45 -53.75 -14.03
C ASP B 140 40.57 -52.89 -14.64
N MET B 148 47.13 -51.11 -15.59
CA MET B 148 46.34 -50.95 -16.80
C MET B 148 44.86 -51.24 -16.53
N GLU B 149 43.99 -50.71 -17.38
CA GLU B 149 42.54 -50.86 -17.22
C GLU B 149 41.92 -51.02 -18.61
N SER B 150 41.51 -52.25 -18.93
CA SER B 150 40.89 -52.52 -20.23
C SER B 150 39.71 -53.49 -20.12
N GLU B 151 39.04 -53.52 -18.97
CA GLU B 151 37.95 -54.48 -18.72
C GLU B 151 36.81 -53.75 -18.03
N PHE B 152 35.69 -53.58 -18.74
CA PHE B 152 34.52 -52.86 -18.22
C PHE B 152 33.35 -53.81 -18.17
N ARG B 153 32.80 -54.03 -16.96
CA ARG B 153 31.65 -54.91 -16.74
C ARG B 153 30.63 -54.17 -15.88
N VAL B 154 29.74 -53.40 -16.51
CA VAL B 154 28.72 -52.68 -15.77
C VAL B 154 27.31 -52.99 -16.23
N TYR B 155 27.09 -53.33 -17.50
CA TYR B 155 25.74 -53.60 -18.00
C TYR B 155 25.83 -54.64 -19.10
N SER B 156 24.72 -55.33 -19.33
CA SER B 156 24.66 -56.40 -20.33
C SER B 156 23.91 -56.01 -21.60
N SER B 157 22.85 -55.22 -21.48
CA SER B 157 22.06 -54.85 -22.66
C SER B 157 21.47 -53.46 -22.48
N ALA B 158 21.24 -52.80 -23.61
CA ALA B 158 20.62 -51.47 -23.63
C ALA B 158 19.57 -51.45 -24.73
N ASN B 159 18.31 -51.23 -24.34
CA ASN B 159 17.21 -51.30 -25.29
C ASN B 159 16.82 -49.93 -25.84
N ASN B 160 16.45 -49.00 -24.96
CA ASN B 160 16.00 -47.67 -25.38
C ASN B 160 16.86 -46.63 -24.67
N CYS B 161 17.36 -45.67 -25.44
CA CYS B 161 18.19 -44.59 -24.93
C CYS B 161 17.48 -43.27 -25.16
N THR B 162 17.80 -42.26 -24.35
CA THR B 162 17.21 -40.94 -24.54
C THR B 162 18.20 -39.79 -24.53
N PHE B 163 19.45 -39.98 -24.13
CA PHE B 163 20.42 -38.90 -24.13
C PHE B 163 21.83 -39.48 -24.01
N GLU B 164 22.77 -38.84 -24.71
CA GLU B 164 24.18 -39.20 -24.62
C GLU B 164 25.01 -37.92 -24.62
N TYR B 165 26.22 -38.01 -24.07
CA TYR B 165 27.11 -36.86 -24.00
C TYR B 165 28.52 -37.35 -23.70
N VAL B 166 29.48 -36.89 -24.48
CA VAL B 166 30.89 -37.22 -24.32
C VAL B 166 31.67 -35.92 -24.19
N SER B 167 32.59 -35.88 -23.22
CA SER B 167 33.35 -34.67 -22.95
C SER B 167 34.75 -35.07 -22.46
N GLN B 168 35.44 -34.13 -21.83
CA GLN B 168 36.78 -34.37 -21.31
C GLN B 168 36.71 -35.10 -19.97
N PRO B 169 37.75 -35.88 -19.65
CA PRO B 169 37.77 -36.58 -18.36
C PRO B 169 37.85 -35.62 -17.19
N PHE B 170 37.23 -36.01 -16.08
CA PHE B 170 37.22 -35.15 -14.89
C PHE B 170 38.57 -35.16 -14.18
N LEU B 171 39.20 -36.33 -14.07
CA LEU B 171 40.45 -36.45 -13.33
C LEU B 171 41.59 -35.68 -14.00
N ASN B 180 50.00 -41.53 1.16
CA ASN B 180 49.31 -40.29 1.52
C ASN B 180 48.26 -39.92 0.47
N PHE B 181 47.01 -39.87 0.90
CA PHE B 181 45.93 -39.47 0.03
C PHE B 181 46.13 -38.01 -0.40
N LYS B 182 45.97 -37.75 -1.70
CA LYS B 182 46.21 -36.42 -2.24
C LYS B 182 45.07 -35.85 -3.05
N ASN B 183 43.98 -36.59 -3.25
CA ASN B 183 42.88 -36.15 -4.09
C ASN B 183 41.61 -36.05 -3.25
N LEU B 184 40.92 -34.91 -3.36
CA LEU B 184 39.62 -34.73 -2.72
C LEU B 184 38.64 -34.22 -3.76
N ARG B 185 37.58 -34.98 -4.02
CA ARG B 185 36.56 -34.58 -4.97
C ARG B 185 35.23 -34.43 -4.24
N GLU B 186 34.58 -33.28 -4.39
CA GLU B 186 33.28 -33.04 -3.80
C GLU B 186 32.26 -32.81 -4.90
N PHE B 187 31.18 -33.59 -4.88
CA PHE B 187 30.12 -33.52 -5.88
C PHE B 187 28.79 -33.32 -5.17
N VAL B 188 27.91 -32.56 -5.82
CA VAL B 188 26.55 -32.38 -5.34
C VAL B 188 25.61 -32.73 -6.49
N PHE B 189 24.74 -33.71 -6.26
CA PHE B 189 23.75 -34.16 -7.24
C PHE B 189 22.38 -33.72 -6.77
N LYS B 190 21.69 -32.97 -7.62
CA LYS B 190 20.33 -32.52 -7.33
C LYS B 190 19.44 -32.86 -8.51
N ASN B 191 18.16 -33.12 -8.23
CA ASN B 191 17.18 -33.44 -9.25
C ASN B 191 15.94 -32.58 -8.99
N ILE B 192 15.81 -31.48 -9.74
CA ILE B 192 14.69 -30.56 -9.59
C ILE B 192 14.12 -30.26 -10.97
N ASP B 193 12.81 -30.49 -11.12
CA ASP B 193 12.03 -30.04 -12.28
C ASP B 193 12.70 -30.52 -13.56
N GLY B 194 12.74 -31.84 -13.74
CA GLY B 194 13.30 -32.44 -14.93
C GLY B 194 14.76 -32.12 -15.18
N TYR B 195 15.44 -31.46 -14.24
CA TYR B 195 16.82 -31.04 -14.40
C TYR B 195 17.70 -31.76 -13.38
N PHE B 196 18.84 -32.26 -13.86
CA PHE B 196 19.83 -32.91 -13.01
C PHE B 196 21.02 -31.96 -12.90
N LYS B 197 21.22 -31.38 -11.73
CA LYS B 197 22.31 -30.46 -11.49
C LYS B 197 23.47 -31.20 -10.83
N ILE B 198 24.67 -31.00 -11.38
CA ILE B 198 25.88 -31.60 -10.84
C ILE B 198 26.87 -30.48 -10.56
N TYR B 199 27.29 -30.37 -9.29
CA TYR B 199 28.30 -29.41 -8.87
C TYR B 199 29.57 -30.15 -8.48
N SER B 200 30.73 -29.61 -8.85
CA SER B 200 31.99 -30.29 -8.63
C SER B 200 33.02 -29.36 -8.02
N LYS B 201 33.94 -29.94 -7.25
CA LYS B 201 35.07 -29.21 -6.70
C LYS B 201 36.23 -30.17 -6.48
N HIS B 202 37.43 -29.76 -6.88
CA HIS B 202 38.65 -30.55 -6.79
C HIS B 202 39.60 -29.88 -5.81
N THR B 203 40.24 -30.67 -4.94
CA THR B 203 41.12 -30.14 -3.93
C THR B 203 42.32 -31.05 -3.70
N PRO B 204 43.53 -30.48 -3.64
CA PRO B 204 44.70 -31.27 -3.24
C PRO B 204 44.88 -31.29 -1.73
N ILE B 205 45.15 -32.47 -1.17
CA ILE B 205 45.34 -32.59 0.27
C ILE B 205 46.69 -33.24 0.56
N ASP B 212 40.03 -38.42 7.96
CA ASP B 212 38.73 -37.78 8.09
C ASP B 212 38.67 -36.52 7.22
N LEU B 213 37.49 -35.93 7.15
CA LEU B 213 37.32 -34.72 6.35
C LEU B 213 38.10 -33.57 6.98
N PRO B 214 38.92 -32.86 6.20
CA PRO B 214 39.70 -31.76 6.77
C PRO B 214 38.79 -30.63 7.25
N GLN B 215 39.24 -29.96 8.31
CA GLN B 215 38.49 -28.86 8.88
C GLN B 215 38.74 -27.61 8.05
N GLY B 216 37.75 -27.22 7.25
CA GLY B 216 37.93 -26.07 6.37
C GLY B 216 36.63 -25.77 5.65
N PHE B 217 36.71 -24.76 4.78
CA PHE B 217 35.56 -24.25 4.05
C PHE B 217 35.91 -24.15 2.57
N SER B 218 35.00 -24.60 1.72
CA SER B 218 35.24 -24.56 0.27
C SER B 218 33.90 -24.67 -0.45
N ALA B 219 33.52 -23.62 -1.17
CA ALA B 219 32.28 -23.63 -1.93
C ALA B 219 32.45 -24.44 -3.21
N LEU B 220 31.34 -24.98 -3.71
CA LEU B 220 31.34 -25.79 -4.91
C LEU B 220 30.78 -24.98 -6.08
N GLU B 221 31.53 -24.88 -7.16
CA GLU B 221 31.04 -24.18 -8.33
C GLU B 221 30.14 -25.11 -9.16
N PRO B 222 29.15 -24.55 -9.86
CA PRO B 222 28.23 -25.39 -10.64
C PRO B 222 28.91 -25.93 -11.88
N LEU B 223 28.84 -27.25 -12.07
CA LEU B 223 29.55 -27.89 -13.16
C LEU B 223 28.66 -28.10 -14.39
N VAL B 224 27.61 -28.92 -14.27
CA VAL B 224 26.82 -29.33 -15.43
C VAL B 224 25.34 -29.39 -15.07
N ASP B 225 24.50 -29.19 -16.08
CA ASP B 225 23.07 -29.42 -15.99
C ASP B 225 22.69 -30.45 -17.06
N LEU B 226 21.73 -31.31 -16.72
CA LEU B 226 21.30 -32.38 -17.60
C LEU B 226 19.79 -32.34 -17.76
N PRO B 227 19.26 -32.39 -18.98
CA PRO B 227 17.79 -32.49 -19.19
C PRO B 227 17.30 -33.93 -19.24
N ILE B 228 17.29 -34.58 -18.08
CA ILE B 228 16.94 -35.98 -17.95
C ILE B 228 15.42 -36.17 -17.85
N GLY B 229 14.81 -35.58 -16.82
CA GLY B 229 13.37 -35.65 -16.66
C GLY B 229 12.81 -37.03 -16.38
N ILE B 230 13.50 -37.82 -15.56
CA ILE B 230 12.99 -39.12 -15.14
C ILE B 230 12.94 -39.14 -13.61
N ASN B 231 12.51 -40.27 -13.05
CA ASN B 231 12.44 -40.44 -11.60
C ASN B 231 13.72 -41.10 -11.11
N ILE B 232 14.31 -40.53 -10.06
CA ILE B 232 15.53 -41.05 -9.46
C ILE B 232 15.30 -41.19 -7.96
N THR B 233 15.52 -42.40 -7.44
CA THR B 233 15.38 -42.66 -6.02
C THR B 233 16.53 -43.48 -5.42
N ARG B 234 17.35 -44.12 -6.24
CA ARG B 234 18.42 -44.96 -5.74
C ARG B 234 19.68 -44.71 -6.57
N PHE B 235 20.83 -44.98 -5.97
CA PHE B 235 22.09 -44.80 -6.68
C PHE B 235 23.16 -45.68 -6.07
N GLN B 236 24.31 -45.72 -6.74
CA GLN B 236 25.44 -46.54 -6.34
C GLN B 236 26.68 -46.03 -7.06
N THR B 237 27.85 -46.27 -6.47
CA THR B 237 29.10 -45.87 -7.09
C THR B 237 29.66 -47.02 -7.93
N LEU B 238 30.72 -46.72 -8.69
CA LEU B 238 31.34 -47.66 -9.62
C LEU B 238 32.84 -47.70 -9.35
N LEU B 239 33.38 -48.91 -9.25
CA LEU B 239 34.76 -49.12 -8.82
C LEU B 239 35.52 -49.94 -9.85
N ALA B 240 36.85 -49.77 -9.82
CA ALA B 240 37.76 -50.49 -10.69
C ALA B 240 38.73 -51.31 -9.85
N LEU B 241 39.00 -52.53 -10.29
CA LEU B 241 39.83 -53.46 -9.53
C LEU B 241 41.21 -53.60 -10.18
N HIS B 242 42.25 -53.62 -9.34
CA HIS B 242 43.61 -53.83 -9.81
C HIS B 242 43.87 -55.32 -9.99
N ARG B 243 44.39 -55.69 -11.15
CA ARG B 243 44.68 -57.08 -11.48
C ARG B 243 46.17 -57.26 -11.70
N SER B 244 46.75 -58.21 -10.99
CA SER B 244 48.18 -58.48 -11.08
C SER B 244 48.45 -59.78 -11.83
N GLY B 254 45.34 -62.81 -7.40
CA GLY B 254 43.97 -62.41 -7.65
C GLY B 254 43.83 -60.93 -7.94
N TRP B 255 42.92 -60.26 -7.23
CA TRP B 255 42.69 -58.84 -7.39
C TRP B 255 42.69 -58.17 -6.02
N THR B 256 43.29 -56.98 -5.97
CA THR B 256 43.37 -56.19 -4.75
C THR B 256 42.98 -54.76 -5.05
N ALA B 257 42.27 -54.14 -4.11
CA ALA B 257 41.81 -52.77 -4.27
C ALA B 257 42.70 -51.83 -3.46
N GLY B 258 43.07 -50.71 -4.07
CA GLY B 258 43.87 -49.72 -3.36
C GLY B 258 43.07 -48.99 -2.30
N ALA B 259 43.80 -48.30 -1.42
CA ALA B 259 43.16 -47.59 -0.32
C ALA B 259 42.43 -46.36 -0.84
N ALA B 260 41.14 -46.29 -0.55
CA ALA B 260 40.33 -45.13 -0.91
C ALA B 260 39.16 -45.02 0.05
N ALA B 261 38.57 -43.83 0.13
CA ALA B 261 37.42 -43.63 0.99
C ALA B 261 36.43 -42.71 0.31
N TYR B 262 35.18 -42.85 0.58
CA TYR B 262 34.13 -41.96 0.01
C TYR B 262 33.02 -41.73 1.06
N TYR B 263 32.46 -40.57 1.16
CA TYR B 263 31.52 -40.12 2.17
C TYR B 263 30.24 -39.66 1.49
N VAL B 264 29.11 -39.99 2.09
CA VAL B 264 27.80 -39.69 1.54
C VAL B 264 27.02 -38.86 2.57
N GLY B 265 26.47 -37.74 2.10
CA GLY B 265 25.56 -36.96 2.91
C GLY B 265 24.30 -36.67 2.13
N TYR B 266 23.25 -36.30 2.85
CA TYR B 266 21.95 -36.04 2.26
C TYR B 266 21.59 -34.57 2.37
N LEU B 267 20.96 -34.06 1.32
CA LEU B 267 20.58 -32.66 1.23
C LEU B 267 19.24 -32.44 1.93
N GLN B 268 19.06 -31.25 2.48
CA GLN B 268 17.80 -30.89 3.12
C GLN B 268 17.44 -29.46 2.75
N PRO B 269 16.16 -29.14 2.67
CA PRO B 269 15.74 -27.78 2.31
C PRO B 269 15.85 -26.85 3.51
N ARG B 270 16.77 -25.88 3.43
CA ARG B 270 16.97 -24.92 4.49
C ARG B 270 17.65 -23.68 3.94
N THR B 271 17.87 -22.71 4.81
CA THR B 271 18.37 -21.39 4.45
C THR B 271 19.80 -21.24 4.97
N PHE B 272 20.68 -20.72 4.12
CA PHE B 272 22.05 -20.40 4.49
C PHE B 272 22.32 -18.92 4.27
N LEU B 273 23.15 -18.35 5.13
CA LEU B 273 23.61 -16.97 4.98
C LEU B 273 25.07 -17.02 4.56
N LEU B 274 25.36 -16.55 3.35
CA LEU B 274 26.69 -16.66 2.76
C LEU B 274 27.34 -15.28 2.72
N LYS B 275 28.64 -15.25 3.03
CA LYS B 275 29.42 -14.02 2.98
C LYS B 275 30.34 -14.08 1.78
N TYR B 276 30.28 -13.05 0.94
CA TYR B 276 31.20 -12.90 -0.18
C TYR B 276 32.32 -11.95 0.20
N ASN B 277 33.55 -12.31 -0.13
CA ASN B 277 34.69 -11.48 0.16
C ASN B 277 34.79 -10.38 -0.90
N GLU B 278 35.86 -9.59 -0.86
CA GLU B 278 36.03 -8.53 -1.86
C GLU B 278 36.32 -9.09 -3.24
N ASN B 279 37.08 -10.18 -3.33
CA ASN B 279 37.35 -10.83 -4.61
C ASN B 279 36.12 -11.42 -5.25
N GLY B 280 35.04 -11.63 -4.48
CA GLY B 280 33.83 -12.19 -5.02
C GLY B 280 33.64 -13.68 -4.79
N THR B 281 34.49 -14.30 -3.98
CA THR B 281 34.39 -15.73 -3.70
C THR B 281 33.85 -15.95 -2.30
N ILE B 282 33.16 -17.08 -2.14
CA ILE B 282 32.54 -17.41 -0.86
C ILE B 282 33.62 -17.81 0.14
N THR B 283 33.56 -17.21 1.33
CA THR B 283 34.53 -17.52 2.38
C THR B 283 33.91 -18.04 3.66
N ASP B 284 32.63 -17.76 3.91
CA ASP B 284 32.00 -18.21 5.15
C ASP B 284 30.50 -18.34 4.93
N ALA B 285 29.89 -19.22 5.71
CA ALA B 285 28.45 -19.45 5.66
C ALA B 285 27.95 -19.80 7.05
N VAL B 286 26.70 -19.42 7.31
CA VAL B 286 26.03 -19.68 8.58
C VAL B 286 24.72 -20.39 8.29
N ASP B 287 24.52 -21.53 8.94
CA ASP B 287 23.24 -22.22 8.86
C ASP B 287 22.18 -21.45 9.62
N CYS B 288 20.98 -21.39 9.06
CA CYS B 288 19.89 -20.64 9.67
C CYS B 288 19.03 -21.49 10.60
N ALA B 289 19.34 -22.78 10.76
CA ALA B 289 18.54 -23.65 11.62
C ALA B 289 19.40 -24.58 12.45
N LEU B 290 20.66 -24.21 12.72
CA LEU B 290 21.55 -25.09 13.47
C LEU B 290 21.32 -24.96 14.97
N ASP B 291 21.65 -23.80 15.53
CA ASP B 291 21.50 -23.52 16.95
C ASP B 291 21.07 -22.08 17.11
N PRO B 292 20.52 -21.71 18.28
CA PRO B 292 19.97 -20.36 18.43
C PRO B 292 20.95 -19.25 18.11
N LEU B 293 22.24 -19.43 18.38
CA LEU B 293 23.21 -18.41 18.00
C LEU B 293 23.24 -18.23 16.49
N SER B 294 23.22 -19.33 15.74
CA SER B 294 23.18 -19.25 14.29
C SER B 294 21.88 -18.63 13.81
N GLU B 295 20.76 -18.93 14.47
CA GLU B 295 19.49 -18.32 14.10
C GLU B 295 19.54 -16.80 14.31
N THR B 296 20.13 -16.36 15.42
CA THR B 296 20.27 -14.93 15.65
C THR B 296 21.16 -14.28 14.60
N LYS B 297 22.27 -14.92 14.26
CA LYS B 297 23.14 -14.41 13.20
C LYS B 297 22.37 -14.30 11.88
N CYS B 298 21.58 -15.32 11.57
CA CYS B 298 20.80 -15.33 10.33
C CYS B 298 19.77 -14.21 10.32
N THR B 299 19.10 -13.97 11.44
CA THR B 299 18.08 -12.94 11.48
C THR B 299 18.69 -11.55 11.40
N LEU B 300 19.74 -11.29 12.19
CA LEU B 300 20.34 -9.96 12.20
C LEU B 300 21.17 -9.67 10.94
N LYS B 301 21.38 -10.66 10.08
CA LYS B 301 22.16 -10.50 8.86
C LYS B 301 23.56 -9.99 9.16
N SER B 302 24.17 -10.54 10.21
CA SER B 302 25.53 -10.16 10.57
C SER B 302 26.25 -11.38 11.12
N PHE B 303 27.57 -11.35 11.04
CA PHE B 303 28.39 -12.45 11.53
C PHE B 303 28.93 -12.20 12.93
N THR B 304 28.69 -11.03 13.50
CA THR B 304 29.05 -10.73 14.88
C THR B 304 27.83 -10.16 15.59
N VAL B 305 27.58 -10.65 16.80
CA VAL B 305 26.42 -10.23 17.59
C VAL B 305 26.93 -9.65 18.90
N GLU B 306 26.51 -8.42 19.20
CA GLU B 306 26.92 -7.77 20.44
C GLU B 306 26.07 -8.26 21.60
N LYS B 307 26.47 -7.86 22.81
CA LYS B 307 25.74 -8.24 24.01
C LYS B 307 24.33 -7.66 23.98
N GLY B 308 23.36 -8.48 24.32
CA GLY B 308 21.98 -8.05 24.35
C GLY B 308 21.05 -9.24 24.19
N ILE B 309 19.76 -8.93 24.05
CA ILE B 309 18.71 -9.92 23.87
C ILE B 309 18.00 -9.63 22.55
N TYR B 310 17.79 -10.66 21.75
CA TYR B 310 17.25 -10.52 20.40
C TYR B 310 16.10 -11.49 20.20
N GLN B 311 15.20 -11.16 19.28
CA GLN B 311 14.08 -12.00 18.92
C GLN B 311 14.29 -12.56 17.53
N THR B 312 14.08 -13.87 17.36
CA THR B 312 14.37 -14.53 16.09
C THR B 312 13.12 -15.07 15.42
N SER B 313 12.38 -15.95 16.08
CA SER B 313 11.21 -16.58 15.47
C SER B 313 10.31 -17.11 16.58
N ASN B 314 9.37 -17.98 16.19
CA ASN B 314 8.42 -18.55 17.17
C ASN B 314 8.58 -20.07 17.19
N PHE B 315 7.71 -20.76 17.93
CA PHE B 315 7.80 -22.25 18.03
C PHE B 315 6.85 -22.86 17.00
N ARG B 316 7.34 -23.85 16.25
CA ARG B 316 6.73 -24.26 14.96
C ARG B 316 6.86 -25.77 14.77
N VAL B 317 5.78 -26.46 14.35
CA VAL B 317 5.85 -27.91 14.05
C VAL B 317 5.48 -28.09 12.56
N GLN B 318 6.40 -28.59 11.72
CA GLN B 318 6.10 -28.65 10.31
C GLN B 318 5.02 -29.69 10.03
N PRO B 319 4.10 -29.38 9.12
CA PRO B 319 3.03 -30.33 8.79
C PRO B 319 3.57 -31.56 8.09
N THR B 320 2.85 -32.67 8.26
CA THR B 320 3.23 -33.94 7.66
C THR B 320 2.24 -34.41 6.62
N GLU B 321 0.94 -34.49 6.94
CA GLU B 321 -0.06 -35.00 6.02
C GLU B 321 -1.21 -34.00 5.89
N SER B 322 -1.98 -34.18 4.81
CA SER B 322 -3.19 -33.41 4.59
C SER B 322 -4.39 -34.33 4.75
N ILE B 323 -5.35 -33.91 5.57
CA ILE B 323 -6.52 -34.72 5.91
C ILE B 323 -7.74 -34.06 5.30
N VAL B 324 -8.61 -34.88 4.70
CA VAL B 324 -9.84 -34.41 4.07
C VAL B 324 -10.99 -35.21 4.65
N ARG B 325 -12.08 -34.53 5.00
CA ARG B 325 -13.22 -35.17 5.65
C ARG B 325 -14.53 -34.74 5.01
N PHE B 326 -15.41 -35.71 4.83
CA PHE B 326 -16.76 -35.46 4.36
C PHE B 326 -17.69 -36.45 5.05
N PRO B 327 -19.00 -36.17 5.08
CA PRO B 327 -19.94 -37.08 5.73
C PRO B 327 -20.05 -38.40 4.97
N ASN B 328 -20.89 -39.28 5.50
CA ASN B 328 -21.11 -40.58 4.88
C ASN B 328 -21.72 -40.42 3.50
N ILE B 329 -21.26 -41.25 2.56
CA ILE B 329 -21.71 -41.17 1.16
C ILE B 329 -22.88 -42.12 1.04
N THR B 330 -24.08 -41.58 1.22
CA THR B 330 -25.33 -42.31 1.08
C THR B 330 -26.16 -41.71 -0.05
N ASN B 331 -27.34 -42.31 -0.26
CA ASN B 331 -28.27 -41.86 -1.30
C ASN B 331 -27.62 -41.88 -2.68
N LEU B 332 -27.09 -43.04 -3.06
CA LEU B 332 -26.49 -43.20 -4.37
C LEU B 332 -27.55 -43.12 -5.46
N CYS B 333 -27.15 -42.58 -6.62
CA CYS B 333 -28.05 -42.43 -7.76
C CYS B 333 -28.39 -43.79 -8.33
N PRO B 334 -29.58 -43.97 -8.93
CA PRO B 334 -29.97 -45.30 -9.41
C PRO B 334 -29.42 -45.66 -10.77
N PHE B 335 -28.13 -45.99 -10.84
CA PHE B 335 -27.51 -46.38 -12.09
C PHE B 335 -27.83 -47.82 -12.49
N ASP B 336 -28.05 -48.71 -11.53
CA ASP B 336 -28.27 -50.12 -11.86
C ASP B 336 -29.51 -50.31 -12.72
N GLU B 337 -30.59 -49.59 -12.42
CA GLU B 337 -31.81 -49.70 -13.22
C GLU B 337 -31.62 -49.18 -14.64
N VAL B 338 -30.57 -48.41 -14.89
CA VAL B 338 -30.33 -47.85 -16.22
C VAL B 338 -29.50 -48.80 -17.06
N PHE B 339 -28.43 -49.37 -16.49
CA PHE B 339 -27.51 -50.17 -17.28
C PHE B 339 -27.84 -51.66 -17.19
N ASN B 340 -28.15 -52.13 -15.98
CA ASN B 340 -28.49 -53.53 -15.77
C ASN B 340 -29.95 -53.85 -16.10
N ALA B 341 -30.61 -52.96 -16.83
CA ALA B 341 -31.98 -53.19 -17.24
C ALA B 341 -32.06 -54.35 -18.24
N THR B 342 -33.07 -55.20 -18.04
CA THR B 342 -33.21 -56.38 -18.90
C THR B 342 -33.52 -55.99 -20.34
N ARG B 343 -34.42 -55.04 -20.55
CA ARG B 343 -34.88 -54.68 -21.88
C ARG B 343 -34.76 -53.17 -22.07
N PHE B 344 -34.18 -52.77 -23.20
CA PHE B 344 -34.12 -51.38 -23.61
C PHE B 344 -35.18 -51.08 -24.66
N ALA B 345 -35.53 -49.80 -24.78
CA ALA B 345 -36.52 -49.38 -25.75
C ALA B 345 -35.87 -49.16 -27.11
N SER B 346 -36.72 -48.94 -28.12
CA SER B 346 -36.23 -48.71 -29.47
C SER B 346 -35.53 -47.36 -29.57
N VAL B 347 -34.74 -47.20 -30.63
CA VAL B 347 -33.95 -45.98 -30.78
C VAL B 347 -34.85 -44.77 -31.06
N TYR B 348 -35.91 -44.96 -31.84
CA TYR B 348 -36.82 -43.84 -32.08
C TYR B 348 -37.55 -43.45 -30.80
N ALA B 349 -37.99 -44.43 -30.02
CA ALA B 349 -38.58 -44.18 -28.71
C ALA B 349 -37.55 -44.42 -27.60
N TRP B 350 -36.49 -43.61 -27.63
CA TRP B 350 -35.41 -43.76 -26.66
C TRP B 350 -35.91 -43.42 -25.26
N ASN B 351 -35.58 -44.28 -24.30
CA ASN B 351 -36.02 -44.08 -22.93
C ASN B 351 -35.24 -42.96 -22.28
N ARG B 352 -35.96 -42.01 -21.68
CA ARG B 352 -35.36 -40.84 -21.05
C ARG B 352 -35.60 -40.92 -19.55
N LYS B 353 -34.52 -40.79 -18.78
CA LYS B 353 -34.59 -40.80 -17.32
C LYS B 353 -33.84 -39.59 -16.76
N ARG B 354 -34.38 -38.99 -15.72
CA ARG B 354 -33.74 -37.85 -15.08
C ARG B 354 -33.13 -38.25 -13.75
N ILE B 355 -31.93 -37.73 -13.48
CA ILE B 355 -31.17 -38.04 -12.29
C ILE B 355 -30.84 -36.74 -11.58
N SER B 356 -31.21 -36.65 -10.31
CA SER B 356 -30.94 -35.49 -9.46
C SER B 356 -31.15 -35.89 -8.00
N ASN B 357 -30.68 -35.02 -7.11
CA ASN B 357 -30.87 -35.18 -5.67
C ASN B 357 -30.30 -36.50 -5.16
N CYS B 358 -29.13 -36.85 -5.69
CA CYS B 358 -28.39 -38.02 -5.24
C CYS B 358 -26.93 -37.84 -5.58
N VAL B 359 -26.09 -38.72 -5.03
CA VAL B 359 -24.66 -38.74 -5.34
C VAL B 359 -24.43 -39.70 -6.48
N ALA B 360 -23.74 -39.24 -7.52
CA ALA B 360 -23.57 -39.98 -8.76
C ALA B 360 -22.15 -40.51 -8.82
N ASP B 361 -21.97 -41.79 -8.53
CA ASP B 361 -20.67 -42.44 -8.57
C ASP B 361 -20.42 -42.92 -10.00
N TYR B 362 -19.96 -42.03 -10.86
CA TYR B 362 -19.68 -42.37 -12.25
C TYR B 362 -18.54 -43.36 -12.40
N SER B 363 -17.75 -43.59 -11.35
CA SER B 363 -16.68 -44.59 -11.43
C SER B 363 -17.21 -45.99 -11.70
N VAL B 364 -18.42 -46.30 -11.24
CA VAL B 364 -18.97 -47.64 -11.45
C VAL B 364 -19.08 -47.94 -12.95
N LEU B 365 -19.70 -47.03 -13.70
CA LEU B 365 -19.76 -47.20 -15.14
C LEU B 365 -18.38 -47.00 -15.77
N TYR B 366 -17.55 -46.17 -15.15
CA TYR B 366 -16.26 -45.82 -15.74
C TYR B 366 -15.26 -46.97 -15.64
N ASN B 367 -15.45 -47.88 -14.69
CA ASN B 367 -14.46 -48.90 -14.40
C ASN B 367 -14.84 -50.30 -14.91
N LEU B 368 -15.84 -50.39 -15.80
CA LEU B 368 -16.26 -51.69 -16.38
C LEU B 368 -15.64 -51.86 -17.77
N ALA B 369 -14.80 -52.88 -17.95
CA ALA B 369 -14.12 -53.11 -19.25
C ALA B 369 -15.14 -53.42 -20.35
N PRO B 370 -16.13 -54.32 -20.15
CA PRO B 370 -17.06 -54.70 -21.22
C PRO B 370 -17.53 -53.44 -21.97
N PHE B 371 -17.76 -52.35 -21.25
CA PHE B 371 -18.15 -51.09 -21.88
C PHE B 371 -16.92 -50.54 -22.57
N PHE B 372 -16.73 -50.94 -23.83
CA PHE B 372 -15.48 -50.66 -24.52
C PHE B 372 -15.35 -49.18 -24.87
N THR B 373 -16.37 -48.58 -25.47
CA THR B 373 -16.26 -47.26 -26.07
C THR B 373 -16.65 -46.18 -25.05
N PHE B 374 -15.69 -45.32 -24.72
CA PHE B 374 -15.92 -44.16 -23.86
C PHE B 374 -15.70 -42.90 -24.69
N LYS B 375 -16.76 -42.44 -25.35
CA LYS B 375 -16.71 -41.23 -26.16
C LYS B 375 -17.51 -40.15 -25.46
N CYS B 376 -16.83 -39.12 -24.97
CA CYS B 376 -17.47 -38.04 -24.23
C CYS B 376 -17.19 -36.71 -24.92
N TYR B 377 -18.19 -35.83 -24.95
CA TYR B 377 -18.10 -34.54 -25.61
C TYR B 377 -18.39 -33.44 -24.60
N GLY B 378 -17.50 -32.44 -24.54
CA GLY B 378 -17.71 -31.27 -23.70
C GLY B 378 -17.26 -31.42 -22.27
N VAL B 379 -16.79 -32.59 -21.85
CA VAL B 379 -16.33 -32.79 -20.48
C VAL B 379 -15.43 -34.03 -20.46
N SER B 380 -14.37 -33.95 -19.67
CA SER B 380 -13.40 -35.03 -19.47
C SER B 380 -13.97 -36.07 -18.52
N PRO B 381 -13.72 -37.36 -18.78
CA PRO B 381 -14.21 -38.41 -17.88
C PRO B 381 -13.64 -38.34 -16.48
N THR B 382 -12.40 -37.86 -16.32
CA THR B 382 -11.76 -37.88 -15.00
C THR B 382 -12.35 -36.81 -14.08
N LYS B 383 -12.90 -35.74 -14.63
CA LYS B 383 -13.58 -34.72 -13.84
C LYS B 383 -15.07 -34.99 -13.68
N LEU B 384 -15.56 -36.12 -14.18
CA LEU B 384 -16.93 -36.51 -13.87
C LEU B 384 -17.14 -36.76 -12.40
N ASN B 385 -16.07 -37.15 -11.69
CA ASN B 385 -16.17 -37.41 -10.25
C ASN B 385 -16.27 -36.13 -9.43
N ASP B 386 -15.73 -35.02 -9.94
CA ASP B 386 -15.69 -33.76 -9.20
C ASP B 386 -16.71 -32.74 -9.69
N LEU B 387 -16.83 -32.55 -11.01
CA LEU B 387 -17.71 -31.53 -11.54
C LEU B 387 -19.17 -31.89 -11.27
N CYS B 388 -19.93 -30.93 -10.77
CA CYS B 388 -21.30 -31.15 -10.33
C CYS B 388 -22.27 -30.44 -11.26
N PHE B 389 -23.43 -31.06 -11.48
CA PHE B 389 -24.43 -30.55 -12.40
C PHE B 389 -25.79 -30.52 -11.73
N THR B 390 -26.68 -29.69 -12.29
CA THR B 390 -28.04 -29.59 -11.78
C THR B 390 -28.83 -30.85 -12.05
N ASN B 391 -28.76 -31.38 -13.27
CA ASN B 391 -29.56 -32.54 -13.65
C ASN B 391 -28.77 -33.41 -14.63
N VAL B 392 -29.14 -34.69 -14.68
CA VAL B 392 -28.55 -35.64 -15.61
C VAL B 392 -29.68 -36.28 -16.41
N TYR B 393 -29.52 -36.34 -17.73
CA TYR B 393 -30.49 -36.97 -18.60
C TYR B 393 -29.85 -38.22 -19.23
N ALA B 394 -30.46 -39.38 -19.00
CA ALA B 394 -29.98 -40.64 -19.53
C ALA B 394 -30.95 -41.08 -20.63
N ASP B 395 -30.43 -41.20 -21.84
CA ASP B 395 -31.21 -41.66 -22.99
C ASP B 395 -30.70 -43.03 -23.41
N SER B 396 -31.54 -44.05 -23.25
CA SER B 396 -31.16 -45.44 -23.48
C SER B 396 -31.89 -45.97 -24.71
N PHE B 397 -31.14 -46.68 -25.56
CA PHE B 397 -31.70 -47.29 -26.76
C PHE B 397 -30.76 -48.38 -27.24
N VAL B 398 -31.09 -48.96 -28.40
CA VAL B 398 -30.32 -50.04 -28.99
C VAL B 398 -30.11 -49.71 -30.47
N ILE B 399 -28.86 -49.79 -30.93
CA ILE B 399 -28.55 -49.53 -32.33
C ILE B 399 -27.58 -50.59 -32.85
N ARG B 400 -27.18 -50.46 -34.10
CA ARG B 400 -26.20 -51.35 -34.70
C ARG B 400 -24.79 -50.83 -34.41
N GLY B 401 -23.79 -51.65 -34.75
CA GLY B 401 -22.41 -51.23 -34.56
C GLY B 401 -22.02 -50.09 -35.48
N ASP B 402 -22.51 -50.11 -36.73
CA ASP B 402 -22.10 -49.12 -37.71
C ASP B 402 -22.71 -47.75 -37.45
N GLU B 403 -23.78 -47.66 -36.69
CA GLU B 403 -24.45 -46.40 -36.42
C GLU B 403 -24.11 -45.82 -35.05
N VAL B 404 -23.12 -46.39 -34.36
CA VAL B 404 -22.69 -45.85 -33.08
C VAL B 404 -22.08 -44.46 -33.26
N ARG B 405 -21.26 -44.29 -34.30
CA ARG B 405 -20.57 -43.03 -34.53
C ARG B 405 -21.53 -41.90 -34.89
N GLN B 406 -22.75 -42.20 -35.31
CA GLN B 406 -23.67 -41.18 -35.77
C GLN B 406 -24.22 -40.31 -34.65
N ILE B 407 -24.22 -40.80 -33.41
CA ILE B 407 -24.74 -40.02 -32.27
C ILE B 407 -23.57 -39.21 -31.74
N ALA B 408 -23.34 -38.07 -32.37
CA ALA B 408 -22.24 -37.19 -32.02
C ALA B 408 -22.48 -35.84 -32.71
N PRO B 409 -21.91 -34.76 -32.18
CA PRO B 409 -22.04 -33.46 -32.85
C PRO B 409 -21.42 -33.49 -34.24
N GLY B 410 -22.11 -32.84 -35.18
CA GLY B 410 -21.60 -32.71 -36.53
C GLY B 410 -21.70 -33.95 -37.39
N GLN B 411 -22.37 -35.00 -36.91
CA GLN B 411 -22.47 -36.24 -37.66
C GLN B 411 -23.76 -36.29 -38.47
N THR B 412 -23.83 -37.25 -39.39
CA THR B 412 -24.98 -37.43 -40.24
C THR B 412 -25.27 -38.92 -40.40
N GLY B 413 -26.51 -39.23 -40.73
CA GLY B 413 -26.92 -40.60 -40.93
C GLY B 413 -28.38 -40.77 -40.58
N ASN B 414 -28.84 -42.02 -40.64
CA ASN B 414 -30.23 -42.32 -40.35
C ASN B 414 -30.55 -42.09 -38.88
N ILE B 415 -29.72 -42.59 -37.97
CA ILE B 415 -29.99 -42.45 -36.54
C ILE B 415 -29.90 -40.99 -36.12
N ALA B 416 -28.86 -40.29 -36.58
CA ALA B 416 -28.66 -38.91 -36.16
C ALA B 416 -29.79 -37.99 -36.65
N ASP B 417 -30.28 -38.21 -37.86
CA ASP B 417 -31.24 -37.29 -38.45
C ASP B 417 -32.67 -37.69 -38.13
N TYR B 418 -32.96 -38.99 -38.02
CA TYR B 418 -34.33 -39.47 -37.97
C TYR B 418 -34.70 -40.17 -36.68
N ASN B 419 -33.72 -40.60 -35.89
CA ASN B 419 -34.00 -41.36 -34.66
C ASN B 419 -33.60 -40.57 -33.41
N TYR B 420 -32.37 -40.09 -33.32
CA TYR B 420 -31.91 -39.34 -32.16
C TYR B 420 -30.85 -38.35 -32.61
N LYS B 421 -31.12 -37.06 -32.42
CA LYS B 421 -30.23 -35.99 -32.83
C LYS B 421 -29.54 -35.39 -31.62
N LEU B 422 -28.22 -35.25 -31.70
CA LEU B 422 -27.42 -34.64 -30.66
C LEU B 422 -26.98 -33.24 -31.08
N PRO B 423 -27.00 -32.27 -30.16
CA PRO B 423 -26.61 -30.91 -30.51
C PRO B 423 -25.11 -30.81 -30.75
N ASP B 424 -24.72 -29.77 -31.49
CA ASP B 424 -23.31 -29.53 -31.74
C ASP B 424 -22.56 -29.23 -30.44
N ASP B 425 -23.16 -28.41 -29.57
CA ASP B 425 -22.56 -28.09 -28.28
C ASP B 425 -23.10 -29.01 -27.18
N PHE B 426 -22.91 -30.31 -27.40
CA PHE B 426 -23.39 -31.33 -26.48
C PHE B 426 -22.38 -31.52 -25.36
N THR B 427 -22.84 -31.40 -24.12
CA THR B 427 -22.01 -31.57 -22.94
C THR B 427 -22.43 -32.87 -22.25
N GLY B 428 -21.68 -33.93 -22.51
CA GLY B 428 -21.98 -35.21 -21.91
C GLY B 428 -21.24 -36.33 -22.61
N CYS B 429 -21.47 -37.54 -22.12
CA CYS B 429 -20.81 -38.73 -22.63
C CYS B 429 -21.82 -39.65 -23.30
N VAL B 430 -21.31 -40.59 -24.09
CA VAL B 430 -22.10 -41.68 -24.64
C VAL B 430 -21.38 -42.98 -24.32
N ILE B 431 -22.15 -44.01 -23.95
CA ILE B 431 -21.62 -45.32 -23.63
C ILE B 431 -22.34 -46.36 -24.48
N ALA B 432 -21.57 -47.24 -25.11
CA ALA B 432 -22.13 -48.29 -25.95
C ALA B 432 -21.46 -49.61 -25.59
N TRP B 433 -22.27 -50.67 -25.50
CA TRP B 433 -21.70 -51.99 -25.25
C TRP B 433 -22.52 -53.05 -25.96
N ASN B 434 -21.84 -54.11 -26.37
CA ASN B 434 -22.49 -55.20 -27.09
C ASN B 434 -23.46 -55.94 -26.17
N SER B 435 -24.58 -56.37 -26.73
CA SER B 435 -25.61 -57.08 -25.99
C SER B 435 -26.10 -58.28 -26.80
N ASN B 436 -25.14 -59.04 -27.35
CA ASN B 436 -25.49 -60.22 -28.12
C ASN B 436 -26.18 -61.28 -27.27
N LYS B 437 -25.82 -61.37 -25.99
CA LYS B 437 -26.37 -62.42 -25.14
C LYS B 437 -27.82 -62.17 -24.78
N LEU B 438 -28.28 -60.92 -24.82
CA LEU B 438 -29.63 -60.56 -24.40
C LEU B 438 -30.51 -60.11 -25.55
N ASP B 439 -29.97 -59.34 -26.49
CA ASP B 439 -30.76 -58.72 -27.56
C ASP B 439 -30.75 -59.55 -28.84
N SER B 440 -30.15 -60.73 -28.84
CA SER B 440 -30.07 -61.56 -30.03
C SER B 440 -30.66 -62.95 -29.74
N LYS B 441 -31.47 -63.43 -30.67
CA LYS B 441 -32.02 -64.76 -30.60
C LYS B 441 -31.74 -65.48 -31.92
N VAL B 442 -31.70 -66.81 -31.84
CA VAL B 442 -31.39 -67.61 -33.02
C VAL B 442 -32.42 -67.38 -34.12
N SER B 443 -33.70 -67.25 -33.74
CA SER B 443 -34.73 -66.91 -34.72
C SER B 443 -34.59 -65.47 -35.18
N GLY B 444 -34.21 -64.57 -34.28
CA GLY B 444 -34.10 -63.16 -34.60
C GLY B 444 -35.06 -62.31 -33.79
N ASN B 445 -34.55 -61.23 -33.20
CA ASN B 445 -35.36 -60.34 -32.36
C ASN B 445 -35.78 -59.15 -33.20
N TYR B 446 -37.10 -58.99 -33.38
CA TYR B 446 -37.66 -57.90 -34.16
C TYR B 446 -38.34 -56.86 -33.29
N ASN B 447 -38.16 -56.93 -31.98
CA ASN B 447 -38.77 -55.97 -31.05
C ASN B 447 -38.15 -54.59 -31.15
N TYR B 448 -37.02 -54.43 -31.83
CA TYR B 448 -36.30 -53.17 -31.94
C TYR B 448 -36.56 -52.57 -33.30
N LEU B 449 -36.97 -51.30 -33.32
CA LEU B 449 -37.31 -50.60 -34.55
C LEU B 449 -36.66 -49.24 -34.57
N TYR B 450 -36.38 -48.75 -35.78
CA TYR B 450 -35.77 -47.45 -36.01
C TYR B 450 -36.55 -46.69 -37.07
N ARG B 451 -36.63 -45.37 -36.90
CA ARG B 451 -37.32 -44.52 -37.86
C ARG B 451 -36.44 -44.31 -39.08
N LEU B 452 -36.87 -44.83 -40.23
CA LEU B 452 -36.10 -44.70 -41.46
C LEU B 452 -36.59 -43.58 -42.35
N PHE B 453 -37.86 -43.17 -42.23
CA PHE B 453 -38.44 -42.18 -43.11
C PHE B 453 -39.13 -41.09 -42.30
N ARG B 454 -38.91 -39.84 -42.69
CA ARG B 454 -39.55 -38.68 -42.08
C ARG B 454 -39.46 -37.52 -43.05
N LYS B 455 -40.35 -36.53 -42.86
CA LYS B 455 -40.35 -35.37 -43.73
C LYS B 455 -39.20 -34.42 -43.45
N SER B 456 -38.61 -34.47 -42.26
CA SER B 456 -37.52 -33.58 -41.91
C SER B 456 -36.68 -34.21 -40.81
N ASN B 457 -35.48 -33.66 -40.62
CA ASN B 457 -34.57 -34.15 -39.61
C ASN B 457 -35.06 -33.75 -38.21
N LEU B 458 -34.65 -34.53 -37.22
CA LEU B 458 -35.09 -34.31 -35.85
C LEU B 458 -34.29 -33.19 -35.19
N LYS B 459 -34.94 -32.50 -34.25
CA LYS B 459 -34.29 -31.52 -33.42
C LYS B 459 -33.44 -32.22 -32.36
N PRO B 460 -32.50 -31.52 -31.74
CA PRO B 460 -31.75 -32.12 -30.63
C PRO B 460 -32.68 -32.56 -29.51
N PHE B 461 -32.43 -33.76 -28.98
CA PHE B 461 -33.24 -34.37 -27.92
C PHE B 461 -34.72 -34.41 -28.29
N GLU B 462 -35.01 -34.73 -29.55
CA GLU B 462 -36.37 -34.83 -30.03
C GLU B 462 -36.75 -36.30 -30.26
N ARG B 463 -37.85 -36.72 -29.65
CA ARG B 463 -38.36 -38.08 -29.80
C ARG B 463 -39.63 -38.02 -30.63
N ASP B 464 -39.64 -38.73 -31.76
CA ASP B 464 -40.79 -38.79 -32.67
C ASP B 464 -41.30 -40.22 -32.67
N ILE B 465 -42.44 -40.44 -32.02
CA ILE B 465 -43.05 -41.75 -31.94
C ILE B 465 -44.28 -41.86 -32.84
N SER B 466 -44.43 -40.92 -33.77
CA SER B 466 -45.57 -40.95 -34.69
C SER B 466 -45.46 -42.12 -35.64
N THR B 467 -46.60 -42.73 -35.96
CA THR B 467 -46.67 -43.89 -36.85
C THR B 467 -47.39 -43.56 -38.15
N GLU B 468 -47.42 -42.28 -38.53
CA GLU B 468 -48.07 -41.86 -39.75
C GLU B 468 -47.29 -42.36 -40.97
N ILE B 469 -48.01 -42.75 -42.01
CA ILE B 469 -47.40 -43.33 -43.19
C ILE B 469 -46.59 -42.25 -43.92
N TYR B 470 -45.33 -42.57 -44.22
CA TYR B 470 -44.45 -41.61 -44.87
C TYR B 470 -44.97 -41.24 -46.24
N GLN B 471 -44.96 -39.94 -46.55
CA GLN B 471 -45.42 -39.41 -47.83
C GLN B 471 -44.20 -39.21 -48.72
N ALA B 472 -43.93 -40.21 -49.57
CA ALA B 472 -42.78 -40.15 -50.47
C ALA B 472 -43.14 -39.66 -51.87
N GLY B 473 -44.38 -39.87 -52.32
CA GLY B 473 -44.82 -39.49 -53.64
C GLY B 473 -45.84 -38.36 -53.61
N ASN B 474 -46.27 -37.99 -54.81
CA ASN B 474 -47.25 -36.91 -54.95
C ASN B 474 -48.65 -37.33 -54.49
N LYS B 475 -49.05 -38.57 -54.77
CA LYS B 475 -50.36 -39.04 -54.37
C LYS B 475 -50.44 -39.18 -52.86
N PRO B 476 -51.55 -38.72 -52.25
CA PRO B 476 -51.71 -38.88 -50.80
C PRO B 476 -51.78 -40.35 -50.41
N CYS B 477 -51.21 -40.64 -49.23
CA CYS B 477 -51.16 -42.02 -48.75
C CYS B 477 -52.52 -42.49 -48.24
N ASN B 478 -53.27 -41.61 -47.58
CA ASN B 478 -54.58 -41.93 -47.02
C ASN B 478 -54.53 -43.12 -46.07
N GLY B 479 -53.45 -43.24 -45.30
CA GLY B 479 -53.33 -44.29 -44.31
C GLY B 479 -53.03 -45.67 -44.85
N VAL B 480 -52.73 -45.80 -46.13
CA VAL B 480 -52.44 -47.09 -46.77
C VAL B 480 -51.00 -47.07 -47.24
N ALA B 481 -50.23 -48.08 -46.84
CA ALA B 481 -48.82 -48.19 -47.22
C ALA B 481 -48.73 -48.79 -48.62
N GLY B 482 -49.16 -47.99 -49.61
CA GLY B 482 -49.14 -48.42 -50.99
C GLY B 482 -47.94 -47.90 -51.75
N PHE B 483 -48.13 -47.53 -53.01
CA PHE B 483 -47.04 -46.99 -53.82
C PHE B 483 -46.58 -45.66 -53.26
N ASN B 484 -45.26 -45.52 -53.11
CA ASN B 484 -44.63 -44.32 -52.55
C ASN B 484 -45.13 -44.01 -51.14
N CYS B 485 -45.59 -45.03 -50.42
CA CYS B 485 -46.08 -44.88 -49.06
C CYS B 485 -45.52 -46.03 -48.22
N TYR B 486 -44.71 -45.69 -47.22
CA TYR B 486 -44.03 -46.66 -46.40
C TYR B 486 -44.23 -46.35 -44.92
N PHE B 487 -44.21 -47.40 -44.11
CA PHE B 487 -44.25 -47.21 -42.67
C PHE B 487 -42.92 -46.65 -42.20
N PRO B 488 -42.90 -45.58 -41.40
CA PRO B 488 -41.63 -44.92 -41.07
C PRO B 488 -40.67 -45.76 -40.22
N LEU B 489 -41.13 -46.84 -39.62
CA LEU B 489 -40.31 -47.63 -38.71
C LEU B 489 -39.97 -48.97 -39.34
N ARG B 490 -38.68 -49.28 -39.38
CA ARG B 490 -38.16 -50.56 -39.84
C ARG B 490 -37.59 -51.34 -38.66
N SER B 491 -37.75 -52.65 -38.70
CA SER B 491 -37.35 -53.52 -37.60
C SER B 491 -35.95 -54.06 -37.84
N TYR B 492 -35.10 -53.96 -36.81
CA TYR B 492 -33.77 -54.53 -36.86
C TYR B 492 -33.88 -56.05 -36.74
N SER B 493 -33.26 -56.77 -37.68
CA SER B 493 -33.27 -58.23 -37.66
C SER B 493 -31.91 -58.70 -37.15
N PHE B 494 -31.75 -58.72 -35.83
CA PHE B 494 -30.51 -59.11 -35.21
C PHE B 494 -30.41 -60.63 -35.08
N ARG B 495 -29.22 -61.16 -35.33
CA ARG B 495 -28.93 -62.57 -35.17
C ARG B 495 -27.57 -62.75 -34.49
N PRO B 496 -27.39 -63.84 -33.75
CA PRO B 496 -26.15 -64.00 -32.98
C PRO B 496 -24.94 -64.37 -33.83
N THR B 497 -25.13 -64.52 -35.14
CA THR B 497 -24.05 -64.89 -36.04
C THR B 497 -23.70 -63.77 -37.02
N TYR B 498 -24.03 -62.52 -36.67
CA TYR B 498 -23.76 -61.40 -37.55
C TYR B 498 -22.41 -60.75 -37.22
N GLY B 499 -21.96 -59.90 -38.12
CA GLY B 499 -20.68 -59.23 -37.97
C GLY B 499 -20.69 -58.11 -36.96
N VAL B 500 -19.50 -57.55 -36.70
CA VAL B 500 -19.40 -56.46 -35.73
C VAL B 500 -20.16 -55.22 -36.20
N GLY B 501 -20.28 -55.03 -37.51
CA GLY B 501 -21.02 -53.90 -38.02
C GLY B 501 -22.52 -53.99 -37.88
N HIS B 502 -23.04 -55.17 -37.54
CA HIS B 502 -24.47 -55.37 -37.36
C HIS B 502 -24.83 -55.88 -35.98
N GLN B 503 -23.85 -56.03 -35.08
CA GLN B 503 -24.12 -56.56 -33.75
C GLN B 503 -24.98 -55.56 -32.95
N PRO B 504 -25.88 -56.08 -32.11
CA PRO B 504 -26.71 -55.18 -31.29
C PRO B 504 -25.88 -54.52 -30.20
N TYR B 505 -25.89 -53.20 -30.18
CA TYR B 505 -25.19 -52.42 -29.17
C TYR B 505 -26.21 -51.61 -28.37
N ARG B 506 -26.22 -51.81 -27.05
CA ARG B 506 -27.03 -51.00 -26.15
C ARG B 506 -26.26 -49.72 -25.84
N VAL B 507 -26.93 -48.58 -25.97
CA VAL B 507 -26.31 -47.27 -25.89
C VAL B 507 -27.07 -46.42 -24.88
N VAL B 508 -26.34 -45.77 -23.99
CA VAL B 508 -26.89 -44.79 -23.06
C VAL B 508 -26.12 -43.49 -23.24
N VAL B 509 -26.83 -42.40 -23.49
CA VAL B 509 -26.25 -41.07 -23.62
C VAL B 509 -26.55 -40.31 -22.34
N LEU B 510 -25.49 -39.88 -21.65
CA LEU B 510 -25.63 -39.11 -20.42
C LEU B 510 -25.32 -37.65 -20.72
N SER B 511 -26.32 -36.80 -20.56
CA SER B 511 -26.19 -35.37 -20.78
C SER B 511 -26.32 -34.65 -19.44
N PHE B 512 -25.31 -33.87 -19.09
CA PHE B 512 -25.26 -33.18 -17.80
C PHE B 512 -25.57 -31.70 -18.00
N GLU B 513 -26.55 -31.19 -17.26
CA GLU B 513 -26.95 -29.81 -17.39
C GLU B 513 -26.86 -29.10 -16.05
N LEU B 514 -26.44 -27.84 -16.10
CA LEU B 514 -26.38 -26.96 -14.93
C LEU B 514 -27.16 -25.70 -15.23
N LEU B 515 -28.02 -25.31 -14.30
CA LEU B 515 -28.86 -24.13 -14.43
C LEU B 515 -28.66 -23.22 -13.22
N HIS B 516 -29.51 -22.20 -13.12
CA HIS B 516 -29.48 -21.29 -11.98
C HIS B 516 -29.77 -21.98 -10.66
N ALA B 517 -30.50 -23.09 -10.68
CA ALA B 517 -30.80 -23.82 -9.45
C ALA B 517 -29.52 -24.41 -8.88
N PRO B 518 -29.48 -24.62 -7.55
CA PRO B 518 -28.27 -25.21 -6.94
C PRO B 518 -28.02 -26.62 -7.46
N ALA B 519 -26.86 -26.84 -8.05
CA ALA B 519 -26.50 -28.15 -8.57
C ALA B 519 -26.49 -29.18 -7.44
N THR B 520 -27.13 -30.32 -7.70
CA THR B 520 -27.30 -31.35 -6.69
C THR B 520 -26.71 -32.69 -7.06
N VAL B 521 -26.43 -32.94 -8.34
CA VAL B 521 -25.87 -34.21 -8.79
C VAL B 521 -24.37 -34.16 -8.52
N CYS B 522 -23.97 -34.61 -7.34
CA CYS B 522 -22.59 -34.56 -6.89
C CYS B 522 -21.92 -35.91 -7.05
N GLY B 523 -20.59 -35.90 -7.09
CA GLY B 523 -19.81 -37.11 -7.10
C GLY B 523 -19.44 -37.55 -5.71
N PRO B 524 -19.08 -38.83 -5.58
CA PRO B 524 -18.67 -39.35 -4.28
C PRO B 524 -17.39 -38.69 -3.81
N LYS B 525 -17.38 -38.28 -2.54
CA LYS B 525 -16.25 -37.60 -1.94
C LYS B 525 -15.52 -38.58 -1.02
N LYS B 526 -14.26 -38.88 -1.35
CA LYS B 526 -13.48 -39.85 -0.53
C LYS B 526 -13.00 -39.16 0.75
N SER B 527 -13.32 -39.73 1.91
CA SER B 527 -12.93 -39.09 3.20
C SER B 527 -11.64 -39.72 3.73
N THR B 528 -10.56 -38.92 3.81
CA THR B 528 -9.27 -39.41 4.37
C THR B 528 -9.38 -39.58 5.89
N ASN B 529 -8.66 -40.55 6.45
CA ASN B 529 -8.66 -40.73 7.93
C ASN B 529 -8.09 -39.45 8.57
N LEU B 530 -8.51 -39.13 9.79
CA LEU B 530 -8.10 -37.85 10.43
C LEU B 530 -6.93 -38.06 11.40
N VAL B 531 -5.83 -37.32 11.21
CA VAL B 531 -4.69 -37.40 12.18
C VAL B 531 -4.89 -36.30 13.22
N LYS B 532 -4.52 -36.55 14.48
CA LYS B 532 -4.82 -35.54 15.54
C LYS B 532 -3.57 -35.27 16.38
N ASN B 533 -3.58 -34.18 17.15
CA ASN B 533 -2.44 -33.82 18.03
C ASN B 533 -1.16 -33.72 17.19
N LYS B 534 -1.25 -33.09 16.02
CA LYS B 534 -0.07 -32.90 15.13
C LYS B 534 -0.36 -31.73 14.18
N CYS B 535 0.64 -31.27 13.43
CA CYS B 535 0.33 -30.22 12.42
C CYS B 535 -0.27 -30.92 11.20
N VAL B 536 -1.58 -31.16 11.23
CA VAL B 536 -2.23 -31.94 10.15
C VAL B 536 -3.23 -31.08 9.39
N ASN B 537 -2.88 -30.68 8.17
CA ASN B 537 -3.82 -29.93 7.33
C ASN B 537 -5.17 -30.62 7.40
N PHE B 538 -6.24 -29.83 7.30
CA PHE B 538 -7.59 -30.36 7.36
C PHE B 538 -8.48 -29.65 6.36
N ASN B 539 -9.35 -30.42 5.72
CA ASN B 539 -10.35 -29.90 4.79
C ASN B 539 -11.69 -30.51 5.24
N PHE B 540 -12.41 -29.77 6.07
CA PHE B 540 -13.66 -30.22 6.66
C PHE B 540 -14.80 -29.61 5.87
N ASN B 541 -15.47 -30.44 5.07
CA ASN B 541 -16.66 -30.01 4.31
C ASN B 541 -16.38 -28.80 3.44
N GLY B 542 -15.20 -28.76 2.83
CA GLY B 542 -14.80 -27.67 1.98
C GLY B 542 -14.12 -26.51 2.70
N LEU B 543 -14.00 -26.57 4.02
CA LEU B 543 -13.32 -25.54 4.80
C LEU B 543 -11.89 -26.01 5.07
N LYS B 544 -10.92 -25.30 4.53
CA LYS B 544 -9.52 -25.72 4.58
C LYS B 544 -8.76 -24.91 5.62
N GLY B 545 -7.87 -25.60 6.33
CA GLY B 545 -7.04 -24.95 7.34
C GLY B 545 -5.88 -25.84 7.72
N THR B 546 -5.02 -25.29 8.58
CA THR B 546 -3.84 -26.00 9.06
C THR B 546 -3.72 -25.77 10.55
N GLY B 547 -3.47 -26.85 11.30
CA GLY B 547 -3.28 -26.71 12.72
C GLY B 547 -3.30 -28.06 13.41
N VAL B 548 -3.16 -28.02 14.73
CA VAL B 548 -3.20 -29.20 15.58
C VAL B 548 -4.63 -29.38 16.06
N LEU B 549 -5.17 -30.57 15.83
CA LEU B 549 -6.53 -30.91 16.22
C LEU B 549 -6.50 -31.47 17.64
N THR B 550 -7.38 -30.98 18.50
CA THR B 550 -7.47 -31.46 19.87
C THR B 550 -8.93 -31.64 20.25
N GLU B 551 -9.17 -32.49 21.25
CA GLU B 551 -10.51 -32.67 21.77
C GLU B 551 -10.97 -31.40 22.48
N SER B 552 -12.24 -31.05 22.31
CA SER B 552 -12.78 -29.79 22.80
C SER B 552 -13.84 -30.02 23.86
N ASN B 553 -13.95 -29.07 24.79
CA ASN B 553 -14.97 -29.09 25.82
C ASN B 553 -16.17 -28.21 25.50
N LYS B 554 -16.11 -27.45 24.41
CA LYS B 554 -17.23 -26.59 24.06
C LYS B 554 -18.43 -27.41 23.60
N LYS B 555 -19.62 -26.89 23.86
CA LYS B 555 -20.87 -27.58 23.57
C LYS B 555 -21.60 -26.81 22.47
N PHE B 556 -21.49 -27.29 21.24
CA PHE B 556 -22.24 -26.70 20.14
C PHE B 556 -23.73 -26.98 20.30
N LEU B 557 -24.55 -26.08 19.77
CA LEU B 557 -25.96 -26.36 19.62
C LEU B 557 -26.15 -27.41 18.53
N PRO B 558 -27.28 -28.11 18.52
CA PRO B 558 -27.43 -29.24 17.59
C PRO B 558 -27.16 -28.90 16.14
N PHE B 559 -27.55 -27.71 15.67
CA PHE B 559 -27.31 -27.37 14.28
C PHE B 559 -25.95 -26.75 14.03
N GLN B 560 -25.21 -26.40 15.08
CA GLN B 560 -23.94 -25.69 14.90
C GLN B 560 -22.91 -26.58 14.22
N GLN B 561 -22.17 -25.99 13.28
CA GLN B 561 -21.15 -26.72 12.54
C GLN B 561 -19.75 -26.17 12.81
N PHE B 562 -19.53 -24.89 12.60
CA PHE B 562 -18.20 -24.28 12.76
C PHE B 562 -18.17 -23.41 14.00
N GLY B 563 -17.01 -23.33 14.62
CA GLY B 563 -16.82 -22.47 15.77
C GLY B 563 -15.84 -21.36 15.50
N ARG B 564 -16.13 -20.15 15.97
CA ARG B 564 -15.27 -19.00 15.74
C ARG B 564 -14.89 -18.36 17.06
N ASP B 565 -13.75 -17.69 17.07
CA ASP B 565 -13.20 -17.08 18.27
C ASP B 565 -13.43 -15.57 18.25
N ILE B 566 -12.81 -14.86 19.19
CA ILE B 566 -12.89 -13.40 19.23
C ILE B 566 -12.31 -12.81 17.95
N ALA B 567 -11.41 -13.53 17.30
CA ALA B 567 -10.70 -13.05 16.13
C ALA B 567 -11.49 -13.23 14.84
N ASP B 568 -12.70 -13.75 14.91
CA ASP B 568 -13.50 -14.07 13.73
C ASP B 568 -12.74 -15.02 12.80
N THR B 569 -12.08 -16.00 13.39
CA THR B 569 -11.35 -17.02 12.65
C THR B 569 -11.74 -18.39 13.21
N THR B 570 -11.74 -19.38 12.33
CA THR B 570 -12.18 -20.72 12.73
C THR B 570 -11.29 -21.27 13.84
N ASP B 571 -11.91 -21.63 14.96
CA ASP B 571 -11.21 -22.22 16.09
C ASP B 571 -11.79 -23.54 16.55
N ALA B 572 -13.06 -23.81 16.29
CA ALA B 572 -13.69 -25.08 16.63
C ALA B 572 -14.41 -25.62 15.41
N VAL B 573 -14.34 -26.93 15.22
CA VAL B 573 -14.97 -27.59 14.07
C VAL B 573 -15.71 -28.82 14.58
N ARG B 574 -16.66 -29.29 13.77
CA ARG B 574 -17.41 -30.49 14.06
C ARG B 574 -17.17 -31.51 12.97
N ASP B 575 -16.76 -32.71 13.37
CA ASP B 575 -16.43 -33.75 12.40
C ASP B 575 -17.68 -34.19 11.65
N PRO B 576 -17.66 -34.18 10.32
CA PRO B 576 -18.88 -34.54 9.56
C PRO B 576 -19.34 -35.98 9.80
N GLN B 577 -18.42 -36.90 10.04
CA GLN B 577 -18.78 -38.32 10.19
C GLN B 577 -19.23 -38.65 11.60
N THR B 578 -18.52 -38.14 12.61
CA THR B 578 -18.87 -38.37 14.00
C THR B 578 -19.19 -37.04 14.67
N LEU B 579 -20.32 -36.99 15.36
CA LEU B 579 -20.77 -35.74 15.97
C LEU B 579 -19.93 -35.41 17.20
N GLU B 580 -18.86 -34.64 16.99
CA GLU B 580 -17.99 -34.23 18.08
C GLU B 580 -17.38 -32.87 17.75
N ILE B 581 -16.72 -32.28 18.75
CA ILE B 581 -16.18 -30.93 18.65
C ILE B 581 -14.66 -31.01 18.80
N LEU B 582 -13.95 -30.34 17.89
CA LEU B 582 -12.49 -30.35 17.88
C LEU B 582 -11.97 -28.93 17.86
N ASP B 583 -11.09 -28.62 18.80
CA ASP B 583 -10.37 -27.35 18.81
C ASP B 583 -9.21 -27.40 17.83
N ILE B 584 -8.86 -26.25 17.26
CA ILE B 584 -7.76 -26.19 16.26
C ILE B 584 -6.73 -25.16 16.71
N THR B 585 -5.80 -25.55 17.59
CA THR B 585 -4.72 -24.63 18.04
C THR B 585 -3.70 -24.49 16.92
N PRO B 586 -2.77 -23.51 16.97
CA PRO B 586 -1.83 -23.30 15.87
C PRO B 586 -0.64 -24.26 15.88
N CYS B 587 0.09 -24.35 14.77
CA CYS B 587 1.29 -25.22 14.69
C CYS B 587 2.51 -24.42 15.14
N SER B 588 2.50 -23.11 14.88
CA SER B 588 3.64 -22.24 15.24
C SER B 588 3.30 -21.40 16.48
N PHE B 589 3.29 -22.02 17.66
CA PHE B 589 2.96 -21.29 18.92
C PHE B 589 4.15 -21.38 19.89
N GLY B 590 4.57 -20.25 20.46
CA GLY B 590 5.68 -20.24 21.43
C GLY B 590 6.75 -19.23 21.07
N GLY B 591 6.72 -18.04 21.68
CA GLY B 591 7.71 -16.99 21.38
C GLY B 591 9.12 -17.42 21.75
N VAL B 592 10.13 -16.95 21.01
CA VAL B 592 11.54 -17.39 21.26
C VAL B 592 12.47 -16.17 21.18
N SER B 593 13.50 -16.12 22.04
CA SER B 593 14.49 -15.01 22.01
C SER B 593 15.86 -15.56 22.45
N VAL B 594 16.96 -14.95 22.00
CA VAL B 594 18.29 -15.55 22.32
C VAL B 594 19.14 -14.56 23.12
N ILE B 595 19.26 -14.76 24.44
CA ILE B 595 20.14 -13.90 25.27
C ILE B 595 21.58 -14.32 24.97
N THR B 596 22.48 -13.36 24.76
CA THR B 596 23.86 -13.69 24.42
C THR B 596 24.80 -12.54 24.75
N PRO B 597 25.95 -12.82 25.34
CA PRO B 597 27.01 -11.81 25.39
C PRO B 597 27.61 -11.63 24.01
N GLY B 598 28.39 -10.56 23.86
CA GLY B 598 29.01 -10.27 22.60
C GLY B 598 29.86 -11.42 22.08
N THR B 599 29.68 -11.76 20.80
CA THR B 599 30.47 -12.86 20.21
C THR B 599 31.96 -12.56 20.25
N ASN B 600 32.35 -11.29 20.39
CA ASN B 600 33.75 -10.98 20.64
C ASN B 600 34.23 -11.58 21.95
N THR B 601 33.31 -11.83 22.88
CA THR B 601 33.66 -12.38 24.19
C THR B 601 33.51 -13.90 24.21
N SER B 602 32.30 -14.40 23.96
CA SER B 602 32.04 -15.83 24.06
C SER B 602 30.89 -16.19 23.13
N ASN B 603 30.72 -17.49 22.91
CA ASN B 603 29.70 -18.01 22.01
C ASN B 603 28.52 -18.65 22.74
N GLN B 604 28.56 -18.71 24.06
CA GLN B 604 27.48 -19.32 24.82
C GLN B 604 26.23 -18.44 24.76
N VAL B 605 25.07 -19.10 24.64
CA VAL B 605 23.80 -18.41 24.53
C VAL B 605 22.79 -19.08 25.45
N ALA B 606 21.70 -18.36 25.74
CA ALA B 606 20.58 -18.89 26.48
C ALA B 606 19.31 -18.60 25.70
N VAL B 607 18.31 -19.44 25.89
CA VAL B 607 17.08 -19.38 25.10
C VAL B 607 15.91 -19.11 26.05
N LEU B 608 15.11 -18.11 25.71
CA LEU B 608 13.93 -17.76 26.49
C LEU B 608 12.70 -17.97 25.64
N TYR B 609 11.84 -18.88 26.05
CA TYR B 609 10.56 -19.12 25.39
C TYR B 609 9.49 -18.30 26.11
N GLN B 610 8.86 -17.38 25.40
CA GLN B 610 7.93 -16.44 26.02
C GLN B 610 6.56 -17.07 26.20
N GLY B 611 6.03 -16.98 27.42
CA GLY B 611 4.68 -17.43 27.69
C GLY B 611 4.48 -18.92 27.61
N VAL B 612 5.52 -19.71 27.84
CA VAL B 612 5.44 -21.16 27.77
C VAL B 612 5.88 -21.74 29.11
N ASN B 613 5.04 -22.61 29.67
CA ASN B 613 5.42 -23.31 30.90
C ASN B 613 6.61 -24.22 30.63
N CYS B 614 7.46 -24.38 31.64
CA CYS B 614 8.76 -25.01 31.44
C CYS B 614 8.67 -26.49 31.11
N THR B 615 7.51 -27.12 31.26
CA THR B 615 7.39 -28.54 31.00
C THR B 615 6.82 -28.85 29.62
N GLU B 616 6.69 -27.85 28.74
CA GLU B 616 6.13 -28.04 27.41
C GLU B 616 7.13 -27.72 26.31
N VAL B 617 8.40 -28.02 26.53
CA VAL B 617 9.42 -27.77 25.53
C VAL B 617 10.22 -29.05 25.27
N ASN B 638 19.23 -27.04 34.12
CA ASN B 638 19.43 -25.60 34.00
C ASN B 638 18.21 -24.94 33.39
N VAL B 639 17.04 -25.23 33.95
CA VAL B 639 15.77 -24.69 33.48
C VAL B 639 15.18 -23.83 34.58
N PHE B 640 14.80 -22.60 34.24
CA PHE B 640 14.23 -21.66 35.18
C PHE B 640 12.88 -21.18 34.67
N GLN B 641 11.96 -20.96 35.60
CA GLN B 641 10.62 -20.48 35.28
C GLN B 641 10.49 -19.02 35.71
N THR B 642 10.19 -18.15 34.75
CA THR B 642 9.99 -16.73 35.01
C THR B 642 8.60 -16.33 34.56
N ARG B 643 8.18 -15.14 34.98
CA ARG B 643 6.87 -14.63 34.59
C ARG B 643 6.78 -14.44 33.08
N ALA B 644 7.83 -13.91 32.45
CA ALA B 644 7.82 -13.75 31.00
C ALA B 644 7.77 -15.10 30.30
N GLY B 645 8.50 -16.09 30.81
CA GLY B 645 8.52 -17.39 30.18
C GLY B 645 9.52 -18.34 30.79
N CYS B 646 9.95 -19.34 30.02
CA CYS B 646 10.88 -20.35 30.48
C CYS B 646 12.26 -20.07 29.92
N LEU B 647 13.27 -20.08 30.79
CA LEU B 647 14.63 -19.73 30.42
C LEU B 647 15.52 -20.96 30.55
N ILE B 648 16.27 -21.27 29.49
CA ILE B 648 17.13 -22.43 29.44
C ILE B 648 18.53 -22.00 29.07
N GLY B 649 19.53 -22.60 29.70
CA GLY B 649 20.92 -22.31 29.41
C GLY B 649 21.61 -21.42 30.42
N ALA B 650 20.88 -20.89 31.39
CA ALA B 650 21.46 -20.06 32.44
C ALA B 650 20.97 -20.54 33.79
N GLU B 651 21.82 -20.40 34.80
CA GLU B 651 21.52 -20.88 36.15
C GLU B 651 21.12 -19.72 37.04
N TYR B 652 20.03 -19.90 37.79
CA TYR B 652 19.61 -18.89 38.74
C TYR B 652 20.61 -18.78 39.88
N VAL B 653 20.85 -17.57 40.34
CA VAL B 653 21.79 -17.29 41.42
C VAL B 653 21.08 -16.50 42.50
N ASN B 654 21.20 -16.97 43.75
CA ASN B 654 20.60 -16.25 44.87
C ASN B 654 21.21 -14.87 45.07
N ASN B 655 22.45 -14.68 44.66
CA ASN B 655 23.08 -13.37 44.77
C ASN B 655 22.37 -12.36 43.87
N SER B 656 22.54 -11.09 44.18
CA SER B 656 21.86 -10.01 43.48
C SER B 656 22.89 -8.98 43.01
N TYR B 657 22.73 -8.51 41.78
CA TYR B 657 23.58 -7.46 41.22
C TYR B 657 22.74 -6.42 40.50
N GLU B 658 23.38 -5.49 39.82
CA GLU B 658 22.67 -4.56 38.97
C GLU B 658 22.34 -5.21 37.63
N CYS B 659 21.34 -4.66 36.95
CA CYS B 659 20.89 -5.25 35.69
C CYS B 659 21.91 -5.00 34.59
N ASP B 660 22.22 -6.05 33.83
CA ASP B 660 23.12 -5.97 32.69
C ASP B 660 22.41 -6.21 31.37
N ILE B 661 21.73 -7.34 31.23
CA ILE B 661 20.85 -7.60 30.10
C ILE B 661 19.44 -7.79 30.62
N PRO B 662 18.50 -6.91 30.29
CA PRO B 662 17.15 -7.02 30.88
C PRO B 662 16.38 -8.17 30.26
N ILE B 663 15.83 -9.02 31.12
CA ILE B 663 14.98 -10.13 30.70
C ILE B 663 13.51 -9.81 30.95
N GLY B 664 13.19 -9.34 32.15
CA GLY B 664 11.85 -8.89 32.46
C GLY B 664 11.36 -9.44 33.78
N ALA B 665 10.29 -8.83 34.28
CA ALA B 665 9.67 -9.24 35.54
C ALA B 665 10.69 -9.29 36.67
N GLY B 666 11.58 -8.31 36.72
CA GLY B 666 12.58 -8.25 37.75
C GLY B 666 13.75 -9.21 37.58
N ILE B 667 13.87 -9.86 36.42
CA ILE B 667 14.94 -10.80 36.17
C ILE B 667 15.87 -10.21 35.11
N CYS B 668 17.17 -10.23 35.39
CA CYS B 668 18.19 -9.78 34.46
C CYS B 668 19.29 -10.83 34.38
N ALA B 669 19.81 -11.03 33.17
CA ALA B 669 20.85 -12.02 32.91
C ALA B 669 22.15 -11.32 32.55
N SER B 670 23.26 -12.00 32.84
CA SER B 670 24.58 -11.45 32.54
C SER B 670 25.59 -12.57 32.46
N TYR B 671 26.74 -12.26 31.90
CA TYR B 671 27.83 -13.21 31.70
C TYR B 671 28.99 -12.83 32.60
N GLN B 672 29.46 -13.77 33.40
CA GLN B 672 30.58 -13.51 34.30
C GLN B 672 31.68 -14.55 34.14
N SER B 688 30.27 -18.57 32.32
CA SER B 688 28.88 -19.03 32.35
C SER B 688 27.91 -17.87 32.41
N ILE B 689 26.67 -18.11 31.98
CA ILE B 689 25.62 -17.09 31.96
C ILE B 689 24.73 -17.31 33.18
N ILE B 690 24.53 -16.26 33.97
CA ILE B 690 23.77 -16.33 35.20
C ILE B 690 22.63 -15.32 35.14
N ALA B 691 21.45 -15.75 35.59
CA ALA B 691 20.28 -14.88 35.68
C ALA B 691 19.93 -14.66 37.15
N TYR B 692 19.51 -13.45 37.48
CA TYR B 692 19.30 -13.08 38.87
C TYR B 692 18.19 -12.05 38.97
N THR B 693 17.73 -11.84 40.19
CA THR B 693 16.82 -10.73 40.47
C THR B 693 17.64 -9.46 40.68
N MET B 694 17.33 -8.42 39.92
CA MET B 694 18.14 -7.21 39.94
C MET B 694 18.06 -6.53 41.30
N SER B 695 19.16 -5.91 41.70
CA SER B 695 19.23 -5.23 42.99
C SER B 695 18.93 -3.75 42.81
N LEU B 696 17.98 -3.25 43.61
CA LEU B 696 17.57 -1.85 43.47
C LEU B 696 18.71 -0.90 43.85
N GLY B 697 19.44 -1.22 44.91
CA GLY B 697 20.54 -0.38 45.34
C GLY B 697 20.96 -0.74 46.75
N ALA B 698 22.02 -0.08 47.19
CA ALA B 698 22.55 -0.32 48.53
C ALA B 698 21.63 0.32 49.57
N GLU B 699 21.13 -0.49 50.50
CA GLU B 699 20.26 0.02 51.55
C GLU B 699 21.05 0.91 52.49
N ASN B 700 20.43 2.01 52.92
CA ASN B 700 21.06 2.97 53.81
C ASN B 700 19.99 3.53 54.74
N SER B 701 19.98 3.07 55.99
CA SER B 701 19.05 3.56 56.99
C SER B 701 19.65 4.77 57.69
N VAL B 702 18.92 5.88 57.70
CA VAL B 702 19.38 7.12 58.30
C VAL B 702 18.77 7.26 59.69
N ALA B 703 19.62 7.60 60.66
CA ALA B 703 19.19 7.70 62.05
C ALA B 703 18.47 9.02 62.24
N TYR B 704 17.15 9.00 62.13
CA TYR B 704 16.32 10.17 62.33
C TYR B 704 15.90 10.27 63.80
N SER B 705 15.96 11.48 64.34
CA SER B 705 15.51 11.73 65.69
C SER B 705 15.01 13.16 65.78
N ASN B 706 14.20 13.43 66.81
CA ASN B 706 13.48 14.69 66.89
C ASN B 706 14.25 15.80 67.61
N ASN B 707 15.51 15.57 68.00
CA ASN B 707 16.31 16.65 68.55
C ASN B 707 17.75 16.59 68.07
N SER B 708 17.99 16.04 66.89
CA SER B 708 19.34 15.94 66.35
C SER B 708 19.35 16.36 64.90
N ILE B 709 20.43 17.03 64.50
CA ILE B 709 20.63 17.48 63.12
C ILE B 709 22.03 17.05 62.69
N ALA B 710 22.26 17.08 61.39
CA ALA B 710 23.56 16.80 60.82
C ALA B 710 23.97 17.96 59.93
N ILE B 711 25.13 18.53 60.19
CA ILE B 711 25.62 19.73 59.51
C ILE B 711 26.85 19.33 58.70
N PRO B 712 26.93 19.69 57.42
CA PRO B 712 28.16 19.43 56.67
C PRO B 712 29.31 20.28 57.19
N THR B 713 30.53 19.75 57.03
CA THR B 713 31.72 20.47 57.41
C THR B 713 32.69 20.71 56.27
N ASN B 714 32.50 20.03 55.13
CA ASN B 714 33.38 20.20 53.99
C ASN B 714 32.56 20.12 52.71
N PHE B 715 33.19 20.42 51.59
CA PHE B 715 32.49 20.43 50.32
C PHE B 715 33.36 19.79 49.25
N THR B 716 32.75 19.59 48.08
CA THR B 716 33.42 19.06 46.92
C THR B 716 32.86 19.73 45.67
N ILE B 717 33.74 20.19 44.80
CA ILE B 717 33.35 20.80 43.54
C ILE B 717 33.37 19.69 42.49
N SER B 718 32.19 19.23 42.11
CA SER B 718 32.05 18.14 41.16
C SER B 718 31.76 18.69 39.77
N VAL B 719 32.18 17.95 38.75
CA VAL B 719 31.91 18.30 37.36
C VAL B 719 31.26 17.09 36.69
N THR B 720 30.10 17.31 36.07
CA THR B 720 29.37 16.25 35.40
C THR B 720 29.19 16.61 33.93
N THR B 721 28.98 15.59 33.11
CA THR B 721 28.76 15.78 31.68
C THR B 721 27.35 15.33 31.31
N GLU B 722 26.72 16.10 30.43
CA GLU B 722 25.41 15.75 29.90
C GLU B 722 25.41 15.95 28.39
N ILE B 723 25.05 14.91 27.66
CA ILE B 723 25.12 14.90 26.20
C ILE B 723 23.70 15.02 25.65
N LEU B 724 23.51 15.95 24.72
CA LEU B 724 22.18 16.13 24.13
C LEU B 724 22.26 16.26 22.62
N PRO B 725 21.55 15.43 21.87
CA PRO B 725 21.47 15.62 20.42
C PRO B 725 20.69 16.89 20.11
N VAL B 726 21.05 17.52 18.99
CA VAL B 726 20.46 18.79 18.58
C VAL B 726 19.84 18.68 17.18
N SER B 727 20.62 18.22 16.20
CA SER B 727 20.15 18.16 14.83
C SER B 727 20.50 16.81 14.21
N MET B 728 19.61 16.31 13.37
CA MET B 728 19.84 15.12 12.59
C MET B 728 20.34 15.49 11.20
N THR B 729 20.82 14.50 10.47
CA THR B 729 21.38 14.75 9.15
C THR B 729 20.28 15.11 8.17
N LYS B 730 20.46 16.21 7.46
CA LYS B 730 19.50 16.65 6.45
C LYS B 730 19.64 15.77 5.22
N THR B 731 18.54 15.23 4.74
CA THR B 731 18.54 14.31 3.61
C THR B 731 17.50 14.73 2.58
N SER B 732 17.74 14.32 1.34
CA SER B 732 16.80 14.55 0.24
C SER B 732 16.75 13.29 -0.62
N VAL B 733 15.60 13.10 -1.28
CA VAL B 733 15.35 11.91 -2.08
C VAL B 733 15.01 12.35 -3.50
N ASP B 734 15.71 11.81 -4.48
CA ASP B 734 15.34 12.01 -5.88
C ASP B 734 14.18 11.06 -6.17
N CYS B 735 12.97 11.59 -6.03
CA CYS B 735 11.75 10.79 -6.09
C CYS B 735 11.63 10.03 -7.41
N THR B 736 11.60 10.75 -8.53
CA THR B 736 11.30 10.10 -9.81
C THR B 736 12.42 9.16 -10.23
N MET B 737 13.67 9.48 -9.87
CA MET B 737 14.76 8.58 -10.25
C MET B 737 14.80 7.35 -9.35
N TYR B 738 14.46 7.51 -8.06
CA TYR B 738 14.41 6.36 -7.18
C TYR B 738 13.31 5.39 -7.59
N ILE B 739 12.11 5.90 -7.85
CA ILE B 739 10.99 5.01 -8.14
C ILE B 739 11.19 4.32 -9.48
N CYS B 740 11.57 5.07 -10.51
CA CYS B 740 11.66 4.56 -11.87
C CYS B 740 13.08 4.49 -12.40
N GLY B 741 13.81 5.61 -12.41
CA GLY B 741 15.16 5.61 -12.92
C GLY B 741 15.27 6.15 -14.34
N ASP B 742 16.02 5.46 -15.18
CA ASP B 742 16.29 5.90 -16.54
C ASP B 742 15.19 5.55 -17.52
N SER B 743 14.16 4.82 -17.10
CA SER B 743 13.07 4.47 -17.98
C SER B 743 12.09 5.64 -18.10
N THR B 744 11.88 6.10 -19.34
CA THR B 744 10.96 7.22 -19.55
C THR B 744 9.51 6.80 -19.45
N GLU B 745 9.18 5.59 -19.93
CA GLU B 745 7.80 5.12 -19.86
C GLU B 745 7.36 4.91 -18.43
N CYS B 746 8.28 4.51 -17.55
CA CYS B 746 7.95 4.39 -16.13
C CYS B 746 7.55 5.74 -15.55
N SER B 747 8.30 6.80 -15.90
CA SER B 747 7.93 8.13 -15.43
C SER B 747 6.60 8.58 -16.02
N ASN B 748 6.35 8.27 -17.29
CA ASN B 748 5.07 8.61 -17.90
C ASN B 748 3.92 7.93 -17.16
N LEU B 749 4.09 6.67 -16.80
CA LEU B 749 3.07 5.98 -16.00
C LEU B 749 2.95 6.60 -14.61
N LEU B 750 4.08 6.96 -14.00
CA LEU B 750 4.06 7.55 -12.66
C LEU B 750 3.31 8.87 -12.64
N LEU B 751 3.31 9.59 -13.76
CA LEU B 751 2.60 10.87 -13.81
C LEU B 751 1.12 10.73 -13.50
N GLN B 752 0.56 9.53 -13.64
CA GLN B 752 -0.86 9.30 -13.41
C GLN B 752 -1.21 9.14 -11.93
N TYR B 753 -0.22 9.11 -11.03
CA TYR B 753 -0.47 8.76 -9.65
C TYR B 753 -0.69 9.96 -8.73
N GLY B 754 -0.69 11.18 -9.29
CA GLY B 754 -0.99 12.33 -8.46
C GLY B 754 0.22 13.11 -8.01
N SER B 755 0.24 13.53 -6.75
CA SER B 755 1.24 14.45 -6.24
C SER B 755 1.93 13.89 -5.00
N PHE B 756 2.07 12.57 -4.91
CA PHE B 756 2.84 11.98 -3.82
C PHE B 756 4.29 12.47 -3.85
N CYS B 757 4.85 12.55 -5.06
CA CYS B 757 6.22 13.00 -5.24
C CYS B 757 6.44 14.38 -4.63
N THR B 758 5.54 15.32 -4.94
CA THR B 758 5.67 16.66 -4.41
C THR B 758 5.50 16.68 -2.89
N GLN B 759 4.61 15.85 -2.36
CA GLN B 759 4.42 15.81 -0.91
C GLN B 759 5.68 15.34 -0.21
N LEU B 760 6.32 14.29 -0.73
CA LEU B 760 7.57 13.83 -0.14
C LEU B 760 8.65 14.89 -0.23
N LYS B 761 8.75 15.56 -1.37
CA LYS B 761 9.74 16.62 -1.50
C LYS B 761 9.50 17.73 -0.47
N ARG B 762 8.25 18.13 -0.29
CA ARG B 762 7.95 19.21 0.63
C ARG B 762 8.22 18.80 2.08
N ALA B 763 7.85 17.57 2.45
CA ALA B 763 8.11 17.11 3.81
C ALA B 763 9.60 17.07 4.10
N LEU B 764 10.40 16.57 3.15
CA LEU B 764 11.84 16.53 3.35
C LEU B 764 12.41 17.94 3.45
N THR B 765 11.91 18.87 2.63
CA THR B 765 12.38 20.25 2.73
C THR B 765 12.05 20.85 4.09
N GLY B 766 10.85 20.58 4.61
CA GLY B 766 10.49 21.07 5.92
C GLY B 766 11.42 20.55 7.00
N ILE B 767 11.72 19.25 6.96
CA ILE B 767 12.65 18.69 7.94
C ILE B 767 14.03 19.32 7.81
N ALA B 768 14.48 19.52 6.57
CA ALA B 768 15.81 20.08 6.35
C ALA B 768 15.92 21.49 6.93
N VAL B 769 14.91 22.33 6.72
CA VAL B 769 14.99 23.67 7.28
C VAL B 769 14.80 23.63 8.79
N GLU B 770 14.03 22.66 9.30
CA GLU B 770 13.85 22.55 10.75
C GLU B 770 15.15 22.26 11.46
N GLN B 771 16.02 21.46 10.82
CA GLN B 771 17.32 21.17 11.44
C GLN B 771 18.15 22.43 11.65
N ASP B 772 18.23 23.28 10.62
CA ASP B 772 18.99 24.52 10.75
C ASP B 772 18.34 25.45 11.77
N LYS B 773 17.01 25.48 11.80
CA LYS B 773 16.33 26.27 12.82
C LYS B 773 16.69 25.79 14.22
N ASN B 774 16.78 24.48 14.41
CA ASN B 774 17.18 23.93 15.70
C ASN B 774 18.58 24.37 16.08
N THR B 775 19.51 24.31 15.14
CA THR B 775 20.88 24.72 15.45
C THR B 775 20.93 26.20 15.82
N GLN B 776 20.23 27.05 15.06
CA GLN B 776 20.18 28.47 15.40
C GLN B 776 19.59 28.70 16.78
N GLU B 777 18.51 27.99 17.12
CA GLU B 777 17.88 28.17 18.41
C GLU B 777 18.80 27.76 19.54
N VAL B 778 19.50 26.63 19.39
CA VAL B 778 20.35 26.14 20.47
C VAL B 778 21.57 27.04 20.66
N PHE B 779 22.26 27.38 19.58
CA PHE B 779 23.57 28.02 19.72
C PHE B 779 23.54 29.53 19.58
N ALA B 780 22.91 30.06 18.53
CA ALA B 780 22.95 31.50 18.26
C ALA B 780 22.04 32.22 19.24
N GLN B 781 22.53 32.37 20.47
CA GLN B 781 21.80 33.06 21.51
C GLN B 781 22.44 34.38 21.93
N VAL B 782 23.70 34.60 21.60
CA VAL B 782 24.38 35.87 21.87
C VAL B 782 24.76 36.50 20.54
N LYS B 783 24.41 37.77 20.37
CA LYS B 783 24.62 38.45 19.11
C LYS B 783 25.95 39.18 19.04
N GLN B 784 26.81 39.02 20.03
CA GLN B 784 28.15 39.60 20.03
C GLN B 784 29.16 38.50 20.34
N ILE B 785 30.29 38.52 19.63
CA ILE B 785 31.29 37.46 19.75
C ILE B 785 32.37 37.99 20.69
N TYR B 786 32.35 37.50 21.92
CA TYR B 786 33.35 37.89 22.91
C TYR B 786 34.63 37.09 22.73
N LYS B 787 35.73 37.65 23.22
CA LYS B 787 37.01 36.95 23.23
C LYS B 787 37.60 36.98 24.63
N THR B 788 38.22 35.87 25.02
CA THR B 788 38.91 35.80 26.29
C THR B 788 40.14 36.73 26.27
N PRO B 789 40.51 37.31 27.41
CA PRO B 789 41.70 38.14 27.45
C PRO B 789 42.95 37.33 27.17
N PRO B 790 44.01 37.96 26.68
CA PRO B 790 45.24 37.20 26.37
C PRO B 790 45.84 36.50 27.57
N ILE B 791 45.72 37.08 28.77
CA ILE B 791 46.24 36.45 29.97
C ILE B 791 45.17 35.54 30.57
N LYS B 792 45.54 34.30 30.83
CA LYS B 792 44.60 33.26 31.25
C LYS B 792 44.72 32.95 32.74
N TYR B 793 44.95 33.97 33.56
CA TYR B 793 45.03 33.80 35.01
C TYR B 793 43.73 34.30 35.63
N PHE B 794 43.03 33.40 36.32
CA PHE B 794 41.74 33.70 36.94
C PHE B 794 41.77 33.35 38.42
N GLY B 795 42.83 33.77 39.10
CA GLY B 795 42.95 33.50 40.53
C GLY B 795 43.06 32.04 40.88
N GLY B 796 43.87 31.28 40.15
CA GLY B 796 44.10 29.88 40.42
C GLY B 796 43.31 28.92 39.56
N PHE B 797 42.24 29.37 38.93
CA PHE B 797 41.43 28.51 38.08
C PHE B 797 42.12 28.26 36.75
N ASN B 798 41.94 27.06 36.21
CA ASN B 798 42.61 26.63 34.99
C ASN B 798 41.56 26.22 33.97
N PHE B 799 41.40 27.04 32.93
CA PHE B 799 40.39 26.81 31.90
C PHE B 799 40.98 26.33 30.59
N SER B 800 42.24 25.88 30.60
CA SER B 800 42.91 25.50 29.37
C SER B 800 42.28 24.30 28.70
N GLN B 801 41.54 23.47 29.44
CA GLN B 801 40.95 22.27 28.87
C GLN B 801 39.65 22.54 28.11
N ILE B 802 39.07 23.72 28.24
CA ILE B 802 37.84 24.05 27.53
C ILE B 802 37.95 25.30 26.68
N LEU B 803 38.98 26.13 26.87
CA LEU B 803 39.16 27.29 26.01
C LEU B 803 39.80 26.86 24.69
N PRO B 804 39.56 27.61 23.61
CA PRO B 804 40.12 27.23 22.31
C PRO B 804 41.64 27.18 22.34
N ASP B 805 42.19 26.23 21.60
CA ASP B 805 43.63 26.03 21.50
C ASP B 805 44.14 26.65 20.21
N PRO B 806 44.97 27.70 20.28
CA PRO B 806 45.43 28.34 19.04
C PRO B 806 46.23 27.41 18.13
N SER B 807 46.94 26.43 18.69
CA SER B 807 47.76 25.55 17.88
C SER B 807 46.90 24.70 16.94
N LYS B 808 45.74 24.26 17.41
CA LYS B 808 44.88 23.43 16.58
C LYS B 808 44.37 24.25 15.38
N PRO B 809 44.47 23.71 14.16
CA PRO B 809 44.00 24.46 12.99
C PRO B 809 42.52 24.75 13.00
N SER B 810 41.71 23.87 13.60
CA SER B 810 40.26 24.05 13.60
C SER B 810 39.78 24.93 14.75
N LYS B 811 40.67 25.42 15.59
CA LYS B 811 40.31 26.30 16.71
C LYS B 811 39.28 25.63 17.63
N ARG B 812 39.59 24.41 18.04
CA ARG B 812 38.73 23.64 18.93
C ARG B 812 39.48 23.30 20.21
N SER B 813 38.78 23.40 21.33
CA SER B 813 39.37 23.09 22.62
C SER B 813 39.69 21.60 22.72
N PRO B 814 40.62 21.22 23.59
CA PRO B 814 40.98 19.80 23.69
C PRO B 814 39.81 18.89 23.98
N ILE B 815 38.88 19.30 24.84
CA ILE B 815 37.71 18.47 25.10
C ILE B 815 36.80 18.41 23.89
N GLU B 816 36.62 19.54 23.21
CA GLU B 816 35.84 19.53 21.97
C GLU B 816 36.48 18.62 20.93
N ASP B 817 37.81 18.67 20.82
CA ASP B 817 38.50 17.81 19.87
C ASP B 817 38.33 16.34 20.24
N LEU B 818 38.43 16.02 21.53
CA LEU B 818 38.27 14.63 21.96
C LEU B 818 36.85 14.14 21.67
N LEU B 819 35.85 14.99 21.88
CA LEU B 819 34.49 14.61 21.50
C LEU B 819 34.38 14.41 20.00
N PHE B 820 35.01 15.28 19.22
CA PHE B 820 34.90 15.20 17.76
C PHE B 820 35.52 13.93 17.22
N ASN B 821 36.67 13.53 17.78
CA ASN B 821 37.35 12.35 17.26
C ASN B 821 36.64 11.05 17.64
N LYS B 822 35.76 11.10 18.64
CA LYS B 822 35.14 9.89 19.16
C LYS B 822 33.81 9.55 18.50
N VAL B 823 33.32 10.38 17.59
CA VAL B 823 32.05 10.15 16.89
C VAL B 823 32.32 10.08 15.40
N THR B 824 31.87 9.01 14.77
CA THR B 824 32.09 8.82 13.34
C THR B 824 31.01 9.49 12.50
N LYS B 853 21.61 6.38 -6.26
CA LYS B 853 20.24 5.93 -6.46
C LYS B 853 19.23 7.03 -6.15
N GLY B 854 19.73 8.25 -6.02
CA GLY B 854 18.87 9.39 -5.81
C GLY B 854 18.67 9.80 -4.37
N LEU B 855 19.44 9.26 -3.44
CA LEU B 855 19.38 9.64 -2.03
C LEU B 855 20.61 10.47 -1.71
N THR B 856 20.40 11.76 -1.44
CA THR B 856 21.49 12.69 -1.21
C THR B 856 21.43 13.25 0.20
N VAL B 857 22.58 13.70 0.68
CA VAL B 857 22.70 14.32 2.00
C VAL B 857 23.08 15.78 1.80
N LEU B 858 22.27 16.68 2.34
CA LEU B 858 22.53 18.10 2.21
C LEU B 858 23.43 18.58 3.34
N PRO B 859 24.47 19.36 3.03
CA PRO B 859 25.35 19.84 4.08
C PRO B 859 24.63 20.82 4.99
N PRO B 860 24.95 20.86 6.27
CA PRO B 860 24.29 21.81 7.17
C PRO B 860 24.74 23.23 6.88
N LEU B 861 23.87 24.18 7.25
CA LEU B 861 24.22 25.58 7.08
C LEU B 861 25.39 25.97 7.98
N LEU B 862 25.42 25.45 9.20
CA LEU B 862 26.41 25.83 10.19
C LEU B 862 27.60 24.90 10.12
N THR B 863 28.74 25.42 9.68
CA THR B 863 29.95 24.62 9.71
C THR B 863 30.42 24.44 11.14
N ASP B 864 31.25 23.41 11.35
CA ASP B 864 31.71 23.11 12.70
C ASP B 864 32.55 24.25 13.26
N GLU B 865 33.28 24.95 12.41
CA GLU B 865 34.11 26.06 12.89
C GLU B 865 33.24 27.18 13.46
N MET B 866 32.12 27.48 12.82
CA MET B 866 31.26 28.55 13.32
C MET B 866 30.58 28.17 14.63
N ILE B 867 30.19 26.91 14.77
CA ILE B 867 29.64 26.45 16.05
C ILE B 867 30.69 26.50 17.13
N ALA B 868 31.93 26.16 16.80
CA ALA B 868 33.02 26.29 17.76
C ALA B 868 33.21 27.75 18.16
N GLN B 869 33.07 28.67 17.21
CA GLN B 869 33.17 30.09 17.54
C GLN B 869 32.05 30.51 18.48
N TYR B 870 30.82 30.05 18.25
CA TYR B 870 29.74 30.34 19.19
C TYR B 870 30.05 29.81 20.59
N THR B 871 30.53 28.57 20.69
CA THR B 871 30.83 28.02 22.01
C THR B 871 31.95 28.79 22.69
N SER B 872 32.97 29.20 21.93
CA SER B 872 34.04 30.00 22.50
C SER B 872 33.53 31.35 22.99
N ALA B 873 32.63 31.97 22.21
CA ALA B 873 32.06 33.25 22.63
C ALA B 873 31.26 33.09 23.91
N LEU B 874 30.45 32.03 24.01
CA LEU B 874 29.69 31.80 25.22
C LEU B 874 30.60 31.56 26.42
N LEU B 875 31.69 30.81 26.23
CA LEU B 875 32.63 30.58 27.31
C LEU B 875 33.28 31.88 27.76
N ALA B 876 33.71 32.71 26.81
CA ALA B 876 34.32 33.99 27.18
C ALA B 876 33.33 34.87 27.93
N GLY B 877 32.08 34.90 27.47
CA GLY B 877 31.07 35.70 28.15
C GLY B 877 30.80 35.22 29.57
N THR B 878 30.69 33.90 29.75
CA THR B 878 30.39 33.37 31.08
C THR B 878 31.60 33.34 32.00
N ILE B 879 32.81 33.53 31.47
CA ILE B 879 33.99 33.62 32.32
C ILE B 879 34.28 35.07 32.72
N THR B 880 34.25 35.99 31.76
CA THR B 880 34.64 37.36 32.05
C THR B 880 33.49 38.25 32.49
N SER B 881 32.24 37.84 32.28
CA SER B 881 31.10 38.69 32.58
C SER B 881 30.09 38.05 33.52
N GLY B 882 30.39 36.88 34.06
CA GLY B 882 29.41 36.20 34.90
C GLY B 882 28.20 35.81 34.09
N TRP B 883 27.03 36.25 34.54
CA TRP B 883 25.78 36.01 33.84
C TRP B 883 25.10 37.29 33.37
N THR B 884 25.74 38.44 33.60
CA THR B 884 25.12 39.70 33.21
C THR B 884 25.00 39.84 31.70
N PHE B 885 25.93 39.24 30.95
CA PHE B 885 25.88 39.36 29.50
C PHE B 885 24.66 38.67 28.90
N GLY B 886 24.02 37.78 29.65
CA GLY B 886 22.82 37.13 29.17
C GLY B 886 21.55 37.93 29.36
N ALA B 887 21.63 39.11 29.96
CA ALA B 887 20.45 39.94 30.20
C ALA B 887 20.69 41.41 29.90
N GLY B 888 21.67 41.73 29.06
CA GLY B 888 21.99 43.11 28.75
C GLY B 888 23.45 43.26 28.35
N PRO B 889 23.96 44.48 28.46
CA PRO B 889 25.38 44.70 28.16
C PRO B 889 26.28 43.92 29.11
N ALA B 890 27.38 43.42 28.57
CA ALA B 890 28.30 42.62 29.38
C ALA B 890 29.07 43.52 30.35
N LEU B 891 29.15 43.10 31.60
CA LEU B 891 29.86 43.83 32.64
C LEU B 891 30.96 42.94 33.19
N GLN B 892 32.19 43.40 33.11
CA GLN B 892 33.32 42.59 33.57
C GLN B 892 33.31 42.46 35.08
N ILE B 893 33.55 41.24 35.55
CA ILE B 893 33.62 40.94 36.98
C ILE B 893 34.77 39.98 37.21
N PRO B 894 35.66 40.25 38.17
CA PRO B 894 36.72 39.28 38.46
C PRO B 894 36.13 37.96 38.91
N PHE B 895 36.77 36.87 38.49
CA PHE B 895 36.19 35.54 38.69
C PHE B 895 35.94 35.18 40.15
N PRO B 896 36.85 35.43 41.11
CA PRO B 896 36.52 35.10 42.50
C PRO B 896 35.25 35.75 43.00
N MET B 897 35.00 37.01 42.64
CA MET B 897 33.75 37.64 43.04
C MET B 897 32.55 36.98 42.38
N GLN B 898 32.70 36.51 41.15
CA GLN B 898 31.60 35.77 40.53
C GLN B 898 31.30 34.49 41.29
N MET B 899 32.35 33.77 41.70
CA MET B 899 32.12 32.57 42.50
C MET B 899 31.49 32.90 43.85
N ALA B 900 31.88 34.02 44.45
CA ALA B 900 31.25 34.43 45.70
C ALA B 900 29.77 34.72 45.50
N TYR B 901 29.42 35.37 44.38
CA TYR B 901 28.02 35.62 44.08
C TYR B 901 27.26 34.32 43.91
N ARG B 902 27.87 33.34 43.24
CA ARG B 902 27.19 32.06 43.06
C ARG B 902 27.01 31.33 44.38
N PHE B 903 28.00 31.39 45.27
CA PHE B 903 27.85 30.78 46.58
C PHE B 903 26.73 31.45 47.37
N ASN B 904 26.65 32.78 47.32
CA ASN B 904 25.48 33.44 47.91
C ASN B 904 24.19 32.93 47.28
N GLY B 905 24.23 32.66 45.98
CA GLY B 905 23.06 32.09 45.31
C GLY B 905 22.65 30.75 45.89
N ILE B 906 23.61 29.91 46.26
CA ILE B 906 23.30 28.59 46.81
C ILE B 906 23.26 28.61 48.34
N GLY B 907 23.19 29.78 48.95
CA GLY B 907 22.99 29.85 50.39
C GLY B 907 24.22 29.66 51.24
N VAL B 908 25.42 29.93 50.73
CA VAL B 908 26.65 29.87 51.49
C VAL B 908 27.32 31.23 51.42
N THR B 909 27.79 31.72 52.56
CA THR B 909 28.36 33.06 52.63
C THR B 909 29.65 33.15 51.81
N GLN B 910 30.09 34.39 51.59
CA GLN B 910 31.25 34.63 50.72
C GLN B 910 32.55 34.21 51.39
N ASN B 911 32.63 34.36 52.72
CA ASN B 911 33.88 34.07 53.41
C ASN B 911 34.29 32.61 53.23
N VAL B 912 33.32 31.72 53.03
CA VAL B 912 33.65 30.31 52.78
C VAL B 912 34.50 30.18 51.52
N LEU B 913 34.11 30.88 50.46
CA LEU B 913 34.93 30.87 49.25
C LEU B 913 36.25 31.60 49.47
N TYR B 914 36.18 32.81 50.01
CA TYR B 914 37.38 33.64 50.07
C TYR B 914 38.44 33.08 50.99
N GLU B 915 38.07 32.21 51.93
CA GLU B 915 39.07 31.59 52.78
C GLU B 915 39.53 30.23 52.26
N ASN B 916 38.89 29.71 51.23
CA ASN B 916 39.23 28.42 50.64
C ASN B 916 39.38 28.53 49.13
N GLN B 917 40.01 29.61 48.66
CA GLN B 917 40.09 29.85 47.23
C GLN B 917 41.03 28.86 46.55
N LYS B 918 42.21 28.65 47.13
CA LYS B 918 43.19 27.76 46.52
C LYS B 918 42.68 26.32 46.49
N LEU B 919 42.05 25.87 47.57
CA LEU B 919 41.52 24.51 47.61
C LEU B 919 40.42 24.30 46.57
N ILE B 920 39.54 25.30 46.42
CA ILE B 920 38.47 25.19 45.43
C ILE B 920 39.05 25.16 44.03
N ALA B 921 40.05 26.00 43.75
CA ALA B 921 40.68 25.98 42.44
C ALA B 921 41.32 24.62 42.15
N ASN B 922 42.00 24.05 43.14
CA ASN B 922 42.63 22.75 42.94
C ASN B 922 41.59 21.67 42.67
N GLN B 923 40.48 21.71 43.42
CA GLN B 923 39.42 20.73 43.20
C GLN B 923 38.83 20.87 41.79
N PHE B 924 38.63 22.10 41.33
CA PHE B 924 38.08 22.31 40.01
C PHE B 924 39.01 21.80 38.92
N ASN B 925 40.31 22.06 39.06
CA ASN B 925 41.28 21.58 38.08
C ASN B 925 41.31 20.06 38.05
N SER B 926 41.34 19.43 39.23
CA SER B 926 41.33 17.97 39.27
C SER B 926 40.07 17.42 38.65
N ALA B 927 38.93 18.09 38.87
CA ALA B 927 37.67 17.62 38.32
C ALA B 927 37.68 17.65 36.80
N ILE B 928 38.14 18.76 36.21
CA ILE B 928 38.14 18.82 34.74
C ILE B 928 39.13 17.81 34.16
N GLY B 929 40.26 17.59 34.85
CA GLY B 929 41.18 16.55 34.39
C GLY B 929 40.54 15.17 34.41
N LYS B 930 39.81 14.87 35.48
CA LYS B 930 39.14 13.58 35.55
C LYS B 930 38.08 13.44 34.47
N ILE B 931 37.37 14.54 34.15
CA ILE B 931 36.40 14.50 33.06
C ILE B 931 37.07 14.20 31.74
N GLN B 932 38.21 14.84 31.48
CA GLN B 932 38.91 14.57 30.23
C GLN B 932 39.34 13.11 30.14
N ASP B 933 39.88 12.57 31.25
CA ASP B 933 40.30 11.17 31.25
C ASP B 933 39.11 10.24 31.05
N SER B 934 37.99 10.53 31.71
CA SER B 934 36.80 9.68 31.58
C SER B 934 36.27 9.68 30.17
N LEU B 935 36.22 10.85 29.53
CA LEU B 935 35.76 10.90 28.14
C LEU B 935 36.73 10.17 27.22
N SER B 936 38.03 10.29 27.47
CA SER B 936 39.01 9.61 26.64
C SER B 936 38.89 8.08 26.75
N SER B 937 38.71 7.58 27.97
CA SER B 937 38.79 6.15 28.22
C SER B 937 37.46 5.42 28.10
N THR B 938 36.35 6.13 27.95
CA THR B 938 35.04 5.49 27.86
C THR B 938 34.42 5.79 26.50
N PRO B 939 34.25 4.79 25.63
CA PRO B 939 33.67 5.04 24.30
C PRO B 939 32.15 5.14 24.33
N SER B 940 31.51 4.43 25.26
CA SER B 940 30.05 4.37 25.30
C SER B 940 29.41 5.65 25.83
N ALA B 941 30.18 6.52 26.49
CA ALA B 941 29.60 7.74 27.05
C ALA B 941 28.99 8.62 25.98
N LEU B 942 29.53 8.57 24.75
CA LEU B 942 29.00 9.32 23.62
C LEU B 942 28.01 8.49 22.80
N GLY B 943 27.28 7.58 23.44
CA GLY B 943 26.37 6.74 22.71
C GLY B 943 25.26 7.52 22.01
N LYS B 944 24.63 8.45 22.74
CA LYS B 944 23.42 9.11 22.27
C LYS B 944 23.61 9.67 20.86
N LEU B 945 24.53 10.63 20.72
CA LEU B 945 24.79 11.21 19.41
C LEU B 945 25.08 10.13 18.38
N GLN B 946 25.95 9.18 18.73
CA GLN B 946 26.28 8.10 17.82
C GLN B 946 25.02 7.42 17.33
N ASP B 947 24.12 7.09 18.25
CA ASP B 947 22.88 6.41 17.89
C ASP B 947 22.17 7.18 16.77
N VAL B 948 22.03 8.49 16.95
CA VAL B 948 21.37 9.32 15.93
C VAL B 948 21.92 9.00 14.56
N VAL B 949 23.24 9.14 14.40
CA VAL B 949 23.85 8.94 13.10
C VAL B 949 23.49 7.55 12.58
N ASN B 950 23.70 6.53 13.42
CA ASN B 950 23.44 5.17 12.99
C ASN B 950 22.03 5.06 12.42
N HIS B 951 21.06 5.59 13.16
CA HIS B 951 19.67 5.44 12.73
C HIS B 951 19.52 5.92 11.29
N ASN B 952 19.98 7.13 11.01
CA ASN B 952 19.81 7.67 9.67
C ASN B 952 20.42 6.74 8.64
N ALA B 953 21.68 6.36 8.84
CA ALA B 953 22.33 5.47 7.90
C ALA B 953 21.50 4.21 7.70
N GLN B 954 21.09 3.60 8.81
CA GLN B 954 20.31 2.39 8.73
C GLN B 954 19.09 2.60 7.83
N ALA B 955 18.34 3.68 8.07
CA ALA B 955 17.15 3.93 7.28
C ALA B 955 17.49 3.93 5.80
N LEU B 956 18.51 4.70 5.42
CA LEU B 956 18.86 4.79 4.01
C LEU B 956 19.16 3.41 3.46
N ASN B 957 19.94 2.62 4.19
CA ASN B 957 20.30 1.29 3.71
C ASN B 957 19.04 0.47 3.49
N THR B 958 18.11 0.50 4.45
CA THR B 958 16.88 -0.26 4.29
C THR B 958 16.16 0.15 3.01
N LEU B 959 16.11 1.45 2.73
CA LEU B 959 15.43 1.91 1.53
C LEU B 959 16.07 1.30 0.29
N VAL B 960 17.40 1.24 0.24
CA VAL B 960 18.06 0.64 -0.90
C VAL B 960 17.65 -0.81 -1.05
N LYS B 961 17.54 -1.53 0.06
CA LYS B 961 17.16 -2.93 -0.01
C LYS B 961 15.77 -3.10 -0.62
N GLN B 962 14.90 -2.08 -0.46
CA GLN B 962 13.57 -2.17 -1.04
C GLN B 962 13.61 -2.26 -2.56
N LEU B 963 14.69 -1.79 -3.18
CA LEU B 963 14.82 -1.92 -4.62
C LEU B 963 15.11 -3.34 -5.08
N SER B 964 15.40 -4.25 -4.16
CA SER B 964 15.72 -5.63 -4.50
C SER B 964 14.54 -6.57 -4.32
N SER B 965 13.34 -6.03 -4.12
CA SER B 965 12.14 -6.83 -3.89
C SER B 965 11.26 -6.82 -5.12
N LYS B 966 10.75 -8.00 -5.48
CA LYS B 966 9.90 -8.13 -6.66
C LYS B 966 8.50 -7.58 -6.46
N PHE B 967 8.02 -7.53 -5.21
CA PHE B 967 6.69 -7.04 -4.87
C PHE B 967 5.59 -7.81 -5.59
N GLY B 968 5.87 -9.06 -5.96
CA GLY B 968 4.90 -9.87 -6.66
C GLY B 968 4.94 -9.80 -8.17
N ALA B 969 5.77 -8.92 -8.74
CA ALA B 969 5.91 -8.87 -10.18
C ALA B 969 6.84 -9.99 -10.65
N ILE B 970 6.86 -10.21 -11.96
CA ILE B 970 7.68 -11.29 -12.52
C ILE B 970 9.17 -10.96 -12.43
N SER B 971 9.52 -9.69 -12.32
CA SER B 971 10.92 -9.30 -12.17
C SER B 971 10.97 -7.95 -11.47
N SER B 972 12.14 -7.66 -10.87
CA SER B 972 12.34 -6.46 -10.10
C SER B 972 13.10 -5.38 -10.86
N VAL B 973 13.27 -5.54 -12.18
CA VAL B 973 13.97 -4.57 -13.00
C VAL B 973 13.01 -4.07 -14.07
N LEU B 974 12.90 -2.75 -14.19
CA LEU B 974 11.98 -2.17 -15.16
C LEU B 974 12.40 -2.47 -16.58
N ASN B 975 13.72 -2.47 -16.84
CA ASN B 975 14.21 -2.75 -18.19
C ASN B 975 13.82 -4.14 -18.64
N ASP B 976 13.92 -5.13 -17.75
CA ASP B 976 13.53 -6.49 -18.11
C ASP B 976 12.05 -6.57 -18.45
N ILE B 977 11.20 -5.92 -17.65
CA ILE B 977 9.77 -5.93 -17.92
C ILE B 977 9.48 -5.29 -19.27
N PHE B 978 10.14 -4.18 -19.57
CA PHE B 978 9.87 -3.49 -20.82
C PHE B 978 10.37 -4.28 -22.03
N SER B 979 11.59 -4.79 -21.96
CA SER B 979 12.16 -5.53 -23.09
C SER B 979 11.59 -6.92 -23.24
N ARG B 980 10.88 -7.43 -22.23
CA ARG B 980 10.33 -8.79 -22.29
C ARG B 980 8.85 -8.83 -22.60
N LEU B 981 8.10 -7.79 -22.27
CA LEU B 981 6.64 -7.81 -22.41
C LEU B 981 6.17 -6.64 -23.25
N ASP B 982 5.01 -6.81 -23.86
CA ASP B 982 4.33 -5.72 -24.54
C ASP B 982 3.60 -4.85 -23.51
N PRO B 983 3.26 -3.62 -23.88
CA PRO B 983 2.67 -2.67 -22.92
C PRO B 983 1.43 -3.20 -22.21
N PRO B 984 0.52 -3.92 -22.88
CA PRO B 984 -0.79 -4.19 -22.24
C PRO B 984 -0.73 -4.82 -20.85
N GLU B 985 0.22 -5.73 -20.57
CA GLU B 985 0.36 -6.26 -19.21
C GLU B 985 1.66 -5.88 -18.55
N ALA B 986 2.66 -5.45 -19.33
CA ALA B 986 3.82 -4.80 -18.71
C ALA B 986 3.37 -3.61 -17.87
N GLU B 987 2.30 -2.93 -18.28
CA GLU B 987 1.80 -1.82 -17.48
C GLU B 987 1.25 -2.31 -16.15
N VAL B 988 0.64 -3.50 -16.12
CA VAL B 988 0.18 -4.06 -14.85
C VAL B 988 1.37 -4.38 -13.95
N GLN B 989 2.39 -5.03 -14.51
CA GLN B 989 3.58 -5.36 -13.72
C GLN B 989 4.23 -4.08 -13.17
N ILE B 990 4.35 -3.05 -14.00
CA ILE B 990 4.97 -1.81 -13.58
C ILE B 990 4.09 -1.10 -12.57
N ASP B 991 2.78 -1.27 -12.70
CA ASP B 991 1.84 -0.70 -11.70
C ASP B 991 2.18 -1.32 -10.34
N ARG B 992 2.32 -2.65 -10.29
CA ARG B 992 2.63 -3.32 -9.04
C ARG B 992 3.95 -2.83 -8.46
N LEU B 993 4.97 -2.75 -9.31
CA LEU B 993 6.29 -2.31 -8.83
C LEU B 993 6.24 -0.89 -8.29
N ILE B 994 5.58 0.02 -9.02
CA ILE B 994 5.52 1.41 -8.62
C ILE B 994 4.76 1.56 -7.30
N THR B 995 3.62 0.86 -7.17
CA THR B 995 2.86 1.01 -5.93
C THR B 995 3.65 0.48 -4.74
N GLY B 996 4.38 -0.63 -4.91
CA GLY B 996 5.19 -1.13 -3.82
C GLY B 996 6.29 -0.16 -3.42
N ARG B 997 7.01 0.37 -4.42
CA ARG B 997 8.10 1.28 -4.10
C ARG B 997 7.58 2.57 -3.48
N LEU B 998 6.43 3.05 -3.96
CA LEU B 998 5.82 4.25 -3.38
C LEU B 998 5.43 4.02 -1.93
N GLN B 999 4.89 2.83 -1.61
CA GLN B 999 4.57 2.52 -0.23
C GLN B 999 5.82 2.52 0.63
N SER B 1000 6.91 1.94 0.13
CA SER B 1000 8.16 1.94 0.89
C SER B 1000 8.65 3.37 1.16
N LEU B 1001 8.60 4.22 0.13
CA LEU B 1001 9.04 5.60 0.30
C LEU B 1001 8.16 6.35 1.29
N GLN B 1002 6.85 6.10 1.25
CA GLN B 1002 5.94 6.70 2.22
C GLN B 1002 6.31 6.30 3.64
N THR B 1003 6.60 5.02 3.85
CA THR B 1003 7.00 4.57 5.19
C THR B 1003 8.26 5.27 5.64
N TYR B 1004 9.26 5.36 4.75
CA TYR B 1004 10.51 6.02 5.13
C TYR B 1004 10.27 7.48 5.51
N VAL B 1005 9.44 8.19 4.74
CA VAL B 1005 9.20 9.59 5.04
C VAL B 1005 8.49 9.75 6.38
N THR B 1006 7.52 8.87 6.67
CA THR B 1006 6.83 8.96 7.95
C THR B 1006 7.78 8.73 9.12
N GLN B 1007 8.66 7.72 9.01
CA GLN B 1007 9.62 7.48 10.07
C GLN B 1007 10.54 8.68 10.24
N GLN B 1008 10.97 9.28 9.13
CA GLN B 1008 11.82 10.47 9.22
C GLN B 1008 11.10 11.60 9.93
N LEU B 1009 9.81 11.79 9.64
CA LEU B 1009 9.05 12.85 10.30
C LEU B 1009 8.97 12.63 11.80
N ILE B 1010 8.71 11.39 12.22
CA ILE B 1010 8.60 11.11 13.64
C ILE B 1010 9.95 11.35 14.34
N ARG B 1011 11.03 10.86 13.73
CA ARG B 1011 12.34 11.06 14.32
C ARG B 1011 12.69 12.55 14.37
N ALA B 1012 12.29 13.31 13.35
CA ALA B 1012 12.54 14.74 13.36
C ALA B 1012 11.78 15.43 14.48
N ALA B 1013 10.55 15.00 14.74
CA ALA B 1013 9.81 15.57 15.88
C ALA B 1013 10.51 15.27 17.19
N GLU B 1014 10.99 14.04 17.36
CA GLU B 1014 11.71 13.70 18.59
C GLU B 1014 12.97 14.57 18.74
N ILE B 1015 13.72 14.74 17.65
CA ILE B 1015 14.93 15.56 17.70
C ILE B 1015 14.57 17.01 17.99
N ARG B 1016 13.43 17.48 17.48
CA ARG B 1016 12.98 18.83 17.78
C ARG B 1016 12.73 19.00 19.28
N ALA B 1017 12.08 18.01 19.91
CA ALA B 1017 11.86 18.09 21.35
C ALA B 1017 13.19 18.10 22.10
N SER B 1018 14.13 17.25 21.69
CA SER B 1018 15.44 17.23 22.35
C SER B 1018 16.16 18.55 22.18
N ALA B 1019 16.06 19.16 21.00
CA ALA B 1019 16.71 20.44 20.75
C ALA B 1019 16.10 21.55 21.59
N ASN B 1020 14.77 21.52 21.76
CA ASN B 1020 14.13 22.50 22.63
C ASN B 1020 14.63 22.35 24.07
N LEU B 1021 14.74 21.11 24.55
CA LEU B 1021 15.28 20.90 25.90
C LEU B 1021 16.71 21.42 25.99
N ALA B 1022 17.53 21.16 24.97
CA ALA B 1022 18.91 21.64 25.00
C ALA B 1022 18.97 23.16 25.00
N ALA B 1023 18.11 23.80 24.23
CA ALA B 1023 18.09 25.26 24.20
C ALA B 1023 17.69 25.82 25.56
N THR B 1024 16.70 25.20 26.21
CA THR B 1024 16.32 25.64 27.55
C THR B 1024 17.48 25.49 28.52
N LYS B 1025 18.19 24.35 28.46
CA LYS B 1025 19.34 24.15 29.33
C LYS B 1025 20.41 25.19 29.08
N MET B 1026 20.69 25.49 27.81
CA MET B 1026 21.70 26.48 27.48
C MET B 1026 21.30 27.86 28.00
N SER B 1027 20.04 28.22 27.86
CA SER B 1027 19.60 29.54 28.30
C SER B 1027 19.64 29.66 29.82
N GLU B 1028 19.31 28.59 30.55
CA GLU B 1028 19.19 28.70 31.99
C GLU B 1028 20.49 28.36 32.73
N CYS B 1029 20.93 27.11 32.57
CA CYS B 1029 22.15 26.64 33.30
C CYS B 1029 23.33 27.51 32.87
N VAL B 1030 23.46 27.76 31.56
CA VAL B 1030 24.53 28.66 31.07
C VAL B 1030 23.98 30.10 31.10
N LEU B 1031 24.85 31.10 31.17
CA LEU B 1031 24.42 32.52 31.20
C LEU B 1031 23.59 32.78 32.47
N GLY B 1032 23.60 31.85 33.42
CA GLY B 1032 22.78 32.02 34.64
C GLY B 1032 22.95 30.92 35.68
N GLN B 1033 22.26 31.05 36.81
CA GLN B 1033 22.29 30.05 37.87
C GLN B 1033 20.87 29.56 38.12
N SER B 1034 20.71 28.26 38.27
CA SER B 1034 19.39 27.65 38.36
C SER B 1034 19.17 27.06 39.74
N LYS B 1035 18.06 27.43 40.36
CA LYS B 1035 17.64 26.83 41.62
C LYS B 1035 16.86 25.54 41.42
N ARG B 1036 16.59 25.15 40.17
CA ARG B 1036 15.88 23.91 39.91
C ARG B 1036 16.77 22.73 40.24
N VAL B 1037 16.22 21.76 40.97
CA VAL B 1037 17.00 20.63 41.43
C VAL B 1037 17.25 19.67 40.27
N ASP B 1038 18.51 19.28 40.10
CA ASP B 1038 18.95 18.27 39.13
C ASP B 1038 18.74 18.70 37.68
N PHE B 1039 18.23 19.91 37.45
CA PHE B 1039 18.10 20.37 36.07
C PHE B 1039 19.44 20.70 35.44
N CYS B 1040 20.39 21.17 36.24
CA CYS B 1040 21.73 21.52 35.75
C CYS B 1040 22.79 20.78 36.57
N GLY B 1041 22.63 19.48 36.72
CA GLY B 1041 23.62 18.65 37.36
C GLY B 1041 23.17 18.19 38.74
N LYS B 1042 23.81 17.13 39.20
CA LYS B 1042 23.52 16.56 40.51
C LYS B 1042 24.08 17.47 41.60
N GLY B 1043 23.28 17.73 42.62
CA GLY B 1043 23.69 18.59 43.72
C GLY B 1043 23.37 20.05 43.44
N TYR B 1044 23.84 20.90 44.36
CA TYR B 1044 23.64 22.33 44.21
C TYR B 1044 24.42 22.83 43.01
N HIS B 1045 23.75 23.53 42.10
CA HIS B 1045 24.36 23.95 40.86
C HIS B 1045 25.14 25.24 41.04
N LEU B 1046 26.35 25.28 40.50
CA LEU B 1046 27.17 26.49 40.51
C LEU B 1046 27.18 27.16 39.15
N MET B 1047 27.56 26.46 38.10
CA MET B 1047 27.66 27.06 36.77
C MET B 1047 27.83 25.94 35.75
N SER B 1048 28.01 26.29 34.48
CA SER B 1048 28.14 25.27 33.46
C SER B 1048 28.88 25.83 32.26
N PHE B 1049 29.37 24.92 31.42
CA PHE B 1049 30.11 25.27 30.22
C PHE B 1049 29.58 24.44 29.05
N PRO B 1050 29.35 25.06 27.89
CA PRO B 1050 28.94 24.28 26.72
C PRO B 1050 30.12 23.90 25.85
N GLN B 1051 29.97 22.76 25.17
CA GLN B 1051 30.92 22.31 24.18
C GLN B 1051 30.14 21.74 23.00
N SER B 1052 30.69 21.91 21.80
CA SER B 1052 30.03 21.36 20.62
C SER B 1052 30.44 19.91 20.41
N ALA B 1053 29.63 19.19 19.65
CA ALA B 1053 29.93 17.82 19.27
C ALA B 1053 29.15 17.50 18.00
N PRO B 1054 29.61 16.53 17.21
CA PRO B 1054 28.89 16.19 15.98
C PRO B 1054 27.42 15.91 16.24
N HIS B 1055 26.55 16.78 15.71
CA HIS B 1055 25.11 16.66 15.88
C HIS B 1055 24.70 16.69 17.36
N GLY B 1056 25.31 17.57 18.14
CA GLY B 1056 24.89 17.66 19.53
C GLY B 1056 25.74 18.62 20.34
N VAL B 1057 25.36 18.75 21.61
CA VAL B 1057 26.02 19.64 22.55
C VAL B 1057 26.28 18.88 23.85
N VAL B 1058 27.44 19.14 24.45
CA VAL B 1058 27.84 18.51 25.71
C VAL B 1058 27.98 19.60 26.76
N PHE B 1059 27.25 19.47 27.86
CA PHE B 1059 27.31 20.42 28.95
C PHE B 1059 28.19 19.87 30.05
N LEU B 1060 29.11 20.70 30.54
CA LEU B 1060 29.88 20.42 31.74
C LEU B 1060 29.27 21.22 32.87
N HIS B 1061 28.54 20.55 33.77
CA HIS B 1061 27.92 21.19 34.92
C HIS B 1061 28.90 21.17 36.08
N VAL B 1062 29.28 22.35 36.57
CA VAL B 1062 30.10 22.49 37.76
C VAL B 1062 29.16 22.74 38.93
N THR B 1063 29.22 21.86 39.92
CA THR B 1063 28.25 21.82 41.01
C THR B 1063 28.96 21.65 42.34
N TYR B 1064 28.23 21.95 43.40
CA TYR B 1064 28.75 21.97 44.77
C TYR B 1064 28.03 20.89 45.57
N VAL B 1065 28.80 20.01 46.23
CA VAL B 1065 28.25 18.88 46.95
C VAL B 1065 28.80 18.84 48.36
N PRO B 1066 27.96 18.87 49.40
CA PRO B 1066 28.47 18.81 50.77
C PRO B 1066 29.03 17.43 51.10
N ALA B 1067 29.90 17.39 52.11
CA ALA B 1067 30.49 16.14 52.56
C ALA B 1067 31.06 16.35 53.96
N GLN B 1068 31.37 15.22 54.61
CA GLN B 1068 31.90 15.18 55.98
C GLN B 1068 30.91 15.81 56.96
N GLU B 1069 29.72 15.21 57.01
CA GLU B 1069 28.68 15.66 57.91
C GLU B 1069 28.99 15.29 59.35
N LYS B 1070 28.44 16.07 60.29
CA LYS B 1070 28.70 15.88 61.70
C LYS B 1070 27.40 16.07 62.48
N ASN B 1071 27.22 15.23 63.51
CA ASN B 1071 26.03 15.27 64.34
C ASN B 1071 26.03 16.48 65.28
N PHE B 1072 24.84 16.97 65.59
CA PHE B 1072 24.68 18.06 66.55
C PHE B 1072 23.30 17.97 67.17
N THR B 1073 23.15 18.60 68.34
CA THR B 1073 21.86 18.71 69.01
C THR B 1073 21.24 20.06 68.70
N THR B 1074 19.93 20.06 68.46
CA THR B 1074 19.25 21.23 67.94
C THR B 1074 18.05 21.59 68.80
N ALA B 1075 17.76 22.88 68.87
CA ALA B 1075 16.57 23.41 69.51
C ALA B 1075 15.92 24.43 68.61
N PRO B 1076 14.59 24.44 68.53
CA PRO B 1076 13.92 25.39 67.62
C PRO B 1076 14.15 26.84 68.00
N ALA B 1077 14.24 27.16 69.29
CA ALA B 1077 14.39 28.54 69.73
C ALA B 1077 15.08 28.56 71.08
N ILE B 1078 15.41 29.76 71.54
CA ILE B 1078 16.10 29.96 72.82
C ILE B 1078 15.23 30.83 73.71
N CYS B 1079 14.90 30.33 74.90
CA CYS B 1079 14.13 31.11 75.86
C CYS B 1079 15.07 31.83 76.80
N HIS B 1080 15.04 33.16 76.76
CA HIS B 1080 15.91 33.99 77.59
C HIS B 1080 15.11 35.19 78.07
N ASP B 1081 15.08 35.39 79.39
CA ASP B 1081 14.31 36.45 80.02
C ASP B 1081 12.83 36.36 79.65
N GLY B 1082 12.36 35.14 79.43
CA GLY B 1082 10.98 34.93 79.03
C GLY B 1082 10.68 35.23 77.59
N LYS B 1083 11.68 35.58 76.79
CA LYS B 1083 11.51 35.88 75.38
C LYS B 1083 12.06 34.75 74.53
N ALA B 1084 11.40 34.48 73.41
CA ALA B 1084 11.79 33.39 72.52
C ALA B 1084 12.58 33.96 71.34
N HIS B 1085 13.87 33.67 71.29
CA HIS B 1085 14.74 34.12 70.21
C HIS B 1085 14.82 33.02 69.16
N PHE B 1086 14.58 33.40 67.90
CA PHE B 1086 14.66 32.51 66.77
C PHE B 1086 15.80 32.93 65.86
N PRO B 1087 16.47 31.99 65.20
CA PRO B 1087 17.55 32.36 64.28
C PRO B 1087 17.02 33.17 63.11
N ARG B 1088 17.81 34.14 62.66
CA ARG B 1088 17.40 34.95 61.53
C ARG B 1088 17.65 34.25 60.20
N GLU B 1089 18.81 33.63 60.06
CA GLU B 1089 19.18 32.97 58.81
C GLU B 1089 19.70 31.55 58.96
N GLY B 1090 20.26 31.18 60.10
CA GLY B 1090 20.88 29.89 60.29
C GLY B 1090 20.05 28.94 61.12
N VAL B 1091 20.73 28.21 62.01
CA VAL B 1091 20.11 27.20 62.84
C VAL B 1091 20.94 27.05 64.09
N PHE B 1092 20.26 26.82 65.22
CA PHE B 1092 20.92 26.61 66.49
C PHE B 1092 21.50 25.21 66.55
N VAL B 1093 22.70 25.07 67.10
CA VAL B 1093 23.36 23.79 67.27
C VAL B 1093 24.06 23.79 68.62
N SER B 1094 24.48 22.60 69.05
CA SER B 1094 25.14 22.44 70.34
C SER B 1094 26.19 21.35 70.22
N ASN B 1095 27.44 21.70 70.53
CA ASN B 1095 28.51 20.72 70.50
C ASN B 1095 28.57 19.88 71.78
N GLY B 1096 27.54 19.96 72.62
CA GLY B 1096 27.49 19.15 73.83
C GLY B 1096 27.20 19.94 75.08
N THR B 1097 27.77 21.13 75.19
CA THR B 1097 27.57 21.96 76.38
C THR B 1097 27.10 23.36 76.00
N HIS B 1098 27.64 23.91 74.92
CA HIS B 1098 27.38 25.29 74.52
C HIS B 1098 26.47 25.32 73.32
N TRP B 1099 25.83 26.47 73.10
CA TRP B 1099 24.89 26.66 72.00
C TRP B 1099 25.42 27.74 71.06
N PHE B 1100 25.42 27.44 69.77
CA PHE B 1100 25.83 28.37 68.74
C PHE B 1100 24.77 28.43 67.65
N VAL B 1101 24.98 29.30 66.68
CA VAL B 1101 24.14 29.39 65.49
C VAL B 1101 25.06 29.30 64.27
N THR B 1102 24.63 28.54 63.27
CA THR B 1102 25.45 28.37 62.07
C THR B 1102 24.54 28.24 60.86
N GLN B 1103 25.08 28.57 59.69
CA GLN B 1103 24.27 28.49 58.49
C GLN B 1103 24.01 27.02 58.13
N ARG B 1104 23.02 26.83 57.26
CA ARG B 1104 22.47 25.49 57.06
C ARG B 1104 23.46 24.57 56.36
N ASN B 1105 24.14 25.05 55.32
CA ASN B 1105 24.94 24.19 54.46
C ASN B 1105 26.42 24.14 54.83
N PHE B 1106 26.82 24.78 55.91
CA PHE B 1106 28.23 24.76 56.30
C PHE B 1106 28.31 24.96 57.80
N TYR B 1107 29.36 24.39 58.41
CA TYR B 1107 29.54 24.50 59.84
C TYR B 1107 30.47 25.67 60.14
N GLU B 1108 29.95 26.65 60.88
CA GLU B 1108 30.72 27.83 61.26
C GLU B 1108 30.08 28.44 62.49
N PRO B 1109 30.47 28.01 63.69
CA PRO B 1109 29.77 28.45 64.90
C PRO B 1109 29.91 29.94 65.14
N GLN B 1110 28.85 30.53 65.70
CA GLN B 1110 28.83 31.93 66.05
C GLN B 1110 28.14 32.09 67.40
N ILE B 1111 28.52 33.13 68.13
CA ILE B 1111 27.88 33.39 69.42
C ILE B 1111 26.46 33.88 69.19
N ILE B 1112 25.51 33.36 69.96
CA ILE B 1112 24.11 33.73 69.81
C ILE B 1112 23.92 35.13 70.38
N THR B 1113 23.77 36.12 69.51
CA THR B 1113 23.59 37.51 69.92
C THR B 1113 22.24 38.02 69.46
N THR B 1114 22.02 39.33 69.67
CA THR B 1114 20.76 39.96 69.35
C THR B 1114 20.71 40.54 67.94
N ASP B 1115 21.76 40.34 67.13
CA ASP B 1115 21.76 40.81 65.76
C ASP B 1115 21.45 39.71 64.75
N ASN B 1116 21.87 38.48 65.02
CA ASN B 1116 21.56 37.35 64.17
C ASN B 1116 20.36 36.54 64.64
N THR B 1117 19.69 36.97 65.71
CA THR B 1117 18.46 36.36 66.19
C THR B 1117 17.39 37.42 66.36
N PHE B 1118 16.14 37.02 66.21
CA PHE B 1118 15.03 37.95 66.37
C PHE B 1118 14.04 37.41 67.39
N VAL B 1119 13.42 38.33 68.10
CA VAL B 1119 12.53 38.02 69.22
C VAL B 1119 11.10 37.94 68.73
N SER B 1120 10.37 36.92 69.19
CA SER B 1120 8.98 36.74 68.78
C SER B 1120 8.25 36.03 69.90
N GLY B 1121 7.49 36.79 70.70
CA GLY B 1121 6.65 36.21 71.72
C GLY B 1121 7.43 35.67 72.91
N ASN B 1122 6.71 34.96 73.76
CA ASN B 1122 7.29 34.34 74.95
C ASN B 1122 7.60 32.86 74.68
N CYS B 1123 8.30 32.24 75.63
CA CYS B 1123 8.79 30.87 75.46
C CYS B 1123 7.88 29.84 76.12
N ASP B 1124 6.57 30.03 76.07
CA ASP B 1124 5.62 29.07 76.62
C ASP B 1124 4.86 28.31 75.56
N VAL B 1125 4.98 28.68 74.29
CA VAL B 1125 4.17 28.12 73.22
C VAL B 1125 4.98 27.19 72.32
N VAL B 1126 6.24 27.51 72.05
CA VAL B 1126 7.06 26.66 71.21
C VAL B 1126 7.37 25.36 71.95
N ILE B 1127 7.45 24.27 71.20
CA ILE B 1127 7.73 22.95 71.76
C ILE B 1127 9.19 22.63 71.49
N GLY B 1128 9.93 22.31 72.55
CA GLY B 1128 11.33 21.96 72.44
C GLY B 1128 12.31 23.08 72.70
N ILE B 1129 11.84 24.23 73.18
CA ILE B 1129 12.74 25.35 73.44
C ILE B 1129 13.66 25.00 74.61
N VAL B 1130 14.87 25.55 74.59
CA VAL B 1130 15.85 25.29 75.63
C VAL B 1130 16.28 26.62 76.24
N ASN B 1131 16.81 26.54 77.46
CA ASN B 1131 17.24 27.71 78.20
C ASN B 1131 18.70 28.02 77.88
N ASN B 1132 18.98 29.29 77.59
CA ASN B 1132 20.34 29.75 77.41
C ASN B 1132 20.35 31.27 77.47
N THR B 1133 21.54 31.83 77.63
CA THR B 1133 21.74 33.26 77.62
C THR B 1133 22.05 33.74 76.22
N VAL B 1134 21.67 34.98 75.93
CA VAL B 1134 21.91 35.60 74.63
C VAL B 1134 22.84 36.78 74.85
N TYR B 1135 24.04 36.70 74.29
CA TYR B 1135 25.02 37.77 74.45
C TYR B 1135 24.53 39.03 73.76
N ASP B 1136 24.80 40.18 74.38
CA ASP B 1136 24.42 41.47 73.83
C ASP B 1136 25.67 42.31 73.61
N PRO B 1137 25.96 42.75 72.38
CA PRO B 1137 27.17 43.54 72.15
C PRO B 1137 27.11 44.94 72.73
N LEU B 1138 25.91 45.49 72.93
CA LEU B 1138 25.79 46.88 73.38
C LEU B 1138 26.13 47.02 74.86
N GLN B 1139 25.92 45.97 75.65
CA GLN B 1139 26.16 46.07 77.09
C GLN B 1139 27.62 46.34 77.45
N PRO B 1140 28.61 45.63 76.90
CA PRO B 1140 30.00 45.99 77.22
C PRO B 1140 30.37 47.42 76.85
N GLU B 1141 29.85 47.92 75.73
CA GLU B 1141 30.13 49.29 75.35
C GLU B 1141 29.50 50.28 76.32
N LEU B 1142 28.26 50.02 76.73
CA LEU B 1142 27.61 50.90 77.70
C LEU B 1142 28.21 50.77 79.10
N ASP B 1143 28.92 49.68 79.37
CA ASP B 1143 29.57 49.52 80.67
C ASP B 1143 30.65 50.58 80.87
N SER B 1144 31.42 50.87 79.84
CA SER B 1144 32.50 51.85 79.94
C SER B 1144 31.95 53.27 79.91
N GLN C 14 -4.97 25.25 -65.66
CA GLN C 14 -4.12 26.34 -66.14
C GLN C 14 -3.17 26.81 -65.05
N CYS C 15 -1.99 27.27 -65.45
CA CYS C 15 -0.99 27.77 -64.53
C CYS C 15 -0.29 28.98 -65.13
N VAL C 16 0.18 29.87 -64.26
CA VAL C 16 0.92 31.06 -64.65
C VAL C 16 2.23 31.08 -63.87
N ASN C 17 3.35 31.10 -64.59
CA ASN C 17 4.66 31.16 -63.97
C ASN C 17 5.02 32.61 -63.68
N LEU C 18 5.62 32.84 -62.50
CA LEU C 18 5.99 34.22 -62.09
C LEU C 18 7.44 34.23 -61.61
N THR C 19 8.19 35.28 -61.96
CA THR C 19 9.59 35.41 -61.49
C THR C 19 9.78 36.80 -60.86
N THR C 20 8.69 37.57 -60.77
CA THR C 20 8.76 38.93 -60.17
C THR C 20 9.22 38.80 -58.72
N ARG C 21 9.15 37.59 -58.15
CA ARG C 21 9.60 37.36 -56.76
C ARG C 21 10.98 37.98 -56.56
N THR C 22 11.14 38.82 -55.53
CA THR C 22 12.50 39.35 -55.24
C THR C 22 13.27 38.24 -54.50
N GLN C 23 14.46 37.89 -54.99
CA GLN C 23 15.29 36.86 -54.32
C GLN C 23 15.84 37.45 -53.02
N LEU C 24 15.44 36.91 -51.86
CA LEU C 24 15.89 37.46 -50.59
C LEU C 24 15.75 36.40 -49.50
N PRO C 25 16.74 36.26 -48.62
CA PRO C 25 16.63 35.29 -47.53
C PRO C 25 15.47 35.62 -46.61
N PRO C 26 14.81 34.62 -46.04
CA PRO C 26 13.69 34.89 -45.13
C PRO C 26 14.15 35.64 -43.89
N ALA C 27 13.29 36.52 -43.39
CA ALA C 27 13.64 37.28 -42.22
C ALA C 27 13.37 36.46 -40.95
N TYR C 28 13.90 36.93 -39.83
CA TYR C 28 13.65 36.31 -38.53
C TYR C 28 13.26 37.39 -37.54
N THR C 29 12.35 37.05 -36.63
CA THR C 29 11.96 37.96 -35.56
C THR C 29 11.61 37.15 -34.33
N ASN C 30 11.27 37.84 -33.25
CA ASN C 30 11.03 37.21 -31.96
C ASN C 30 9.53 36.99 -31.76
N SER C 31 9.18 35.78 -31.36
CA SER C 31 7.77 35.44 -31.13
C SER C 31 7.21 36.13 -29.90
N PHE C 32 8.05 36.58 -28.98
CA PHE C 32 7.63 37.20 -27.72
C PHE C 32 6.75 36.20 -26.99
N THR C 33 5.53 36.56 -26.58
CA THR C 33 4.67 35.68 -25.81
C THR C 33 3.34 35.44 -26.50
N ARG C 34 3.37 35.21 -27.80
CA ARG C 34 2.18 34.92 -28.59
C ARG C 34 2.08 33.43 -28.89
N GLY C 35 0.86 32.99 -29.17
CA GLY C 35 0.61 31.62 -29.55
C GLY C 35 -0.11 30.77 -28.53
N VAL C 36 -0.92 31.36 -27.66
CA VAL C 36 -1.63 30.62 -26.64
C VAL C 36 -3.07 30.40 -27.07
N TYR C 37 -3.52 29.15 -27.00
CA TYR C 37 -4.87 28.77 -27.40
C TYR C 37 -5.49 27.91 -26.32
N TYR C 38 -6.82 27.91 -26.26
CA TYR C 38 -7.53 27.10 -25.30
C TYR C 38 -7.31 25.63 -25.63
N PRO C 39 -6.71 24.83 -24.72
CA PRO C 39 -6.37 23.45 -25.07
C PRO C 39 -7.54 22.48 -24.98
N ASP C 40 -8.65 22.86 -24.37
CA ASP C 40 -9.75 21.94 -24.15
C ASP C 40 -11.07 22.68 -24.33
N LYS C 41 -12.17 21.94 -24.27
CA LYS C 41 -13.50 22.47 -24.54
C LYS C 41 -14.26 22.79 -23.25
N VAL C 42 -13.62 22.72 -22.10
CA VAL C 42 -14.29 22.90 -20.83
C VAL C 42 -14.11 24.34 -20.37
N PHE C 43 -14.85 24.71 -19.33
CA PHE C 43 -14.82 26.07 -18.78
C PHE C 43 -14.20 26.04 -17.40
N ARG C 44 -13.21 26.90 -17.18
CA ARG C 44 -12.57 27.05 -15.88
C ARG C 44 -12.42 28.53 -15.57
N SER C 45 -12.60 28.88 -14.30
CA SER C 45 -12.56 30.28 -13.88
C SER C 45 -11.70 30.41 -12.63
N SER C 46 -10.80 31.41 -12.64
CA SER C 46 -9.97 31.75 -11.48
C SER C 46 -9.15 30.55 -11.00
N VAL C 47 -8.70 29.72 -11.94
CA VAL C 47 -7.94 28.52 -11.63
C VAL C 47 -6.65 28.53 -12.46
N LEU C 48 -5.52 28.32 -11.79
CA LEU C 48 -4.24 28.17 -12.47
C LEU C 48 -4.10 26.72 -12.91
N HIS C 49 -4.14 26.49 -14.22
CA HIS C 49 -4.15 25.15 -14.77
C HIS C 49 -2.85 24.86 -15.51
N SER C 50 -2.19 23.77 -15.14
CA SER C 50 -0.96 23.34 -15.80
C SER C 50 -1.29 22.24 -16.78
N THR C 51 -1.00 22.47 -18.06
CA THR C 51 -1.35 21.51 -19.10
C THR C 51 -0.17 21.32 -20.04
N GLN C 52 0.01 20.08 -20.51
CA GLN C 52 1.08 19.74 -21.43
C GLN C 52 0.48 19.41 -22.79
N ASP C 53 0.94 20.10 -23.83
CA ASP C 53 0.41 19.95 -25.16
C ASP C 53 1.35 20.64 -26.14
N LEU C 54 0.97 20.65 -27.42
CA LEU C 54 1.73 21.37 -28.43
C LEU C 54 1.52 22.86 -28.24
N PHE C 55 2.60 23.63 -28.22
CA PHE C 55 2.54 25.06 -28.02
C PHE C 55 3.71 25.73 -28.73
N LEU C 56 3.58 27.02 -28.96
CA LEU C 56 4.69 27.80 -29.50
C LEU C 56 5.54 28.33 -28.36
N PRO C 57 6.81 27.95 -28.26
CA PRO C 57 7.63 28.39 -27.12
C PRO C 57 7.75 29.89 -27.07
N PHE C 58 7.77 30.43 -25.85
CA PHE C 58 7.89 31.86 -25.67
C PHE C 58 9.27 32.36 -26.12
N PHE C 59 9.28 33.55 -26.71
CA PHE C 59 10.50 34.18 -27.21
C PHE C 59 11.23 33.26 -28.19
N SER C 60 10.47 32.57 -29.02
CA SER C 60 11.04 31.72 -30.04
C SER C 60 11.33 32.54 -31.29
N ASN C 61 12.11 31.95 -32.19
CA ASN C 61 12.52 32.63 -33.42
C ASN C 61 11.51 32.28 -34.51
N VAL C 62 10.67 33.25 -34.87
CA VAL C 62 9.59 33.06 -35.83
C VAL C 62 10.00 33.68 -37.16
N THR C 63 9.81 32.91 -38.24
CA THR C 63 10.25 33.36 -39.55
C THR C 63 9.30 34.42 -40.09
N TRP C 64 9.84 35.37 -40.82
CA TRP C 64 9.12 36.56 -41.27
C TRP C 64 9.23 36.67 -42.79
N PHE C 65 8.08 36.87 -43.45
CA PHE C 65 8.02 37.13 -44.88
C PHE C 65 7.21 38.40 -45.13
N HIS C 66 7.56 39.10 -46.20
CA HIS C 66 6.91 40.33 -46.60
C HIS C 66 6.34 40.19 -48.00
N VAL C 67 5.28 40.95 -48.28
CA VAL C 67 4.68 40.99 -49.61
C VAL C 67 4.43 42.45 -49.97
N ILE C 68 4.99 42.88 -51.10
CA ILE C 68 4.78 44.23 -51.61
C ILE C 68 5.16 44.30 -53.08
N LYS C 75 9.67 44.75 -55.88
CA LYS C 75 8.63 43.75 -56.08
C LYS C 75 8.90 42.50 -55.26
N ARG C 76 8.46 42.52 -54.00
CA ARG C 76 8.69 41.41 -53.08
C ARG C 76 7.50 40.45 -53.16
N PHE C 77 7.79 39.20 -53.52
CA PHE C 77 6.76 38.16 -53.63
C PHE C 77 7.37 36.86 -53.11
N ASP C 78 6.82 36.34 -52.02
CA ASP C 78 7.35 35.15 -51.37
C ASP C 78 6.22 34.13 -51.19
N ASN C 79 6.28 33.06 -51.96
CA ASN C 79 5.35 31.93 -51.82
C ASN C 79 6.16 30.64 -51.78
N PRO C 80 6.96 30.43 -50.73
CA PRO C 80 7.84 29.27 -50.70
C PRO C 80 7.16 28.03 -50.13
N VAL C 81 7.86 26.90 -50.16
CA VAL C 81 7.37 25.66 -49.58
C VAL C 81 7.89 25.55 -48.17
N LEU C 82 7.00 25.45 -47.19
CA LEU C 82 7.37 25.38 -45.80
C LEU C 82 6.86 24.08 -45.20
N PRO C 83 7.69 23.35 -44.46
CA PRO C 83 7.22 22.11 -43.81
C PRO C 83 6.14 22.40 -42.78
N PHE C 84 5.28 21.41 -42.58
CA PHE C 84 4.22 21.51 -41.58
C PHE C 84 4.66 21.01 -40.22
N ASN C 85 5.32 19.86 -40.18
CA ASN C 85 5.84 19.26 -38.94
C ASN C 85 4.64 19.00 -38.01
N ASP C 86 4.80 19.21 -36.70
CA ASP C 86 3.75 18.86 -35.76
C ASP C 86 2.58 19.83 -35.80
N GLY C 87 2.85 21.12 -35.99
CA GLY C 87 1.81 22.12 -36.04
C GLY C 87 2.37 23.40 -36.61
N VAL C 88 1.47 24.34 -36.89
CA VAL C 88 1.86 25.59 -37.50
C VAL C 88 1.18 26.75 -36.78
N TYR C 89 1.93 27.81 -36.49
CA TYR C 89 1.38 29.06 -36.03
C TYR C 89 1.61 30.09 -37.12
N PHE C 90 0.54 30.76 -37.54
CA PHE C 90 0.56 31.63 -38.71
C PHE C 90 -0.04 32.98 -38.32
N ALA C 91 0.81 34.00 -38.21
CA ALA C 91 0.34 35.35 -37.93
C ALA C 91 0.45 36.19 -39.19
N SER C 92 -0.40 37.20 -39.30
CA SER C 92 -0.40 38.06 -40.47
C SER C 92 -0.74 39.48 -40.07
N ILE C 93 0.13 40.42 -40.43
CA ILE C 93 -0.18 41.84 -40.31
C ILE C 93 -0.60 42.31 -41.70
N GLU C 94 -1.85 42.77 -41.80
CA GLU C 94 -2.51 43.01 -43.07
C GLU C 94 -3.24 44.34 -43.04
N LYS C 95 -3.39 44.92 -44.22
CA LYS C 95 -4.29 46.03 -44.48
C LYS C 95 -4.92 45.80 -45.84
N SER C 96 -6.25 45.82 -45.90
CA SER C 96 -7.08 45.51 -47.06
C SER C 96 -7.09 44.02 -47.39
N ASN C 97 -6.46 43.17 -46.57
CA ASN C 97 -6.63 41.72 -46.64
C ASN C 97 -6.18 41.14 -47.99
N ILE C 98 -4.88 41.26 -48.26
CA ILE C 98 -4.34 40.71 -49.49
C ILE C 98 -4.34 39.19 -49.46
N ILE C 99 -3.92 38.60 -48.35
CA ILE C 99 -3.81 37.14 -48.24
C ILE C 99 -5.21 36.53 -48.32
N ARG C 100 -5.30 35.33 -48.92
CA ARG C 100 -6.60 34.74 -49.22
C ARG C 100 -6.80 33.33 -48.67
N GLY C 101 -5.74 32.56 -48.46
CA GLY C 101 -5.95 31.21 -47.99
C GLY C 101 -4.67 30.42 -47.88
N TRP C 102 -4.84 29.11 -47.78
CA TRP C 102 -3.73 28.18 -47.55
C TRP C 102 -3.90 26.92 -48.38
N ILE C 103 -2.78 26.23 -48.55
CA ILE C 103 -2.71 24.97 -49.30
C ILE C 103 -1.94 23.98 -48.44
N PHE C 104 -2.44 22.75 -48.34
CA PHE C 104 -1.82 21.72 -47.52
C PHE C 104 -1.69 20.42 -48.29
N GLY C 105 -0.66 19.66 -47.97
CA GLY C 105 -0.46 18.37 -48.60
C GLY C 105 0.95 17.86 -48.35
N THR C 106 1.27 16.76 -49.02
CA THR C 106 2.60 16.16 -48.97
C THR C 106 3.43 16.46 -50.20
N THR C 107 2.90 16.17 -51.40
CA THR C 107 3.60 16.41 -52.64
C THR C 107 2.98 17.53 -53.47
N LEU C 108 1.73 17.92 -53.18
CA LEU C 108 1.04 19.00 -53.89
C LEU C 108 0.96 18.73 -55.38
N ASP C 109 0.42 17.56 -55.73
CA ASP C 109 0.22 17.18 -57.12
C ASP C 109 -0.94 16.20 -57.18
N SER C 110 -1.11 15.54 -58.33
CA SER C 110 -2.13 14.51 -58.47
C SER C 110 -1.69 13.17 -57.93
N LYS C 111 -0.46 13.05 -57.43
CA LYS C 111 0.00 11.80 -56.85
C LYS C 111 -0.62 11.56 -55.48
N THR C 112 -0.70 12.59 -54.64
CA THR C 112 -1.19 12.47 -53.28
C THR C 112 -2.30 13.49 -53.04
N GLN C 113 -3.22 13.14 -52.14
CA GLN C 113 -4.33 14.02 -51.82
C GLN C 113 -3.82 15.31 -51.18
N SER C 114 -4.67 16.34 -51.21
CA SER C 114 -4.30 17.65 -50.71
C SER C 114 -5.53 18.35 -50.14
N LEU C 115 -5.32 19.53 -49.58
CA LEU C 115 -6.37 20.33 -48.95
C LEU C 115 -6.20 21.78 -49.38
N LEU C 116 -7.32 22.46 -49.62
CA LEU C 116 -7.32 23.84 -50.07
C LEU C 116 -8.29 24.65 -49.23
N ILE C 117 -7.85 25.82 -48.77
CA ILE C 117 -8.72 26.76 -48.08
C ILE C 117 -8.55 28.12 -48.74
N VAL C 118 -9.66 28.73 -49.15
CA VAL C 118 -9.63 30.07 -49.72
C VAL C 118 -10.78 30.89 -49.16
N ASN C 119 -10.65 32.20 -49.26
CA ASN C 119 -11.69 33.14 -48.85
C ASN C 119 -11.83 34.20 -49.94
N ASN C 120 -12.72 33.96 -50.89
CA ASN C 120 -12.95 34.90 -51.98
C ASN C 120 -13.82 36.05 -51.47
N ALA C 121 -14.28 36.91 -52.39
CA ALA C 121 -15.09 38.05 -52.01
C ALA C 121 -16.46 37.66 -51.48
N THR C 122 -16.88 36.40 -51.66
CA THR C 122 -18.21 35.96 -51.28
C THR C 122 -18.20 35.21 -49.95
N ASN C 123 -17.43 34.14 -49.85
CA ASN C 123 -17.49 33.24 -48.70
C ASN C 123 -16.15 32.53 -48.57
N VAL C 124 -16.08 31.53 -47.70
CA VAL C 124 -14.91 30.67 -47.61
C VAL C 124 -15.20 29.38 -48.34
N VAL C 125 -14.15 28.79 -48.91
CA VAL C 125 -14.24 27.52 -49.62
C VAL C 125 -13.17 26.60 -49.07
N ILE C 126 -13.59 25.47 -48.51
CA ILE C 126 -12.68 24.45 -47.99
C ILE C 126 -12.93 23.17 -48.77
N LYS C 127 -11.88 22.64 -49.40
CA LYS C 127 -12.03 21.50 -50.28
C LYS C 127 -10.90 20.52 -50.08
N VAL C 128 -11.20 19.24 -50.28
CA VAL C 128 -10.22 18.16 -50.25
C VAL C 128 -10.36 17.42 -51.57
N CYS C 129 -9.39 17.58 -52.46
CA CYS C 129 -9.42 16.91 -53.75
C CYS C 129 -8.00 16.56 -54.17
N GLU C 130 -7.91 15.76 -55.24
CA GLU C 130 -6.64 15.36 -55.82
C GLU C 130 -6.15 16.50 -56.73
N PHE C 131 -5.95 17.67 -56.12
CA PHE C 131 -5.61 18.86 -56.88
C PHE C 131 -4.25 18.72 -57.55
N GLN C 132 -4.16 19.25 -58.77
CA GLN C 132 -2.90 19.36 -59.49
C GLN C 132 -2.42 20.80 -59.31
N PHE C 133 -1.66 21.03 -58.25
CA PHE C 133 -1.25 22.37 -57.89
C PHE C 133 -0.20 22.90 -58.87
N CYS C 134 -0.30 24.19 -59.16
CA CYS C 134 0.64 24.85 -60.06
C CYS C 134 1.94 25.13 -59.32
N ASN C 135 2.98 25.48 -60.09
CA ASN C 135 4.25 25.85 -59.48
C ASN C 135 4.11 27.11 -58.64
N ASP C 136 3.36 28.09 -59.12
CA ASP C 136 3.13 29.35 -58.42
C ASP C 136 1.64 29.66 -58.39
N PRO C 137 0.89 28.98 -57.53
CA PRO C 137 -0.54 29.31 -57.41
C PRO C 137 -0.73 30.68 -56.78
N PHE C 138 -1.67 31.45 -57.32
CA PHE C 138 -1.95 32.78 -56.81
C PHE C 138 -3.34 33.19 -57.28
N LEU C 139 -3.78 34.37 -56.84
CA LEU C 139 -5.09 34.91 -57.17
C LEU C 139 -4.93 36.28 -57.81
N ASP C 140 -5.86 36.62 -58.69
CA ASP C 140 -5.85 37.91 -59.36
C ASP C 140 -7.16 38.66 -59.15
N MET C 148 -11.79 44.57 -57.08
CA MET C 148 -12.61 43.41 -57.41
C MET C 148 -11.77 42.25 -57.94
N GLU C 149 -12.18 41.03 -57.63
CA GLU C 149 -11.47 39.82 -58.01
C GLU C 149 -12.38 38.96 -58.89
N SER C 150 -11.87 38.56 -60.05
CA SER C 150 -12.61 37.67 -60.94
C SER C 150 -11.74 36.60 -61.57
N GLU C 151 -10.51 36.40 -61.11
CA GLU C 151 -9.60 35.43 -61.68
C GLU C 151 -9.13 34.47 -60.60
N PHE C 152 -9.04 33.19 -60.96
CA PHE C 152 -8.66 32.13 -60.03
C PHE C 152 -7.78 31.14 -60.77
N ARG C 153 -6.54 30.98 -60.30
CA ARG C 153 -5.57 30.07 -60.92
C ARG C 153 -4.77 29.40 -59.80
N VAL C 154 -5.23 28.22 -59.38
CA VAL C 154 -4.54 27.47 -58.35
C VAL C 154 -4.27 26.05 -58.84
N TYR C 155 -5.32 25.35 -59.24
CA TYR C 155 -5.21 23.97 -59.68
C TYR C 155 -5.74 23.84 -61.09
N SER C 156 -5.11 22.97 -61.87
CA SER C 156 -5.54 22.70 -63.23
C SER C 156 -6.58 21.59 -63.31
N SER C 157 -6.56 20.65 -62.37
CA SER C 157 -7.49 19.53 -62.40
C SER C 157 -7.84 19.13 -60.97
N ALA C 158 -9.06 18.61 -60.80
CA ALA C 158 -9.50 18.10 -59.50
C ALA C 158 -10.59 17.06 -59.78
N ASN C 159 -10.21 15.79 -59.71
CA ASN C 159 -11.11 14.69 -60.07
C ASN C 159 -11.73 14.01 -58.86
N ASN C 160 -10.92 13.51 -57.93
CA ASN C 160 -11.41 12.78 -56.76
C ASN C 160 -11.52 13.75 -55.60
N CYS C 161 -12.75 14.14 -55.26
CA CYS C 161 -13.03 15.09 -54.19
C CYS C 161 -13.75 14.36 -53.06
N THR C 162 -13.28 14.55 -51.84
CA THR C 162 -13.82 13.85 -50.68
C THR C 162 -14.66 14.73 -49.77
N PHE C 163 -14.11 15.86 -49.30
CA PHE C 163 -14.78 16.70 -48.33
C PHE C 163 -14.95 18.11 -48.88
N GLU C 164 -16.11 18.70 -48.62
CA GLU C 164 -16.40 20.07 -49.01
C GLU C 164 -17.14 20.76 -47.89
N TYR C 165 -17.06 22.10 -47.86
CA TYR C 165 -17.71 22.89 -46.84
C TYR C 165 -17.80 24.32 -47.31
N VAL C 166 -18.81 25.03 -46.82
CA VAL C 166 -19.04 26.44 -47.18
C VAL C 166 -19.48 27.19 -45.93
N SER C 167 -18.95 28.40 -45.78
CA SER C 167 -19.32 29.28 -44.67
C SER C 167 -18.96 30.70 -45.08
N GLN C 168 -19.39 31.66 -44.26
CA GLN C 168 -19.11 33.06 -44.51
C GLN C 168 -17.63 33.36 -44.25
N PRO C 169 -17.11 34.44 -44.83
CA PRO C 169 -15.68 34.76 -44.62
C PRO C 169 -15.36 34.98 -43.14
N PHE C 170 -14.19 34.48 -42.74
CA PHE C 170 -13.74 34.67 -41.37
C PHE C 170 -13.42 36.13 -41.10
N LEU C 171 -12.82 36.81 -42.06
CA LEU C 171 -12.30 38.16 -41.86
C LEU C 171 -13.42 39.20 -41.89
N ASN C 180 -0.73 52.51 -42.94
CA ASN C 180 -0.88 52.11 -41.55
C ASN C 180 -1.48 50.73 -41.43
N PHE C 181 -0.68 49.76 -40.98
CA PHE C 181 -1.17 48.41 -40.73
C PHE C 181 -2.19 48.44 -39.61
N LYS C 182 -3.31 47.76 -39.82
CA LYS C 182 -4.41 47.79 -38.86
C LYS C 182 -5.01 46.43 -38.52
N ASN C 183 -4.81 45.40 -39.33
CA ASN C 183 -5.42 44.11 -39.09
C ASN C 183 -4.36 43.09 -38.70
N LEU C 184 -4.66 42.29 -37.68
CA LEU C 184 -3.79 41.18 -37.28
C LEU C 184 -4.63 39.92 -37.27
N ARG C 185 -4.25 38.96 -38.12
CA ARG C 185 -4.94 37.68 -38.23
C ARG C 185 -4.02 36.61 -37.64
N GLU C 186 -4.47 35.96 -36.57
CA GLU C 186 -3.67 34.96 -35.89
C GLU C 186 -4.35 33.62 -36.01
N PHE C 187 -3.62 32.61 -36.50
CA PHE C 187 -4.17 31.28 -36.69
C PHE C 187 -3.19 30.24 -36.18
N VAL C 188 -3.75 29.12 -35.74
CA VAL C 188 -2.97 27.95 -35.38
C VAL C 188 -3.61 26.73 -36.02
N PHE C 189 -2.82 25.95 -36.75
CA PHE C 189 -3.29 24.74 -37.42
C PHE C 189 -2.62 23.53 -36.79
N LYS C 190 -3.44 22.58 -36.35
CA LYS C 190 -2.95 21.31 -35.81
C LYS C 190 -3.59 20.16 -36.55
N ASN C 191 -2.82 19.09 -36.75
CA ASN C 191 -3.29 17.88 -37.42
C ASN C 191 -2.99 16.70 -36.52
N ILE C 192 -3.97 16.28 -35.73
CA ILE C 192 -3.80 15.22 -34.74
C ILE C 192 -4.91 14.19 -34.90
N ASP C 193 -4.52 12.92 -34.99
CA ASP C 193 -5.46 11.79 -34.96
C ASP C 193 -6.54 11.93 -36.01
N GLY C 194 -6.14 12.26 -37.25
CA GLY C 194 -7.10 12.40 -38.32
C GLY C 194 -8.01 13.60 -38.20
N TYR C 195 -7.67 14.57 -37.35
CA TYR C 195 -8.49 15.75 -37.13
C TYR C 195 -7.65 16.99 -37.37
N PHE C 196 -8.24 17.97 -38.06
CA PHE C 196 -7.58 19.23 -38.39
C PHE C 196 -8.27 20.34 -37.59
N LYS C 197 -7.54 20.92 -36.65
CA LYS C 197 -8.07 21.97 -35.79
C LYS C 197 -7.49 23.32 -36.20
N ILE C 198 -8.37 24.29 -36.40
CA ILE C 198 -7.99 25.66 -36.75
C ILE C 198 -8.48 26.57 -35.65
N TYR C 199 -7.54 27.27 -35.02
CA TYR C 199 -7.82 28.27 -33.99
C TYR C 199 -7.55 29.65 -34.58
N SER C 200 -8.50 30.57 -34.43
CA SER C 200 -8.45 31.85 -35.12
C SER C 200 -8.68 33.00 -34.15
N LYS C 201 -8.11 34.16 -34.50
CA LYS C 201 -8.31 35.38 -33.74
C LYS C 201 -8.04 36.58 -34.63
N HIS C 202 -8.84 37.62 -34.47
CA HIS C 202 -8.67 38.88 -35.18
C HIS C 202 -8.37 39.98 -34.17
N THR C 203 -7.45 40.88 -34.54
CA THR C 203 -7.03 41.94 -33.64
C THR C 203 -6.87 43.26 -34.38
N PRO C 204 -7.43 44.35 -33.86
CA PRO C 204 -7.22 45.67 -34.46
C PRO C 204 -5.88 46.24 -33.99
N ILE C 205 -5.02 46.57 -34.95
CA ILE C 205 -3.71 47.15 -34.62
C ILE C 205 -3.49 48.42 -35.41
N ASP C 212 6.65 44.42 -37.04
CA ASP C 212 7.07 43.41 -36.06
C ASP C 212 5.86 42.90 -35.28
N LEU C 213 6.02 41.72 -34.69
CA LEU C 213 4.93 41.13 -33.91
C LEU C 213 4.69 41.96 -32.65
N PRO C 214 3.46 42.40 -32.39
CA PRO C 214 3.21 43.25 -31.22
C PRO C 214 3.51 42.52 -29.92
N GLN C 215 3.99 43.29 -28.95
CA GLN C 215 4.30 42.76 -27.62
C GLN C 215 3.03 42.80 -26.78
N GLY C 216 2.42 41.63 -26.59
CA GLY C 216 1.17 41.57 -25.85
C GLY C 216 0.69 40.14 -25.77
N PHE C 217 -0.43 39.97 -25.08
CA PHE C 217 -1.00 38.66 -24.81
C PHE C 217 -2.41 38.58 -25.36
N SER C 218 -2.74 37.44 -25.98
CA SER C 218 -4.06 37.26 -26.58
C SER C 218 -4.32 35.76 -26.73
N ALA C 219 -5.36 35.27 -26.06
CA ALA C 219 -5.74 33.88 -26.20
C ALA C 219 -6.36 33.64 -27.58
N LEU C 220 -6.28 32.40 -28.05
CA LEU C 220 -6.80 32.02 -29.36
C LEU C 220 -8.07 31.22 -29.18
N GLU C 221 -9.17 31.70 -29.78
CA GLU C 221 -10.42 30.97 -29.73
C GLU C 221 -10.36 29.77 -30.66
N PRO C 222 -10.70 28.57 -30.18
CA PRO C 222 -10.79 27.42 -31.08
C PRO C 222 -11.96 27.59 -32.03
N LEU C 223 -11.65 27.70 -33.32
CA LEU C 223 -12.65 28.11 -34.31
C LEU C 223 -13.33 26.92 -34.97
N VAL C 224 -12.59 26.06 -35.66
CA VAL C 224 -13.22 25.06 -36.53
C VAL C 224 -12.45 23.76 -36.43
N ASP C 225 -13.18 22.64 -36.55
CA ASP C 225 -12.61 21.30 -36.61
C ASP C 225 -13.02 20.63 -37.92
N LEU C 226 -12.12 19.84 -38.49
CA LEU C 226 -12.38 19.12 -39.73
C LEU C 226 -11.98 17.67 -39.56
N PRO C 227 -12.77 16.72 -40.06
CA PRO C 227 -12.37 15.30 -40.07
C PRO C 227 -11.66 14.91 -41.35
N ILE C 228 -10.45 15.46 -41.54
CA ILE C 228 -9.72 15.24 -42.78
C ILE C 228 -9.10 13.85 -42.81
N GLY C 229 -8.21 13.56 -41.87
CA GLY C 229 -7.58 12.26 -41.79
C GLY C 229 -6.67 11.93 -42.96
N ILE C 230 -5.82 12.88 -43.36
CA ILE C 230 -4.85 12.65 -44.42
C ILE C 230 -3.46 12.99 -43.90
N ASN C 231 -2.46 12.63 -44.69
CA ASN C 231 -1.07 12.93 -44.38
C ASN C 231 -0.70 14.30 -44.93
N ILE C 232 -0.11 15.14 -44.09
CA ILE C 232 0.29 16.49 -44.48
C ILE C 232 1.71 16.74 -43.97
N THR C 233 2.57 17.27 -44.85
CA THR C 233 3.94 17.62 -44.48
C THR C 233 4.38 18.99 -44.94
N ARG C 234 3.73 19.59 -45.94
CA ARG C 234 4.13 20.88 -46.46
C ARG C 234 2.91 21.75 -46.66
N PHE C 235 3.13 23.07 -46.61
CA PHE C 235 2.03 24.01 -46.81
C PHE C 235 2.56 25.27 -47.47
N GLN C 236 1.67 25.99 -48.12
CA GLN C 236 1.99 27.19 -48.88
C GLN C 236 1.12 28.34 -48.39
N THR C 237 1.11 29.43 -49.16
CA THR C 237 0.27 30.58 -48.87
C THR C 237 -0.30 31.14 -50.17
N LEU C 238 -1.55 31.58 -50.13
CA LEU C 238 -2.26 32.05 -51.31
C LEU C 238 -2.48 33.55 -51.20
N LEU C 239 -2.09 34.27 -52.25
CA LEU C 239 -2.18 35.73 -52.28
C LEU C 239 -3.04 36.16 -53.46
N ALA C 240 -3.69 37.32 -53.30
CA ALA C 240 -4.48 37.92 -54.36
C ALA C 240 -3.71 39.10 -54.93
N LEU C 241 -3.44 39.05 -56.22
CA LEU C 241 -2.70 40.12 -56.89
C LEU C 241 -3.67 41.04 -57.62
N HIS C 242 -3.73 42.29 -57.16
CA HIS C 242 -4.64 43.27 -57.74
C HIS C 242 -4.05 43.81 -59.03
N ARG C 243 -4.88 43.88 -60.07
CA ARG C 243 -4.45 44.35 -61.38
C ARG C 243 -4.80 45.82 -61.54
N SER C 244 -3.81 46.61 -61.96
CA SER C 244 -3.99 48.04 -62.16
C SER C 244 -3.88 48.41 -63.64
N GLY C 254 0.19 44.94 -65.83
CA GLY C 254 0.26 43.72 -65.06
C GLY C 254 -0.59 43.78 -63.80
N TRP C 255 0.02 43.45 -62.66
CA TRP C 255 -0.67 43.45 -61.38
C TRP C 255 0.16 44.23 -60.37
N THR C 256 -0.54 44.77 -59.36
CA THR C 256 0.09 45.54 -58.29
C THR C 256 -0.14 44.85 -56.97
N ALA C 257 0.90 44.79 -56.14
CA ALA C 257 0.87 44.09 -54.87
C ALA C 257 0.90 45.09 -53.72
N GLY C 258 -0.01 44.93 -52.77
CA GLY C 258 -0.04 45.79 -51.61
C GLY C 258 0.98 45.36 -50.56
N ALA C 259 1.06 46.16 -49.50
CA ALA C 259 2.03 45.93 -48.44
C ALA C 259 1.40 45.11 -47.32
N ALA C 260 2.02 43.98 -46.99
CA ALA C 260 1.57 43.13 -45.91
C ALA C 260 2.72 42.23 -45.48
N ALA C 261 2.55 41.54 -44.36
CA ALA C 261 3.59 40.63 -43.89
C ALA C 261 2.95 39.47 -43.14
N TYR C 262 3.66 38.34 -43.12
CA TYR C 262 3.18 37.20 -42.35
C TYR C 262 4.36 36.44 -41.75
N TYR C 263 4.09 35.88 -40.58
CA TYR C 263 5.09 35.21 -39.75
C TYR C 263 4.66 33.76 -39.54
N VAL C 264 5.63 32.86 -39.60
CA VAL C 264 5.39 31.43 -39.51
C VAL C 264 6.26 30.86 -38.39
N GLY C 265 5.64 30.05 -37.52
CA GLY C 265 6.37 29.40 -36.45
C GLY C 265 5.89 27.97 -36.28
N TYR C 266 6.69 27.20 -35.58
CA TYR C 266 6.44 25.77 -35.38
C TYR C 266 6.19 25.49 -33.90
N LEU C 267 5.36 24.49 -33.63
CA LEU C 267 4.99 24.13 -32.28
C LEU C 267 5.79 22.94 -31.79
N GLN C 268 6.04 22.92 -30.48
CA GLN C 268 6.72 21.83 -29.81
C GLN C 268 5.86 21.35 -28.65
N PRO C 269 5.98 20.09 -28.26
CA PRO C 269 5.25 19.60 -27.07
C PRO C 269 5.92 20.08 -25.80
N ARG C 270 5.20 20.86 -25.00
CA ARG C 270 5.73 21.36 -23.75
C ARG C 270 4.59 21.63 -22.78
N THR C 271 4.94 21.99 -21.56
CA THR C 271 3.99 22.22 -20.49
C THR C 271 3.87 23.72 -20.23
N PHE C 272 2.65 24.23 -20.29
CA PHE C 272 2.36 25.62 -19.94
C PHE C 272 1.52 25.67 -18.68
N LEU C 273 1.52 26.85 -18.05
CA LEU C 273 0.64 27.15 -16.94
C LEU C 273 -0.22 28.33 -17.34
N LEU C 274 -1.54 28.13 -17.35
CA LEU C 274 -2.48 29.12 -17.83
C LEU C 274 -3.29 29.68 -16.67
N LYS C 275 -3.41 31.01 -16.65
CA LYS C 275 -4.14 31.74 -15.62
C LYS C 275 -5.49 32.15 -16.18
N TYR C 276 -6.56 31.66 -15.57
CA TYR C 276 -7.91 32.03 -15.96
C TYR C 276 -8.42 33.14 -15.06
N ASN C 277 -9.04 34.15 -15.68
CA ASN C 277 -9.66 35.22 -14.91
C ASN C 277 -11.01 34.73 -14.38
N GLU C 278 -11.77 35.62 -13.74
CA GLU C 278 -13.05 35.20 -13.18
C GLU C 278 -14.10 35.01 -14.28
N ASN C 279 -13.86 35.52 -15.47
CA ASN C 279 -14.78 35.33 -16.59
C ASN C 279 -14.42 34.13 -17.45
N GLY C 280 -13.41 33.37 -17.08
CA GLY C 280 -13.01 32.21 -17.85
C GLY C 280 -12.12 32.49 -19.05
N THR C 281 -11.52 33.68 -19.13
CA THR C 281 -10.66 34.05 -20.24
C THR C 281 -9.21 33.96 -19.81
N ILE C 282 -8.39 33.30 -20.63
CA ILE C 282 -6.96 33.18 -20.33
C ILE C 282 -6.33 34.57 -20.43
N THR C 283 -5.74 35.03 -19.32
CA THR C 283 -5.12 36.35 -19.28
C THR C 283 -3.60 36.31 -19.17
N ASP C 284 -3.02 35.18 -18.78
CA ASP C 284 -1.57 35.08 -18.71
C ASP C 284 -1.16 33.63 -18.79
N ALA C 285 0.09 33.41 -19.22
CA ALA C 285 0.64 32.07 -19.35
C ALA C 285 2.11 32.09 -18.99
N VAL C 286 2.58 30.94 -18.52
CA VAL C 286 3.98 30.77 -18.13
C VAL C 286 4.50 29.49 -18.75
N ASP C 287 5.65 29.58 -19.43
CA ASP C 287 6.30 28.40 -19.98
C ASP C 287 7.08 27.71 -18.86
N CYS C 288 6.90 26.40 -18.72
CA CYS C 288 7.51 25.69 -17.60
C CYS C 288 8.96 25.30 -17.85
N ALA C 289 9.51 25.57 -19.03
CA ALA C 289 10.87 25.16 -19.35
C ALA C 289 11.62 26.25 -20.11
N LEU C 290 11.29 27.51 -19.88
CA LEU C 290 12.00 28.59 -20.56
C LEU C 290 13.30 28.95 -19.84
N ASP C 291 13.19 29.39 -18.60
CA ASP C 291 14.34 29.77 -17.78
C ASP C 291 14.06 29.35 -16.35
N PRO C 292 15.09 29.26 -15.50
CA PRO C 292 14.87 28.74 -14.14
C PRO C 292 13.79 29.48 -13.36
N LEU C 293 13.66 30.79 -13.55
CA LEU C 293 12.58 31.51 -12.87
C LEU C 293 11.22 30.98 -13.28
N SER C 294 11.01 30.76 -14.58
CA SER C 294 9.75 30.23 -15.05
C SER C 294 9.52 28.81 -14.55
N GLU C 295 10.58 28.00 -14.45
CA GLU C 295 10.43 26.67 -13.91
C GLU C 295 10.02 26.71 -12.44
N THR C 296 10.59 27.65 -11.68
CA THR C 296 10.18 27.83 -10.29
C THR C 296 8.72 28.25 -10.21
N LYS C 297 8.30 29.17 -11.08
CA LYS C 297 6.90 29.57 -11.10
C LYS C 297 5.99 28.38 -11.38
N CYS C 298 6.37 27.56 -12.36
CA CYS C 298 5.56 26.40 -12.72
C CYS C 298 5.50 25.39 -11.59
N THR C 299 6.62 25.15 -10.91
CA THR C 299 6.64 24.20 -9.80
C THR C 299 5.79 24.69 -8.63
N LEU C 300 5.91 25.97 -8.28
CA LEU C 300 5.15 26.53 -7.17
C LEU C 300 3.69 26.75 -7.49
N LYS C 301 3.29 26.62 -8.76
CA LYS C 301 1.92 26.86 -9.19
C LYS C 301 1.46 28.26 -8.79
N SER C 302 2.36 29.24 -8.93
CA SER C 302 2.04 30.62 -8.60
C SER C 302 2.81 31.54 -9.53
N PHE C 303 2.28 32.74 -9.71
CA PHE C 303 2.90 33.73 -10.59
C PHE C 303 3.80 34.69 -9.85
N THR C 304 3.85 34.63 -8.52
CA THR C 304 4.78 35.44 -7.73
C THR C 304 5.61 34.51 -6.87
N VAL C 305 6.92 34.71 -6.89
CA VAL C 305 7.86 33.86 -6.16
C VAL C 305 8.48 34.70 -5.07
N GLU C 306 8.32 34.27 -3.82
CA GLU C 306 8.89 34.97 -2.70
C GLU C 306 10.39 34.73 -2.61
N LYS C 307 11.08 35.66 -1.96
CA LYS C 307 12.52 35.54 -1.80
C LYS C 307 12.87 34.29 -1.00
N GLY C 308 13.84 33.53 -1.50
CA GLY C 308 14.30 32.34 -0.81
C GLY C 308 14.89 31.35 -1.80
N ILE C 309 15.12 30.15 -1.29
CA ILE C 309 15.66 29.04 -2.07
C ILE C 309 14.55 28.05 -2.37
N TYR C 310 14.50 27.57 -3.61
CA TYR C 310 13.52 26.59 -4.03
C TYR C 310 14.22 25.49 -4.83
N GLN C 311 14.12 24.26 -4.33
CA GLN C 311 14.67 23.10 -5.03
C GLN C 311 13.76 22.77 -6.19
N THR C 312 14.12 23.23 -7.40
CA THR C 312 13.15 23.25 -8.48
C THR C 312 13.12 21.95 -9.29
N SER C 313 14.25 21.32 -9.59
CA SER C 313 14.20 20.20 -10.51
C SER C 313 15.46 19.37 -10.39
N ASN C 314 15.66 18.46 -11.36
CA ASN C 314 16.85 17.64 -11.45
C ASN C 314 17.43 17.77 -12.86
N PHE C 315 18.75 17.70 -12.96
CA PHE C 315 19.41 17.70 -14.26
C PHE C 315 20.00 16.32 -14.53
N ARG C 316 19.85 15.87 -15.77
CA ARG C 316 20.38 14.59 -16.22
C ARG C 316 21.16 14.82 -17.51
N VAL C 317 22.17 13.99 -17.73
CA VAL C 317 22.93 14.00 -18.97
C VAL C 317 22.35 12.90 -19.86
N GLN C 318 21.58 13.31 -20.86
CA GLN C 318 20.90 12.35 -21.70
C GLN C 318 21.91 11.54 -22.52
N PRO C 319 21.62 10.27 -22.79
CA PRO C 319 22.53 9.45 -23.60
C PRO C 319 22.57 9.94 -25.04
N THR C 320 23.71 9.70 -25.68
CA THR C 320 23.93 10.15 -27.06
C THR C 320 23.82 9.00 -28.05
N GLU C 321 24.60 7.94 -27.86
CA GLU C 321 24.68 6.86 -28.83
C GLU C 321 23.97 5.61 -28.33
N SER C 322 23.85 4.63 -29.21
CA SER C 322 23.28 3.34 -28.86
C SER C 322 24.24 2.24 -29.29
N ILE C 323 24.42 1.24 -28.44
CA ILE C 323 25.30 0.12 -28.71
C ILE C 323 24.55 -1.17 -28.35
N VAL C 324 24.64 -2.16 -29.23
CA VAL C 324 24.03 -3.46 -29.02
C VAL C 324 25.09 -4.53 -29.24
N ARG C 325 25.20 -5.47 -28.31
CA ARG C 325 26.20 -6.53 -28.42
C ARG C 325 25.55 -7.89 -28.24
N PHE C 326 25.85 -8.80 -29.16
CA PHE C 326 25.36 -10.16 -29.16
C PHE C 326 26.50 -11.07 -29.58
N PRO C 327 26.40 -12.37 -29.31
CA PRO C 327 27.45 -13.30 -29.77
C PRO C 327 27.61 -13.27 -31.28
N ASN C 328 28.73 -13.83 -31.74
CA ASN C 328 29.12 -13.76 -33.14
C ASN C 328 28.49 -14.85 -34.00
N ILE C 329 27.66 -15.72 -33.41
CA ILE C 329 27.20 -16.91 -34.10
C ILE C 329 26.38 -16.53 -35.34
N THR C 330 26.35 -17.46 -36.31
CA THR C 330 25.69 -17.23 -37.58
C THR C 330 24.76 -18.38 -37.94
N ASN C 331 25.09 -19.59 -37.50
CA ASN C 331 24.36 -20.78 -37.90
C ASN C 331 22.92 -20.73 -37.43
N LEU C 332 22.01 -21.14 -38.33
CA LEU C 332 20.58 -21.11 -38.04
C LEU C 332 20.18 -22.24 -37.11
N CYS C 333 19.18 -21.96 -36.28
CA CYS C 333 18.70 -22.95 -35.33
C CYS C 333 17.90 -24.03 -36.06
N PRO C 334 18.03 -25.30 -35.67
CA PRO C 334 17.29 -26.37 -36.36
C PRO C 334 15.82 -26.41 -35.98
N PHE C 335 15.00 -25.59 -36.63
CA PHE C 335 13.56 -25.61 -36.38
C PHE C 335 12.78 -26.42 -37.41
N ASP C 336 13.37 -26.68 -38.58
CA ASP C 336 12.63 -27.38 -39.63
C ASP C 336 12.32 -28.80 -39.21
N GLU C 337 13.30 -29.53 -38.68
CA GLU C 337 13.06 -30.92 -38.29
C GLU C 337 12.13 -31.04 -37.09
N VAL C 338 11.83 -29.95 -36.40
CA VAL C 338 10.90 -30.00 -35.29
C VAL C 338 9.45 -29.82 -35.75
N PHE C 339 9.21 -28.85 -36.64
CA PHE C 339 7.85 -28.55 -37.07
C PHE C 339 7.48 -29.25 -38.37
N ASN C 340 8.44 -29.53 -39.24
CA ASN C 340 8.19 -30.24 -40.48
C ASN C 340 8.44 -31.74 -40.35
N ALA C 341 8.57 -32.24 -39.12
CA ALA C 341 8.73 -33.66 -38.89
C ALA C 341 7.50 -34.41 -39.38
N THR C 342 7.72 -35.51 -40.09
CA THR C 342 6.61 -36.24 -40.69
C THR C 342 5.68 -36.81 -39.62
N ARG C 343 6.25 -37.38 -38.55
CA ARG C 343 5.47 -38.08 -37.54
C ARG C 343 5.92 -37.65 -36.15
N PHE C 344 4.97 -37.18 -35.34
CA PHE C 344 5.22 -36.82 -33.95
C PHE C 344 5.03 -38.03 -33.05
N ALA C 345 5.54 -37.92 -31.83
CA ALA C 345 5.46 -38.99 -30.86
C ALA C 345 4.18 -38.89 -30.04
N SER C 346 3.88 -39.96 -29.30
CA SER C 346 2.71 -39.99 -28.45
C SER C 346 2.83 -38.97 -27.32
N VAL C 347 1.68 -38.53 -26.82
CA VAL C 347 1.66 -37.48 -25.81
C VAL C 347 2.24 -37.98 -24.48
N TYR C 348 1.95 -39.23 -24.12
CA TYR C 348 2.48 -39.74 -22.85
C TYR C 348 4.00 -39.85 -22.89
N ALA C 349 4.55 -40.35 -24.00
CA ALA C 349 5.99 -40.30 -24.23
C ALA C 349 6.34 -39.16 -25.19
N TRP C 350 6.06 -37.93 -24.74
CA TRP C 350 6.26 -36.76 -25.57
C TRP C 350 7.74 -36.60 -25.94
N ASN C 351 7.99 -36.13 -27.16
CA ASN C 351 9.35 -35.98 -27.63
C ASN C 351 9.93 -34.66 -27.15
N ARG C 352 11.22 -34.66 -26.85
CA ARG C 352 11.91 -33.46 -26.38
C ARG C 352 13.19 -33.26 -27.19
N LYS C 353 13.43 -32.04 -27.63
CA LYS C 353 14.64 -31.70 -28.36
C LYS C 353 15.27 -30.45 -27.74
N ARG C 354 16.59 -30.47 -27.63
CA ARG C 354 17.36 -29.36 -27.09
C ARG C 354 17.95 -28.55 -28.23
N ILE C 355 17.77 -27.23 -28.18
CA ILE C 355 18.34 -26.31 -29.17
C ILE C 355 19.19 -25.29 -28.43
N SER C 356 20.44 -25.14 -28.87
CA SER C 356 21.36 -24.19 -28.28
C SER C 356 22.44 -23.85 -29.30
N ASN C 357 23.14 -22.75 -29.04
CA ASN C 357 24.30 -22.33 -29.83
C ASN C 357 23.92 -22.09 -31.29
N CYS C 358 22.92 -21.24 -31.50
CA CYS C 358 22.51 -20.86 -32.85
C CYS C 358 21.70 -19.57 -32.78
N VAL C 359 21.43 -19.01 -33.95
CA VAL C 359 20.58 -17.84 -34.08
C VAL C 359 19.17 -18.31 -34.43
N ALA C 360 18.18 -17.79 -33.72
CA ALA C 360 16.80 -18.22 -33.85
C ALA C 360 15.96 -17.06 -34.37
N ASP C 361 15.27 -17.28 -35.47
CA ASP C 361 14.34 -16.31 -36.04
C ASP C 361 12.93 -16.87 -35.88
N TYR C 362 12.08 -16.12 -35.19
CA TYR C 362 10.71 -16.57 -34.91
C TYR C 362 9.69 -16.01 -35.89
N SER C 363 10.13 -15.23 -36.89
CA SER C 363 9.21 -14.81 -37.94
C SER C 363 8.93 -15.96 -38.89
N VAL C 364 9.80 -16.96 -38.93
CA VAL C 364 9.57 -18.13 -39.77
C VAL C 364 8.32 -18.87 -39.33
N LEU C 365 8.15 -19.04 -38.01
CA LEU C 365 6.94 -19.68 -37.50
C LEU C 365 5.75 -18.73 -37.55
N TYR C 366 5.99 -17.42 -37.49
CA TYR C 366 4.90 -16.48 -37.29
C TYR C 366 4.10 -16.25 -38.56
N ASN C 367 4.74 -16.30 -39.73
CA ASN C 367 4.09 -15.97 -40.98
C ASN C 367 3.36 -17.14 -41.61
N LEU C 368 3.42 -18.34 -41.03
CA LEU C 368 2.71 -19.49 -41.54
C LEU C 368 1.26 -19.46 -41.05
N ALA C 369 0.32 -19.54 -41.99
CA ALA C 369 -1.10 -19.53 -41.65
C ALA C 369 -1.53 -20.70 -40.77
N PRO C 370 -1.17 -21.95 -41.04
CA PRO C 370 -1.75 -23.05 -40.25
C PRO C 370 -1.43 -23.00 -38.77
N PHE C 371 -0.32 -22.36 -38.37
CA PHE C 371 0.07 -22.34 -36.96
C PHE C 371 -0.85 -21.39 -36.22
N PHE C 372 -2.07 -21.89 -35.93
CA PHE C 372 -3.12 -21.02 -35.41
C PHE C 372 -2.87 -20.66 -33.95
N THR C 373 -2.87 -21.65 -33.06
CA THR C 373 -2.78 -21.37 -31.62
C THR C 373 -1.32 -21.10 -31.29
N PHE C 374 -0.94 -19.81 -31.29
CA PHE C 374 0.42 -19.39 -31.00
C PHE C 374 0.35 -18.46 -29.79
N LYS C 375 0.37 -19.03 -28.59
CA LYS C 375 0.11 -18.27 -27.39
C LYS C 375 1.20 -18.53 -26.36
N CYS C 376 1.70 -17.47 -25.73
CA CYS C 376 2.93 -17.52 -24.99
C CYS C 376 2.75 -16.94 -23.59
N TYR C 377 3.30 -17.61 -22.59
CA TYR C 377 3.27 -17.16 -21.21
C TYR C 377 4.62 -16.54 -20.87
N GLY C 378 4.58 -15.33 -20.30
CA GLY C 378 5.76 -14.70 -19.77
C GLY C 378 6.56 -13.87 -20.76
N VAL C 379 6.34 -14.07 -22.06
CA VAL C 379 7.00 -13.27 -23.09
C VAL C 379 5.97 -12.94 -24.17
N SER C 380 5.89 -11.68 -24.54
CA SER C 380 5.03 -11.29 -25.65
C SER C 380 5.64 -11.77 -26.95
N PRO C 381 4.85 -12.35 -27.87
CA PRO C 381 5.44 -12.93 -29.08
C PRO C 381 6.24 -11.94 -29.90
N THR C 382 5.76 -10.71 -30.02
CA THR C 382 6.42 -9.71 -30.87
C THR C 382 7.85 -9.45 -30.41
N LYS C 383 8.15 -9.74 -29.15
CA LYS C 383 9.49 -9.41 -28.62
C LYS C 383 10.51 -10.54 -28.87
N LEU C 384 10.05 -11.71 -29.30
CA LEU C 384 10.99 -12.83 -29.43
C LEU C 384 12.14 -12.51 -30.37
N ASN C 385 11.98 -11.51 -31.23
CA ASN C 385 13.02 -11.19 -32.20
C ASN C 385 14.22 -10.49 -31.58
N ASP C 386 14.14 -10.09 -30.31
CA ASP C 386 15.19 -9.30 -29.69
C ASP C 386 15.87 -9.96 -28.49
N LEU C 387 15.17 -10.83 -27.77
CA LEU C 387 15.74 -11.43 -26.57
C LEU C 387 16.80 -12.46 -26.92
N CYS C 388 17.61 -12.82 -25.93
CA CYS C 388 18.65 -13.82 -26.06
C CYS C 388 18.48 -14.84 -24.94
N PHE C 389 18.51 -16.13 -25.30
CA PHE C 389 18.26 -17.21 -24.37
C PHE C 389 19.49 -18.10 -24.25
N THR C 390 19.57 -18.81 -23.12
CA THR C 390 20.70 -19.71 -22.89
C THR C 390 20.51 -21.04 -23.62
N ASN C 391 19.46 -21.77 -23.25
CA ASN C 391 19.13 -23.05 -23.86
C ASN C 391 17.61 -23.10 -24.02
N VAL C 392 17.15 -23.67 -25.13
CA VAL C 392 15.71 -23.75 -25.38
C VAL C 392 15.33 -25.20 -25.63
N TYR C 393 14.12 -25.56 -25.21
CA TYR C 393 13.60 -26.91 -25.36
C TYR C 393 12.34 -26.89 -26.19
N ALA C 394 12.21 -27.86 -27.09
CA ALA C 394 11.02 -28.04 -27.89
C ALA C 394 10.40 -29.38 -27.55
N ASP C 395 9.21 -29.36 -26.97
CA ASP C 395 8.47 -30.57 -26.59
C ASP C 395 7.33 -30.76 -27.58
N SER C 396 7.39 -31.86 -28.34
CA SER C 396 6.45 -32.10 -29.41
C SER C 396 5.59 -33.32 -29.10
N PHE C 397 4.29 -33.21 -29.40
CA PHE C 397 3.36 -34.33 -29.27
C PHE C 397 2.08 -34.02 -30.05
N VAL C 398 1.11 -34.91 -29.93
CA VAL C 398 -0.17 -34.80 -30.62
C VAL C 398 -1.28 -35.10 -29.62
N ILE C 399 -2.31 -34.25 -29.61
CA ILE C 399 -3.43 -34.44 -28.68
C ILE C 399 -4.75 -34.27 -29.40
N ARG C 400 -5.84 -34.35 -28.64
CA ARG C 400 -7.18 -34.09 -29.16
C ARG C 400 -7.42 -32.58 -29.21
N GLY C 401 -8.36 -32.17 -30.07
CA GLY C 401 -8.57 -30.76 -30.29
C GLY C 401 -9.00 -30.00 -29.05
N ASP C 402 -9.91 -30.60 -28.27
CA ASP C 402 -10.39 -29.91 -27.07
C ASP C 402 -9.39 -30.00 -25.91
N GLU C 403 -8.36 -30.84 -26.03
CA GLU C 403 -7.38 -30.98 -24.96
C GLU C 403 -6.35 -29.86 -24.96
N VAL C 404 -6.32 -29.03 -26.00
CA VAL C 404 -5.34 -27.97 -26.10
C VAL C 404 -5.44 -27.00 -24.92
N ARG C 405 -6.66 -26.72 -24.49
CA ARG C 405 -6.85 -25.82 -23.35
C ARG C 405 -6.23 -26.37 -22.07
N GLN C 406 -5.96 -27.67 -22.00
CA GLN C 406 -5.35 -28.26 -20.82
C GLN C 406 -3.84 -28.11 -20.79
N ILE C 407 -3.22 -27.67 -21.87
CA ILE C 407 -1.78 -27.42 -21.91
C ILE C 407 -1.59 -25.98 -21.46
N ALA C 408 -1.43 -25.79 -20.15
CA ALA C 408 -1.27 -24.47 -19.57
C ALA C 408 -0.73 -24.59 -18.15
N PRO C 409 0.10 -23.64 -17.70
CA PRO C 409 0.57 -23.67 -16.31
C PRO C 409 -0.60 -23.54 -15.34
N GLY C 410 -0.50 -24.26 -14.23
CA GLY C 410 -1.55 -24.21 -13.23
C GLY C 410 -2.90 -24.70 -13.70
N GLN C 411 -2.95 -25.42 -14.82
CA GLN C 411 -4.19 -25.94 -15.37
C GLN C 411 -4.26 -27.44 -15.12
N THR C 412 -5.36 -27.89 -14.53
CA THR C 412 -5.57 -29.31 -14.27
C THR C 412 -6.24 -29.96 -15.46
N GLY C 413 -5.87 -31.21 -15.71
CA GLY C 413 -6.42 -31.94 -16.82
C GLY C 413 -5.92 -33.36 -16.85
N ASN C 414 -6.62 -34.19 -17.63
CA ASN C 414 -6.21 -35.58 -17.78
C ASN C 414 -4.80 -35.68 -18.32
N ILE C 415 -4.53 -34.97 -19.42
CA ILE C 415 -3.16 -34.89 -19.94
C ILE C 415 -2.26 -34.17 -18.96
N ALA C 416 -2.80 -33.15 -18.27
CA ALA C 416 -2.01 -32.45 -17.26
C ALA C 416 -1.66 -33.37 -16.09
N ASP C 417 -2.62 -34.17 -15.63
CA ASP C 417 -2.38 -35.00 -14.46
C ASP C 417 -1.50 -36.21 -14.78
N TYR C 418 -1.74 -36.87 -15.91
CA TYR C 418 -1.09 -38.14 -16.18
C TYR C 418 -0.20 -38.16 -17.42
N ASN C 419 -0.24 -37.14 -18.27
CA ASN C 419 0.53 -37.17 -19.50
C ASN C 419 1.59 -36.08 -19.57
N TYR C 420 1.22 -34.82 -19.37
CA TYR C 420 2.17 -33.72 -19.52
C TYR C 420 1.65 -32.53 -18.71
N LYS C 421 2.39 -32.14 -17.68
CA LYS C 421 2.01 -31.03 -16.82
C LYS C 421 3.01 -29.90 -16.97
N LEU C 422 2.49 -28.70 -17.24
CA LEU C 422 3.33 -27.51 -17.35
C LEU C 422 3.53 -26.89 -15.98
N PRO C 423 4.77 -26.64 -15.56
CA PRO C 423 5.00 -26.00 -14.27
C PRO C 423 4.40 -24.61 -14.22
N ASP C 424 4.00 -24.19 -13.02
CA ASP C 424 3.36 -22.88 -12.87
C ASP C 424 4.31 -21.75 -13.25
N ASP C 425 5.56 -21.84 -12.80
CA ASP C 425 6.57 -20.83 -13.14
C ASP C 425 7.28 -21.21 -14.44
N PHE C 426 6.49 -21.25 -15.51
CA PHE C 426 6.99 -21.61 -16.83
C PHE C 426 6.92 -20.39 -17.75
N THR C 427 8.05 -20.06 -18.36
CA THR C 427 8.12 -19.01 -19.36
C THR C 427 8.38 -19.65 -20.72
N GLY C 428 7.55 -19.31 -21.69
CA GLY C 428 7.66 -19.92 -23.00
C GLY C 428 6.31 -19.97 -23.68
N CYS C 429 6.35 -20.45 -24.92
CA CYS C 429 5.18 -20.38 -25.79
C CYS C 429 4.68 -21.78 -26.13
N VAL C 430 3.43 -21.84 -26.60
CA VAL C 430 2.84 -23.07 -27.11
C VAL C 430 2.28 -22.79 -28.49
N ILE C 431 2.56 -23.69 -29.43
CA ILE C 431 2.08 -23.61 -30.81
C ILE C 431 1.32 -24.90 -31.08
N ALA C 432 0.00 -24.79 -31.15
CA ALA C 432 -0.87 -25.91 -31.49
C ALA C 432 -1.57 -25.61 -32.80
N TRP C 433 -1.53 -26.56 -33.72
CA TRP C 433 -2.20 -26.39 -35.01
C TRP C 433 -2.85 -27.69 -35.43
N ASN C 434 -3.97 -27.57 -36.13
CA ASN C 434 -4.72 -28.72 -36.57
C ASN C 434 -3.94 -29.51 -37.62
N SER C 435 -3.96 -30.83 -37.50
CA SER C 435 -3.26 -31.72 -38.41
C SER C 435 -4.17 -32.88 -38.82
N ASN C 436 -5.41 -32.56 -39.16
CA ASN C 436 -6.34 -33.60 -39.64
C ASN C 436 -5.89 -34.21 -40.96
N LYS C 437 -5.05 -33.51 -41.71
CA LYS C 437 -4.65 -33.98 -43.03
C LYS C 437 -3.65 -35.12 -42.97
N LEU C 438 -3.02 -35.34 -41.82
CA LEU C 438 -1.92 -36.30 -41.73
C LEU C 438 -2.15 -37.44 -40.75
N ASP C 439 -2.79 -37.18 -39.61
CA ASP C 439 -2.90 -38.17 -38.53
C ASP C 439 -4.29 -38.80 -38.44
N SER C 440 -5.08 -38.72 -39.50
CA SER C 440 -6.42 -39.28 -39.49
C SER C 440 -6.55 -40.33 -40.58
N LYS C 441 -7.06 -41.50 -40.21
CA LYS C 441 -7.32 -42.59 -41.15
C LYS C 441 -8.82 -42.82 -41.22
N VAL C 442 -9.33 -43.00 -42.45
CA VAL C 442 -10.76 -43.26 -42.63
C VAL C 442 -11.15 -44.54 -41.90
N SER C 443 -10.34 -45.59 -42.02
CA SER C 443 -10.55 -46.78 -41.23
C SER C 443 -10.31 -46.53 -39.75
N GLY C 444 -9.33 -45.68 -39.42
CA GLY C 444 -9.03 -45.37 -38.04
C GLY C 444 -7.54 -45.38 -37.75
N ASN C 445 -7.06 -44.31 -37.12
CA ASN C 445 -5.65 -44.18 -36.75
C ASN C 445 -5.48 -44.60 -35.29
N TYR C 446 -4.44 -45.39 -35.02
CA TYR C 446 -4.19 -45.89 -33.67
C TYR C 446 -2.72 -45.79 -33.30
N ASN C 447 -1.97 -44.88 -33.92
CA ASN C 447 -0.55 -44.75 -33.64
C ASN C 447 -0.28 -43.91 -32.39
N TYR C 448 -1.26 -43.19 -31.87
CA TYR C 448 -1.06 -42.29 -30.74
C TYR C 448 -1.84 -42.79 -29.54
N LEU C 449 -1.18 -42.81 -28.38
CA LEU C 449 -1.78 -43.30 -27.14
C LEU C 449 -1.54 -42.30 -26.02
N TYR C 450 -2.46 -42.30 -25.05
CA TYR C 450 -2.35 -41.42 -23.90
C TYR C 450 -2.66 -42.21 -22.63
N ARG C 451 -1.96 -41.87 -21.55
CA ARG C 451 -2.18 -42.54 -20.28
C ARG C 451 -3.47 -42.05 -19.65
N LEU C 452 -4.25 -42.99 -19.10
CA LEU C 452 -5.54 -42.68 -18.50
C LEU C 452 -5.54 -42.79 -16.98
N PHE C 453 -4.81 -43.75 -16.42
CA PHE C 453 -4.77 -43.98 -14.99
C PHE C 453 -3.34 -43.90 -14.47
N ARG C 454 -3.18 -43.26 -13.32
CA ARG C 454 -1.90 -43.27 -12.64
C ARG C 454 -2.14 -43.08 -11.14
N LYS C 455 -1.25 -43.67 -10.35
CA LYS C 455 -1.39 -43.61 -8.91
C LYS C 455 -1.20 -42.20 -8.36
N SER C 456 -0.42 -41.37 -9.04
CA SER C 456 -0.11 -40.04 -8.54
C SER C 456 0.07 -39.09 -9.70
N ASN C 457 -0.07 -37.80 -9.41
CA ASN C 457 0.09 -36.77 -10.44
C ASN C 457 1.55 -36.68 -10.87
N LEU C 458 1.76 -36.36 -12.14
CA LEU C 458 3.11 -36.23 -12.68
C LEU C 458 3.76 -34.94 -12.22
N LYS C 459 5.07 -35.01 -11.97
CA LYS C 459 5.85 -33.83 -11.71
C LYS C 459 6.02 -33.02 -13.00
N PRO C 460 6.32 -31.73 -12.90
CA PRO C 460 6.51 -30.93 -14.11
C PRO C 460 7.63 -31.49 -14.98
N PHE C 461 7.36 -31.52 -16.29
CA PHE C 461 8.32 -32.02 -17.29
C PHE C 461 8.81 -33.43 -16.93
N GLU C 462 7.88 -34.29 -16.53
CA GLU C 462 8.19 -35.68 -16.21
C GLU C 462 7.52 -36.59 -17.23
N ARG C 463 8.25 -37.58 -17.73
CA ARG C 463 7.76 -38.51 -18.73
C ARG C 463 7.70 -39.90 -18.09
N ASP C 464 6.50 -40.48 -18.10
CA ASP C 464 6.27 -41.81 -17.53
C ASP C 464 5.84 -42.75 -18.64
N ILE C 465 6.67 -43.77 -18.91
CA ILE C 465 6.40 -44.74 -19.96
C ILE C 465 6.03 -46.10 -19.39
N SER C 466 5.60 -46.15 -18.13
CA SER C 466 5.23 -47.42 -17.52
C SER C 466 3.94 -47.95 -18.13
N THR C 467 3.95 -49.24 -18.49
CA THR C 467 2.79 -49.91 -19.05
C THR C 467 2.15 -50.89 -18.06
N GLU C 468 2.48 -50.76 -16.78
CA GLU C 468 1.98 -51.68 -15.77
C GLU C 468 0.46 -51.54 -15.62
N ILE C 469 -0.20 -52.66 -15.34
CA ILE C 469 -1.66 -52.67 -15.24
C ILE C 469 -2.07 -51.89 -14.01
N TYR C 470 -2.89 -50.85 -14.20
CA TYR C 470 -3.32 -50.00 -13.10
C TYR C 470 -4.13 -50.80 -12.10
N GLN C 471 -3.87 -50.56 -10.82
CA GLN C 471 -4.56 -51.24 -9.73
C GLN C 471 -5.66 -50.36 -9.18
N ALA C 472 -6.89 -50.87 -9.17
CA ALA C 472 -8.04 -50.14 -8.66
C ALA C 472 -8.66 -50.76 -7.43
N GLY C 473 -8.30 -52.00 -7.09
CA GLY C 473 -8.86 -52.67 -5.92
C GLY C 473 -7.76 -53.15 -4.98
N ASN C 474 -8.22 -53.69 -3.85
CA ASN C 474 -7.28 -54.17 -2.84
C ASN C 474 -6.51 -55.40 -3.33
N LYS C 475 -7.17 -56.28 -4.06
CA LYS C 475 -6.52 -57.48 -4.55
C LYS C 475 -5.46 -57.12 -5.59
N PRO C 476 -4.27 -57.73 -5.53
CA PRO C 476 -3.22 -57.38 -6.49
C PRO C 476 -3.59 -57.80 -7.90
N CYS C 477 -3.14 -57.00 -8.87
CA CYS C 477 -3.35 -57.35 -10.27
C CYS C 477 -2.58 -58.61 -10.65
N ASN C 478 -1.33 -58.72 -10.19
CA ASN C 478 -0.48 -59.88 -10.47
C ASN C 478 -0.34 -60.12 -11.97
N GLY C 479 -0.19 -59.04 -12.74
CA GLY C 479 0.01 -59.15 -14.16
C GLY C 479 -1.22 -59.50 -14.96
N VAL C 480 -2.41 -59.43 -14.36
CA VAL C 480 -3.66 -59.77 -15.03
C VAL C 480 -4.53 -58.54 -15.07
N ALA C 481 -5.02 -58.20 -16.26
CA ALA C 481 -5.86 -57.01 -16.45
C ALA C 481 -7.34 -57.38 -16.33
N GLY C 482 -7.70 -57.92 -15.18
CA GLY C 482 -9.07 -58.31 -14.91
C GLY C 482 -9.89 -57.20 -14.31
N PHE C 483 -10.78 -57.55 -13.38
CA PHE C 483 -11.58 -56.54 -12.70
C PHE C 483 -10.71 -55.67 -11.81
N ASN C 484 -10.98 -54.36 -11.82
CA ASN C 484 -10.20 -53.38 -11.07
C ASN C 484 -8.72 -53.43 -11.45
N CYS C 485 -8.43 -53.93 -12.64
CA CYS C 485 -7.06 -53.99 -13.15
C CYS C 485 -7.11 -53.56 -14.61
N TYR C 486 -6.69 -52.32 -14.88
CA TYR C 486 -6.96 -51.67 -16.15
C TYR C 486 -5.65 -51.29 -16.83
N PHE C 487 -5.71 -51.20 -18.16
CA PHE C 487 -4.57 -50.75 -18.95
C PHE C 487 -4.60 -49.23 -19.00
N PRO C 488 -3.63 -48.53 -18.40
CA PRO C 488 -3.70 -47.07 -18.36
C PRO C 488 -3.56 -46.40 -19.71
N LEU C 489 -3.07 -47.10 -20.73
CA LEU C 489 -2.87 -46.52 -22.05
C LEU C 489 -4.11 -46.73 -22.89
N ARG C 490 -4.61 -45.65 -23.49
CA ARG C 490 -5.75 -45.70 -24.40
C ARG C 490 -5.35 -45.02 -25.70
N SER C 491 -5.75 -45.63 -26.82
CA SER C 491 -5.37 -45.13 -28.14
C SER C 491 -6.38 -44.11 -28.64
N TYR C 492 -5.88 -43.02 -29.20
CA TYR C 492 -6.74 -42.04 -29.86
C TYR C 492 -7.13 -42.58 -31.23
N SER C 493 -8.42 -42.79 -31.46
CA SER C 493 -8.92 -43.36 -32.71
C SER C 493 -9.31 -42.22 -33.64
N PHE C 494 -8.29 -41.51 -34.12
CA PHE C 494 -8.52 -40.36 -34.99
C PHE C 494 -9.11 -40.82 -36.33
N ARG C 495 -10.14 -40.11 -36.77
CA ARG C 495 -10.77 -40.36 -38.06
C ARG C 495 -11.15 -39.03 -38.69
N PRO C 496 -11.02 -38.91 -40.01
CA PRO C 496 -11.35 -37.63 -40.67
C PRO C 496 -12.82 -37.24 -40.53
N THR C 497 -13.72 -38.20 -40.40
CA THR C 497 -15.14 -37.91 -40.33
C THR C 497 -15.56 -37.24 -39.02
N TYR C 498 -14.67 -37.19 -38.02
CA TYR C 498 -15.02 -36.60 -36.74
C TYR C 498 -15.19 -35.10 -36.87
N GLY C 499 -15.84 -34.51 -35.86
CA GLY C 499 -15.94 -33.07 -35.76
C GLY C 499 -14.64 -32.46 -35.26
N VAL C 500 -14.64 -31.14 -35.19
CA VAL C 500 -13.44 -30.41 -34.78
C VAL C 500 -13.06 -30.76 -33.34
N GLY C 501 -14.02 -31.24 -32.55
CA GLY C 501 -13.76 -31.57 -31.16
C GLY C 501 -12.82 -32.74 -30.95
N HIS C 502 -12.63 -33.59 -31.96
CA HIS C 502 -11.76 -34.76 -31.84
C HIS C 502 -10.71 -34.83 -32.93
N GLN C 503 -10.56 -33.80 -33.74
CA GLN C 503 -9.51 -33.79 -34.75
C GLN C 503 -8.14 -33.77 -34.08
N PRO C 504 -7.18 -34.51 -34.62
CA PRO C 504 -5.83 -34.48 -34.04
C PRO C 504 -5.22 -33.09 -34.18
N TYR C 505 -4.50 -32.67 -33.14
CA TYR C 505 -3.84 -31.38 -33.12
C TYR C 505 -2.38 -31.61 -32.74
N ARG C 506 -1.47 -31.08 -33.56
CA ARG C 506 -0.05 -31.19 -33.29
C ARG C 506 0.38 -30.01 -32.43
N VAL C 507 1.07 -30.29 -31.33
CA VAL C 507 1.42 -29.30 -30.33
C VAL C 507 2.94 -29.32 -30.14
N VAL C 508 3.54 -28.14 -30.18
CA VAL C 508 4.96 -27.95 -29.87
C VAL C 508 5.05 -26.86 -28.82
N VAL C 509 5.68 -27.18 -27.69
CA VAL C 509 5.86 -26.26 -26.58
C VAL C 509 7.32 -25.84 -26.55
N LEU C 510 7.56 -24.54 -26.67
CA LEU C 510 8.89 -23.98 -26.60
C LEU C 510 9.12 -23.43 -25.20
N SER C 511 10.13 -23.96 -24.52
CA SER C 511 10.47 -23.55 -23.16
C SER C 511 11.84 -22.88 -23.18
N PHE C 512 11.93 -21.72 -22.55
CA PHE C 512 13.15 -20.91 -22.54
C PHE C 512 13.83 -21.00 -21.19
N GLU C 513 15.14 -21.26 -21.19
CA GLU C 513 15.94 -21.21 -19.98
C GLU C 513 16.49 -19.80 -19.78
N LEU C 514 15.57 -18.84 -19.71
CA LEU C 514 15.94 -17.45 -19.51
C LEU C 514 16.51 -17.26 -18.11
N LEU C 515 17.78 -16.87 -18.03
CA LEU C 515 18.47 -16.77 -16.75
C LEU C 515 19.71 -15.91 -16.94
N HIS C 516 20.50 -15.81 -15.87
CA HIS C 516 21.75 -15.06 -15.91
C HIS C 516 22.90 -15.85 -16.50
N ALA C 517 22.69 -17.11 -16.86
CA ALA C 517 23.74 -17.92 -17.46
C ALA C 517 24.14 -17.35 -18.82
N PRO C 518 25.39 -17.58 -19.25
CA PRO C 518 25.82 -17.10 -20.57
C PRO C 518 24.94 -17.62 -21.68
N ALA C 519 24.20 -16.72 -22.32
CA ALA C 519 23.23 -17.12 -23.33
C ALA C 519 23.94 -17.53 -24.62
N THR C 520 23.35 -18.51 -25.32
CA THR C 520 23.87 -18.96 -26.60
C THR C 520 22.82 -18.96 -27.71
N VAL C 521 21.54 -19.13 -27.39
CA VAL C 521 20.46 -19.01 -28.37
C VAL C 521 20.22 -17.53 -28.60
N CYS C 522 20.70 -17.01 -29.73
CA CYS C 522 20.74 -15.58 -29.97
C CYS C 522 19.65 -15.18 -30.97
N GLY C 523 18.96 -14.08 -30.66
CA GLY C 523 17.97 -13.54 -31.56
C GLY C 523 18.62 -12.80 -32.71
N PRO C 524 17.85 -12.50 -33.74
CA PRO C 524 18.42 -11.80 -34.90
C PRO C 524 18.70 -10.34 -34.61
N LYS C 525 19.98 -9.99 -34.46
CA LYS C 525 20.37 -8.61 -34.23
C LYS C 525 21.81 -8.44 -34.70
N LYS C 526 22.15 -7.20 -35.06
CA LYS C 526 23.46 -6.87 -35.58
C LYS C 526 24.32 -6.28 -34.47
N SER C 527 25.59 -6.63 -34.45
CA SER C 527 26.51 -6.14 -33.45
C SER C 527 26.85 -4.67 -33.73
N THR C 528 27.62 -4.07 -32.82
CA THR C 528 28.03 -2.68 -32.96
C THR C 528 29.36 -2.51 -32.25
N ASN C 529 30.14 -1.55 -32.74
CA ASN C 529 31.45 -1.30 -32.15
C ASN C 529 31.32 -0.82 -30.72
N LEU C 530 32.32 -1.14 -29.91
CA LEU C 530 32.30 -0.82 -28.48
C LEU C 530 32.65 0.64 -28.28
N VAL C 531 31.78 1.37 -27.58
CA VAL C 531 32.02 2.76 -27.22
C VAL C 531 32.20 2.84 -25.71
N LYS C 532 33.21 3.59 -25.27
CA LYS C 532 33.59 3.62 -23.86
C LYS C 532 33.62 5.05 -23.36
N ASN C 533 33.40 5.20 -22.05
CA ASN C 533 33.61 6.44 -21.32
C ASN C 533 32.63 7.55 -21.73
N LYS C 534 31.37 7.20 -21.97
CA LYS C 534 30.35 8.23 -22.21
C LYS C 534 28.97 7.63 -21.95
N CYS C 535 27.98 8.50 -21.87
CA CYS C 535 26.61 8.11 -21.58
C CYS C 535 25.98 7.52 -22.84
N VAL C 536 25.78 6.21 -22.84
CA VAL C 536 25.31 5.45 -24.00
C VAL C 536 24.13 4.60 -23.57
N ASN C 537 23.27 4.27 -24.53
CA ASN C 537 22.22 3.29 -24.34
C ASN C 537 22.72 1.93 -24.81
N PHE C 538 22.94 1.02 -23.87
CA PHE C 538 23.56 -0.27 -24.17
C PHE C 538 22.53 -1.39 -24.10
N ASN C 539 22.76 -2.42 -24.91
CA ASN C 539 21.93 -3.61 -24.94
C ASN C 539 22.86 -4.81 -25.00
N PHE C 540 23.09 -5.43 -23.84
CA PHE C 540 24.00 -6.56 -23.72
C PHE C 540 23.19 -7.83 -23.56
N ASN C 541 23.08 -8.61 -24.64
CA ASN C 541 22.37 -9.90 -24.63
C ASN C 541 20.94 -9.74 -24.13
N GLY C 542 20.25 -8.74 -24.67
CA GLY C 542 18.89 -8.47 -24.27
C GLY C 542 18.76 -7.70 -22.98
N LEU C 543 19.87 -7.38 -22.31
CA LEU C 543 19.87 -6.56 -21.11
C LEU C 543 19.95 -5.10 -21.54
N LYS C 544 18.83 -4.39 -21.44
CA LYS C 544 18.77 -2.98 -21.79
C LYS C 544 19.29 -2.14 -20.62
N GLY C 545 19.89 -1.00 -20.96
CA GLY C 545 20.30 -0.09 -19.92
C GLY C 545 20.84 1.20 -20.51
N THR C 546 21.08 2.16 -19.62
CA THR C 546 21.65 3.44 -19.98
C THR C 546 22.71 3.80 -18.97
N GLY C 547 23.90 4.16 -19.44
CA GLY C 547 24.96 4.51 -18.50
C GLY C 547 26.29 4.65 -19.20
N VAL C 548 27.35 4.63 -18.40
CA VAL C 548 28.72 4.79 -18.88
C VAL C 548 29.44 3.47 -18.66
N LEU C 549 30.08 2.99 -19.72
CA LEU C 549 30.78 1.72 -19.71
C LEU C 549 32.27 1.98 -19.54
N THR C 550 32.85 1.47 -18.46
CA THR C 550 34.26 1.67 -18.17
C THR C 550 34.94 0.33 -17.98
N GLU C 551 36.27 0.33 -18.10
CA GLU C 551 37.03 -0.86 -17.78
C GLU C 551 37.02 -1.08 -16.27
N SER C 552 36.88 -2.35 -15.86
CA SER C 552 36.75 -2.70 -14.46
C SER C 552 37.79 -3.74 -14.09
N ASN C 553 38.18 -3.75 -12.81
CA ASN C 553 39.17 -4.69 -12.31
C ASN C 553 38.55 -5.93 -11.67
N LYS C 554 37.24 -6.06 -11.70
CA LYS C 554 36.58 -7.23 -11.12
C LYS C 554 36.97 -8.49 -11.89
N LYS C 555 37.19 -9.57 -11.16
CA LYS C 555 37.59 -10.85 -11.75
C LYS C 555 36.39 -11.79 -11.69
N PHE C 556 35.65 -11.85 -12.79
CA PHE C 556 34.53 -12.77 -12.87
C PHE C 556 35.02 -14.21 -12.88
N LEU C 557 34.25 -15.08 -12.25
CA LEU C 557 34.49 -16.50 -12.38
C LEU C 557 34.31 -16.91 -13.84
N PRO C 558 35.12 -17.84 -14.36
CA PRO C 558 35.05 -18.16 -15.80
C PRO C 558 33.66 -18.51 -16.29
N PHE C 559 32.78 -19.00 -15.42
CA PHE C 559 31.39 -19.25 -15.78
C PHE C 559 30.48 -18.10 -15.41
N GLN C 560 30.89 -17.22 -14.50
CA GLN C 560 30.06 -16.14 -13.99
C GLN C 560 29.90 -15.07 -15.06
N GLN C 561 28.65 -14.81 -15.47
CA GLN C 561 28.41 -13.89 -16.57
C GLN C 561 28.12 -12.46 -16.10
N PHE C 562 27.09 -12.27 -15.30
CA PHE C 562 26.63 -10.95 -14.91
C PHE C 562 27.36 -10.49 -13.65
N GLY C 563 26.84 -9.45 -13.01
CA GLY C 563 27.35 -8.95 -11.77
C GLY C 563 26.40 -7.95 -11.14
N ARG C 564 26.18 -8.04 -9.83
CA ARG C 564 25.22 -7.17 -9.18
C ARG C 564 25.83 -6.44 -8.00
N ASP C 565 24.99 -5.76 -7.23
CA ASP C 565 25.43 -4.98 -6.08
C ASP C 565 24.43 -5.18 -4.95
N ILE C 566 24.53 -4.34 -3.91
CA ILE C 566 23.67 -4.49 -2.75
C ILE C 566 22.21 -4.23 -3.12
N ALA C 567 21.98 -3.39 -4.12
CA ALA C 567 20.63 -3.07 -4.56
C ALA C 567 20.07 -4.05 -5.56
N ASP C 568 20.85 -5.06 -5.94
CA ASP C 568 20.44 -6.11 -6.88
C ASP C 568 20.08 -5.51 -8.24
N THR C 569 21.03 -4.78 -8.80
CA THR C 569 20.96 -4.28 -10.16
C THR C 569 22.27 -4.55 -10.87
N THR C 570 22.21 -4.79 -12.17
CA THR C 570 23.40 -5.17 -12.93
C THR C 570 24.33 -3.98 -13.05
N ASP C 571 25.45 -4.02 -12.30
CA ASP C 571 26.46 -2.97 -12.38
C ASP C 571 27.72 -3.42 -13.09
N ALA C 572 28.02 -4.71 -13.09
CA ALA C 572 29.17 -5.25 -13.82
C ALA C 572 28.68 -6.28 -14.82
N VAL C 573 29.23 -6.23 -16.04
CA VAL C 573 28.76 -7.05 -17.14
C VAL C 573 29.97 -7.56 -17.91
N ARG C 574 29.74 -8.56 -18.76
CA ARG C 574 30.79 -9.13 -19.60
C ARG C 574 30.41 -8.97 -21.06
N ASP C 575 31.34 -8.49 -21.86
CA ASP C 575 31.08 -8.29 -23.28
C ASP C 575 30.99 -9.64 -23.97
N PRO C 576 29.85 -9.97 -24.59
CA PRO C 576 29.73 -11.29 -25.24
C PRO C 576 30.72 -11.52 -26.37
N GLN C 577 31.01 -10.50 -27.17
CA GLN C 577 31.89 -10.69 -28.31
C GLN C 577 33.31 -11.02 -27.88
N THR C 578 33.87 -10.21 -26.99
CA THR C 578 35.20 -10.44 -26.44
C THR C 578 35.12 -10.44 -24.92
N LEU C 579 35.75 -11.42 -24.29
CA LEU C 579 35.56 -11.68 -22.87
C LEU C 579 36.36 -10.69 -22.04
N GLU C 580 35.74 -9.55 -21.75
CA GLU C 580 36.27 -8.57 -20.80
C GLU C 580 35.16 -8.16 -19.85
N ILE C 581 35.55 -7.52 -18.75
CA ILE C 581 34.64 -7.11 -17.69
C ILE C 581 34.46 -5.60 -17.76
N LEU C 582 33.22 -5.16 -17.87
CA LEU C 582 32.88 -3.75 -17.95
C LEU C 582 32.08 -3.35 -16.72
N ASP C 583 32.36 -2.15 -16.22
CA ASP C 583 31.62 -1.57 -15.11
C ASP C 583 30.64 -0.54 -15.65
N ILE C 584 29.42 -0.57 -15.11
CA ILE C 584 28.33 0.29 -15.56
C ILE C 584 28.11 1.36 -14.50
N THR C 585 28.17 2.63 -14.89
CA THR C 585 27.95 3.72 -13.98
C THR C 585 26.82 4.61 -14.47
N PRO C 586 25.83 4.94 -13.63
CA PRO C 586 24.74 5.81 -14.09
C PRO C 586 25.28 7.16 -14.54
N CYS C 587 24.65 7.71 -15.57
CA CYS C 587 25.10 8.98 -16.13
C CYS C 587 24.92 10.10 -15.12
N SER C 588 25.75 11.13 -15.25
CA SER C 588 25.77 12.23 -14.29
C SER C 588 24.40 12.90 -14.18
N PHE C 589 23.89 12.98 -12.95
CA PHE C 589 22.64 13.66 -12.65
C PHE C 589 22.82 14.49 -11.38
N GLY C 590 21.77 15.17 -10.97
CA GLY C 590 21.81 15.89 -9.72
C GLY C 590 20.61 16.80 -9.57
N GLY C 591 20.62 17.55 -8.48
CA GLY C 591 19.54 18.46 -8.16
C GLY C 591 19.86 19.89 -8.55
N VAL C 592 18.84 20.61 -8.99
CA VAL C 592 18.93 22.01 -9.39
C VAL C 592 17.97 22.81 -8.54
N SER C 593 18.49 23.82 -7.84
CA SER C 593 17.69 24.73 -7.05
C SER C 593 17.91 26.15 -7.54
N VAL C 594 16.94 27.02 -7.26
CA VAL C 594 16.96 28.39 -7.75
C VAL C 594 17.02 29.34 -6.57
N ILE C 595 18.01 30.22 -6.58
CA ILE C 595 18.10 31.31 -5.63
C ILE C 595 17.45 32.52 -6.27
N THR C 596 16.47 33.10 -5.59
CA THR C 596 15.78 34.23 -6.19
C THR C 596 15.21 35.18 -5.14
N PRO C 597 15.39 36.48 -5.31
CA PRO C 597 14.65 37.44 -4.52
C PRO C 597 13.20 37.49 -5.00
N GLY C 598 12.37 38.16 -4.21
CA GLY C 598 10.96 38.24 -4.56
C GLY C 598 10.76 38.85 -5.94
N THR C 599 9.82 38.28 -6.69
CA THR C 599 9.50 38.82 -8.01
C THR C 599 8.90 40.21 -7.92
N ASN C 600 8.47 40.63 -6.72
CA ASN C 600 7.97 41.98 -6.54
C ASN C 600 9.07 43.00 -6.79
N THR C 601 10.30 42.70 -6.36
CA THR C 601 11.41 43.65 -6.48
C THR C 601 12.28 43.42 -7.70
N SER C 602 12.45 42.18 -8.14
CA SER C 602 13.28 41.90 -9.31
C SER C 602 13.01 40.47 -9.76
N ASN C 603 13.52 40.15 -10.95
CA ASN C 603 13.33 38.82 -11.53
C ASN C 603 14.65 38.14 -11.89
N GLN C 604 15.77 38.64 -11.40
CA GLN C 604 17.04 37.93 -11.59
C GLN C 604 17.10 36.71 -10.68
N VAL C 605 17.80 35.67 -11.14
CA VAL C 605 17.91 34.43 -10.40
C VAL C 605 19.35 33.91 -10.51
N ALA C 606 19.69 33.00 -9.60
CA ALA C 606 20.92 32.24 -9.66
C ALA C 606 20.56 30.77 -9.54
N VAL C 607 21.44 29.91 -10.03
CA VAL C 607 21.17 28.48 -10.09
C VAL C 607 22.22 27.75 -9.27
N LEU C 608 21.77 26.88 -8.37
CA LEU C 608 22.65 26.05 -7.57
C LEU C 608 22.52 24.60 -8.03
N TYR C 609 23.63 24.05 -8.52
CA TYR C 609 23.72 22.63 -8.86
C TYR C 609 24.26 21.93 -7.63
N GLN C 610 23.44 21.07 -7.02
CA GLN C 610 23.77 20.49 -5.74
C GLN C 610 24.70 19.28 -5.91
N GLY C 611 25.72 19.22 -5.06
CA GLY C 611 26.56 18.02 -4.98
C GLY C 611 27.29 17.68 -6.26
N VAL C 612 27.84 18.67 -6.95
CA VAL C 612 28.60 18.42 -8.16
C VAL C 612 29.53 19.59 -8.40
N ASN C 613 30.77 19.29 -8.77
CA ASN C 613 31.71 20.30 -9.22
C ASN C 613 31.33 20.72 -10.63
N CYS C 614 31.04 22.00 -10.81
CA CYS C 614 30.47 22.44 -12.09
C CYS C 614 31.48 22.48 -13.22
N THR C 615 32.71 22.01 -13.02
CA THR C 615 33.54 21.68 -14.17
C THR C 615 33.01 20.46 -14.91
N GLU C 616 32.06 19.74 -14.30
CA GLU C 616 31.42 18.59 -14.92
C GLU C 616 29.92 18.82 -15.11
N VAL C 617 29.52 20.09 -15.18
CA VAL C 617 28.11 20.44 -15.30
C VAL C 617 27.60 20.13 -16.70
N ASN C 638 31.08 34.69 -12.71
CA ASN C 638 29.73 34.44 -12.22
C ASN C 638 29.57 32.97 -11.81
N VAL C 639 30.69 32.28 -11.66
CA VAL C 639 30.71 30.88 -11.26
C VAL C 639 31.47 30.78 -9.95
N PHE C 640 30.86 30.16 -8.95
CA PHE C 640 31.47 29.99 -7.64
C PHE C 640 31.33 28.53 -7.21
N GLN C 641 32.35 28.03 -6.55
CA GLN C 641 32.37 26.65 -6.07
C GLN C 641 32.24 26.65 -4.56
N THR C 642 31.20 26.00 -4.05
CA THR C 642 30.94 25.89 -2.62
C THR C 642 30.96 24.42 -2.22
N ARG C 643 30.80 24.18 -0.92
CA ARG C 643 30.72 22.80 -0.44
C ARG C 643 29.42 22.14 -0.86
N ALA C 644 28.32 22.89 -0.88
CA ALA C 644 27.02 22.31 -1.23
C ALA C 644 26.92 22.01 -2.72
N GLY C 645 27.72 22.65 -3.55
CA GLY C 645 27.64 22.45 -4.99
C GLY C 645 28.30 23.59 -5.73
N CYS C 646 27.76 23.89 -6.91
CA CYS C 646 28.23 25.03 -7.69
C CYS C 646 27.12 26.06 -7.84
N LEU C 647 27.48 27.32 -7.69
CA LEU C 647 26.54 28.43 -7.75
C LEU C 647 26.86 29.28 -8.99
N ILE C 648 25.87 29.47 -9.85
CA ILE C 648 26.04 30.17 -11.12
C ILE C 648 25.09 31.37 -11.13
N GLY C 649 25.63 32.54 -11.41
CA GLY C 649 24.84 33.74 -11.54
C GLY C 649 25.04 34.77 -10.45
N ALA C 650 25.86 34.49 -9.44
CA ALA C 650 26.13 35.44 -8.38
C ALA C 650 27.63 35.51 -8.11
N GLU C 651 28.09 36.70 -7.75
CA GLU C 651 29.51 36.94 -7.54
C GLU C 651 29.86 36.82 -6.06
N TYR C 652 31.02 36.25 -5.78
CA TYR C 652 31.49 36.14 -4.40
C TYR C 652 32.01 37.49 -3.91
N VAL C 653 31.76 37.78 -2.64
CA VAL C 653 32.19 39.03 -2.02
C VAL C 653 32.93 38.69 -0.73
N ASN C 654 34.12 39.26 -0.55
CA ASN C 654 34.91 38.98 0.64
C ASN C 654 34.29 39.55 1.91
N ASN C 655 33.39 40.52 1.79
CA ASN C 655 32.77 41.10 2.96
C ASN C 655 31.84 40.09 3.64
N SER C 656 31.27 40.50 4.76
CA SER C 656 30.38 39.65 5.54
C SER C 656 29.17 40.44 6.00
N TYR C 657 27.99 39.85 5.87
CA TYR C 657 26.75 40.44 6.35
C TYR C 657 25.94 39.33 7.01
N GLU C 658 24.70 39.66 7.38
CA GLU C 658 23.81 38.64 7.92
C GLU C 658 23.33 37.72 6.81
N CYS C 659 22.85 36.55 7.21
CA CYS C 659 22.36 35.56 6.25
C CYS C 659 20.95 35.93 5.82
N ASP C 660 20.75 36.09 4.50
CA ASP C 660 19.46 36.43 3.94
C ASP C 660 18.80 35.22 3.29
N ILE C 661 19.48 34.59 2.34
CA ILE C 661 19.01 33.35 1.72
C ILE C 661 20.05 32.27 1.99
N PRO C 662 19.74 31.25 2.78
CA PRO C 662 20.76 30.27 3.17
C PRO C 662 21.09 29.33 2.02
N ILE C 663 22.34 29.39 1.56
CA ILE C 663 22.83 28.46 0.55
C ILE C 663 23.37 27.20 1.19
N GLY C 664 24.26 27.35 2.18
CA GLY C 664 24.80 26.19 2.87
C GLY C 664 26.27 26.30 3.14
N ALA C 665 26.76 25.50 4.11
CA ALA C 665 28.17 25.46 4.48
C ALA C 665 28.70 26.86 4.79
N GLY C 666 27.89 27.64 5.49
CA GLY C 666 28.29 28.98 5.87
C GLY C 666 28.22 30.01 4.77
N ILE C 667 27.61 29.69 3.63
CA ILE C 667 27.47 30.62 2.53
C ILE C 667 26.01 31.02 2.42
N CYS C 668 25.75 32.31 2.31
CA CYS C 668 24.41 32.84 2.13
C CYS C 668 24.42 33.86 1.00
N ALA C 669 23.31 33.93 0.28
CA ALA C 669 23.17 34.82 -0.86
C ALA C 669 22.15 35.90 -0.57
N SER C 670 22.40 37.09 -1.13
CA SER C 670 21.53 38.23 -0.91
C SER C 670 21.56 39.14 -2.14
N TYR C 671 20.53 39.95 -2.27
CA TYR C 671 20.37 40.87 -3.39
C TYR C 671 20.58 42.29 -2.90
N GLN C 672 21.69 42.90 -3.28
CA GLN C 672 22.00 44.26 -2.84
C GLN C 672 21.45 45.28 -3.81
N SER C 688 22.49 43.46 -8.29
CA SER C 688 22.82 42.09 -8.61
C SER C 688 22.81 41.21 -7.36
N ILE C 689 22.95 39.90 -7.56
CA ILE C 689 22.92 38.93 -6.47
C ILE C 689 24.34 38.55 -6.10
N ILE C 690 24.63 38.56 -4.81
CA ILE C 690 25.96 38.22 -4.31
C ILE C 690 25.86 37.08 -3.32
N ALA C 691 26.97 36.36 -3.15
CA ALA C 691 27.08 35.29 -2.18
C ALA C 691 28.28 35.56 -1.28
N TYR C 692 28.10 35.32 0.02
CA TYR C 692 29.11 35.69 0.99
C TYR C 692 29.07 34.74 2.18
N THR C 693 30.18 34.69 2.90
CA THR C 693 30.22 33.96 4.17
C THR C 693 29.51 34.77 5.24
N MET C 694 28.55 34.16 5.91
CA MET C 694 27.73 34.88 6.87
C MET C 694 28.58 35.32 8.06
N SER C 695 28.25 36.50 8.59
CA SER C 695 28.94 37.03 9.76
C SER C 695 28.23 36.57 11.02
N LEU C 696 28.98 35.95 11.93
CA LEU C 696 28.39 35.37 13.13
C LEU C 696 27.77 36.47 14.00
N GLY C 697 28.43 37.60 14.12
CA GLY C 697 27.91 38.70 14.91
C GLY C 697 28.95 39.78 15.05
N ALA C 698 28.50 40.91 15.58
CA ALA C 698 29.38 42.05 15.82
C ALA C 698 30.42 41.67 16.85
N GLU C 699 31.69 41.65 16.44
CA GLU C 699 32.76 41.25 17.33
C GLU C 699 32.92 42.25 18.46
N ASN C 700 33.16 41.75 19.67
CA ASN C 700 33.30 42.59 20.85
C ASN C 700 34.30 41.95 21.80
N SER C 701 35.16 42.77 22.38
CA SER C 701 36.12 42.33 23.39
C SER C 701 35.83 43.06 24.69
N VAL C 702 35.65 42.31 25.76
CA VAL C 702 35.34 42.87 27.07
C VAL C 702 36.62 43.00 27.86
N ALA C 703 36.78 44.15 28.53
CA ALA C 703 38.01 44.45 29.25
C ALA C 703 37.95 43.77 30.61
N TYR C 704 38.51 42.57 30.67
CA TYR C 704 38.54 41.83 31.92
C TYR C 704 39.82 42.14 32.68
N SER C 705 39.66 42.37 33.98
CA SER C 705 40.81 42.52 34.85
C SER C 705 40.39 42.13 36.26
N ASN C 706 41.40 41.79 37.07
CA ASN C 706 41.22 41.19 38.38
C ASN C 706 41.16 42.18 39.54
N ASN C 707 41.00 43.47 39.28
CA ASN C 707 40.63 44.40 40.35
C ASN C 707 39.64 45.44 39.86
N SER C 708 38.86 45.14 38.82
CA SER C 708 37.95 46.09 38.23
C SER C 708 36.56 45.51 38.09
N ILE C 709 35.54 46.33 38.35
CA ILE C 709 34.15 45.94 38.29
C ILE C 709 33.41 46.93 37.40
N ALA C 710 32.29 46.49 36.85
CA ALA C 710 31.43 47.35 36.04
C ALA C 710 30.03 47.33 36.62
N ILE C 711 29.50 48.51 36.94
CA ILE C 711 28.21 48.61 37.62
C ILE C 711 27.29 49.52 36.82
N PRO C 712 26.05 49.12 36.55
CA PRO C 712 25.14 49.99 35.82
C PRO C 712 24.73 51.20 36.64
N THR C 713 24.35 52.27 35.94
CA THR C 713 23.82 53.46 36.57
C THR C 713 22.44 53.85 36.08
N ASN C 714 21.88 53.12 35.11
CA ASN C 714 20.55 53.45 34.60
C ASN C 714 19.88 52.17 34.15
N PHE C 715 18.58 52.26 33.89
CA PHE C 715 17.80 51.10 33.48
C PHE C 715 16.88 51.46 32.34
N THR C 716 16.44 50.43 31.63
CA THR C 716 15.46 50.56 30.55
C THR C 716 14.39 49.51 30.76
N ILE C 717 13.14 49.95 30.73
CA ILE C 717 12.00 49.04 30.85
C ILE C 717 11.61 48.61 29.44
N SER C 718 12.05 47.44 29.04
CA SER C 718 11.79 46.92 27.71
C SER C 718 10.51 46.11 27.69
N VAL C 719 9.87 46.06 26.54
CA VAL C 719 8.70 45.22 26.31
C VAL C 719 8.95 44.41 25.05
N THR C 720 8.75 43.10 25.13
CA THR C 720 8.95 42.21 24.00
C THR C 720 7.68 41.41 23.74
N THR C 721 7.55 40.92 22.52
CA THR C 721 6.39 40.14 22.11
C THR C 721 6.81 38.70 21.86
N GLU C 722 5.92 37.76 22.16
CA GLU C 722 6.15 36.35 21.91
C GLU C 722 4.85 35.69 21.47
N ILE C 723 4.85 35.10 20.29
CA ILE C 723 3.65 34.53 19.69
C ILE C 723 3.73 33.01 19.80
N LEU C 724 2.65 32.39 20.27
CA LEU C 724 2.63 30.94 20.40
C LEU C 724 1.30 30.38 19.91
N PRO C 725 1.32 29.47 18.94
CA PRO C 725 0.08 28.81 18.52
C PRO C 725 -0.45 27.92 19.63
N VAL C 726 -1.77 27.77 19.66
CA VAL C 726 -2.41 27.00 20.73
C VAL C 726 -3.17 25.82 20.15
N SER C 727 -4.07 26.09 19.21
CA SER C 727 -4.92 25.04 18.64
C SER C 727 -5.03 25.21 17.14
N MET C 728 -5.00 24.10 16.43
CA MET C 728 -5.27 24.11 14.99
C MET C 728 -6.76 23.99 14.74
N THR C 729 -7.13 24.00 13.47
CA THR C 729 -8.55 23.98 13.10
C THR C 729 -9.10 22.55 13.20
N LYS C 730 -10.20 22.40 13.92
CA LYS C 730 -10.84 21.10 14.05
C LYS C 730 -11.54 20.75 12.75
N THR C 731 -11.05 19.71 12.08
CA THR C 731 -11.56 19.30 10.78
C THR C 731 -12.12 17.89 10.85
N SER C 732 -13.05 17.60 9.94
CA SER C 732 -13.61 16.27 9.78
C SER C 732 -13.80 15.99 8.30
N VAL C 733 -13.81 14.71 7.95
CA VAL C 733 -13.97 14.29 6.57
C VAL C 733 -15.16 13.36 6.50
N ASP C 734 -16.06 13.61 5.54
CA ASP C 734 -17.11 12.67 5.23
C ASP C 734 -16.51 11.51 4.45
N CYS C 735 -16.83 10.30 4.86
CA CYS C 735 -16.08 9.12 4.43
C CYS C 735 -16.53 8.64 3.05
N THR C 736 -17.75 8.12 2.98
CA THR C 736 -18.25 7.58 1.72
C THR C 736 -18.56 8.70 0.73
N MET C 737 -18.88 9.89 1.23
CA MET C 737 -19.09 11.03 0.33
C MET C 737 -17.80 11.37 -0.39
N TYR C 738 -16.67 11.37 0.32
CA TYR C 738 -15.41 11.70 -0.32
C TYR C 738 -14.93 10.58 -1.23
N ILE C 739 -15.04 9.33 -0.77
CA ILE C 739 -14.47 8.23 -1.55
C ILE C 739 -15.14 8.11 -2.91
N CYS C 740 -16.48 8.02 -2.92
CA CYS C 740 -17.21 8.16 -4.18
C CYS C 740 -18.43 9.06 -4.13
N GLY C 741 -19.10 9.21 -2.99
CA GLY C 741 -20.29 10.03 -2.95
C GLY C 741 -21.57 9.31 -3.29
N ASP C 742 -21.99 9.41 -4.55
CA ASP C 742 -23.32 8.98 -4.98
C ASP C 742 -23.35 7.56 -5.53
N SER C 743 -22.26 6.82 -5.42
CA SER C 743 -22.20 5.45 -5.93
C SER C 743 -22.42 4.48 -4.78
N THR C 744 -23.58 3.82 -4.77
CA THR C 744 -23.85 2.81 -3.75
C THR C 744 -22.97 1.58 -3.93
N GLU C 745 -22.56 1.30 -5.18
CA GLU C 745 -21.65 0.19 -5.41
C GLU C 745 -20.32 0.40 -4.71
N CYS C 746 -19.89 1.65 -4.55
CA CYS C 746 -18.73 1.92 -3.72
C CYS C 746 -18.95 1.53 -2.28
N SER C 747 -20.14 1.81 -1.73
CA SER C 747 -20.42 1.37 -0.37
C SER C 747 -20.40 -0.15 -0.28
N ASN C 748 -20.96 -0.83 -1.29
CA ASN C 748 -20.96 -2.28 -1.30
C ASN C 748 -19.52 -2.82 -1.33
N LEU C 749 -18.66 -2.22 -2.15
CA LEU C 749 -17.27 -2.67 -2.22
C LEU C 749 -16.52 -2.37 -0.92
N LEU C 750 -16.73 -1.16 -0.36
CA LEU C 750 -16.08 -0.78 0.88
C LEU C 750 -16.50 -1.66 2.04
N LEU C 751 -17.69 -2.26 1.96
CA LEU C 751 -18.08 -3.24 2.96
C LEU C 751 -17.12 -4.41 3.01
N GLN C 752 -16.35 -4.64 1.95
CA GLN C 752 -15.32 -5.66 1.93
C GLN C 752 -13.96 -5.16 2.40
N TYR C 753 -13.82 -3.85 2.64
CA TYR C 753 -12.54 -3.29 3.01
C TYR C 753 -12.33 -3.19 4.52
N GLY C 754 -13.28 -3.62 5.32
CA GLY C 754 -13.09 -3.67 6.76
C GLY C 754 -13.46 -2.39 7.48
N SER C 755 -12.67 -2.04 8.51
CA SER C 755 -12.98 -0.95 9.42
C SER C 755 -11.99 0.19 9.31
N PHE C 756 -11.55 0.53 8.10
CA PHE C 756 -10.70 1.70 7.93
C PHE C 756 -11.45 2.97 8.31
N CYS C 757 -12.67 3.13 7.79
CA CYS C 757 -13.42 4.37 7.97
C CYS C 757 -13.63 4.68 9.45
N THR C 758 -13.90 3.66 10.25
CA THR C 758 -14.05 3.88 11.69
C THR C 758 -12.76 4.40 12.30
N GLN C 759 -11.62 3.87 11.87
CA GLN C 759 -10.33 4.38 12.34
C GLN C 759 -10.15 5.84 11.96
N LEU C 760 -10.50 6.19 10.72
CA LEU C 760 -10.43 7.59 10.28
C LEU C 760 -11.25 8.49 11.20
N LYS C 761 -12.51 8.12 11.43
CA LYS C 761 -13.39 8.96 12.24
C LYS C 761 -12.88 9.06 13.67
N ARG C 762 -12.41 7.95 14.23
CA ARG C 762 -11.93 7.99 15.61
C ARG C 762 -10.69 8.88 15.74
N ALA C 763 -9.77 8.78 14.78
CA ALA C 763 -8.57 9.64 14.83
C ALA C 763 -8.95 11.10 14.75
N LEU C 764 -9.86 11.45 13.83
CA LEU C 764 -10.23 12.86 13.69
C LEU C 764 -10.97 13.37 14.93
N THR C 765 -11.83 12.53 15.53
CA THR C 765 -12.50 12.93 16.76
C THR C 765 -11.49 13.15 17.89
N GLY C 766 -10.49 12.28 17.98
CA GLY C 766 -9.44 12.48 18.97
C GLY C 766 -8.70 13.79 18.76
N ILE C 767 -8.38 14.12 17.51
CA ILE C 767 -7.71 15.39 17.24
C ILE C 767 -8.57 16.56 17.65
N ALA C 768 -9.87 16.51 17.34
CA ALA C 768 -10.76 17.63 17.67
C ALA C 768 -10.84 17.83 19.18
N VAL C 769 -11.06 16.74 19.93
CA VAL C 769 -11.17 16.89 21.38
C VAL C 769 -9.85 17.33 21.97
N GLU C 770 -8.72 16.90 21.40
CA GLU C 770 -7.42 17.37 21.88
C GLU C 770 -7.27 18.87 21.67
N GLN C 771 -7.70 19.37 20.52
CA GLN C 771 -7.63 20.81 20.27
C GLN C 771 -8.45 21.58 21.29
N ASP C 772 -9.67 21.11 21.56
CA ASP C 772 -10.52 21.79 22.53
C ASP C 772 -9.87 21.77 23.92
N LYS C 773 -9.31 20.63 24.31
CA LYS C 773 -8.66 20.55 25.61
C LYS C 773 -7.45 21.46 25.68
N ASN C 774 -6.69 21.57 24.58
CA ASN C 774 -5.54 22.46 24.56
C ASN C 774 -5.96 23.91 24.80
N THR C 775 -6.98 24.37 24.08
CA THR C 775 -7.43 25.75 24.26
C THR C 775 -7.91 25.97 25.69
N GLN C 776 -8.74 25.05 26.20
CA GLN C 776 -9.29 25.22 27.54
C GLN C 776 -8.19 25.22 28.60
N GLU C 777 -7.17 24.38 28.43
CA GLU C 777 -6.08 24.31 29.39
C GLU C 777 -5.22 25.56 29.33
N VAL C 778 -4.97 26.09 28.13
CA VAL C 778 -4.12 27.27 28.02
C VAL C 778 -4.80 28.48 28.63
N PHE C 779 -6.09 28.67 28.34
CA PHE C 779 -6.73 29.92 28.75
C PHE C 779 -7.49 29.81 30.07
N ALA C 780 -8.35 28.81 30.22
CA ALA C 780 -9.20 28.72 31.41
C ALA C 780 -8.36 28.24 32.60
N GLN C 781 -7.60 29.17 33.16
CA GLN C 781 -6.77 28.89 34.33
C GLN C 781 -7.23 29.66 35.57
N VAL C 782 -8.31 30.42 35.48
CA VAL C 782 -8.86 31.14 36.62
C VAL C 782 -10.33 30.79 36.76
N LYS C 783 -10.76 30.51 37.99
CA LYS C 783 -12.15 30.21 38.28
C LYS C 783 -12.98 31.45 38.58
N GLN C 784 -12.38 32.64 38.52
CA GLN C 784 -13.07 33.89 38.80
C GLN C 784 -12.89 34.83 37.62
N ILE C 785 -13.91 35.65 37.36
CA ILE C 785 -13.83 36.64 36.30
C ILE C 785 -13.75 38.03 36.92
N TYR C 786 -12.56 38.59 36.97
CA TYR C 786 -12.35 39.89 37.58
C TYR C 786 -12.67 41.01 36.60
N LYS C 787 -13.03 42.16 37.15
CA LYS C 787 -13.34 43.35 36.37
C LYS C 787 -12.43 44.48 36.80
N THR C 788 -11.88 45.21 35.84
CA THR C 788 -11.03 46.35 36.15
C THR C 788 -11.86 47.45 36.81
N PRO C 789 -11.26 48.21 37.73
CA PRO C 789 -11.99 49.31 38.35
C PRO C 789 -12.35 50.37 37.31
N PRO C 790 -13.45 51.10 37.51
CA PRO C 790 -13.86 52.10 36.52
C PRO C 790 -12.82 53.17 36.27
N ILE C 791 -12.07 53.58 37.29
CA ILE C 791 -11.07 54.63 37.14
C ILE C 791 -9.75 53.96 36.74
N LYS C 792 -9.28 54.26 35.53
CA LYS C 792 -8.08 53.63 35.00
C LYS C 792 -6.87 54.53 35.25
N TYR C 793 -6.56 54.71 36.54
CA TYR C 793 -5.37 55.44 36.96
C TYR C 793 -4.57 54.55 37.88
N PHE C 794 -3.32 54.27 37.51
CA PHE C 794 -2.44 53.38 38.25
C PHE C 794 -1.10 54.05 38.50
N GLY C 795 -1.15 55.30 38.96
CA GLY C 795 0.08 56.02 39.29
C GLY C 795 0.97 56.30 38.10
N GLY C 796 0.38 56.68 36.97
CA GLY C 796 1.12 57.07 35.79
C GLY C 796 1.22 56.01 34.72
N PHE C 797 0.95 54.75 35.04
CA PHE C 797 1.03 53.69 34.06
C PHE C 797 -0.20 53.69 33.18
N ASN C 798 -0.01 53.52 31.87
CA ASN C 798 -1.07 53.62 30.88
C ASN C 798 -1.32 52.24 30.29
N PHE C 799 -2.43 51.61 30.68
CA PHE C 799 -2.79 50.28 30.22
C PHE C 799 -3.91 50.30 29.18
N SER C 800 -4.22 51.46 28.61
CA SER C 800 -5.34 51.56 27.68
C SER C 800 -5.11 50.68 26.45
N GLN C 801 -3.85 50.47 26.06
CA GLN C 801 -3.56 49.66 24.88
C GLN C 801 -3.71 48.18 25.11
N ILE C 802 -3.92 47.72 26.34
CA ILE C 802 -4.05 46.29 26.61
C ILE C 802 -5.42 45.99 27.18
N LEU C 803 -6.02 46.97 27.85
CA LEU C 803 -7.32 46.76 28.46
C LEU C 803 -8.40 46.71 27.38
N PRO C 804 -9.51 46.02 27.66
CA PRO C 804 -10.61 45.99 26.68
C PRO C 804 -11.16 47.37 26.40
N ASP C 805 -11.54 47.59 25.15
CA ASP C 805 -12.08 48.87 24.72
C ASP C 805 -13.59 48.76 24.63
N PRO C 806 -14.35 49.45 25.50
CA PRO C 806 -15.81 49.35 25.43
C PRO C 806 -16.41 49.83 24.11
N SER C 807 -15.75 50.76 23.43
CA SER C 807 -16.30 51.30 22.19
C SER C 807 -16.42 50.22 21.12
N LYS C 808 -15.41 49.36 21.01
CA LYS C 808 -15.47 48.29 20.03
C LYS C 808 -16.61 47.32 20.37
N PRO C 809 -17.42 46.96 19.39
CA PRO C 809 -18.53 46.01 19.67
C PRO C 809 -18.05 44.63 20.07
N SER C 810 -16.81 44.27 19.74
CA SER C 810 -16.30 42.94 20.03
C SER C 810 -15.64 42.83 21.40
N LYS C 811 -15.61 43.92 22.17
CA LYS C 811 -15.03 43.93 23.51
C LYS C 811 -13.55 43.52 23.47
N ARG C 812 -12.78 44.19 22.64
CA ARG C 812 -11.40 43.81 22.37
C ARG C 812 -10.46 44.98 22.56
N SER C 813 -9.23 44.66 22.97
CA SER C 813 -8.20 45.67 23.12
C SER C 813 -7.63 46.04 21.76
N PRO C 814 -7.05 47.24 21.62
CA PRO C 814 -6.45 47.61 20.32
C PRO C 814 -5.40 46.64 19.84
N ILE C 815 -4.58 46.09 20.74
CA ILE C 815 -3.58 45.12 20.33
C ILE C 815 -4.24 43.86 19.78
N GLU C 816 -5.28 43.39 20.47
CA GLU C 816 -5.99 42.19 20.00
C GLU C 816 -6.67 42.46 18.66
N ASP C 817 -7.24 43.64 18.49
CA ASP C 817 -7.87 43.99 17.21
C ASP C 817 -6.84 44.02 16.09
N LEU C 818 -5.66 44.59 16.36
CA LEU C 818 -4.61 44.61 15.36
C LEU C 818 -4.17 43.19 15.00
N LEU C 819 -4.04 42.33 16.00
CA LEU C 819 -3.67 40.94 15.74
C LEU C 819 -4.72 40.24 14.88
N PHE C 820 -6.00 40.46 15.18
CA PHE C 820 -7.06 39.85 14.39
C PHE C 820 -7.02 40.35 12.95
N ASN C 821 -6.79 41.65 12.77
CA ASN C 821 -6.74 42.19 11.41
C ASN C 821 -5.54 41.66 10.63
N LYS C 822 -4.40 41.47 11.30
CA LYS C 822 -3.19 41.04 10.61
C LYS C 822 -3.19 39.57 10.23
N VAL C 823 -4.12 38.77 10.73
CA VAL C 823 -4.17 37.34 10.45
C VAL C 823 -5.44 37.04 9.68
N THR C 824 -5.29 36.34 8.56
CA THR C 824 -6.43 35.97 7.72
C THR C 824 -6.61 34.46 7.69
N LYS C 853 -16.87 19.22 -0.41
CA LYS C 853 -17.01 17.89 -0.97
C LYS C 853 -16.60 16.81 0.03
N GLY C 854 -17.29 16.77 1.17
CA GLY C 854 -17.03 15.82 2.21
C GLY C 854 -16.10 16.30 3.30
N LEU C 855 -15.44 17.44 3.10
CA LEU C 855 -14.50 17.98 4.08
C LEU C 855 -15.16 19.15 4.80
N THR C 856 -15.32 19.04 6.11
CA THR C 856 -16.01 20.04 6.90
C THR C 856 -15.11 20.51 8.03
N VAL C 857 -15.41 21.71 8.53
CA VAL C 857 -14.67 22.31 9.63
C VAL C 857 -15.63 22.48 10.80
N LEU C 858 -15.27 21.91 11.94
CA LEU C 858 -16.12 22.03 13.12
C LEU C 858 -15.76 23.30 13.88
N PRO C 859 -16.77 24.04 14.38
CA PRO C 859 -16.47 25.26 15.10
C PRO C 859 -15.81 24.96 16.43
N PRO C 860 -14.94 25.84 16.92
CA PRO C 860 -14.32 25.62 18.23
C PRO C 860 -15.33 25.77 19.35
N LEU C 861 -15.04 25.08 20.45
CA LEU C 861 -15.94 25.14 21.61
C LEU C 861 -15.95 26.52 22.25
N LEU C 862 -14.78 27.13 22.40
CA LEU C 862 -14.67 28.46 23.00
C LEU C 862 -14.59 29.50 21.88
N THR C 863 -15.59 30.38 21.84
CA THR C 863 -15.61 31.41 20.81
C THR C 863 -14.54 32.45 21.09
N ASP C 864 -14.40 33.40 20.15
CA ASP C 864 -13.42 34.46 20.31
C ASP C 864 -13.75 35.34 21.52
N GLU C 865 -15.03 35.62 21.73
CA GLU C 865 -15.42 36.49 22.84
C GLU C 865 -15.07 35.88 24.19
N MET C 866 -15.27 34.57 24.36
CA MET C 866 -14.93 33.94 25.63
C MET C 866 -13.44 34.00 25.90
N ILE C 867 -12.62 33.77 24.87
CA ILE C 867 -11.18 33.87 25.04
C ILE C 867 -10.78 35.31 25.38
N ALA C 868 -11.39 36.29 24.72
CA ALA C 868 -11.12 37.68 25.07
C ALA C 868 -11.51 37.98 26.50
N GLN C 869 -12.61 37.38 26.97
CA GLN C 869 -13.05 37.62 28.34
C GLN C 869 -12.08 36.99 29.34
N TYR C 870 -11.56 35.80 29.03
CA TYR C 870 -10.51 35.23 29.88
C TYR C 870 -9.27 36.12 29.91
N THR C 871 -8.85 36.65 28.76
CA THR C 871 -7.68 37.52 28.76
C THR C 871 -7.93 38.79 29.56
N SER C 872 -9.14 39.34 29.47
CA SER C 872 -9.48 40.51 30.27
C SER C 872 -9.45 40.18 31.76
N ALA C 873 -9.97 39.01 32.13
CA ALA C 873 -9.94 38.61 33.53
C ALA C 873 -8.50 38.46 34.03
N LEU C 874 -7.64 37.85 33.22
CA LEU C 874 -6.25 37.69 33.61
C LEU C 874 -5.56 39.05 33.75
N LEU C 875 -5.84 39.98 32.84
CA LEU C 875 -5.25 41.31 32.94
C LEU C 875 -5.72 42.02 34.20
N ALA C 876 -7.02 41.94 34.50
CA ALA C 876 -7.53 42.57 35.71
C ALA C 876 -6.89 41.97 36.95
N GLY C 877 -6.74 40.65 36.98
CA GLY C 877 -6.11 40.01 38.12
C GLY C 877 -4.67 40.40 38.31
N THR C 878 -3.90 40.44 37.21
CA THR C 878 -2.48 40.77 37.31
C THR C 878 -2.23 42.27 37.45
N ILE C 879 -3.24 43.10 37.25
CA ILE C 879 -3.08 44.53 37.45
C ILE C 879 -3.52 44.95 38.86
N THR C 880 -4.72 44.57 39.26
CA THR C 880 -5.26 45.00 40.54
C THR C 880 -4.66 44.28 41.73
N SER C 881 -4.38 42.98 41.60
CA SER C 881 -4.02 42.15 42.74
C SER C 881 -2.63 41.54 42.63
N GLY C 882 -1.78 42.06 41.76
CA GLY C 882 -0.44 41.49 41.63
C GLY C 882 -0.50 40.04 41.20
N TRP C 883 0.25 39.19 41.90
CA TRP C 883 0.26 37.77 41.63
C TRP C 883 -0.44 36.96 42.72
N THR C 884 -1.08 37.62 43.69
CA THR C 884 -1.73 36.88 44.76
C THR C 884 -2.96 36.13 44.26
N PHE C 885 -3.60 36.62 43.20
CA PHE C 885 -4.79 35.96 42.69
C PHE C 885 -4.47 34.61 42.07
N GLY C 886 -3.21 34.35 41.74
CA GLY C 886 -2.83 33.06 41.21
C GLY C 886 -2.53 32.00 42.23
N ALA C 887 -2.67 32.31 43.52
CA ALA C 887 -2.38 31.33 44.57
C ALA C 887 -3.42 31.35 45.68
N GLY C 888 -4.62 31.83 45.40
CA GLY C 888 -5.65 31.92 46.42
C GLY C 888 -6.61 33.06 46.14
N PRO C 889 -7.22 33.60 47.19
CA PRO C 889 -8.11 34.74 46.99
C PRO C 889 -7.34 35.95 46.51
N ALA C 890 -8.03 36.79 45.72
CA ALA C 890 -7.41 37.99 45.17
C ALA C 890 -7.27 39.03 46.26
N LEU C 891 -6.07 39.59 46.39
CA LEU C 891 -5.76 40.61 47.40
C LEU C 891 -5.34 41.87 46.68
N GLN C 892 -6.13 42.94 46.85
CA GLN C 892 -5.84 44.18 46.16
C GLN C 892 -4.55 44.81 46.67
N ILE C 893 -3.76 45.36 45.76
CA ILE C 893 -2.50 46.00 46.09
C ILE C 893 -2.29 47.16 45.12
N PRO C 894 -2.05 48.37 45.61
CA PRO C 894 -1.78 49.49 44.69
C PRO C 894 -0.57 49.20 43.83
N PHE C 895 -0.64 49.64 42.57
CA PHE C 895 0.35 49.25 41.57
C PHE C 895 1.79 49.64 41.94
N PRO C 896 2.08 50.85 42.44
CA PRO C 896 3.48 51.19 42.74
C PRO C 896 4.15 50.23 43.70
N MET C 897 3.47 49.78 44.76
CA MET C 897 4.13 48.82 45.64
C MET C 897 4.19 47.43 45.03
N GLN C 898 3.33 47.10 44.07
CA GLN C 898 3.54 45.87 43.32
C GLN C 898 4.83 45.95 42.52
N MET C 899 5.08 47.11 41.89
CA MET C 899 6.35 47.31 41.21
C MET C 899 7.53 47.24 42.18
N ALA C 900 7.36 47.79 43.38
CA ALA C 900 8.43 47.71 44.38
C ALA C 900 8.70 46.27 44.77
N TYR C 901 7.63 45.47 44.94
CA TYR C 901 7.80 44.05 45.24
C TYR C 901 8.58 43.36 44.13
N ARG C 902 8.25 43.66 42.87
CA ARG C 902 8.93 42.99 41.77
C ARG C 902 10.40 43.41 41.69
N PHE C 903 10.70 44.70 41.86
CA PHE C 903 12.09 45.12 41.88
C PHE C 903 12.86 44.47 43.02
N ASN C 904 12.25 44.38 44.20
CA ASN C 904 12.87 43.64 45.29
C ASN C 904 13.10 42.19 44.89
N GLY C 905 12.20 41.63 44.08
CA GLY C 905 12.37 40.28 43.60
C GLY C 905 13.58 40.12 42.69
N ILE C 906 13.86 41.13 41.87
CA ILE C 906 14.97 41.04 40.93
C ILE C 906 16.25 41.65 41.51
N GLY C 907 16.30 41.85 42.83
CA GLY C 907 17.53 42.27 43.47
C GLY C 907 17.81 43.76 43.48
N VAL C 908 16.79 44.59 43.31
CA VAL C 908 16.94 46.04 43.37
C VAL C 908 16.03 46.56 44.48
N THR C 909 16.57 47.42 45.34
CA THR C 909 15.81 47.93 46.46
C THR C 909 14.66 48.82 46.00
N GLN C 910 13.68 49.01 46.89
CA GLN C 910 12.46 49.72 46.50
C GLN C 910 12.72 51.19 46.23
N ASN C 911 13.69 51.80 46.92
CA ASN C 911 13.90 53.23 46.78
C ASN C 911 14.26 53.61 45.35
N VAL C 912 14.89 52.69 44.61
CA VAL C 912 15.20 52.95 43.21
C VAL C 912 13.91 53.18 42.42
N LEU C 913 12.90 52.35 42.67
CA LEU C 913 11.60 52.58 42.03
C LEU C 913 10.96 53.86 42.53
N TYR C 914 10.87 54.02 43.85
CA TYR C 914 10.07 55.10 44.41
C TYR C 914 10.65 56.47 44.10
N GLU C 915 11.95 56.56 43.82
CA GLU C 915 12.55 57.83 43.46
C GLU C 915 12.60 58.06 41.95
N ASN C 916 12.18 57.09 41.16
CA ASN C 916 12.18 57.18 39.69
C ASN C 916 10.87 56.69 39.12
N GLN C 917 9.76 57.05 39.77
CA GLN C 917 8.46 56.51 39.37
C GLN C 917 7.99 57.11 38.06
N LYS C 918 8.09 58.43 37.91
CA LYS C 918 7.62 59.07 36.69
C LYS C 918 8.43 58.64 35.48
N LEU C 919 9.75 58.51 35.64
CA LEU C 919 10.59 58.07 34.53
C LEU C 919 10.22 56.66 34.10
N ILE C 920 9.98 55.76 35.06
CA ILE C 920 9.62 54.39 34.73
C ILE C 920 8.26 54.35 34.03
N ALA C 921 7.30 55.15 34.52
CA ALA C 921 6.00 55.18 33.87
C ALA C 921 6.12 55.67 32.43
N ASN C 922 6.91 56.73 32.20
CA ASN C 922 7.09 57.24 30.86
C ASN C 922 7.74 56.20 29.95
N GLN C 923 8.76 55.50 30.46
CA GLN C 923 9.41 54.47 29.68
C GLN C 923 8.45 53.34 29.33
N PHE C 924 7.62 52.94 30.29
CA PHE C 924 6.65 51.88 30.03
C PHE C 924 5.64 52.29 28.96
N ASN C 925 5.12 53.51 29.05
CA ASN C 925 4.16 53.97 28.05
C ASN C 925 4.79 54.06 26.67
N SER C 926 6.02 54.58 26.59
CA SER C 926 6.70 54.66 25.30
C SER C 926 6.95 53.27 24.73
N ALA C 927 7.30 52.31 25.59
CA ALA C 927 7.52 50.95 25.13
C ALA C 927 6.24 50.34 24.58
N ILE C 928 5.11 50.57 25.25
CA ILE C 928 3.85 50.04 24.76
C ILE C 928 3.51 50.64 23.39
N GLY C 929 3.70 51.94 23.24
CA GLY C 929 3.45 52.56 21.94
C GLY C 929 4.34 51.99 20.85
N LYS C 930 5.62 51.78 21.17
CA LYS C 930 6.55 51.21 20.20
C LYS C 930 6.13 49.79 19.82
N ILE C 931 5.66 49.00 20.79
CA ILE C 931 5.19 47.65 20.48
C ILE C 931 4.00 47.71 19.52
N GLN C 932 3.04 48.59 19.78
CA GLN C 932 1.90 48.69 18.89
C GLN C 932 2.34 49.06 17.47
N ASP C 933 3.21 50.06 17.36
CA ASP C 933 3.64 50.51 16.04
C ASP C 933 4.43 49.42 15.31
N SER C 934 5.35 48.75 16.02
CA SER C 934 6.16 47.71 15.40
C SER C 934 5.31 46.54 14.95
N LEU C 935 4.35 46.12 15.77
CA LEU C 935 3.47 45.03 15.37
C LEU C 935 2.64 45.43 14.16
N SER C 936 2.19 46.69 14.10
CA SER C 936 1.42 47.15 12.95
C SER C 936 2.27 47.13 11.68
N SER C 937 3.52 47.58 11.77
CA SER C 937 4.33 47.81 10.58
C SER C 937 5.14 46.60 10.14
N THR C 938 5.17 45.52 10.92
CA THR C 938 5.99 44.37 10.57
C THR C 938 5.13 43.32 9.90
N PRO C 939 5.44 42.93 8.66
CA PRO C 939 4.61 41.94 7.96
C PRO C 939 4.85 40.51 8.42
N SER C 940 6.09 40.20 8.81
CA SER C 940 6.48 38.85 9.18
C SER C 940 6.52 38.63 10.69
N ALA C 941 6.01 39.57 11.48
CA ALA C 941 6.01 39.40 12.92
C ALA C 941 5.13 38.23 13.35
N LEU C 942 4.00 38.05 12.69
CA LEU C 942 3.03 37.02 13.04
C LEU C 942 3.16 35.77 12.17
N GLY C 943 4.38 35.38 11.82
CA GLY C 943 4.57 34.31 10.86
C GLY C 943 4.01 32.98 11.31
N LYS C 944 4.04 32.71 12.62
CA LYS C 944 3.72 31.37 13.11
C LYS C 944 2.24 31.03 12.90
N LEU C 945 1.35 31.93 13.31
CA LEU C 945 -0.08 31.65 13.20
C LEU C 945 -0.51 31.57 11.74
N GLN C 946 -0.05 32.51 10.92
CA GLN C 946 -0.32 32.46 9.49
C GLN C 946 0.22 31.18 8.88
N ASP C 947 1.39 30.73 9.36
CA ASP C 947 1.97 29.49 8.86
C ASP C 947 1.11 28.30 9.20
N VAL C 948 0.56 28.26 10.41
CA VAL C 948 -0.33 27.16 10.80
C VAL C 948 -1.56 27.13 9.91
N VAL C 949 -2.17 28.31 9.73
CA VAL C 949 -3.38 28.39 8.91
C VAL C 949 -3.08 27.95 7.49
N ASN C 950 -1.97 28.42 6.93
CA ASN C 950 -1.60 28.08 5.56
C ASN C 950 -1.32 26.60 5.42
N HIS C 951 -0.66 26.01 6.43
CA HIS C 951 -0.38 24.57 6.41
C HIS C 951 -1.68 23.78 6.32
N ASN C 952 -2.65 24.13 7.18
CA ASN C 952 -3.91 23.41 7.17
C ASN C 952 -4.63 23.58 5.84
N ALA C 953 -4.69 24.82 5.33
CA ALA C 953 -5.39 25.06 4.08
C ALA C 953 -4.75 24.31 2.93
N GLN C 954 -3.42 24.32 2.88
CA GLN C 954 -2.70 23.64 1.80
C GLN C 954 -2.92 22.13 1.87
N ALA C 955 -2.92 21.57 3.09
CA ALA C 955 -3.16 20.13 3.22
C ALA C 955 -4.56 19.77 2.73
N LEU C 956 -5.56 20.57 3.11
CA LEU C 956 -6.92 20.30 2.69
C LEU C 956 -7.06 20.42 1.18
N ASN C 957 -6.42 21.44 0.58
CA ASN C 957 -6.49 21.62 -0.86
C ASN C 957 -5.80 20.46 -1.58
N THR C 958 -4.67 19.99 -1.04
CA THR C 958 -4.02 18.84 -1.63
C THR C 958 -4.91 17.61 -1.59
N LEU C 959 -5.61 17.40 -0.47
CA LEU C 959 -6.52 16.26 -0.38
C LEU C 959 -7.63 16.38 -1.43
N VAL C 960 -8.22 17.57 -1.57
CA VAL C 960 -9.32 17.71 -2.51
C VAL C 960 -8.81 17.61 -3.95
N LYS C 961 -7.53 17.91 -4.17
CA LYS C 961 -6.96 17.77 -5.50
C LYS C 961 -6.65 16.32 -5.82
N GLN C 962 -6.28 15.52 -4.81
CA GLN C 962 -5.85 14.15 -5.03
C GLN C 962 -6.89 13.29 -5.72
N LEU C 963 -8.18 13.57 -5.52
CA LEU C 963 -9.23 12.73 -6.08
C LEU C 963 -9.35 12.89 -7.60
N SER C 964 -8.68 13.86 -8.20
CA SER C 964 -8.71 14.08 -9.64
C SER C 964 -7.61 13.33 -10.36
N SER C 965 -6.97 12.36 -9.70
CA SER C 965 -5.89 11.58 -10.29
C SER C 965 -6.42 10.21 -10.69
N LYS C 966 -6.07 9.80 -11.91
CA LYS C 966 -6.61 8.57 -12.47
C LYS C 966 -6.17 7.34 -11.69
N PHE C 967 -5.03 7.41 -11.00
CA PHE C 967 -4.51 6.30 -10.21
C PHE C 967 -4.30 5.05 -11.07
N GLY C 968 -3.97 5.26 -12.34
CA GLY C 968 -3.79 4.16 -13.26
C GLY C 968 -5.06 3.63 -13.89
N ALA C 969 -6.20 4.25 -13.64
CA ALA C 969 -7.46 3.83 -14.23
C ALA C 969 -7.68 4.56 -15.56
N ILE C 970 -8.75 4.16 -16.25
CA ILE C 970 -9.04 4.74 -17.56
C ILE C 970 -9.52 6.18 -17.41
N SER C 971 -10.37 6.45 -16.42
CA SER C 971 -10.93 7.78 -16.22
C SER C 971 -11.03 8.08 -14.73
N SER C 972 -10.96 9.37 -14.40
CA SER C 972 -11.02 9.82 -13.01
C SER C 972 -12.43 10.08 -12.52
N VAL C 973 -13.44 9.91 -13.38
CA VAL C 973 -14.83 10.11 -13.00
C VAL C 973 -15.51 8.75 -12.98
N LEU C 974 -16.08 8.38 -11.84
CA LEU C 974 -16.67 7.07 -11.68
C LEU C 974 -17.98 6.91 -12.45
N ASN C 975 -18.70 8.00 -12.71
CA ASN C 975 -19.91 7.90 -13.51
C ASN C 975 -19.61 7.41 -14.92
N ASP C 976 -18.51 7.89 -15.51
CA ASP C 976 -18.10 7.39 -16.81
C ASP C 976 -17.72 5.91 -16.73
N ILE C 977 -17.07 5.51 -15.64
CA ILE C 977 -16.71 4.11 -15.47
C ILE C 977 -17.95 3.23 -15.44
N PHE C 978 -18.99 3.67 -14.72
CA PHE C 978 -20.21 2.88 -14.66
C PHE C 978 -20.99 2.94 -15.96
N SER C 979 -20.88 4.04 -16.70
CA SER C 979 -21.66 4.23 -17.91
C SER C 979 -20.95 3.75 -19.17
N ARG C 980 -19.72 3.26 -19.07
CA ARG C 980 -18.98 2.76 -20.23
C ARG C 980 -18.67 1.27 -20.13
N LEU C 981 -18.08 0.82 -19.03
CA LEU C 981 -17.54 -0.52 -18.95
C LEU C 981 -18.51 -1.48 -18.27
N ASP C 982 -18.22 -2.77 -18.44
CA ASP C 982 -19.08 -3.82 -17.93
C ASP C 982 -18.66 -4.15 -16.49
N PRO C 983 -19.60 -4.58 -15.64
CA PRO C 983 -19.33 -4.67 -14.19
C PRO C 983 -18.11 -5.52 -13.85
N PRO C 984 -17.85 -6.65 -14.54
CA PRO C 984 -16.65 -7.43 -14.19
C PRO C 984 -15.34 -6.65 -14.23
N GLU C 985 -15.14 -5.76 -15.19
CA GLU C 985 -13.93 -4.94 -15.23
C GLU C 985 -14.12 -3.54 -14.68
N ALA C 986 -15.34 -3.01 -14.74
CA ALA C 986 -15.63 -1.77 -14.04
C ALA C 986 -15.36 -1.92 -12.54
N GLU C 987 -15.59 -3.11 -12.01
CA GLU C 987 -15.27 -3.37 -10.61
C GLU C 987 -13.77 -3.25 -10.36
N VAL C 988 -12.94 -3.77 -11.26
CA VAL C 988 -11.49 -3.66 -11.08
C VAL C 988 -11.06 -2.21 -11.16
N GLN C 989 -11.60 -1.45 -12.13
CA GLN C 989 -11.26 -0.04 -12.23
C GLN C 989 -11.65 0.71 -10.97
N ILE C 990 -12.86 0.46 -10.47
CA ILE C 990 -13.32 1.11 -9.25
C ILE C 990 -12.44 0.72 -8.07
N ASP C 991 -12.04 -0.55 -8.03
CA ASP C 991 -11.14 -1.03 -6.95
C ASP C 991 -9.87 -0.19 -6.97
N ARG C 992 -9.25 -0.05 -8.15
CA ARG C 992 -8.01 0.71 -8.27
C ARG C 992 -8.19 2.14 -7.76
N LEU C 993 -9.28 2.79 -8.18
CA LEU C 993 -9.56 4.14 -7.70
C LEU C 993 -9.76 4.16 -6.19
N ILE C 994 -10.44 3.14 -5.65
CA ILE C 994 -10.74 3.08 -4.23
C ILE C 994 -9.46 3.01 -3.43
N THR C 995 -8.55 2.13 -3.83
CA THR C 995 -7.31 1.98 -3.06
C THR C 995 -6.44 3.22 -3.19
N GLY C 996 -6.44 3.87 -4.36
CA GLY C 996 -5.68 5.11 -4.48
C GLY C 996 -6.20 6.19 -3.54
N ARG C 997 -7.52 6.37 -3.51
CA ARG C 997 -8.09 7.40 -2.66
C ARG C 997 -7.91 7.08 -1.18
N LEU C 998 -8.00 5.79 -0.82
CA LEU C 998 -7.74 5.40 0.57
C LEU C 998 -6.30 5.70 0.97
N GLN C 999 -5.35 5.43 0.07
CA GLN C 999 -3.96 5.76 0.38
C GLN C 999 -3.78 7.26 0.59
N SER C 1000 -4.41 8.07 -0.27
CA SER C 1000 -4.32 9.52 -0.10
C SER C 1000 -4.89 9.97 1.24
N LEU C 1001 -6.04 9.41 1.61
CA LEU C 1001 -6.67 9.79 2.87
C LEU C 1001 -5.80 9.38 4.06
N GLN C 1002 -5.19 8.19 3.99
CA GLN C 1002 -4.30 7.75 5.06
C GLN C 1002 -3.11 8.70 5.21
N THR C 1003 -2.51 9.10 4.08
CA THR C 1003 -1.40 10.03 4.15
C THR C 1003 -1.82 11.34 4.80
N TYR C 1004 -2.98 11.87 4.41
CA TYR C 1004 -3.45 13.12 5.00
C TYR C 1004 -3.64 12.99 6.50
N VAL C 1005 -4.27 11.90 6.94
CA VAL C 1005 -4.58 11.77 8.36
C VAL C 1005 -3.31 11.56 9.18
N THR C 1006 -2.33 10.85 8.64
CA THR C 1006 -1.06 10.72 9.35
C THR C 1006 -0.38 12.08 9.51
N GLN C 1007 -0.38 12.88 8.44
CA GLN C 1007 0.20 14.22 8.55
C GLN C 1007 -0.57 15.05 9.58
N GLN C 1008 -1.89 14.94 9.60
CA GLN C 1008 -2.68 15.68 10.57
C GLN C 1008 -2.35 15.25 12.00
N LEU C 1009 -2.17 13.93 12.21
CA LEU C 1009 -1.80 13.44 13.53
C LEU C 1009 -0.47 14.04 13.99
N ILE C 1010 0.52 14.05 13.11
CA ILE C 1010 1.83 14.59 13.49
C ILE C 1010 1.73 16.08 13.80
N ARG C 1011 1.03 16.82 12.94
CA ARG C 1011 0.90 18.26 13.17
C ARG C 1011 0.16 18.55 14.47
N ALA C 1012 -0.88 17.76 14.77
CA ALA C 1012 -1.62 17.96 16.00
C ALA C 1012 -0.77 17.67 17.22
N ALA C 1013 0.08 16.64 17.14
CA ALA C 1013 1.00 16.37 18.25
C ALA C 1013 1.95 17.54 18.48
N GLU C 1014 2.50 18.09 17.38
CA GLU C 1014 3.40 19.23 17.52
C GLU C 1014 2.67 20.43 18.13
N ILE C 1015 1.44 20.68 17.67
CA ILE C 1015 0.67 21.81 18.18
C ILE C 1015 0.34 21.61 19.66
N ARG C 1016 0.07 20.36 20.07
CA ARG C 1016 -0.19 20.09 21.48
C ARG C 1016 1.04 20.36 22.33
N ALA C 1017 2.22 19.99 21.83
CA ALA C 1017 3.45 20.32 22.56
C ALA C 1017 3.61 21.83 22.70
N SER C 1018 3.36 22.57 21.63
CA SER C 1018 3.46 24.02 21.69
C SER C 1018 2.44 24.61 22.66
N ALA C 1019 1.24 24.04 22.70
CA ALA C 1019 0.21 24.52 23.61
C ALA C 1019 0.59 24.25 25.06
N ASN C 1020 1.20 23.10 25.33
CA ASN C 1020 1.68 22.85 26.69
C ASN C 1020 2.76 23.86 27.08
N LEU C 1021 3.67 24.17 26.16
CA LEU C 1021 4.67 25.20 26.45
C LEU C 1021 4.00 26.55 26.73
N ALA C 1022 2.98 26.89 25.94
CA ALA C 1022 2.28 28.16 26.14
C ALA C 1022 1.58 28.20 27.49
N ALA C 1023 0.97 27.09 27.90
CA ALA C 1023 0.33 27.04 29.21
C ALA C 1023 1.34 27.21 30.32
N THR C 1024 2.50 26.56 30.19
CA THR C 1024 3.55 26.74 31.20
C THR C 1024 4.02 28.19 31.26
N LYS C 1025 4.20 28.83 30.10
CA LYS C 1025 4.61 30.22 30.08
C LYS C 1025 3.57 31.12 30.72
N MET C 1026 2.28 30.85 30.46
CA MET C 1026 1.23 31.63 31.08
C MET C 1026 1.25 31.47 32.60
N SER C 1027 1.41 30.24 33.08
CA SER C 1027 1.36 30.01 34.51
C SER C 1027 2.58 30.59 35.22
N GLU C 1028 3.74 30.63 34.56
CA GLU C 1028 4.96 31.01 35.24
C GLU C 1028 5.44 32.43 34.92
N CYS C 1029 4.84 33.11 33.95
CA CYS C 1029 5.18 34.51 33.69
C CYS C 1029 4.05 35.48 34.00
N VAL C 1030 2.79 35.08 33.81
CA VAL C 1030 1.67 35.99 34.05
C VAL C 1030 1.25 35.98 35.51
N LEU C 1031 0.86 34.81 36.03
CA LEU C 1031 0.37 34.68 37.39
C LEU C 1031 1.48 34.79 38.43
N GLY C 1032 2.69 35.16 38.03
CA GLY C 1032 3.77 35.26 38.98
C GLY C 1032 5.02 35.77 38.30
N GLN C 1033 6.11 35.78 39.06
CA GLN C 1033 7.41 36.24 38.58
C GLN C 1033 8.36 35.06 38.57
N SER C 1034 9.14 34.94 37.48
CA SER C 1034 10.04 33.81 37.29
C SER C 1034 11.47 34.32 37.19
N LYS C 1035 12.39 33.61 37.85
CA LYS C 1035 13.80 33.93 37.80
C LYS C 1035 14.53 33.22 36.66
N ARG C 1036 13.83 32.37 35.91
CA ARG C 1036 14.47 31.65 34.82
C ARG C 1036 14.87 32.60 33.71
N VAL C 1037 16.10 32.45 33.23
CA VAL C 1037 16.66 33.37 32.25
C VAL C 1037 16.05 33.10 30.89
N ASP C 1038 15.60 34.15 30.20
CA ASP C 1038 15.05 34.10 28.86
C ASP C 1038 13.78 33.27 28.75
N PHE C 1039 13.28 32.73 29.86
CA PHE C 1039 12.00 32.02 29.78
C PHE C 1039 10.82 32.96 29.69
N CYS C 1040 10.91 34.15 30.28
CA CYS C 1040 9.83 35.11 30.28
C CYS C 1040 10.31 36.42 29.66
N GLY C 1041 11.08 36.32 28.59
CA GLY C 1041 11.60 37.46 27.88
C GLY C 1041 13.07 37.70 28.18
N LYS C 1042 13.69 38.49 27.30
CA LYS C 1042 15.11 38.81 27.43
C LYS C 1042 15.33 39.82 28.54
N GLY C 1043 16.32 39.55 29.39
CA GLY C 1043 16.62 40.42 30.51
C GLY C 1043 15.97 39.95 31.79
N TYR C 1044 16.04 40.81 32.80
CA TYR C 1044 15.40 40.52 34.08
C TYR C 1044 13.89 40.72 33.93
N HIS C 1045 13.13 39.70 34.30
CA HIS C 1045 11.70 39.69 34.02
C HIS C 1045 10.92 40.41 35.11
N LEU C 1046 10.03 41.31 34.70
CA LEU C 1046 9.17 42.04 35.64
C LEU C 1046 7.75 41.49 35.63
N MET C 1047 7.09 41.46 34.47
CA MET C 1047 5.78 40.82 34.39
C MET C 1047 5.52 40.43 32.94
N SER C 1048 4.30 40.01 32.68
CA SER C 1048 3.86 39.74 31.32
C SER C 1048 2.35 39.92 31.25
N PHE C 1049 1.88 40.32 30.08
CA PHE C 1049 0.46 40.51 29.83
C PHE C 1049 0.04 39.66 28.64
N PRO C 1050 -1.01 38.87 28.76
CA PRO C 1050 -1.43 38.03 27.64
C PRO C 1050 -2.47 38.71 26.76
N GLN C 1051 -2.48 38.29 25.50
CA GLN C 1051 -3.46 38.76 24.52
C GLN C 1051 -3.85 37.59 23.63
N SER C 1052 -5.08 37.61 23.15
CA SER C 1052 -5.54 36.54 22.28
C SER C 1052 -5.13 36.82 20.83
N ALA C 1053 -5.21 35.78 20.01
CA ALA C 1053 -4.95 35.90 18.58
C ALA C 1053 -5.54 34.67 17.89
N PRO C 1054 -5.84 34.76 16.60
CA PRO C 1054 -6.47 33.61 15.92
C PRO C 1054 -5.60 32.37 16.02
N HIS C 1055 -6.09 31.36 16.74
CA HIS C 1055 -5.36 30.12 16.98
C HIS C 1055 -4.01 30.40 17.65
N GLY C 1056 -3.99 31.30 18.62
CA GLY C 1056 -2.74 31.55 19.31
C GLY C 1056 -2.87 32.58 20.40
N VAL C 1057 -1.77 32.75 21.13
CA VAL C 1057 -1.69 33.71 22.23
C VAL C 1057 -0.40 34.51 22.08
N VAL C 1058 -0.48 35.81 22.38
CA VAL C 1058 0.65 36.71 22.26
C VAL C 1058 0.96 37.27 23.65
N PHE C 1059 2.18 37.08 24.10
CA PHE C 1059 2.63 37.57 25.40
C PHE C 1059 3.42 38.85 25.20
N LEU C 1060 3.11 39.87 26.00
CA LEU C 1060 3.91 41.08 26.10
C LEU C 1060 4.70 40.98 27.40
N HIS C 1061 5.98 40.65 27.29
CA HIS C 1061 6.86 40.53 28.45
C HIS C 1061 7.44 41.90 28.77
N VAL C 1062 7.17 42.39 29.98
CA VAL C 1062 7.76 43.62 30.48
C VAL C 1062 8.96 43.25 31.33
N THR C 1063 10.13 43.72 30.93
CA THR C 1063 11.39 43.28 31.50
C THR C 1063 12.28 44.49 31.78
N TYR C 1064 13.32 44.25 32.58
CA TYR C 1064 14.22 45.29 33.07
C TYR C 1064 15.61 45.03 32.50
N VAL C 1065 16.24 46.05 31.94
CA VAL C 1065 17.54 45.90 31.28
C VAL C 1065 18.48 46.98 31.79
N PRO C 1066 19.62 46.63 32.38
CA PRO C 1066 20.57 47.66 32.82
C PRO C 1066 21.22 48.36 31.64
N ALA C 1067 21.69 49.58 31.90
CA ALA C 1067 22.35 50.37 30.87
C ALA C 1067 23.15 51.48 31.52
N GLN C 1068 24.07 52.06 30.74
CA GLN C 1068 24.96 53.13 31.18
C GLN C 1068 25.86 52.65 32.33
N GLU C 1069 26.65 51.63 32.04
CA GLU C 1069 27.56 51.08 33.03
C GLU C 1069 28.77 51.98 33.23
N LYS C 1070 29.37 51.88 34.42
CA LYS C 1070 30.56 52.64 34.76
C LYS C 1070 31.54 51.71 35.45
N ASN C 1071 32.83 51.96 35.25
CA ASN C 1071 33.90 51.10 35.75
C ASN C 1071 34.43 51.62 37.07
N PHE C 1072 34.68 50.71 38.01
CA PHE C 1072 35.16 51.07 39.34
C PHE C 1072 36.23 50.07 39.76
N THR C 1073 36.98 50.42 40.80
CA THR C 1073 38.00 49.53 41.34
C THR C 1073 37.43 48.81 42.55
N THR C 1074 37.44 47.47 42.51
CA THR C 1074 36.77 46.67 43.52
C THR C 1074 37.79 45.89 44.34
N ALA C 1075 37.32 45.34 45.46
CA ALA C 1075 38.11 44.53 46.35
C ALA C 1075 37.20 43.52 47.03
N PRO C 1076 37.71 42.35 47.40
CA PRO C 1076 36.83 41.34 48.01
C PRO C 1076 36.37 41.70 49.42
N ALA C 1077 37.27 42.20 50.26
CA ALA C 1077 36.93 42.50 51.64
C ALA C 1077 37.71 43.72 52.10
N ILE C 1078 37.48 44.12 53.35
CA ILE C 1078 38.16 45.27 53.94
C ILE C 1078 38.83 44.83 55.23
N CYS C 1079 40.14 45.04 55.32
CA CYS C 1079 40.86 44.72 56.55
C CYS C 1079 40.90 45.95 57.44
N HIS C 1080 40.47 45.78 58.69
CA HIS C 1080 40.38 46.89 59.63
C HIS C 1080 40.58 46.35 61.04
N ASP C 1081 41.64 46.83 61.70
CA ASP C 1081 41.98 46.41 63.06
C ASP C 1081 42.05 44.89 63.19
N GLY C 1082 42.64 44.23 62.19
CA GLY C 1082 42.76 42.80 62.24
C GLY C 1082 41.49 42.02 61.98
N LYS C 1083 40.44 42.68 61.47
CA LYS C 1083 39.20 42.01 61.14
C LYS C 1083 38.90 42.18 59.65
N ALA C 1084 38.35 41.14 59.04
CA ALA C 1084 37.99 41.17 57.64
C ALA C 1084 36.49 41.39 57.52
N HIS C 1085 36.09 42.52 56.95
CA HIS C 1085 34.70 42.87 56.75
C HIS C 1085 34.30 42.53 55.33
N PHE C 1086 33.19 41.80 55.20
CA PHE C 1086 32.60 41.42 53.93
C PHE C 1086 31.24 42.07 53.78
N PRO C 1087 30.83 42.42 52.56
CA PRO C 1087 29.53 43.06 52.38
C PRO C 1087 28.40 42.09 52.65
N ARG C 1088 27.36 42.58 53.33
CA ARG C 1088 26.19 41.75 53.61
C ARG C 1088 25.46 41.40 52.33
N GLU C 1089 25.16 42.40 51.51
CA GLU C 1089 24.45 42.20 50.26
C GLU C 1089 25.05 42.92 49.06
N GLY C 1090 25.84 43.97 49.27
CA GLY C 1090 26.40 44.75 48.20
C GLY C 1090 27.80 44.30 47.82
N VAL C 1091 28.58 45.23 47.29
CA VAL C 1091 29.94 44.97 46.86
C VAL C 1091 30.74 46.25 47.03
N PHE C 1092 32.02 46.10 47.35
CA PHE C 1092 32.87 47.25 47.63
C PHE C 1092 33.40 47.82 46.32
N VAL C 1093 33.23 49.13 46.14
CA VAL C 1093 33.68 49.81 44.95
C VAL C 1093 34.44 51.07 45.36
N SER C 1094 35.29 51.54 44.45
CA SER C 1094 36.06 52.74 44.66
C SER C 1094 36.15 53.50 43.36
N ASN C 1095 35.98 54.83 43.43
CA ASN C 1095 36.15 55.71 42.30
C ASN C 1095 37.57 56.24 42.18
N GLY C 1096 38.47 55.83 43.07
CA GLY C 1096 39.86 56.25 43.00
C GLY C 1096 40.45 56.62 44.33
N THR C 1097 39.64 57.20 45.22
CA THR C 1097 40.14 57.62 46.53
C THR C 1097 39.32 57.07 47.68
N HIS C 1098 38.00 56.98 47.52
CA HIS C 1098 37.12 56.57 48.61
C HIS C 1098 36.44 55.26 48.26
N TRP C 1099 36.06 54.52 49.31
CA TRP C 1099 35.45 53.21 49.16
C TRP C 1099 34.03 53.25 49.66
N PHE C 1100 33.11 52.72 48.86
CA PHE C 1100 31.70 52.62 49.23
C PHE C 1100 31.26 51.18 49.00
N VAL C 1101 30.04 50.88 49.45
CA VAL C 1101 29.40 49.60 49.20
C VAL C 1101 28.11 49.87 48.43
N THR C 1102 27.87 49.09 47.38
CA THR C 1102 26.70 49.34 46.54
C THR C 1102 26.12 48.02 46.05
N GLN C 1103 24.83 48.05 45.77
CA GLN C 1103 24.13 46.86 45.31
C GLN C 1103 24.63 46.45 43.92
N ARG C 1104 24.38 45.19 43.58
CA ARG C 1104 24.91 44.64 42.32
C ARG C 1104 24.39 45.39 41.10
N ASN C 1105 23.07 45.53 40.99
CA ASN C 1105 22.43 45.93 39.74
C ASN C 1105 22.22 47.42 39.61
N PHE C 1106 22.64 48.22 40.58
CA PHE C 1106 22.46 49.66 40.49
C PHE C 1106 23.55 50.33 41.31
N TYR C 1107 23.94 51.52 40.88
CA TYR C 1107 24.97 52.29 41.58
C TYR C 1107 24.30 53.20 42.59
N GLU C 1108 24.50 52.91 43.87
CA GLU C 1108 24.01 53.74 44.96
C GLU C 1108 25.02 53.71 46.09
N PRO C 1109 26.06 54.55 46.03
CA PRO C 1109 27.14 54.46 47.00
C PRO C 1109 26.66 54.78 48.41
N GLN C 1110 27.27 54.10 49.38
CA GLN C 1110 26.93 54.26 50.78
C GLN C 1110 28.19 54.14 51.61
N ILE C 1111 28.20 54.79 52.77
CA ILE C 1111 29.34 54.72 53.66
C ILE C 1111 29.43 53.31 54.24
N ILE C 1112 30.65 52.80 54.35
CA ILE C 1112 30.87 51.46 54.86
C ILE C 1112 30.76 51.49 56.38
N THR C 1113 29.71 50.88 56.90
CA THR C 1113 29.48 50.78 58.34
C THR C 1113 29.40 49.32 58.75
N THR C 1114 29.22 49.08 60.04
CA THR C 1114 29.04 47.73 60.54
C THR C 1114 27.60 47.25 60.39
N ASP C 1115 26.68 48.10 59.94
CA ASP C 1115 25.31 47.68 59.73
C ASP C 1115 25.17 46.82 58.48
N ASN C 1116 25.91 47.16 57.42
CA ASN C 1116 25.80 46.46 56.14
C ASN C 1116 27.02 45.60 55.84
N THR C 1117 27.91 45.40 56.80
CA THR C 1117 29.07 44.53 56.65
C THR C 1117 29.14 43.58 57.82
N PHE C 1118 29.72 42.40 57.59
CA PHE C 1118 29.88 41.40 58.63
C PHE C 1118 31.32 40.92 58.69
N VAL C 1119 31.75 40.56 59.90
CA VAL C 1119 33.13 40.22 60.18
C VAL C 1119 33.27 38.70 60.17
N SER C 1120 34.37 38.21 59.60
CA SER C 1120 34.65 36.77 59.58
C SER C 1120 36.16 36.57 59.57
N GLY C 1121 36.72 36.30 60.76
CA GLY C 1121 38.14 36.00 60.85
C GLY C 1121 39.03 37.20 60.65
N ASN C 1122 40.32 36.92 60.53
CA ASN C 1122 41.33 37.94 60.32
C ASN C 1122 41.59 38.15 58.83
N CYS C 1123 42.35 39.19 58.51
CA CYS C 1123 42.57 39.63 57.13
C CYS C 1123 43.89 39.12 56.56
N ASP C 1124 44.34 37.94 56.99
CA ASP C 1124 45.58 37.34 56.47
C ASP C 1124 45.33 36.16 55.55
N VAL C 1125 44.07 35.82 55.28
CA VAL C 1125 43.74 34.65 54.48
C VAL C 1125 43.17 35.03 53.12
N VAL C 1126 42.35 36.09 53.06
CA VAL C 1126 41.78 36.50 51.78
C VAL C 1126 42.87 37.13 50.91
N ILE C 1127 42.66 37.06 49.60
CA ILE C 1127 43.63 37.55 48.63
C ILE C 1127 43.07 38.81 47.99
N GLY C 1128 43.84 39.89 48.02
CA GLY C 1128 43.43 41.15 47.45
C GLY C 1128 42.73 42.09 48.41
N ILE C 1129 42.77 41.82 49.71
CA ILE C 1129 42.13 42.71 50.67
C ILE C 1129 42.88 44.04 50.68
N VAL C 1130 42.15 45.11 51.00
CA VAL C 1130 42.69 46.46 50.99
C VAL C 1130 42.41 47.12 52.34
N ASN C 1131 43.42 47.82 52.87
CA ASN C 1131 43.26 48.52 54.13
C ASN C 1131 42.28 49.67 53.99
N ASN C 1132 41.43 49.85 55.00
CA ASN C 1132 40.51 50.98 55.03
C ASN C 1132 39.89 51.04 56.41
N THR C 1133 39.19 52.15 56.67
CA THR C 1133 38.47 52.32 57.92
C THR C 1133 36.98 52.01 57.72
N VAL C 1134 36.33 51.63 58.80
CA VAL C 1134 34.91 51.31 58.78
C VAL C 1134 34.21 52.18 59.82
N TYR C 1135 33.32 53.05 59.35
CA TYR C 1135 32.59 53.92 60.25
C TYR C 1135 31.65 53.11 61.14
N ASP C 1136 31.49 53.59 62.38
CA ASP C 1136 30.62 52.93 63.35
C ASP C 1136 29.52 53.89 63.78
N PRO C 1137 28.25 53.56 63.56
CA PRO C 1137 27.17 54.47 63.97
C PRO C 1137 27.12 54.71 65.47
N LEU C 1138 27.55 53.75 66.27
CA LEU C 1138 27.44 53.87 67.72
C LEU C 1138 28.35 54.94 68.28
N GLN C 1139 29.55 55.10 67.72
CA GLN C 1139 30.58 55.93 68.34
C GLN C 1139 30.13 57.35 68.64
N PRO C 1140 29.47 58.08 67.73
CA PRO C 1140 29.01 59.44 68.09
C PRO C 1140 28.03 59.46 69.24
N GLU C 1141 27.21 58.42 69.40
CA GLU C 1141 26.19 58.42 70.45
C GLU C 1141 26.81 58.45 71.83
N LEU C 1142 27.75 57.54 72.11
CA LEU C 1142 28.40 57.55 73.40
C LEU C 1142 29.56 58.53 73.47
N ASP C 1143 29.94 59.12 72.33
CA ASP C 1143 30.94 60.19 72.37
C ASP C 1143 30.39 61.41 73.11
N SER C 1144 29.11 61.72 72.91
CA SER C 1144 28.47 62.85 73.58
C SER C 1144 28.27 62.55 75.06
N ASP D 1 -21.21 -45.02 -51.14
CA ASP D 1 -20.27 -44.78 -52.22
C ASP D 1 -20.24 -43.29 -52.57
N ILE D 2 -19.20 -42.87 -53.30
CA ILE D 2 -19.01 -41.47 -53.65
C ILE D 2 -19.02 -41.34 -55.17
N GLN D 3 -19.63 -40.26 -55.66
CA GLN D 3 -19.65 -39.95 -57.08
C GLN D 3 -19.17 -38.52 -57.26
N MET D 4 -18.32 -38.30 -58.26
CA MET D 4 -17.79 -36.98 -58.58
C MET D 4 -18.08 -36.66 -60.04
N THR D 5 -18.40 -35.40 -60.31
CA THR D 5 -18.69 -34.95 -61.66
C THR D 5 -17.90 -33.67 -61.98
N GLN D 6 -17.56 -33.51 -63.25
CA GLN D 6 -16.86 -32.34 -63.75
C GLN D 6 -17.67 -31.77 -64.91
N SER D 7 -18.35 -30.65 -64.65
CA SER D 7 -19.18 -30.04 -65.68
C SER D 7 -18.40 -29.65 -66.94
N PRO D 8 -17.21 -29.07 -66.87
CA PRO D 8 -16.49 -28.78 -68.11
C PRO D 8 -15.63 -29.95 -68.57
N SER D 9 -15.64 -30.18 -69.88
CA SER D 9 -14.83 -31.21 -70.50
C SER D 9 -13.80 -30.63 -71.45
N SER D 10 -14.20 -29.74 -72.35
CA SER D 10 -13.29 -29.04 -73.24
C SER D 10 -13.67 -27.57 -73.28
N LEU D 11 -12.67 -26.70 -73.12
CA LEU D 11 -12.90 -25.26 -73.06
C LEU D 11 -11.90 -24.55 -73.96
N SER D 12 -12.32 -23.39 -74.47
CA SER D 12 -11.50 -22.57 -75.35
C SER D 12 -11.21 -21.24 -74.68
N ALA D 13 -10.03 -20.69 -74.93
CA ALA D 13 -9.59 -19.45 -74.31
C ALA D 13 -8.51 -18.84 -75.19
N SER D 14 -7.77 -17.88 -74.64
CA SER D 14 -6.62 -17.28 -75.32
C SER D 14 -5.48 -17.13 -74.30
N VAL D 15 -4.42 -16.46 -74.73
CA VAL D 15 -3.25 -16.27 -73.88
C VAL D 15 -3.57 -15.35 -72.71
N GLY D 16 -4.37 -14.31 -72.94
CA GLY D 16 -4.64 -13.33 -71.91
C GLY D 16 -6.04 -13.37 -71.33
N ASP D 17 -6.57 -14.56 -71.08
CA ASP D 17 -7.92 -14.73 -70.56
C ASP D 17 -7.89 -15.26 -69.14
N ARG D 18 -9.07 -15.31 -68.53
CA ARG D 18 -9.28 -15.82 -67.19
C ARG D 18 -10.40 -16.84 -67.24
N VAL D 19 -10.14 -18.06 -66.77
CA VAL D 19 -11.08 -19.16 -66.93
C VAL D 19 -11.23 -19.89 -65.60
N THR D 20 -12.38 -20.56 -65.43
CA THR D 20 -12.70 -21.31 -64.22
C THR D 20 -13.26 -22.67 -64.58
N ILE D 21 -12.97 -23.66 -63.72
CA ILE D 21 -13.48 -25.01 -63.85
C ILE D 21 -13.97 -25.46 -62.49
N THR D 22 -15.09 -26.19 -62.45
CA THR D 22 -15.69 -26.60 -61.19
C THR D 22 -15.87 -28.11 -61.14
N CYS D 23 -15.84 -28.65 -59.92
CA CYS D 23 -16.12 -30.04 -59.64
C CYS D 23 -17.25 -30.14 -58.62
N ARG D 24 -18.07 -31.17 -58.78
CA ARG D 24 -19.21 -31.46 -57.92
C ARG D 24 -19.03 -32.82 -57.26
N ALA D 25 -19.36 -32.88 -55.98
CA ALA D 25 -19.30 -34.11 -55.19
C ALA D 25 -20.71 -34.51 -54.78
N SER D 26 -20.97 -35.82 -54.82
CA SER D 26 -22.31 -36.32 -54.52
C SER D 26 -22.70 -36.03 -53.07
N GLN D 27 -21.77 -36.22 -52.14
CA GLN D 27 -22.03 -35.99 -50.72
C GLN D 27 -20.97 -35.07 -50.14
N SER D 28 -21.32 -34.43 -49.03
CA SER D 28 -20.39 -33.54 -48.35
C SER D 28 -19.24 -34.34 -47.75
N ILE D 29 -18.02 -34.01 -48.16
CA ILE D 29 -16.83 -34.73 -47.73
C ILE D 29 -15.76 -33.81 -47.16
N SER D 30 -16.16 -32.63 -46.67
CA SER D 30 -15.31 -31.77 -45.84
C SER D 30 -14.11 -31.22 -46.61
N SER D 31 -14.32 -30.89 -47.88
CA SER D 31 -13.39 -30.12 -48.70
C SER D 31 -11.98 -30.72 -48.75
N TYR D 32 -11.86 -32.05 -48.73
CA TYR D 32 -10.56 -32.70 -48.78
C TYR D 32 -10.30 -33.27 -50.18
N LEU D 33 -9.98 -32.36 -51.11
CA LEU D 33 -9.65 -32.74 -52.46
C LEU D 33 -8.30 -32.16 -52.86
N ASN D 34 -7.69 -32.75 -53.88
CA ASN D 34 -6.48 -32.23 -54.48
C ASN D 34 -6.69 -32.06 -55.98
N TRP D 35 -5.93 -31.14 -56.57
CA TRP D 35 -6.08 -30.78 -57.97
C TRP D 35 -4.77 -31.00 -58.71
N PHE D 36 -4.86 -31.69 -59.86
CA PHE D 36 -3.73 -32.20 -60.60
C PHE D 36 -3.71 -31.60 -62.00
N GLN D 37 -2.54 -31.15 -62.42
CA GLN D 37 -2.29 -30.78 -63.81
C GLN D 37 -1.58 -31.94 -64.50
N HIS D 38 -2.20 -32.49 -65.53
CA HIS D 38 -1.66 -33.65 -66.26
C HIS D 38 -1.29 -33.20 -67.66
N LYS D 39 0.00 -32.93 -67.85
CA LYS D 39 0.52 -32.69 -69.18
C LYS D 39 0.65 -34.02 -69.93
N PRO D 40 0.09 -34.13 -71.13
CA PRO D 40 0.17 -35.41 -71.85
C PRO D 40 1.59 -35.81 -72.22
N GLY D 41 2.54 -34.89 -72.25
CA GLY D 41 3.88 -35.20 -72.68
C GLY D 41 4.88 -35.48 -71.57
N LYS D 42 4.50 -35.22 -70.32
CA LYS D 42 5.40 -35.41 -69.19
C LYS D 42 4.59 -35.87 -67.98
N ALA D 43 5.28 -35.96 -66.84
CA ALA D 43 4.63 -36.42 -65.62
C ALA D 43 3.62 -35.39 -65.12
N PRO D 44 2.45 -35.81 -64.68
CA PRO D 44 1.50 -34.87 -64.08
C PRO D 44 1.97 -34.37 -62.72
N LYS D 45 1.37 -33.25 -62.29
CA LYS D 45 1.86 -32.51 -61.14
C LYS D 45 0.72 -32.11 -60.22
N LEU D 46 1.01 -32.10 -58.91
CA LEU D 46 0.15 -31.49 -57.91
C LEU D 46 0.27 -29.97 -57.95
N LEU D 47 -0.87 -29.30 -57.91
CA LEU D 47 -0.91 -27.84 -57.88
C LEU D 47 -1.47 -27.31 -56.56
N ILE D 48 -2.63 -27.80 -56.13
CA ILE D 48 -3.23 -27.39 -54.88
C ILE D 48 -3.73 -28.63 -54.14
N TYR D 49 -3.54 -28.65 -52.83
CA TYR D 49 -4.00 -29.73 -51.97
C TYR D 49 -4.96 -29.17 -50.93
N GLY D 50 -5.93 -29.96 -50.52
CA GLY D 50 -6.93 -29.48 -49.60
C GLY D 50 -7.87 -28.50 -50.27
N ALA D 51 -8.55 -27.72 -49.43
CA ALA D 51 -9.51 -26.74 -49.93
C ALA D 51 -8.82 -25.68 -50.78
N SER D 52 -7.98 -24.86 -50.15
CA SER D 52 -7.32 -23.76 -50.84
C SER D 52 -5.88 -23.61 -50.39
N SER D 53 -5.19 -24.72 -50.17
CA SER D 53 -3.81 -24.72 -49.70
C SER D 53 -2.88 -24.96 -50.88
N LEU D 54 -2.20 -23.91 -51.32
CA LEU D 54 -1.37 -23.95 -52.52
C LEU D 54 -0.09 -24.73 -52.24
N GLN D 55 0.25 -25.65 -53.14
CA GLN D 55 1.47 -26.44 -53.00
C GLN D 55 2.67 -25.62 -53.45
N SER D 56 3.70 -25.57 -52.60
CA SER D 56 4.89 -24.78 -52.91
C SER D 56 5.60 -25.32 -54.13
N GLY D 57 6.23 -24.42 -54.89
CA GLY D 57 6.93 -24.77 -56.09
C GLY D 57 6.18 -24.50 -57.38
N VAL D 58 4.98 -23.94 -57.29
CA VAL D 58 4.16 -23.65 -58.47
C VAL D 58 3.79 -22.17 -58.48
N PRO D 59 3.50 -21.58 -59.64
CA PRO D 59 3.06 -20.19 -59.66
C PRO D 59 1.76 -20.01 -58.91
N SER D 60 1.60 -18.83 -58.30
CA SER D 60 0.40 -18.54 -57.52
C SER D 60 -0.76 -18.02 -58.36
N ARG D 61 -0.64 -18.04 -59.69
CA ARG D 61 -1.76 -17.63 -60.54
C ARG D 61 -2.99 -18.48 -60.31
N PHE D 62 -2.80 -19.79 -60.16
CA PHE D 62 -3.92 -20.69 -59.93
C PHE D 62 -4.54 -20.40 -58.56
N SER D 63 -5.87 -20.41 -58.51
CA SER D 63 -6.57 -20.12 -57.27
C SER D 63 -7.69 -21.13 -57.06
N GLY D 64 -7.77 -21.69 -55.85
CA GLY D 64 -8.82 -22.63 -55.51
C GLY D 64 -9.80 -22.01 -54.53
N SER D 65 -11.07 -22.42 -54.65
CA SER D 65 -12.09 -21.90 -53.75
C SER D 65 -13.21 -22.92 -53.63
N GLY D 66 -14.01 -22.77 -52.58
CA GLY D 66 -15.18 -23.59 -52.36
C GLY D 66 -14.97 -24.61 -51.26
N SER D 67 -16.04 -24.89 -50.52
CA SER D 67 -16.01 -25.91 -49.48
C SER D 67 -17.29 -26.72 -49.56
N GLY D 68 -17.20 -27.99 -49.18
CA GLY D 68 -18.34 -28.88 -49.22
C GLY D 68 -18.36 -29.79 -50.44
N THR D 69 -19.18 -29.44 -51.42
CA THR D 69 -19.35 -30.28 -52.61
C THR D 69 -18.83 -29.62 -53.89
N ASP D 70 -19.02 -28.32 -54.05
CA ASP D 70 -18.63 -27.63 -55.27
C ASP D 70 -17.31 -26.88 -55.05
N PHE D 71 -16.33 -27.20 -55.88
CA PHE D 71 -15.01 -26.59 -55.78
C PHE D 71 -14.62 -26.01 -57.13
N THR D 72 -13.92 -24.88 -57.09
CA THR D 72 -13.63 -24.14 -58.32
C THR D 72 -12.16 -23.75 -58.38
N LEU D 73 -11.55 -24.08 -59.52
CA LEU D 73 -10.19 -23.67 -59.86
C LEU D 73 -10.27 -22.52 -60.86
N THR D 74 -9.42 -21.52 -60.68
CA THR D 74 -9.42 -20.32 -61.51
C THR D 74 -8.00 -20.03 -61.98
N ILE D 75 -7.86 -19.80 -63.28
CA ILE D 75 -6.61 -19.34 -63.88
C ILE D 75 -6.81 -17.91 -64.34
N SER D 76 -5.97 -17.01 -63.83
CA SER D 76 -6.06 -15.59 -64.18
C SER D 76 -5.15 -15.21 -65.33
N SER D 77 -4.02 -15.91 -65.49
CA SER D 77 -3.04 -15.58 -66.51
C SER D 77 -3.18 -16.40 -67.78
N LEU D 78 -3.41 -17.71 -67.68
CA LEU D 78 -3.49 -18.61 -68.83
C LEU D 78 -2.25 -18.51 -69.70
N GLN D 79 -1.11 -18.88 -69.10
CA GLN D 79 0.15 -18.87 -69.81
C GLN D 79 0.13 -19.89 -70.95
N PRO D 80 0.93 -19.66 -72.00
CA PRO D 80 0.89 -20.58 -73.15
C PRO D 80 1.50 -21.95 -72.87
N GLU D 81 1.86 -22.22 -71.61
CA GLU D 81 2.37 -23.52 -71.21
C GLU D 81 1.39 -24.28 -70.32
N ASP D 82 0.09 -24.03 -70.49
CA ASP D 82 -0.95 -24.70 -69.72
C ASP D 82 -1.82 -25.61 -70.57
N PHE D 83 -1.24 -26.24 -71.59
CA PHE D 83 -1.95 -27.24 -72.39
C PHE D 83 -1.88 -28.57 -71.66
N ALA D 84 -2.91 -28.87 -70.87
CA ALA D 84 -2.94 -30.09 -70.06
C ALA D 84 -4.39 -30.38 -69.69
N THR D 85 -4.60 -31.47 -68.96
CA THR D 85 -5.92 -31.80 -68.44
C THR D 85 -5.91 -31.69 -66.92
N TYR D 86 -6.98 -31.13 -66.37
CA TYR D 86 -7.06 -30.82 -64.94
C TYR D 86 -7.95 -31.83 -64.25
N TYR D 87 -7.48 -32.34 -63.11
CA TYR D 87 -8.13 -33.41 -62.38
C TYR D 87 -8.41 -32.95 -60.96
N CYS D 88 -9.55 -33.38 -60.42
CA CYS D 88 -9.88 -33.16 -59.02
C CYS D 88 -10.19 -34.50 -58.37
N GLN D 89 -9.46 -34.82 -57.30
CA GLN D 89 -9.51 -36.13 -56.67
C GLN D 89 -9.82 -36.00 -55.20
N GLN D 90 -10.64 -36.92 -54.69
CA GLN D 90 -11.10 -36.91 -53.31
C GLN D 90 -10.32 -37.93 -52.48
N SER D 91 -10.13 -37.59 -51.20
CA SER D 91 -9.42 -38.45 -50.26
C SER D 91 -10.10 -38.44 -48.90
N TYR D 92 -11.43 -38.51 -48.88
CA TYR D 92 -12.17 -38.47 -47.61
C TYR D 92 -13.12 -39.65 -47.50
N SER D 93 -13.72 -40.05 -48.61
CA SER D 93 -14.79 -41.04 -48.60
C SER D 93 -14.25 -42.43 -48.30
N THR D 94 -15.17 -43.34 -47.96
CA THR D 94 -14.79 -44.73 -47.74
C THR D 94 -14.18 -45.37 -48.99
N PRO D 95 -14.75 -45.24 -50.19
CA PRO D 95 -14.00 -45.61 -51.38
C PRO D 95 -12.75 -44.75 -51.50
N PRO D 96 -11.56 -45.34 -51.40
CA PRO D 96 -10.35 -44.54 -51.23
C PRO D 96 -9.79 -44.05 -52.56
N TYR D 97 -9.53 -42.75 -52.63
CA TYR D 97 -8.76 -42.15 -53.73
C TYR D 97 -9.41 -42.38 -55.08
N THR D 98 -10.68 -42.00 -55.21
CA THR D 98 -11.35 -42.03 -56.50
C THR D 98 -11.11 -40.72 -57.24
N PHE D 99 -10.85 -40.83 -58.53
CA PHE D 99 -10.50 -39.68 -59.37
C PHE D 99 -11.69 -39.26 -60.23
N GLY D 100 -11.53 -38.10 -60.87
CA GLY D 100 -12.57 -37.55 -61.72
C GLY D 100 -12.27 -37.73 -63.21
N GLN D 101 -13.24 -37.31 -64.02
CA GLN D 101 -13.15 -37.43 -65.46
C GLN D 101 -12.48 -36.19 -66.04
N GLY D 102 -11.82 -36.38 -67.19
CA GLY D 102 -10.85 -35.41 -67.67
C GLY D 102 -11.46 -34.09 -68.08
N THR D 103 -10.65 -33.04 -67.95
CA THR D 103 -11.07 -31.68 -68.29
C THR D 103 -10.03 -31.09 -69.24
N LYS D 104 -10.29 -31.20 -70.54
CA LYS D 104 -9.38 -30.64 -71.53
C LYS D 104 -9.49 -29.12 -71.53
N LEU D 105 -8.34 -28.46 -71.53
CA LEU D 105 -8.27 -27.00 -71.56
C LEU D 105 -7.27 -26.58 -72.63
N GLU D 106 -7.74 -25.80 -73.59
CA GLU D 106 -6.90 -25.31 -74.68
C GLU D 106 -7.30 -23.87 -74.99
N ILE D 107 -6.41 -23.18 -75.70
CA ILE D 107 -6.63 -21.79 -76.09
C ILE D 107 -6.65 -21.71 -77.61
N LYS D 108 -7.61 -20.96 -78.14
CA LYS D 108 -7.76 -20.80 -79.58
C LYS D 108 -7.82 -19.33 -79.96
N GLU E 1 12.22 -32.22 -56.82
CA GLU E 1 13.48 -32.62 -57.43
C GLU E 1 13.74 -34.11 -57.24
N VAL E 2 12.87 -34.77 -56.48
CA VAL E 2 13.05 -36.18 -56.20
C VAL E 2 12.90 -36.97 -57.50
N GLN E 3 13.61 -38.10 -57.59
CA GLN E 3 13.67 -38.88 -58.81
C GLN E 3 13.05 -40.25 -58.54
N LEU E 4 12.17 -40.68 -59.44
CA LEU E 4 11.47 -41.96 -59.31
C LEU E 4 11.73 -42.76 -60.59
N VAL E 5 12.43 -43.88 -60.45
CA VAL E 5 12.71 -44.78 -61.57
C VAL E 5 11.77 -45.97 -61.48
N GLU E 6 11.10 -46.27 -62.60
CA GLU E 6 10.22 -47.42 -62.68
C GLU E 6 10.66 -48.31 -63.85
N SER E 7 10.72 -49.61 -63.59
CA SER E 7 11.21 -50.57 -64.57
C SER E 7 10.47 -51.88 -64.39
N GLY E 8 10.65 -52.80 -65.36
CA GLY E 8 10.03 -54.11 -65.31
C GLY E 8 8.87 -54.31 -66.27
N GLY E 9 8.58 -53.33 -67.14
CA GLY E 9 7.46 -53.47 -68.05
C GLY E 9 7.81 -54.18 -69.34
N GLY E 10 6.76 -54.46 -70.13
CA GLY E 10 6.94 -55.10 -71.42
C GLY E 10 5.63 -55.72 -71.90
N LEU E 11 5.79 -56.72 -72.77
CA LEU E 11 4.67 -57.46 -73.36
C LEU E 11 4.56 -58.81 -72.67
N VAL E 12 3.34 -59.18 -72.28
CA VAL E 12 3.09 -60.40 -71.54
C VAL E 12 1.77 -61.01 -71.98
N GLN E 13 1.71 -62.33 -71.93
CA GLN E 13 0.49 -63.09 -72.17
C GLN E 13 -0.47 -62.88 -71.00
N PRO E 14 -1.75 -62.64 -71.26
CA PRO E 14 -2.72 -62.61 -70.17
C PRO E 14 -2.72 -63.91 -69.39
N GLY E 15 -2.87 -63.78 -68.07
CA GLY E 15 -2.78 -64.92 -67.17
C GLY E 15 -1.41 -65.15 -66.57
N ARG E 16 -0.39 -64.45 -67.03
CA ARG E 16 0.97 -64.59 -66.50
C ARG E 16 1.21 -63.59 -65.37
N SER E 17 2.47 -63.50 -64.96
CA SER E 17 2.88 -62.63 -63.86
C SER E 17 4.18 -61.92 -64.23
N LEU E 18 4.38 -60.75 -63.63
CA LEU E 18 5.62 -60.00 -63.86
C LEU E 18 5.85 -59.03 -62.70
N ARG E 19 6.92 -58.26 -62.79
CA ARG E 19 7.37 -57.39 -61.71
C ARG E 19 7.48 -55.96 -62.21
N LEU E 20 7.10 -55.01 -61.35
CA LEU E 20 7.41 -53.60 -61.54
C LEU E 20 8.16 -53.09 -60.33
N SER E 21 9.26 -52.40 -60.57
CA SER E 21 10.10 -51.88 -59.50
C SER E 21 10.19 -50.37 -59.61
N CYS E 22 10.08 -49.70 -58.45
CA CYS E 22 10.17 -48.25 -58.37
C CYS E 22 11.18 -47.90 -57.29
N ALA E 23 12.19 -47.12 -57.64
CA ALA E 23 13.21 -46.68 -56.70
C ALA E 23 13.25 -45.17 -56.64
N ALA E 24 13.42 -44.63 -55.43
CA ALA E 24 13.48 -43.19 -55.19
C ALA E 24 14.80 -42.84 -54.53
N SER E 25 15.36 -41.69 -54.90
CA SER E 25 16.62 -41.23 -54.35
C SER E 25 16.65 -39.77 -53.95
N GLY E 26 15.58 -39.01 -54.19
CA GLY E 26 15.57 -37.58 -53.93
C GLY E 26 15.11 -37.16 -52.55
N PHE E 27 14.86 -38.09 -51.64
CA PHE E 27 14.38 -37.74 -50.32
C PHE E 27 14.62 -38.92 -49.38
N THR E 28 14.23 -38.76 -48.12
CA THR E 28 14.33 -39.83 -47.14
C THR E 28 13.17 -40.80 -47.32
N PHE E 29 13.49 -42.02 -47.73
CA PHE E 29 12.47 -43.02 -48.07
C PHE E 29 11.86 -43.69 -46.85
N ASP E 30 12.48 -43.58 -45.68
CA ASP E 30 12.01 -44.32 -44.52
C ASP E 30 10.74 -43.74 -43.91
N ASP E 31 10.48 -42.45 -44.08
CA ASP E 31 9.35 -41.80 -43.41
C ASP E 31 8.30 -41.30 -44.40
N TYR E 32 8.28 -41.82 -45.62
CA TYR E 32 7.29 -41.45 -46.62
C TYR E 32 6.58 -42.69 -47.14
N ALA E 33 5.27 -42.57 -47.33
CA ALA E 33 4.46 -43.64 -47.90
C ALA E 33 4.41 -43.50 -49.42
N MET E 34 4.09 -44.60 -50.10
CA MET E 34 4.01 -44.60 -51.55
C MET E 34 2.75 -45.32 -52.01
N HIS E 35 2.36 -45.04 -53.24
CA HIS E 35 1.19 -45.65 -53.86
C HIS E 35 1.49 -45.98 -55.32
N TRP E 36 0.72 -46.93 -55.85
CA TRP E 36 0.73 -47.31 -57.25
C TRP E 36 -0.62 -46.94 -57.84
N VAL E 37 -0.60 -46.16 -58.93
CA VAL E 37 -1.82 -45.68 -59.55
C VAL E 37 -1.75 -45.97 -61.04
N ARG E 38 -2.90 -45.99 -61.70
CA ARG E 38 -2.99 -46.39 -63.10
C ARG E 38 -3.59 -45.28 -63.94
N GLN E 39 -2.93 -44.99 -65.07
CA GLN E 39 -3.44 -44.11 -66.12
C GLN E 39 -3.78 -44.96 -67.34
N ALA E 40 -5.07 -45.08 -67.63
CA ALA E 40 -5.49 -45.82 -68.80
C ALA E 40 -5.16 -45.04 -70.08
N PRO E 41 -4.92 -45.74 -71.20
CA PRO E 41 -4.64 -45.02 -72.45
C PRO E 41 -5.79 -44.14 -72.90
N GLY E 42 -7.03 -44.47 -72.53
CA GLY E 42 -8.18 -43.68 -72.92
C GLY E 42 -9.09 -43.32 -71.77
N LYS E 43 -8.62 -43.52 -70.54
CA LYS E 43 -9.40 -43.20 -69.35
C LYS E 43 -8.48 -42.57 -68.32
N GLY E 44 -9.08 -41.83 -67.39
CA GLY E 44 -8.34 -41.06 -66.42
C GLY E 44 -7.75 -41.92 -65.30
N LEU E 45 -7.14 -41.23 -64.35
CA LEU E 45 -6.44 -41.88 -63.25
C LEU E 45 -7.41 -42.67 -62.38
N GLU E 46 -6.89 -43.75 -61.79
CA GLU E 46 -7.64 -44.53 -60.82
C GLU E 46 -6.65 -45.28 -59.93
N TRP E 47 -6.92 -45.25 -58.62
CA TRP E 47 -5.97 -45.77 -57.65
C TRP E 47 -5.88 -47.29 -57.74
N VAL E 48 -4.66 -47.81 -57.57
CA VAL E 48 -4.47 -49.25 -57.62
C VAL E 48 -4.14 -49.80 -56.23
N SER E 49 -3.04 -49.34 -55.63
CA SER E 49 -2.61 -49.87 -54.35
C SER E 49 -1.74 -48.84 -53.64
N GLY E 50 -1.34 -49.16 -52.42
CA GLY E 50 -0.48 -48.27 -51.67
C GLY E 50 0.04 -48.93 -50.40
N ILE E 51 1.22 -48.50 -49.99
CA ILE E 51 1.86 -48.98 -48.77
C ILE E 51 2.39 -47.78 -47.99
N SER E 52 2.45 -47.94 -46.67
CA SER E 52 2.88 -46.88 -45.78
C SER E 52 4.41 -46.81 -45.73
N TRP E 53 4.92 -45.98 -44.83
CA TRP E 53 6.36 -45.88 -44.66
C TRP E 53 6.96 -47.20 -44.18
N ASN E 54 6.27 -47.88 -43.27
CA ASN E 54 6.64 -49.22 -42.85
C ASN E 54 5.52 -50.19 -43.20
N SER E 55 5.88 -51.47 -43.34
CA SER E 55 4.94 -52.47 -43.80
C SER E 55 4.01 -52.91 -42.67
N ASP E 56 3.13 -52.02 -42.24
CA ASP E 56 2.09 -52.36 -41.26
C ASP E 56 0.69 -52.24 -41.82
N SER E 57 0.38 -51.12 -42.47
CA SER E 57 -0.93 -50.90 -43.06
C SER E 57 -0.85 -51.03 -44.58
N ILE E 58 -1.67 -51.91 -45.15
CA ILE E 58 -1.67 -52.19 -46.57
C ILE E 58 -3.12 -52.21 -47.06
N ASP E 59 -3.32 -51.78 -48.30
CA ASP E 59 -4.67 -51.68 -48.87
C ASP E 59 -4.62 -51.90 -50.38
N TYR E 60 -5.78 -52.25 -50.94
CA TYR E 60 -5.91 -52.55 -52.36
C TYR E 60 -7.21 -51.98 -52.90
N ALA E 61 -7.27 -51.82 -54.22
CA ALA E 61 -8.47 -51.31 -54.85
C ALA E 61 -9.59 -52.36 -54.80
N ASP E 62 -10.84 -51.88 -54.95
CA ASP E 62 -11.99 -52.77 -54.80
C ASP E 62 -12.02 -53.86 -55.85
N SER E 63 -11.73 -53.51 -57.10
CA SER E 63 -11.73 -54.48 -58.19
C SER E 63 -10.42 -55.25 -58.26
N VAL E 64 -9.47 -54.95 -57.37
CA VAL E 64 -8.10 -55.43 -57.45
C VAL E 64 -7.76 -56.37 -56.30
N LYS E 65 -8.64 -56.51 -55.33
CA LYS E 65 -8.32 -57.26 -54.13
C LYS E 65 -8.00 -58.71 -54.45
N GLY E 66 -6.93 -59.21 -53.86
CA GLY E 66 -6.52 -60.59 -54.04
C GLY E 66 -5.77 -60.89 -55.33
N ARG E 67 -5.48 -59.88 -56.15
CA ARG E 67 -4.84 -60.12 -57.43
C ARG E 67 -3.41 -59.64 -57.49
N PHE E 68 -3.12 -58.42 -57.03
CA PHE E 68 -1.77 -57.88 -57.08
C PHE E 68 -1.27 -57.62 -55.66
N THR E 69 0.04 -57.74 -55.48
CA THR E 69 0.67 -57.55 -54.19
C THR E 69 1.79 -56.54 -54.31
N ILE E 70 2.06 -55.83 -53.23
CA ILE E 70 3.10 -54.82 -53.19
C ILE E 70 4.08 -55.13 -52.06
N SER E 71 5.33 -54.71 -52.24
CA SER E 71 6.38 -54.92 -51.26
C SER E 71 7.22 -53.66 -51.18
N ARG E 72 7.90 -53.50 -50.05
CA ARG E 72 8.72 -52.31 -49.83
C ARG E 72 10.01 -52.70 -49.13
N ASP E 73 11.14 -52.41 -49.77
CA ASP E 73 12.47 -52.67 -49.20
C ASP E 73 13.09 -51.32 -48.86
N ASN E 74 13.11 -51.00 -47.57
CA ASN E 74 13.72 -49.75 -47.12
C ASN E 74 15.24 -49.82 -47.09
N ALA E 75 15.82 -51.01 -47.17
CA ALA E 75 17.26 -51.14 -47.13
C ALA E 75 17.91 -50.46 -48.34
N LYS E 76 17.44 -50.79 -49.54
CA LYS E 76 17.93 -50.15 -50.75
C LYS E 76 16.92 -49.18 -51.36
N ASN E 77 15.91 -48.78 -50.59
CA ASN E 77 15.00 -47.69 -50.94
C ASN E 77 14.25 -47.97 -52.25
N SER E 78 13.41 -49.01 -52.22
CA SER E 78 12.65 -49.35 -53.41
C SER E 78 11.35 -50.04 -53.00
N LEU E 79 10.44 -50.16 -53.97
CA LEU E 79 9.20 -50.89 -53.79
C LEU E 79 8.87 -51.67 -55.06
N TYR E 80 8.13 -52.77 -54.86
CA TYR E 80 7.80 -53.70 -55.92
C TYR E 80 6.29 -53.87 -56.00
N LEU E 81 5.81 -54.14 -57.21
CA LEU E 81 4.41 -54.44 -57.46
C LEU E 81 4.33 -55.61 -58.42
N GLN E 82 3.58 -56.63 -58.05
CA GLN E 82 3.53 -57.86 -58.84
C GLN E 82 2.26 -57.91 -59.68
N MET E 83 2.43 -58.08 -60.98
CA MET E 83 1.32 -58.31 -61.91
C MET E 83 0.98 -59.79 -61.89
N ASN E 84 -0.25 -60.10 -61.49
CA ASN E 84 -0.75 -61.47 -61.46
C ASN E 84 -2.13 -61.52 -62.09
N SER E 85 -2.42 -62.63 -62.77
CA SER E 85 -3.75 -62.86 -63.35
C SER E 85 -4.17 -61.72 -64.27
N LEU E 86 -3.24 -61.31 -65.14
CA LEU E 86 -3.49 -60.18 -66.01
C LEU E 86 -4.52 -60.52 -67.08
N ARG E 87 -5.31 -59.53 -67.46
CA ARG E 87 -6.25 -59.62 -68.57
C ARG E 87 -6.05 -58.44 -69.51
N ALA E 88 -6.96 -58.31 -70.48
CA ALA E 88 -6.79 -57.29 -71.52
C ALA E 88 -7.06 -55.88 -71.02
N GLU E 89 -7.61 -55.72 -69.82
CA GLU E 89 -7.88 -54.39 -69.29
C GLU E 89 -6.74 -53.83 -68.45
N ASP E 90 -5.61 -54.54 -68.37
CA ASP E 90 -4.46 -54.11 -67.58
C ASP E 90 -3.30 -53.64 -68.45
N THR E 91 -3.59 -53.20 -69.67
CA THR E 91 -2.57 -52.74 -70.61
C THR E 91 -2.29 -51.25 -70.49
N ALA E 92 -2.51 -50.67 -69.32
CA ALA E 92 -2.41 -49.23 -69.13
C ALA E 92 -1.02 -48.85 -68.62
N LEU E 93 -0.88 -47.58 -68.23
CA LEU E 93 0.36 -47.04 -67.69
C LEU E 93 0.28 -47.01 -66.17
N TYR E 94 1.41 -47.16 -65.49
CA TYR E 94 1.46 -47.13 -64.04
C TYR E 94 2.35 -46.00 -63.56
N TYR E 95 1.89 -45.28 -62.55
CA TYR E 95 2.62 -44.19 -61.93
C TYR E 95 2.88 -44.50 -60.45
N CYS E 96 4.07 -44.10 -60.01
CA CYS E 96 4.63 -44.40 -58.69
C CYS E 96 4.51 -43.15 -57.84
N ALA E 97 3.38 -42.99 -57.16
CA ALA E 97 3.07 -41.76 -56.45
C ALA E 97 3.67 -41.78 -55.04
N LYS E 98 4.03 -40.59 -54.57
CA LYS E 98 4.59 -40.39 -53.24
C LYS E 98 3.61 -39.62 -52.38
N ASP E 99 3.29 -40.16 -51.20
CA ASP E 99 2.32 -39.56 -50.32
C ASP E 99 2.96 -38.46 -49.48
N ARG E 100 2.13 -37.49 -49.07
CA ARG E 100 2.61 -36.40 -48.23
C ARG E 100 2.82 -36.85 -46.79
N GLY E 101 1.94 -37.69 -46.28
CA GLY E 101 1.99 -38.15 -44.91
C GLY E 101 2.76 -39.44 -44.75
N TYR E 102 2.36 -40.24 -43.76
CA TYR E 102 3.00 -41.52 -43.50
C TYR E 102 2.08 -42.72 -43.65
N GLU E 103 0.77 -42.55 -43.46
CA GLU E 103 -0.16 -43.66 -43.52
C GLU E 103 -0.67 -43.86 -44.95
N ILE E 104 -1.62 -44.77 -45.12
CA ILE E 104 -2.12 -45.16 -46.44
C ILE E 104 -3.44 -44.50 -46.78
N LEU E 105 -4.34 -44.39 -45.80
CA LEU E 105 -5.66 -43.80 -46.00
C LEU E 105 -5.73 -42.52 -45.18
N THR E 106 -5.26 -41.43 -45.75
CA THR E 106 -5.22 -40.14 -45.08
C THR E 106 -5.67 -39.06 -46.05
N PRO E 107 -6.14 -37.93 -45.54
CA PRO E 107 -6.39 -36.77 -46.42
C PRO E 107 -5.14 -36.27 -47.12
N ALA E 108 -3.96 -36.74 -46.71
CA ALA E 108 -2.72 -36.35 -47.38
C ALA E 108 -2.75 -36.76 -48.84
N SER E 109 -2.29 -35.86 -49.71
CA SER E 109 -2.34 -36.05 -51.15
C SER E 109 -1.00 -36.54 -51.68
N PHE E 110 -0.90 -36.63 -53.00
CA PHE E 110 0.34 -37.08 -53.64
C PHE E 110 1.11 -35.87 -54.16
N ASP E 111 2.40 -35.80 -53.81
CA ASP E 111 3.19 -34.60 -54.11
C ASP E 111 3.97 -34.73 -55.42
N TYR E 112 4.90 -35.68 -55.50
CA TYR E 112 5.86 -35.75 -56.60
C TYR E 112 5.76 -37.10 -57.28
N TRP E 113 5.78 -37.09 -58.61
CA TRP E 113 5.71 -38.28 -59.44
C TRP E 113 6.84 -38.28 -60.46
N GLY E 114 6.96 -39.37 -61.19
CA GLY E 114 7.97 -39.49 -62.23
C GLY E 114 7.39 -40.14 -63.47
N GLN E 115 8.24 -40.21 -64.50
CA GLN E 115 7.82 -40.83 -65.75
C GLN E 115 7.58 -42.32 -65.55
N GLY E 116 6.36 -42.76 -65.84
CA GLY E 116 6.02 -44.15 -65.63
C GLY E 116 6.50 -45.04 -66.77
N THR E 117 6.38 -46.34 -66.54
CA THR E 117 6.77 -47.35 -67.52
C THR E 117 5.53 -47.96 -68.17
N LEU E 118 5.58 -48.12 -69.47
CA LEU E 118 4.44 -48.60 -70.24
C LEU E 118 4.43 -50.13 -70.27
N VAL E 119 3.27 -50.72 -69.98
CA VAL E 119 3.07 -52.15 -70.04
C VAL E 119 1.84 -52.43 -70.87
N THR E 120 1.81 -53.61 -71.50
CA THR E 120 0.63 -54.08 -72.21
C THR E 120 0.50 -55.58 -72.02
N VAL E 121 -0.73 -56.06 -72.03
CA VAL E 121 -1.04 -57.45 -71.75
C VAL E 121 -1.81 -57.99 -72.95
N SER E 122 -1.11 -58.65 -73.87
CA SER E 122 -1.72 -59.18 -75.08
C SER E 122 -0.83 -60.27 -75.62
N SER E 123 -1.37 -61.04 -76.57
CA SER E 123 -0.62 -62.10 -77.24
C SER E 123 0.20 -61.53 -78.39
C1 NAG F . 18.56 57.49 32.63
C2 NAG F . 19.07 58.87 33.07
C3 NAG F . 17.97 59.91 32.94
C4 NAG F . 17.38 59.90 31.54
C5 NAG F . 16.93 58.48 31.17
C6 NAG F . 16.45 58.36 29.75
C7 NAG F . 20.78 59.26 34.80
C8 NAG F . 21.12 59.13 36.25
N2 NAG F . 19.56 58.81 34.44
O3 NAG F . 18.51 61.19 33.23
O4 NAG F . 16.26 60.77 31.48
O5 NAG F . 18.04 57.59 31.30
O6 NAG F . 16.75 57.08 29.21
O7 NAG F . 21.55 59.74 33.98
C1 NAG F . 16.54 61.83 30.53
C2 NAG F . 15.21 62.24 29.88
C3 NAG F . 15.45 63.38 28.90
C4 NAG F . 16.17 64.52 29.57
C5 NAG F . 17.45 64.02 30.24
C6 NAG F . 18.15 65.10 31.04
C7 NAG F . 13.41 60.59 29.62
C8 NAG F . 12.90 59.43 28.83
N2 NAG F . 14.57 61.11 29.22
O3 NAG F . 14.20 63.83 28.39
O4 NAG F . 16.51 65.52 28.62
O5 NAG F . 17.13 62.96 31.16
O6 NAG F . 17.83 65.01 32.42
O7 NAG F . 12.80 61.04 30.58
C1 NAG G . -2.94 56.71 27.64
C2 NAG G . -3.17 58.21 27.79
C3 NAG G . -4.25 58.69 26.82
C4 NAG G . -3.88 58.27 25.39
C5 NAG G . -3.62 56.77 25.33
C6 NAG G . -3.14 56.31 23.98
C7 NAG G . -4.60 58.08 29.80
C8 NAG G . -4.78 58.56 31.22
N2 NAG G . -3.53 58.55 29.16
O3 NAG G . -4.38 60.10 26.90
O4 NAG G . -4.93 58.62 24.50
O5 NAG G . -2.60 56.41 26.27
O6 NAG G . -1.74 56.06 23.99
O7 NAG G . -5.39 57.29 29.29
C1 NAG G . -4.48 59.69 23.64
C2 NAG G . -5.02 59.46 22.24
C3 NAG G . -4.60 60.61 21.32
C4 NAG G . -5.00 61.95 21.93
C5 NAG G . -4.47 62.08 23.35
C6 NAG G . -4.96 63.32 24.06
C7 NAG G . -5.39 57.35 21.06
C8 NAG G . -4.77 56.08 20.57
N2 NAG G . -4.58 58.19 21.69
O3 NAG G . -5.19 60.45 20.05
O4 NAG G . -4.50 63.02 21.14
O5 NAG G . -4.92 60.97 24.14
O6 NAG G . -6.33 63.23 24.41
O7 NAG G . -6.58 57.60 20.89
C1 NAG H . 36.71 51.23 32.39
C2 NAG H . 36.10 51.14 30.99
C3 NAG H . 36.77 50.04 30.18
C4 NAG H . 38.28 50.26 30.16
C5 NAG H . 38.80 50.33 31.59
C6 NAG H . 40.28 50.64 31.67
C7 NAG H . 33.79 51.49 30.23
C8 NAG H . 32.34 51.14 30.44
N2 NAG H . 34.66 50.92 31.07
O3 NAG H . 36.26 50.07 28.85
O4 NAG H . 38.91 49.17 29.48
O5 NAG H . 38.13 51.38 32.29
O6 NAG H . 40.50 51.96 32.11
O7 NAG H . 34.15 52.26 29.34
C1 NAG H . 39.51 49.66 28.26
C2 NAG H . 40.30 48.51 27.63
C3 NAG H . 40.91 48.97 26.30
C4 NAG H . 39.84 49.56 25.39
C5 NAG H . 39.06 50.65 26.12
C6 NAG H . 37.91 51.19 25.31
C7 NAG H . 41.82 46.78 28.47
C8 NAG H . 42.88 46.44 29.47
N2 NAG H . 41.33 48.03 28.52
O3 NAG H . 41.54 47.87 25.66
O4 NAG H . 40.44 50.10 24.21
O5 NAG H . 38.52 50.14 27.34
O6 NAG H . 37.80 50.54 24.05
O7 NAG H . 41.43 45.97 27.64
C1 NAG I . 34.87 59.73 44.82
C2 NAG I . 35.58 61.05 44.52
C3 NAG I . 35.68 61.88 45.80
C4 NAG I . 34.30 62.06 46.42
C5 NAG I . 33.62 60.71 46.61
C6 NAG I . 32.18 60.83 47.07
C7 NAG I . 37.33 61.44 42.86
C8 NAG I . 38.71 61.09 42.41
N2 NAG I . 36.90 60.82 43.96
O3 NAG I . 36.24 63.15 45.48
O4 NAG I . 34.43 62.69 47.69
O5 NAG I . 33.58 59.99 45.37
O6 NAG I . 31.36 61.37 46.05
O7 NAG I . 36.63 62.26 42.26
C1 NAG I . 33.78 63.98 47.65
C2 NAG I . 34.19 64.77 48.90
C3 NAG I . 33.56 66.16 48.87
C4 NAG I . 33.90 66.87 47.57
C5 NAG I . 33.51 66.00 46.37
C6 NAG I . 33.94 66.60 45.05
C7 NAG I . 34.65 63.96 51.16
C8 NAG I . 34.11 63.19 52.34
N2 NAG I . 33.83 64.06 50.10
O3 NAG I . 34.03 66.91 49.98
O4 NAG I . 33.19 68.10 47.50
O5 NAG I . 34.15 64.73 46.47
O6 NAG I . 35.34 66.87 45.04
O7 NAG I . 35.77 64.46 51.16
C1 NAG J . 47.64 47.37 56.08
C2 NAG J . 48.93 47.29 55.28
C3 NAG J . 49.90 46.33 55.94
C4 NAG J . 50.12 46.69 57.40
C5 NAG J . 48.77 46.80 58.11
C6 NAG J . 48.89 47.29 59.54
C7 NAG J . 48.81 47.69 52.86
C8 NAG J . 48.48 47.10 51.52
N2 NAG J . 48.65 46.88 53.91
O3 NAG J . 51.16 46.38 55.25
O4 NAG J . 50.90 45.71 58.04
O5 NAG J . 47.93 47.74 57.43
O6 NAG J . 49.09 48.69 59.60
O7 NAG J . 49.20 48.84 52.98
C1 NAG J . 52.18 46.27 58.39
C2 NAG J . 52.84 45.37 59.42
C3 NAG J . 54.22 45.91 59.79
C4 NAG J . 55.06 46.12 58.53
C5 NAG J . 54.31 46.99 57.53
C6 NAG J . 55.03 47.13 56.20
C7 NAG J . 51.25 44.15 60.83
C8 NAG J . 50.46 44.17 62.11
N2 NAG J . 52.02 45.23 60.60
O3 NAG J . 54.88 45.00 60.66
O4 NAG J . 56.29 46.76 58.87
O5 NAG J . 53.02 46.40 57.24
O6 NAG J . 54.77 46.01 55.37
O7 NAG J . 51.20 43.21 60.05
C1 NAG K . 38.17 19.44 53.20
C2 NAG K . 39.22 19.42 54.30
C3 NAG K . 40.59 19.73 53.73
C4 NAG K . 40.91 18.81 52.56
C5 NAG K . 39.80 18.86 51.54
C6 NAG K . 39.98 17.89 50.40
C7 NAG K . 38.83 20.02 56.64
C8 NAG K . 38.45 21.13 57.59
N2 NAG K . 38.87 20.36 55.36
O3 NAG K . 41.57 19.58 54.75
O4 NAG K . 42.15 19.19 51.96
O5 NAG K . 38.55 18.54 52.15
O6 NAG K . 38.86 17.02 50.27
O7 NAG K . 39.07 18.89 57.03
C1 NAG K . 43.09 18.12 52.09
C2 NAG K . 44.07 18.19 50.94
C3 NAG K . 45.12 17.09 51.06
C4 NAG K . 45.79 17.16 52.43
C5 NAG K . 44.74 17.14 53.54
C6 NAG K . 45.33 17.34 54.91
C7 NAG K . 43.56 18.96 48.66
C8 NAG K . 42.76 18.70 47.42
N2 NAG K . 43.38 18.09 49.66
O3 NAG K . 46.10 17.24 50.03
O4 NAG K . 46.66 16.04 52.60
O5 NAG K . 43.80 18.21 53.33
O6 NAG K . 45.55 18.71 55.20
O7 NAG K . 44.32 19.91 48.75
C1 NAG L . 46.68 24.47 33.47
C2 NAG L . 48.12 24.56 34.00
C3 NAG L . 49.11 24.14 32.93
C4 NAG L . 48.75 22.76 32.39
C5 NAG L . 47.30 22.74 31.93
C6 NAG L . 46.84 21.37 31.50
C7 NAG L . 48.38 27.01 33.72
C8 NAG L . 48.72 28.29 34.41
N2 NAG L . 48.42 25.91 34.48
O3 NAG L . 50.42 24.11 33.49
O4 NAG L . 49.59 22.44 31.28
O5 NAG L . 46.44 23.14 33.01
O6 NAG L . 45.83 20.87 32.37
O7 NAG L . 48.10 26.97 32.53
C1 NAG L . 50.58 21.49 31.70
C2 NAG L . 50.83 20.50 30.56
C3 NAG L . 51.92 19.51 30.95
C4 NAG L . 53.18 20.26 31.38
C5 NAG L . 52.84 21.27 32.48
C6 NAG L . 54.01 22.14 32.87
C7 NAG L . 49.21 19.62 28.94
C8 NAG L . 47.92 18.86 28.76
N2 NAG L . 49.61 19.79 30.20
O3 NAG L . 52.23 18.67 29.83
O4 NAG L . 54.16 19.34 31.87
O5 NAG L . 51.80 22.15 32.03
O6 NAG L . 53.75 23.51 32.60
O7 NAG L . 49.84 20.07 27.99
C1 NAG M . 25.05 10.44 64.35
C2 NAG M . 26.06 9.78 63.41
C3 NAG M . 25.48 8.49 62.84
C4 NAG M . 24.98 7.57 63.95
C5 NAG M . 24.03 8.33 64.88
C6 NAG M . 23.63 7.52 66.10
C7 NAG M . 27.70 10.74 61.88
C8 NAG M . 27.93 11.72 60.78
N2 NAG M . 26.45 10.68 62.36
O3 NAG M . 26.48 7.83 62.07
O4 NAG M . 24.30 6.46 63.40
O5 NAG M . 24.67 9.51 65.38
O6 NAG M . 24.14 8.09 67.29
O7 NAG M . 28.60 10.03 62.31
C1 NAG M . 25.10 5.28 63.55
C2 NAG M . 24.17 4.06 63.54
C3 NAG M . 24.98 2.78 63.65
C4 NAG M . 26.04 2.73 62.56
C5 NAG M . 26.90 3.99 62.61
C6 NAG M . 27.90 4.07 61.48
C7 NAG M . 21.87 4.06 64.42
C8 NAG M . 21.01 4.16 65.63
N2 NAG M . 23.19 4.14 64.62
O3 NAG M . 24.11 1.66 63.53
O4 NAG M . 26.88 1.59 62.75
O5 NAG M . 26.06 5.15 62.50
O6 NAG M . 27.97 2.84 60.77
O7 NAG M . 21.40 3.91 63.30
C1 NAG N . 32.14 23.26 72.63
C2 NAG N . 33.20 22.47 73.40
C3 NAG N . 33.78 23.32 74.52
C4 NAG N . 34.29 24.65 73.98
C5 NAG N . 33.18 25.35 73.18
C6 NAG N . 33.64 26.61 72.50
C7 NAG N . 33.37 20.13 74.11
C8 NAG N . 32.64 18.95 74.66
N2 NAG N . 32.65 21.24 73.93
O3 NAG N . 34.86 22.62 75.14
O4 NAG N . 34.68 25.50 75.05
O5 NAG N . 32.71 24.47 72.14
O6 NAG N . 34.87 26.42 71.82
O7 NAG N . 34.56 20.08 73.82
C1 NAG N . 36.09 25.80 74.91
C2 NAG N . 36.50 26.70 76.07
C3 NAG N . 38.00 27.03 75.97
C4 NAG N . 38.81 25.74 75.88
C5 NAG N . 38.30 24.86 74.75
C6 NAG N . 38.98 23.52 74.69
C7 NAG N . 34.65 28.09 76.86
C8 NAG N . 33.94 29.41 76.76
N2 NAG N . 35.72 27.93 76.09
O3 NAG N . 38.39 27.79 77.11
O4 NAG N . 40.18 26.06 75.65
O5 NAG N . 36.89 24.61 74.93
O6 NAG N . 39.23 23.01 76.00
O7 NAG N . 34.25 27.21 77.62
C1 NAG O . 14.02 27.32 81.90
C2 NAG O . 13.60 25.97 82.50
C3 NAG O . 12.22 26.08 83.13
C4 NAG O . 12.20 27.22 84.14
C5 NAG O . 12.65 28.52 83.47
C6 NAG O . 12.75 29.69 84.42
C7 NAG O . 13.89 23.66 81.76
C8 NAG O . 13.87 22.71 80.59
N2 NAG O . 13.62 24.93 81.49
O3 NAG O . 11.90 24.86 83.78
O4 NAG O . 10.87 27.39 84.66
O5 NAG O . 13.97 28.32 82.92
O6 NAG O . 14.08 30.16 84.52
O7 NAG O . 14.15 23.27 82.90
C1 NAG O . 10.89 27.00 86.05
C2 NAG O . 9.65 27.57 86.73
C3 NAG O . 9.62 27.13 88.19
C4 NAG O . 9.73 25.61 88.30
C5 NAG O . 10.96 25.11 87.53
C6 NAG O . 11.05 23.62 87.49
C7 NAG O . 9.06 29.67 85.62
C8 NAG O . 9.12 31.16 85.67
N2 NAG O . 9.62 29.02 86.64
O3 NAG O . 8.40 27.57 88.79
O4 NAG O . 9.85 25.23 89.67
O5 NAG O . 10.90 25.57 86.17
O6 NAG O . 10.03 23.06 86.66
O7 NAG O . 8.52 29.08 84.68
C1 NAG P . -7.38 30.01 61.63
C2 NAG P . -8.03 30.44 62.95
C3 NAG P . -8.17 29.26 63.89
C4 NAG P . -8.90 28.11 63.20
C5 NAG P . -8.21 27.77 61.88
C6 NAG P . -8.94 26.71 61.08
C7 NAG P . -7.57 32.80 63.47
C8 NAG P . -6.65 33.76 64.19
N2 NAG P . -7.25 31.50 63.58
O3 NAG P . -8.89 29.66 65.06
O4 NAG P . -8.90 26.96 64.04
O5 NAG P . -8.14 28.95 61.06
O6 NAG P . -8.62 26.80 59.70
O7 NAG P . -8.53 33.19 62.82
C1 NAG P . -10.25 26.67 64.45
C2 NAG P . -10.36 25.19 64.77
C3 NAG P . -11.77 24.86 65.24
C4 NAG P . -12.16 25.75 66.42
C5 NAG P . -11.95 27.22 66.06
C6 NAG P . -12.16 28.15 67.24
C7 NAG P . -9.03 23.46 63.64
C8 NAG P . -8.80 22.72 62.36
N2 NAG P . -10.00 24.37 63.61
O3 NAG P . -11.85 23.50 65.62
O4 NAG P . -13.52 25.55 66.75
O5 NAG P . -10.59 27.44 65.61
O6 NAG P . -10.94 28.43 67.90
O7 NAG P . -8.37 23.25 64.65
C1 NAG Q . -2.85 8.33 62.33
C2 NAG Q . -3.35 8.17 63.77
C3 NAG Q . -3.90 6.77 63.98
C4 NAG Q . -4.96 6.44 62.92
C5 NAG Q . -4.38 6.67 61.53
C6 NAG Q . -5.41 6.50 60.44
C7 NAG Q . -1.15 7.81 64.83
C8 NAG Q . -0.21 8.29 65.90
N2 NAG Q . -2.31 8.47 64.74
O3 NAG Q . -4.47 6.68 65.28
O4 NAG Q . -5.38 5.09 63.04
O5 NAG Q . -3.90 8.02 61.41
O6 NAG Q . -5.58 7.69 59.67
O7 NAG Q . -0.86 6.87 64.10
C1 NAG Q . -6.73 5.07 63.52
C2 NAG Q . -7.49 3.94 62.83
C3 NAG Q . -8.91 3.86 63.34
C4 NAG Q . -8.94 3.76 64.86
C5 NAG Q . -8.12 4.90 65.48
C6 NAG Q . -7.99 4.77 66.97
C7 NAG Q . -7.14 3.12 60.53
C8 NAG Q . -7.17 3.47 59.08
N2 NAG Q . -7.47 4.10 61.38
O3 NAG Q . -9.57 2.73 62.76
O4 NAG Q . -10.28 3.83 65.33
O5 NAG Q . -6.79 4.89 64.94
O6 NAG Q . -6.81 4.07 67.34
O7 NAG Q . -6.83 2.00 60.94
C1 NAG R . -4.92 50.12 66.32
C2 NAG R . -6.14 50.01 67.24
C3 NAG R . -5.82 50.64 68.60
C4 NAG R . -4.56 50.01 69.18
C5 NAG R . -3.41 50.14 68.20
C6 NAG R . -2.15 49.46 68.66
C7 NAG R . -8.34 49.96 66.18
C8 NAG R . -9.46 50.77 65.60
N2 NAG R . -7.30 50.65 66.65
O3 NAG R . -6.92 50.43 69.47
O4 NAG R . -4.23 50.64 70.41
O5 NAG R . -3.78 49.53 66.95
O6 NAG R . -2.42 48.18 69.21
O7 NAG R . -8.39 48.74 66.24
C1 NAG R . -4.29 49.65 71.47
C2 NAG R . -4.61 50.37 72.79
C3 NAG R . -4.72 49.35 73.92
C4 NAG R . -5.72 48.26 73.56
C5 NAG R . -5.37 47.64 72.22
C6 NAG R . -6.40 46.63 71.75
C7 NAG R . -3.88 52.58 73.56
C8 NAG R . -2.72 53.48 73.82
N2 NAG R . -3.59 51.36 73.10
O3 NAG R . -5.13 50.02 75.12
O4 NAG R . -5.72 47.26 74.57
O5 NAG R . -5.29 48.66 71.22
O6 NAG R . -7.26 46.24 72.79
O7 NAG R . -5.04 52.94 73.76
C1 NAG S . 4.68 66.48 57.48
C2 NAG S . 3.58 67.31 56.82
C3 NAG S . 4.18 68.48 56.04
C4 NAG S . 5.12 69.29 56.93
C5 NAG S . 6.14 68.37 57.59
C6 NAG S . 7.02 69.10 58.59
C7 NAG S . 1.44 66.37 56.10
C8 NAG S . 0.74 65.47 55.11
N2 NAG S . 2.75 66.49 55.96
O3 NAG S . 3.13 69.30 55.56
O4 NAG S . 5.79 70.27 56.15
O5 NAG S . 5.48 67.32 58.30
O6 NAG S . 6.70 68.71 59.92
O7 NAG S . 0.82 66.95 56.98
C1 NAG S . 5.33 71.57 56.54
C2 NAG S . 6.25 72.62 55.91
C3 NAG S . 5.78 74.02 56.26
C4 NAG S . 4.31 74.19 55.88
C5 NAG S . 3.46 73.08 56.50
C6 NAG S . 2.02 73.12 56.04
C7 NAG S . 8.48 71.62 55.67
C8 NAG S . 9.86 71.53 56.24
N2 NAG S . 7.62 72.42 56.33
O3 NAG S . 6.57 74.98 55.58
O4 NAG S . 3.84 75.46 56.35
O5 NAG S . 3.98 71.80 56.11
O6 NAG S . 1.93 73.10 54.62
O7 NAG S . 8.14 71.00 54.67
C1 NAG T . -49.88 0.12 11.23
C2 NAG T . -48.85 1.02 11.91
C3 NAG T . -49.01 2.46 11.44
C4 NAG T . -48.99 2.54 9.92
C5 NAG T . -49.99 1.55 9.32
C6 NAG T . -49.94 1.48 7.81
C7 NAG T . -47.94 1.19 14.19
C8 NAG T . -48.23 1.06 15.65
N2 NAG T . -48.95 0.94 13.36
O3 NAG T . -47.96 3.26 11.98
O4 NAG T . -49.32 3.85 9.49
O5 NAG T . -49.73 0.22 9.81
O6 NAG T . -51.24 1.45 7.25
O7 NAG T . -46.84 1.52 13.77
C1 NAG U . -25.36 -21.99 29.86
C2 NAG U . -26.79 -22.14 30.40
C3 NAG U . -26.76 -22.35 31.90
C4 NAG U . -25.86 -23.51 32.26
C5 NAG U . -24.48 -23.32 31.65
C6 NAG U . -23.56 -24.51 31.87
C7 NAG U . -28.45 -20.98 29.01
C8 NAG U . -29.21 -19.70 28.80
N2 NAG U . -27.60 -20.99 30.05
O3 NAG U . -28.09 -22.59 32.36
O4 NAG U . -25.75 -23.63 33.68
O5 NAG U . -24.59 -23.14 30.23
O6 NAG U . -24.15 -25.71 31.36
O7 NAG U . -28.61 -21.96 28.29
C1 NAG V . -5.58 58.13 44.47
C2 NAG V . -4.81 59.38 44.90
C3 NAG V . -5.77 60.57 45.00
C4 NAG V . -6.55 60.74 43.70
C5 NAG V . -7.25 59.43 43.35
C6 NAG V . -7.96 59.49 42.02
C7 NAG V . -2.80 59.27 46.31
C8 NAG V . -2.27 59.00 47.68
N2 NAG V . -4.13 59.17 46.17
O3 NAG V . -5.02 61.76 45.27
O4 NAG V . -7.53 61.77 43.86
O5 NAG V . -6.28 58.38 43.25
O6 NAG V . -8.26 58.18 41.54
O7 NAG V . -2.08 59.55 45.37
C1 NAG W . 42.14 -11.63 -3.85
C2 NAG W . 42.45 -10.37 -3.03
C3 NAG W . 43.94 -10.06 -3.06
C4 NAG W . 44.76 -11.28 -2.65
C5 NAG W . 44.36 -12.48 -3.51
C6 NAG W . 45.06 -13.75 -3.09
C7 NAG W . 41.36 -8.19 -2.77
C8 NAG W . 40.57 -7.11 -3.45
N2 NAG W . 41.68 -9.25 -3.52
O3 NAG W . 44.23 -8.98 -2.19
O4 NAG W . 46.15 -11.02 -2.84
O5 NAG W . 42.95 -12.72 -3.37
O6 NAG W . 44.74 -14.84 -3.95
O7 NAG W . 41.69 -8.11 -1.59
C1 NAG X . -21.58 -42.27 9.40
C2 NAG X . -22.55 -41.98 10.54
C3 NAG X . -21.95 -42.43 11.88
C4 NAG X . -21.50 -43.88 11.80
C5 NAG X . -20.57 -44.08 10.61
C6 NAG X . -20.18 -45.53 10.41
C7 NAG X . -24.16 -40.15 10.75
C8 NAG X . -24.34 -38.65 10.77
N2 NAG X . -22.91 -40.57 10.58
O3 NAG X . -22.92 -42.27 12.91
O4 NAG X . -20.81 -44.23 13.00
O5 NAG X . -21.23 -43.65 9.40
O6 NAG X . -20.00 -45.83 9.03
O7 NAG X . -25.10 -40.91 10.89
C1 NAG Y . 11.18 12.60 70.71
C2 NAG Y . 9.78 12.33 71.27
C3 NAG Y . 9.88 11.41 72.50
C4 NAG Y . 10.68 10.16 72.17
C5 NAG Y . 12.05 10.55 71.60
C6 NAG Y . 12.86 9.36 71.16
C7 NAG Y . 7.97 13.97 71.04
C8 NAG Y . 7.42 15.27 71.53
N2 NAG Y . 9.11 13.56 71.62
O3 NAG Y . 8.57 11.05 72.92
O4 NAG Y . 10.88 9.39 73.36
O5 NAG Y . 11.85 11.37 70.44
O6 NAG Y . 13.18 9.44 69.77
O7 NAG Y . 7.43 13.32 70.15
C1 NAG Z . 3.50 11.02 -44.59
C2 NAG Z . 3.81 9.75 -43.81
C3 NAG Z . 5.29 9.69 -43.44
C4 NAG Z . 6.15 9.87 -44.68
C5 NAG Z . 5.75 11.13 -45.43
C6 NAG Z . 6.48 11.29 -46.74
C7 NAG Z . 1.82 8.99 -42.58
C8 NAG Z . 1.09 9.00 -41.27
N2 NAG Z . 2.98 9.66 -42.62
O3 NAG Z . 5.57 8.45 -42.81
O4 NAG Z . 7.52 9.94 -44.31
O5 NAG Z . 4.36 11.09 -45.74
O6 NAG Z . 5.58 11.55 -47.81
O7 NAG Z . 1.37 8.40 -43.56
C1 NAG AA . -15.57 40.14 -16.43
C2 NAG AA . -14.58 41.30 -16.47
C3 NAG AA . -15.19 42.54 -15.84
C4 NAG AA . -16.53 42.87 -16.50
C5 NAG AA . -17.44 41.65 -16.47
C6 NAG AA . -18.74 41.86 -17.22
C7 NAG AA . -12.22 40.62 -16.45
C8 NAG AA . -11.03 40.28 -15.60
N2 NAG AA . -13.34 40.95 -15.80
O3 NAG AA . -14.30 43.65 -15.99
O4 NAG AA . -17.16 43.95 -15.83
O5 NAG AA . -16.78 40.53 -17.09
O6 NAG AA . -19.86 41.48 -16.44
O7 NAG AA . -12.18 40.58 -17.67
C1 NAG BA . 33.33 -14.02 -32.11
C2 NAG BA . 34.61 -14.48 -31.40
C3 NAG BA . 35.51 -13.29 -31.12
C4 NAG BA . 35.78 -12.51 -32.42
C5 NAG BA . 34.45 -12.14 -33.07
C6 NAG BA . 34.64 -11.46 -34.41
C7 NAG BA . 34.16 -16.52 -30.11
C8 NAG BA . 33.84 -17.08 -28.76
N2 NAG BA . 34.29 -15.19 -30.17
O3 NAG BA . 36.75 -13.76 -30.58
O4 NAG BA . 36.51 -11.34 -32.12
O5 NAG BA . 33.67 -13.32 -33.31
O6 NAG BA . 35.80 -10.64 -34.42
O7 NAG BA . 34.29 -17.23 -31.10
C1 NAG CA . 46.09 40.26 38.42
C2 NAG CA . 46.89 39.75 39.63
C3 NAG CA . 48.40 39.79 39.35
C4 NAG CA . 48.73 39.12 38.03
C5 NAG CA . 47.91 39.73 36.92
C6 NAG CA . 48.11 39.08 35.58
C7 NAG CA . 45.42 40.49 41.47
C8 NAG CA . 45.30 41.38 42.67
N2 NAG CA . 46.59 40.54 40.81
O3 NAG CA . 49.09 39.14 40.41
O4 NAG CA . 50.11 39.28 37.73
O5 NAG CA . 46.51 39.58 37.25
O6 NAG CA . 47.09 39.45 34.66
O7 NAG CA . 44.51 39.75 41.11
#